data_2L6H
#
_entry.id   2L6H
#
_entity_poly.entity_id   1
_entity_poly.type   'polypeptide(L)'
_entity_poly.pdbx_seq_one_letter_code
;MANLDRSNDKVYENVTGLVKAVIEMSSKIQPAPPEEYVPMVKEVGLALRTLLATVDESLPVLPASTHREIEMAQKLLNSD
LAELINKMKLAQQYVMTSLQQEYKKQMLTAAHALAVDAKNLLDVIDQARLKMISQSRPHGSGSGSGSGGSGGSGGSGGSG
GSGGSSATRELDELMASLSD
;
_entity_poly.pdbx_strand_id   A
#
# COMPACT_ATOMS: atom_id res chain seq x y z
N MET A 1 27.23 -14.31 -3.30
CA MET A 1 27.06 -13.38 -2.20
C MET A 1 26.49 -12.05 -2.69
N ALA A 2 25.79 -11.34 -1.81
CA ALA A 2 25.19 -10.06 -2.15
C ALA A 2 24.90 -9.24 -0.91
N ASN A 3 25.15 -7.94 -0.99
CA ASN A 3 24.92 -7.04 0.14
C ASN A 3 23.43 -6.96 0.48
N LEU A 4 23.12 -6.37 1.63
CA LEU A 4 21.74 -6.24 2.06
C LEU A 4 21.22 -4.83 1.81
N ASP A 5 21.79 -4.16 0.81
CA ASP A 5 21.40 -2.80 0.46
C ASP A 5 20.46 -2.79 -0.75
N ARG A 6 19.66 -3.84 -0.87
CA ARG A 6 18.73 -3.96 -1.98
C ARG A 6 17.30 -3.65 -1.52
N SER A 7 16.89 -4.24 -0.41
CA SER A 7 15.55 -4.03 0.12
C SER A 7 15.46 -2.68 0.83
N ASN A 8 16.57 -2.26 1.42
CA ASN A 8 16.61 -0.99 2.14
C ASN A 8 16.25 0.17 1.21
N ASP A 9 16.60 0.03 -0.06
CA ASP A 9 16.31 1.06 -1.05
C ASP A 9 14.93 0.86 -1.66
N LYS A 10 14.47 -0.39 -1.67
CA LYS A 10 13.16 -0.71 -2.22
C LYS A 10 12.05 -0.12 -1.37
N VAL A 11 12.26 -0.09 -0.06
CA VAL A 11 11.28 0.45 0.87
C VAL A 11 10.97 1.91 0.55
N TYR A 12 12.01 2.72 0.43
CA TYR A 12 11.86 4.13 0.12
C TYR A 12 11.41 4.33 -1.32
N GLU A 13 11.45 3.26 -2.10
CA GLU A 13 11.04 3.31 -3.50
C GLU A 13 9.54 3.02 -3.65
N ASN A 14 9.15 1.81 -3.25
CA ASN A 14 7.75 1.40 -3.34
C ASN A 14 6.84 2.43 -2.69
N VAL A 15 7.23 2.90 -1.51
CA VAL A 15 6.45 3.89 -0.78
C VAL A 15 6.14 5.10 -1.65
N THR A 16 6.97 5.32 -2.67
CA THR A 16 6.78 6.44 -3.58
C THR A 16 6.10 5.99 -4.87
N GLY A 17 6.63 4.93 -5.48
CA GLY A 17 6.07 4.42 -6.70
C GLY A 17 4.59 4.13 -6.58
N LEU A 18 4.22 3.33 -5.60
CA LEU A 18 2.82 2.97 -5.38
C LEU A 18 1.94 4.21 -5.32
N VAL A 19 2.49 5.29 -4.76
CA VAL A 19 1.75 6.55 -4.65
C VAL A 19 1.49 7.16 -6.02
N LYS A 20 2.52 7.15 -6.87
CA LYS A 20 2.39 7.70 -8.21
C LYS A 20 1.18 7.12 -8.94
N ALA A 21 1.01 5.80 -8.83
CA ALA A 21 -0.12 5.13 -9.47
C ALA A 21 -1.44 5.55 -8.84
N VAL A 22 -1.46 5.65 -7.51
CA VAL A 22 -2.65 6.04 -6.79
C VAL A 22 -3.24 7.34 -7.35
N ILE A 23 -2.36 8.23 -7.80
CA ILE A 23 -2.78 9.51 -8.36
C ILE A 23 -3.29 9.34 -9.78
N GLU A 24 -2.44 8.79 -10.65
CA GLU A 24 -2.80 8.57 -12.04
C GLU A 24 -4.12 7.81 -12.15
N MET A 25 -4.17 6.64 -11.54
CA MET A 25 -5.37 5.81 -11.56
C MET A 25 -6.57 6.58 -11.00
N SER A 26 -6.32 7.45 -10.03
CA SER A 26 -7.37 8.23 -9.41
C SER A 26 -7.95 9.24 -10.40
N SER A 27 -7.17 9.56 -11.43
CA SER A 27 -7.62 10.51 -12.45
C SER A 27 -8.57 9.84 -13.43
N LYS A 28 -8.22 8.65 -13.89
CA LYS A 28 -9.04 7.91 -14.84
C LYS A 28 -9.84 6.82 -14.12
N ILE A 29 -9.97 6.96 -12.81
CA ILE A 29 -10.70 5.98 -12.01
C ILE A 29 -12.17 5.90 -12.45
N GLN A 30 -12.75 7.05 -12.74
CA GLN A 30 -14.14 7.10 -13.18
C GLN A 30 -14.34 6.32 -14.48
N PRO A 31 -13.65 6.76 -15.54
CA PRO A 31 -13.73 6.11 -16.85
C PRO A 31 -13.08 4.74 -16.87
N ALA A 32 -12.40 4.40 -15.77
CA ALA A 32 -11.73 3.12 -15.66
C ALA A 32 -12.64 1.97 -16.09
N PRO A 33 -12.37 1.40 -17.27
CA PRO A 33 -13.15 0.30 -17.83
C PRO A 33 -12.97 -0.99 -17.04
N PRO A 34 -13.82 -1.99 -17.33
CA PRO A 34 -13.77 -3.29 -16.67
C PRO A 34 -12.54 -4.10 -17.08
N GLU A 35 -11.94 -3.73 -18.21
CA GLU A 35 -10.76 -4.42 -18.71
C GLU A 35 -9.49 -3.85 -18.07
N GLU A 36 -9.57 -2.61 -17.61
CA GLU A 36 -8.42 -1.94 -16.99
C GLU A 36 -8.45 -2.12 -15.48
N TYR A 37 -9.53 -2.72 -14.98
CA TYR A 37 -9.68 -2.94 -13.55
C TYR A 37 -8.84 -4.13 -13.10
N VAL A 38 -8.75 -5.15 -13.94
CA VAL A 38 -7.98 -6.34 -13.62
C VAL A 38 -6.56 -5.98 -13.20
N PRO A 39 -5.84 -5.26 -14.07
CA PRO A 39 -4.47 -4.83 -13.80
C PRO A 39 -4.40 -3.76 -12.72
N MET A 40 -5.35 -2.84 -12.73
CA MET A 40 -5.39 -1.77 -11.75
C MET A 40 -5.34 -2.33 -10.33
N VAL A 41 -6.29 -3.20 -10.01
CA VAL A 41 -6.35 -3.80 -8.69
C VAL A 41 -5.12 -4.65 -8.42
N LYS A 42 -4.58 -5.26 -9.48
CA LYS A 42 -3.39 -6.10 -9.35
C LYS A 42 -2.22 -5.31 -8.78
N GLU A 43 -2.02 -4.10 -9.29
CA GLU A 43 -0.93 -3.25 -8.82
C GLU A 43 -1.10 -2.92 -7.34
N VAL A 44 -2.30 -2.49 -6.98
CA VAL A 44 -2.59 -2.14 -5.58
C VAL A 44 -2.33 -3.31 -4.65
N GLY A 45 -2.79 -4.49 -5.05
CA GLY A 45 -2.60 -5.68 -4.24
C GLY A 45 -1.13 -6.00 -4.02
N LEU A 46 -0.29 -5.59 -4.97
CA LEU A 46 1.14 -5.84 -4.89
C LEU A 46 1.78 -4.95 -3.83
N ALA A 47 1.63 -3.64 -3.99
CA ALA A 47 2.20 -2.68 -3.04
C ALA A 47 1.65 -2.91 -1.64
N LEU A 48 0.37 -3.25 -1.55
CA LEU A 48 -0.28 -3.50 -0.27
C LEU A 48 0.34 -4.71 0.42
N ARG A 49 0.19 -5.88 -0.18
CA ARG A 49 0.74 -7.11 0.38
C ARG A 49 2.24 -6.98 0.61
N THR A 50 2.95 -6.44 -0.37
CA THR A 50 4.38 -6.26 -0.28
C THR A 50 4.75 -5.34 0.88
N LEU A 51 3.99 -4.25 1.01
CA LEU A 51 4.22 -3.28 2.08
C LEU A 51 4.32 -3.97 3.43
N LEU A 52 3.42 -4.93 3.67
CA LEU A 52 3.41 -5.67 4.93
C LEU A 52 4.78 -6.26 5.23
N ALA A 53 5.38 -6.89 4.23
CA ALA A 53 6.70 -7.50 4.38
C ALA A 53 7.79 -6.43 4.43
N THR A 54 7.76 -5.51 3.47
CA THR A 54 8.75 -4.44 3.41
C THR A 54 8.85 -3.70 4.73
N VAL A 55 7.71 -3.21 5.22
CA VAL A 55 7.68 -2.49 6.48
C VAL A 55 8.27 -3.32 7.62
N ASP A 56 7.87 -4.59 7.68
CA ASP A 56 8.37 -5.49 8.71
C ASP A 56 9.90 -5.53 8.72
N GLU A 57 10.49 -5.35 7.54
CA GLU A 57 11.94 -5.37 7.41
C GLU A 57 12.53 -4.01 7.78
N SER A 58 11.72 -2.98 7.68
CA SER A 58 12.16 -1.62 8.00
C SER A 58 12.31 -1.44 9.51
N LEU A 59 11.58 -2.25 10.27
CA LEU A 59 11.64 -2.19 11.72
C LEU A 59 13.08 -2.24 12.22
N PRO A 60 13.77 -3.34 11.91
CA PRO A 60 15.17 -3.55 12.31
C PRO A 60 16.13 -2.63 11.57
N VAL A 61 15.94 -2.52 10.26
CA VAL A 61 16.79 -1.67 9.43
C VAL A 61 16.87 -0.25 10.00
N LEU A 62 15.76 0.22 10.56
CA LEU A 62 15.72 1.55 11.16
C LEU A 62 15.76 1.48 12.68
N PRO A 63 16.15 2.60 13.31
CA PRO A 63 16.24 2.68 14.77
C PRO A 63 14.87 2.66 15.44
N ALA A 64 14.75 1.88 16.50
CA ALA A 64 13.50 1.77 17.24
C ALA A 64 12.97 3.14 17.64
N SER A 65 11.72 3.42 17.29
CA SER A 65 11.09 4.71 17.61
C SER A 65 9.68 4.77 17.07
N THR A 66 9.45 4.14 15.91
CA THR A 66 8.14 4.12 15.29
C THR A 66 7.53 2.73 15.32
N HIS A 67 7.93 1.93 16.30
CA HIS A 67 7.43 0.57 16.43
C HIS A 67 5.91 0.56 16.48
N ARG A 68 5.33 1.41 17.31
CA ARG A 68 3.88 1.50 17.44
C ARG A 68 3.22 1.65 16.08
N GLU A 69 3.59 2.71 15.36
CA GLU A 69 3.03 2.98 14.04
C GLU A 69 3.14 1.74 13.15
N ILE A 70 4.36 1.25 12.98
CA ILE A 70 4.60 0.07 12.16
C ILE A 70 3.72 -1.10 12.59
N GLU A 71 3.53 -1.23 13.90
CA GLU A 71 2.71 -2.31 14.43
C GLU A 71 1.28 -2.22 13.91
N MET A 72 0.69 -1.04 14.05
CA MET A 72 -0.69 -0.81 13.59
C MET A 72 -0.75 -0.79 12.07
N ALA A 73 0.38 -0.50 11.44
CA ALA A 73 0.45 -0.44 9.98
C ALA A 73 0.20 -1.82 9.37
N GLN A 74 0.71 -2.86 10.04
CA GLN A 74 0.54 -4.22 9.56
C GLN A 74 -0.93 -4.61 9.52
N LYS A 75 -1.56 -4.63 10.68
CA LYS A 75 -2.98 -4.98 10.78
C LYS A 75 -3.81 -4.16 9.81
N LEU A 76 -3.53 -2.86 9.74
CA LEU A 76 -4.26 -1.97 8.85
C LEU A 76 -4.16 -2.44 7.40
N LEU A 77 -2.97 -2.85 7.00
CA LEU A 77 -2.74 -3.33 5.64
C LEU A 77 -3.72 -4.44 5.29
N ASN A 78 -3.88 -5.40 6.20
CA ASN A 78 -4.78 -6.51 5.99
C ASN A 78 -6.19 -6.02 5.66
N SER A 79 -6.82 -5.36 6.63
CA SER A 79 -8.17 -4.84 6.44
C SER A 79 -8.25 -3.98 5.17
N ASP A 80 -7.31 -3.06 5.02
CA ASP A 80 -7.27 -2.18 3.86
C ASP A 80 -7.34 -2.99 2.57
N LEU A 81 -6.58 -4.08 2.52
CA LEU A 81 -6.56 -4.94 1.35
C LEU A 81 -7.97 -5.36 0.94
N ALA A 82 -8.65 -6.04 1.86
CA ALA A 82 -10.01 -6.50 1.60
C ALA A 82 -10.89 -5.37 1.11
N GLU A 83 -10.93 -4.29 1.88
CA GLU A 83 -11.74 -3.12 1.53
C GLU A 83 -11.39 -2.62 0.13
N LEU A 84 -10.11 -2.63 -0.19
CA LEU A 84 -9.64 -2.17 -1.49
C LEU A 84 -10.10 -3.12 -2.60
N ILE A 85 -9.66 -4.37 -2.52
CA ILE A 85 -10.03 -5.37 -3.51
C ILE A 85 -11.55 -5.44 -3.68
N ASN A 86 -12.27 -5.25 -2.59
CA ASN A 86 -13.73 -5.29 -2.61
C ASN A 86 -14.28 -4.19 -3.49
N LYS A 87 -13.98 -2.94 -3.15
CA LYS A 87 -14.45 -1.79 -3.91
C LYS A 87 -14.12 -1.95 -5.38
N MET A 88 -12.92 -2.45 -5.68
CA MET A 88 -12.49 -2.65 -7.05
C MET A 88 -13.33 -3.72 -7.73
N LYS A 89 -13.40 -4.90 -7.12
CA LYS A 89 -14.19 -6.01 -7.67
C LYS A 89 -15.65 -5.61 -7.83
N LEU A 90 -16.09 -4.65 -7.03
CA LEU A 90 -17.46 -4.18 -7.08
C LEU A 90 -17.73 -3.41 -8.37
N ALA A 91 -16.96 -2.35 -8.60
CA ALA A 91 -17.11 -1.54 -9.80
C ALA A 91 -17.00 -2.39 -11.06
N GLN A 92 -16.32 -3.53 -10.94
CA GLN A 92 -16.15 -4.43 -12.07
C GLN A 92 -17.49 -5.05 -12.48
N GLN A 93 -18.37 -5.25 -11.50
CA GLN A 93 -19.68 -5.84 -11.76
C GLN A 93 -20.76 -4.76 -11.76
N TYR A 94 -20.45 -3.61 -11.18
CA TYR A 94 -21.40 -2.51 -11.10
C TYR A 94 -21.17 -1.52 -12.24
N VAL A 95 -20.62 -2.01 -13.35
CA VAL A 95 -20.35 -1.18 -14.50
C VAL A 95 -21.37 -1.43 -15.61
N MET A 96 -21.82 -2.67 -15.72
CA MET A 96 -22.79 -3.04 -16.75
C MET A 96 -24.20 -2.55 -16.36
N THR A 97 -24.36 -2.21 -15.08
CA THR A 97 -25.65 -1.72 -14.59
C THR A 97 -25.80 -0.22 -14.81
N SER A 98 -25.14 0.55 -13.95
CA SER A 98 -25.20 2.02 -14.05
C SER A 98 -24.41 2.66 -12.92
N LEU A 99 -24.41 2.01 -11.76
CA LEU A 99 -23.70 2.52 -10.60
C LEU A 99 -22.20 2.30 -10.74
N GLN A 100 -21.58 3.02 -11.68
CA GLN A 100 -20.15 2.91 -11.93
C GLN A 100 -19.38 3.94 -11.11
N GLN A 101 -19.58 5.21 -11.42
CA GLN A 101 -18.90 6.29 -10.72
C GLN A 101 -19.15 6.20 -9.22
N GLU A 102 -20.28 5.62 -8.84
CA GLU A 102 -20.63 5.47 -7.43
C GLU A 102 -19.50 4.80 -6.66
N TYR A 103 -19.34 3.50 -6.88
CA TYR A 103 -18.29 2.74 -6.20
C TYR A 103 -16.92 3.40 -6.39
N LYS A 104 -16.76 4.10 -7.51
CA LYS A 104 -15.51 4.78 -7.81
C LYS A 104 -15.28 5.93 -6.84
N LYS A 105 -16.35 6.65 -6.50
CA LYS A 105 -16.26 7.78 -5.59
C LYS A 105 -15.79 7.32 -4.22
N GLN A 106 -16.60 6.50 -3.56
CA GLN A 106 -16.27 6.00 -2.23
C GLN A 106 -14.90 5.32 -2.24
N MET A 107 -14.59 4.63 -3.32
CA MET A 107 -13.31 3.93 -3.45
C MET A 107 -12.15 4.92 -3.40
N LEU A 108 -12.24 5.98 -4.21
CA LEU A 108 -11.21 7.00 -4.26
C LEU A 108 -10.88 7.51 -2.87
N THR A 109 -11.92 7.75 -2.07
CA THR A 109 -11.74 8.23 -0.70
C THR A 109 -10.81 7.32 0.10
N ALA A 110 -11.22 6.07 0.27
CA ALA A 110 -10.42 5.11 1.01
C ALA A 110 -9.05 4.92 0.37
N ALA A 111 -9.03 4.62 -0.92
CA ALA A 111 -7.79 4.43 -1.65
C ALA A 111 -6.84 5.60 -1.44
N HIS A 112 -7.40 6.79 -1.33
CA HIS A 112 -6.61 8.00 -1.12
C HIS A 112 -5.85 7.94 0.20
N ALA A 113 -6.58 7.66 1.28
CA ALA A 113 -5.97 7.57 2.60
C ALA A 113 -4.92 6.46 2.65
N LEU A 114 -5.23 5.33 2.03
CA LEU A 114 -4.31 4.20 2.00
C LEU A 114 -2.97 4.61 1.42
N ALA A 115 -2.99 5.25 0.26
CA ALA A 115 -1.77 5.69 -0.39
C ALA A 115 -0.88 6.49 0.57
N VAL A 116 -1.47 7.50 1.18
CA VAL A 116 -0.75 8.34 2.13
C VAL A 116 -0.07 7.50 3.21
N ASP A 117 -0.73 6.42 3.61
CA ASP A 117 -0.20 5.54 4.63
C ASP A 117 1.18 5.02 4.23
N ALA A 118 1.24 4.33 3.09
CA ALA A 118 2.50 3.79 2.60
C ALA A 118 3.59 4.85 2.58
N LYS A 119 3.20 6.09 2.31
CA LYS A 119 4.15 7.19 2.27
C LYS A 119 4.59 7.59 3.68
N ASN A 120 3.61 7.71 4.57
CA ASN A 120 3.90 8.10 5.95
C ASN A 120 4.81 7.08 6.62
N LEU A 121 4.88 5.89 6.04
CA LEU A 121 5.71 4.81 6.58
C LEU A 121 7.13 5.31 6.83
N LEU A 122 7.84 5.63 5.75
CA LEU A 122 9.21 6.12 5.85
C LEU A 122 9.24 7.55 6.40
N ASP A 123 8.20 8.32 6.10
CA ASP A 123 8.11 9.69 6.57
C ASP A 123 8.19 9.75 8.09
N VAL A 124 7.48 8.85 8.76
CA VAL A 124 7.48 8.80 10.21
C VAL A 124 8.80 8.26 10.75
N ILE A 125 9.12 7.02 10.41
CA ILE A 125 10.36 6.39 10.84
C ILE A 125 11.56 7.28 10.55
N ASP A 126 11.45 8.10 9.52
CA ASP A 126 12.52 9.01 9.14
C ASP A 126 12.98 9.85 10.33
N GLN A 127 12.01 10.30 11.12
CA GLN A 127 12.31 11.11 12.29
C GLN A 127 13.25 10.38 13.25
N ALA A 128 13.20 9.06 13.21
CA ALA A 128 14.04 8.23 14.07
C ALA A 128 15.49 8.24 13.58
N ARG A 129 15.68 7.82 12.33
CA ARG A 129 17.02 7.77 11.74
C ARG A 129 17.68 9.14 11.80
N LEU A 130 16.92 10.18 11.49
CA LEU A 130 17.44 11.55 11.51
C LEU A 130 17.84 11.96 12.92
N LYS A 131 16.98 11.65 13.88
CA LYS A 131 17.24 11.99 15.28
C LYS A 131 18.57 11.41 15.74
N MET A 132 18.98 10.30 15.13
CA MET A 132 20.23 9.65 15.47
C MET A 132 21.42 10.39 14.85
N ILE A 133 21.32 10.68 13.55
CA ILE A 133 22.37 11.38 12.84
C ILE A 133 22.70 12.71 13.52
N SER A 134 21.70 13.57 13.64
CA SER A 134 21.88 14.88 14.27
C SER A 134 21.94 14.74 15.79
N GLN A 135 23.02 14.12 16.28
CA GLN A 135 23.20 13.92 17.70
C GLN A 135 24.58 13.34 18.01
N SER A 136 24.85 12.17 17.44
CA SER A 136 26.13 11.50 17.65
C SER A 136 26.20 10.19 16.87
N ARG A 137 27.36 9.92 16.28
CA ARG A 137 27.55 8.70 15.50
C ARG A 137 26.58 8.65 14.32
N PRO A 138 26.85 9.48 13.31
CA PRO A 138 26.01 9.54 12.11
C PRO A 138 26.12 8.29 11.25
N HIS A 139 25.12 7.42 11.34
CA HIS A 139 25.11 6.18 10.56
C HIS A 139 23.77 5.45 10.71
N SER A 166 -3.64 -15.12 11.26
CA SER A 166 -4.12 -15.58 9.95
C SER A 166 -4.07 -14.45 8.93
N ALA A 167 -3.07 -13.58 9.07
CA ALA A 167 -2.91 -12.45 8.15
C ALA A 167 -2.53 -12.93 6.76
N THR A 168 -1.47 -13.72 6.68
CA THR A 168 -0.99 -14.24 5.41
C THR A 168 -2.09 -15.03 4.69
N ARG A 169 -3.03 -15.56 5.47
CA ARG A 169 -4.13 -16.33 4.91
C ARG A 169 -4.95 -15.49 3.94
N GLU A 170 -5.40 -14.34 4.41
CA GLU A 170 -6.20 -13.43 3.58
C GLU A 170 -5.41 -12.99 2.35
N LEU A 171 -4.16 -12.61 2.56
CA LEU A 171 -3.30 -12.17 1.46
C LEU A 171 -3.18 -13.25 0.39
N ASP A 172 -2.96 -14.48 0.83
CA ASP A 172 -2.84 -15.59 -0.11
C ASP A 172 -4.17 -15.92 -0.77
N GLU A 173 -5.24 -15.93 0.04
CA GLU A 173 -6.58 -16.22 -0.47
C GLU A 173 -6.97 -15.22 -1.56
N LEU A 174 -6.96 -13.94 -1.21
CA LEU A 174 -7.31 -12.89 -2.15
C LEU A 174 -6.45 -12.96 -3.41
N MET A 175 -5.19 -13.35 -3.23
CA MET A 175 -4.25 -13.47 -4.34
C MET A 175 -4.81 -14.38 -5.42
N ALA A 176 -5.33 -15.54 -5.00
CA ALA A 176 -5.89 -16.50 -5.94
C ALA A 176 -7.16 -15.96 -6.59
N SER A 177 -7.96 -15.23 -5.80
CA SER A 177 -9.20 -14.66 -6.30
C SER A 177 -8.94 -13.71 -7.46
N LEU A 178 -7.77 -13.07 -7.44
CA LEU A 178 -7.41 -12.14 -8.51
C LEU A 178 -6.68 -12.85 -9.64
N SER A 179 -5.98 -13.93 -9.30
CA SER A 179 -5.26 -14.72 -10.30
C SER A 179 -6.20 -15.40 -11.28
N ASP A 180 -7.18 -16.12 -10.73
CA ASP A 180 -8.15 -16.82 -11.55
C ASP A 180 -9.55 -16.75 -10.92
N MET A 1 25.50 -2.73 -3.53
CA MET A 1 26.69 -3.52 -3.83
C MET A 1 27.68 -3.48 -2.67
N ALA A 2 27.82 -4.61 -1.98
CA ALA A 2 28.73 -4.70 -0.85
C ALA A 2 28.38 -3.68 0.22
N ASN A 3 27.09 -3.36 0.34
CA ASN A 3 26.63 -2.40 1.33
C ASN A 3 25.22 -2.76 1.81
N LEU A 4 24.76 -2.05 2.84
CA LEU A 4 23.42 -2.29 3.39
C LEU A 4 22.41 -1.29 2.82
N ASP A 5 22.69 -0.81 1.61
CA ASP A 5 21.81 0.16 0.95
C ASP A 5 20.92 -0.55 -0.06
N ARG A 6 20.54 -1.78 0.24
CA ARG A 6 19.69 -2.56 -0.65
C ARG A 6 18.24 -2.51 -0.19
N SER A 7 17.98 -3.05 0.99
CA SER A 7 16.62 -3.07 1.54
C SER A 7 16.23 -1.69 2.05
N ASN A 8 17.20 -0.96 2.59
CA ASN A 8 16.96 0.38 3.12
C ASN A 8 16.49 1.32 2.02
N ASP A 9 17.02 1.12 0.81
CA ASP A 9 16.65 1.95 -0.33
C ASP A 9 15.49 1.33 -1.11
N LYS A 10 15.38 0.01 -1.04
CA LYS A 10 14.32 -0.71 -1.73
C LYS A 10 12.96 -0.40 -1.10
N VAL A 11 12.88 -0.53 0.23
CA VAL A 11 11.64 -0.26 0.94
C VAL A 11 11.18 1.18 0.73
N TYR A 12 12.13 2.09 0.62
CA TYR A 12 11.83 3.50 0.41
C TYR A 12 11.34 3.75 -1.01
N GLU A 13 11.65 2.82 -1.91
CA GLU A 13 11.26 2.95 -3.30
C GLU A 13 9.80 2.53 -3.48
N ASN A 14 9.47 1.33 -3.02
CA ASN A 14 8.11 0.80 -3.14
C ASN A 14 7.10 1.80 -2.56
N VAL A 15 7.48 2.46 -1.47
CA VAL A 15 6.61 3.43 -0.82
C VAL A 15 6.19 4.53 -1.79
N THR A 16 6.99 4.71 -2.84
CA THR A 16 6.71 5.73 -3.84
C THR A 16 5.86 5.16 -4.98
N GLY A 17 6.26 4.01 -5.49
CA GLY A 17 5.52 3.39 -6.58
C GLY A 17 4.04 3.29 -6.29
N LEU A 18 3.69 2.76 -5.12
CA LEU A 18 2.30 2.61 -4.73
C LEU A 18 1.58 3.97 -4.74
N VAL A 19 2.31 5.01 -4.37
CA VAL A 19 1.75 6.36 -4.33
C VAL A 19 1.41 6.84 -5.74
N LYS A 20 2.41 6.86 -6.61
CA LYS A 20 2.21 7.30 -7.99
C LYS A 20 1.14 6.47 -8.68
N ALA A 21 0.93 5.25 -8.19
CA ALA A 21 -0.08 4.37 -8.76
C ALA A 21 -1.49 4.89 -8.50
N VAL A 22 -1.74 5.29 -7.26
CA VAL A 22 -3.05 5.81 -6.87
C VAL A 22 -3.39 7.06 -7.67
N ILE A 23 -2.36 7.74 -8.16
CA ILE A 23 -2.55 8.96 -8.94
C ILE A 23 -2.99 8.64 -10.37
N GLU A 24 -2.24 7.74 -11.02
CA GLU A 24 -2.55 7.35 -12.38
C GLU A 24 -4.02 6.94 -12.51
N MET A 25 -4.41 5.92 -11.76
CA MET A 25 -5.78 5.44 -11.80
C MET A 25 -6.77 6.55 -11.45
N SER A 26 -6.44 7.34 -10.44
CA SER A 26 -7.28 8.44 -10.01
C SER A 26 -7.48 9.45 -11.14
N SER A 27 -6.58 9.41 -12.12
CA SER A 27 -6.65 10.32 -13.26
C SER A 27 -7.71 9.87 -14.26
N LYS A 28 -7.55 8.67 -14.78
CA LYS A 28 -8.49 8.11 -15.74
C LYS A 28 -9.47 7.17 -15.05
N ILE A 29 -9.76 7.44 -13.79
CA ILE A 29 -10.69 6.62 -13.03
C ILE A 29 -12.08 6.62 -13.66
N GLN A 30 -12.51 7.78 -14.13
CA GLN A 30 -13.82 7.92 -14.76
C GLN A 30 -13.91 7.06 -16.01
N PRO A 31 -13.04 7.33 -17.00
CA PRO A 31 -13.00 6.59 -18.26
C PRO A 31 -12.49 5.17 -18.08
N ALA A 32 -12.02 4.86 -16.87
CA ALA A 32 -11.50 3.53 -16.57
C ALA A 32 -12.46 2.44 -17.05
N PRO A 33 -12.07 1.75 -18.13
CA PRO A 33 -12.87 0.68 -18.72
C PRO A 33 -12.93 -0.55 -17.82
N PRO A 34 -13.83 -1.49 -18.16
CA PRO A 34 -14.00 -2.73 -17.40
C PRO A 34 -12.81 -3.68 -17.56
N GLU A 35 -12.04 -3.47 -18.62
CA GLU A 35 -10.87 -4.31 -18.88
C GLU A 35 -9.64 -3.78 -18.14
N GLU A 36 -9.71 -2.51 -17.75
CA GLU A 36 -8.60 -1.88 -17.03
C GLU A 36 -8.75 -2.08 -15.53
N TYR A 37 -9.94 -2.49 -15.10
CA TYR A 37 -10.21 -2.70 -13.69
C TYR A 37 -9.60 -4.01 -13.21
N VAL A 38 -9.49 -4.98 -14.12
CA VAL A 38 -8.92 -6.28 -13.79
C VAL A 38 -7.48 -6.14 -13.34
N PRO A 39 -6.64 -5.56 -14.20
CA PRO A 39 -5.22 -5.36 -13.91
C PRO A 39 -4.98 -4.30 -12.83
N MET A 40 -5.89 -3.33 -12.76
CA MET A 40 -5.79 -2.28 -11.77
C MET A 40 -5.60 -2.85 -10.37
N VAL A 41 -6.46 -3.78 -9.99
CA VAL A 41 -6.39 -4.42 -8.68
C VAL A 41 -5.02 -5.06 -8.45
N LYS A 42 -4.46 -5.64 -9.50
CA LYS A 42 -3.16 -6.28 -9.42
C LYS A 42 -2.09 -5.29 -8.99
N GLU A 43 -2.24 -4.04 -9.40
CA GLU A 43 -1.29 -2.99 -9.05
C GLU A 43 -1.33 -2.70 -7.55
N VAL A 44 -2.53 -2.44 -7.04
CA VAL A 44 -2.70 -2.15 -5.62
C VAL A 44 -2.37 -3.36 -4.76
N GLY A 45 -2.87 -4.53 -5.16
CA GLY A 45 -2.61 -5.75 -4.42
C GLY A 45 -1.13 -6.00 -4.23
N LEU A 46 -0.33 -5.62 -5.22
CA LEU A 46 1.12 -5.80 -5.16
C LEU A 46 1.75 -4.84 -4.15
N ALA A 47 1.23 -3.62 -4.11
CA ALA A 47 1.74 -2.61 -3.19
C ALA A 47 1.43 -2.97 -1.74
N LEU A 48 0.20 -3.42 -1.50
CA LEU A 48 -0.22 -3.81 -0.15
C LEU A 48 0.58 -5.01 0.34
N ARG A 49 0.52 -6.10 -0.43
CA ARG A 49 1.24 -7.31 -0.06
C ARG A 49 2.73 -7.03 0.13
N THR A 50 3.33 -6.37 -0.84
CA THR A 50 4.75 -6.04 -0.78
C THR A 50 5.05 -5.10 0.40
N LEU A 51 4.12 -4.19 0.67
CA LEU A 51 4.29 -3.25 1.76
C LEU A 51 4.56 -3.96 3.07
N LEU A 52 3.90 -5.10 3.28
CA LEU A 52 4.08 -5.89 4.48
C LEU A 52 5.52 -6.35 4.63
N ALA A 53 6.10 -6.83 3.54
CA ALA A 53 7.48 -7.30 3.55
C ALA A 53 8.45 -6.12 3.61
N THR A 54 8.19 -5.08 2.82
CA THR A 54 9.03 -3.91 2.80
C THR A 54 9.26 -3.35 4.20
N VAL A 55 8.17 -3.11 4.92
CA VAL A 55 8.24 -2.58 6.28
C VAL A 55 8.90 -3.59 7.22
N ASP A 56 8.72 -4.87 6.94
CA ASP A 56 9.29 -5.93 7.76
C ASP A 56 10.82 -5.77 7.84
N GLU A 57 11.42 -5.31 6.76
CA GLU A 57 12.86 -5.13 6.71
C GLU A 57 13.25 -3.74 7.22
N SER A 58 12.27 -2.84 7.25
CA SER A 58 12.51 -1.48 7.70
C SER A 58 12.69 -1.43 9.23
N LEU A 59 12.13 -2.43 9.91
CA LEU A 59 12.23 -2.50 11.36
C LEU A 59 13.68 -2.36 11.81
N PRO A 60 14.53 -3.30 11.37
CA PRO A 60 15.95 -3.31 11.71
C PRO A 60 16.72 -2.16 11.06
N VAL A 61 16.46 -1.96 9.77
CA VAL A 61 17.12 -0.89 9.02
C VAL A 61 17.00 0.45 9.74
N LEU A 62 15.91 0.62 10.48
CA LEU A 62 15.66 1.85 11.23
C LEU A 62 15.93 1.65 12.72
N PRO A 63 16.17 2.76 13.42
CA PRO A 63 16.45 2.73 14.87
C PRO A 63 15.22 2.36 15.68
N ALA A 64 15.41 1.46 16.65
CA ALA A 64 14.31 1.02 17.50
C ALA A 64 13.71 2.19 18.27
N SER A 65 12.46 2.50 17.97
CA SER A 65 11.77 3.60 18.64
C SER A 65 10.37 3.80 18.06
N THR A 66 10.23 3.52 16.76
CA THR A 66 8.95 3.67 16.09
C THR A 66 8.39 2.31 15.68
N HIS A 67 8.52 1.32 16.57
CA HIS A 67 8.02 -0.02 16.31
C HIS A 67 6.52 -0.10 16.54
N ARG A 68 6.08 0.35 17.72
CA ARG A 68 4.66 0.33 18.06
C ARG A 68 3.82 0.99 16.98
N GLU A 69 4.22 2.20 16.60
CA GLU A 69 3.50 2.94 15.55
C GLU A 69 3.31 2.08 14.32
N ILE A 70 4.41 1.62 13.74
CA ILE A 70 4.36 0.79 12.55
C ILE A 70 3.45 -0.42 12.76
N GLU A 71 3.51 -1.00 13.95
CA GLU A 71 2.68 -2.16 14.27
C GLU A 71 1.21 -1.86 14.04
N MET A 72 0.75 -0.74 14.57
CA MET A 72 -0.66 -0.34 14.41
C MET A 72 -0.98 -0.05 12.95
N ALA A 73 -0.01 0.52 12.24
CA ALA A 73 -0.20 0.85 10.83
C ALA A 73 -0.35 -0.42 9.98
N GLN A 74 0.31 -1.48 10.41
CA GLN A 74 0.24 -2.75 9.69
C GLN A 74 -1.18 -3.30 9.67
N LYS A 75 -1.77 -3.46 10.86
CA LYS A 75 -3.12 -3.98 10.99
C LYS A 75 -4.09 -3.17 10.11
N LEU A 76 -3.94 -1.85 10.13
CA LEU A 76 -4.80 -0.98 9.33
C LEU A 76 -4.69 -1.32 7.85
N LEU A 77 -3.48 -1.62 7.39
CA LEU A 77 -3.24 -1.96 6.00
C LEU A 77 -4.13 -3.12 5.57
N ASN A 78 -4.13 -4.19 6.36
CA ASN A 78 -4.93 -5.36 6.06
C ASN A 78 -6.38 -4.99 5.81
N SER A 79 -6.97 -4.28 6.77
CA SER A 79 -8.36 -3.84 6.66
C SER A 79 -8.61 -3.13 5.35
N ASP A 80 -7.70 -2.20 5.00
CA ASP A 80 -7.82 -1.45 3.76
C ASP A 80 -7.90 -2.38 2.56
N LEU A 81 -7.07 -3.42 2.57
CA LEU A 81 -7.04 -4.39 1.48
C LEU A 81 -8.44 -4.91 1.17
N ALA A 82 -9.07 -5.50 2.19
CA ALA A 82 -10.41 -6.04 2.05
C ALA A 82 -11.39 -4.98 1.55
N GLU A 83 -11.18 -3.75 2.01
CA GLU A 83 -12.05 -2.64 1.62
C GLU A 83 -11.92 -2.35 0.13
N LEU A 84 -10.68 -2.31 -0.35
CA LEU A 84 -10.42 -2.04 -1.76
C LEU A 84 -10.97 -3.16 -2.64
N ILE A 85 -10.51 -4.38 -2.40
CA ILE A 85 -10.95 -5.53 -3.17
C ILE A 85 -12.48 -5.63 -3.18
N ASN A 86 -13.09 -5.34 -2.04
CA ASN A 86 -14.53 -5.39 -1.92
C ASN A 86 -15.20 -4.37 -2.84
N LYS A 87 -14.82 -3.11 -2.70
CA LYS A 87 -15.37 -2.04 -3.51
C LYS A 87 -15.26 -2.39 -5.00
N MET A 88 -14.08 -2.81 -5.42
CA MET A 88 -13.85 -3.18 -6.82
C MET A 88 -14.83 -4.25 -7.26
N LYS A 89 -14.99 -5.29 -6.43
CA LYS A 89 -15.91 -6.38 -6.75
C LYS A 89 -17.29 -5.85 -7.09
N LEU A 90 -17.68 -4.75 -6.46
CA LEU A 90 -18.98 -4.15 -6.70
C LEU A 90 -19.03 -3.50 -8.09
N ALA A 91 -18.08 -2.62 -8.35
CA ALA A 91 -18.01 -1.93 -9.64
C ALA A 91 -18.00 -2.93 -10.79
N GLN A 92 -17.51 -4.13 -10.52
CA GLN A 92 -17.44 -5.17 -11.54
C GLN A 92 -18.84 -5.62 -11.94
N GLN A 93 -19.78 -5.52 -11.01
CA GLN A 93 -21.16 -5.93 -11.27
C GLN A 93 -22.04 -4.71 -11.52
N TYR A 94 -21.60 -3.56 -11.02
CA TYR A 94 -22.37 -2.32 -11.19
C TYR A 94 -21.84 -1.52 -12.38
N VAL A 95 -21.26 -2.22 -13.34
CA VAL A 95 -20.72 -1.58 -14.55
C VAL A 95 -21.62 -1.81 -15.74
N MET A 96 -22.25 -2.99 -15.79
CA MET A 96 -23.14 -3.34 -16.89
C MET A 96 -24.48 -2.62 -16.75
N THR A 97 -24.76 -2.14 -15.54
CA THR A 97 -26.00 -1.43 -15.28
C THR A 97 -25.89 0.05 -15.64
N SER A 98 -25.20 0.81 -14.81
CA SER A 98 -25.02 2.24 -15.04
C SER A 98 -24.23 2.88 -13.91
N LEU A 99 -24.42 2.37 -12.70
CA LEU A 99 -23.72 2.88 -11.52
C LEU A 99 -22.26 2.44 -11.52
N GLN A 100 -21.49 2.96 -12.46
CA GLN A 100 -20.07 2.61 -12.55
C GLN A 100 -19.21 3.63 -11.81
N GLN A 101 -19.22 4.87 -12.29
CA GLN A 101 -18.43 5.93 -11.67
C GLN A 101 -18.74 6.03 -10.19
N GLU A 102 -19.98 5.71 -9.82
CA GLU A 102 -20.39 5.77 -8.42
C GLU A 102 -19.44 4.98 -7.53
N TYR A 103 -19.53 3.66 -7.59
CA TYR A 103 -18.67 2.79 -6.79
C TYR A 103 -17.20 3.14 -7.00
N LYS A 104 -16.89 3.65 -8.19
CA LYS A 104 -15.51 4.03 -8.52
C LYS A 104 -15.04 5.18 -7.65
N LYS A 105 -15.89 6.21 -7.52
CA LYS A 105 -15.56 7.37 -6.71
C LYS A 105 -15.35 6.99 -5.26
N GLN A 106 -16.24 6.14 -4.73
CA GLN A 106 -16.16 5.70 -3.35
C GLN A 106 -14.81 5.05 -3.06
N MET A 107 -14.38 4.17 -3.97
CA MET A 107 -13.11 3.47 -3.82
C MET A 107 -11.95 4.46 -3.80
N LEU A 108 -12.06 5.50 -4.63
CA LEU A 108 -11.02 6.52 -4.72
C LEU A 108 -10.69 7.09 -3.34
N THR A 109 -11.72 7.52 -2.62
CA THR A 109 -11.53 8.07 -1.29
C THR A 109 -10.82 7.08 -0.37
N ALA A 110 -11.42 5.91 -0.20
CA ALA A 110 -10.84 4.88 0.65
C ALA A 110 -9.38 4.61 0.27
N ALA A 111 -9.16 4.30 -1.00
CA ALA A 111 -7.81 4.03 -1.49
C ALA A 111 -6.88 5.21 -1.23
N HIS A 112 -7.43 6.42 -1.31
CA HIS A 112 -6.64 7.62 -1.08
C HIS A 112 -5.94 7.58 0.28
N ALA A 113 -6.70 7.18 1.30
CA ALA A 113 -6.15 7.09 2.65
C ALA A 113 -5.09 6.01 2.74
N LEU A 114 -5.34 4.88 2.10
CA LEU A 114 -4.39 3.76 2.11
C LEU A 114 -3.03 4.19 1.58
N ALA A 115 -3.02 4.77 0.39
CA ALA A 115 -1.79 5.24 -0.23
C ALA A 115 -1.00 6.13 0.72
N VAL A 116 -1.67 7.15 1.26
CA VAL A 116 -1.04 8.07 2.19
C VAL A 116 -0.36 7.33 3.33
N ASP A 117 -0.98 6.24 3.76
CA ASP A 117 -0.46 5.43 4.86
C ASP A 117 0.96 4.96 4.54
N ALA A 118 1.11 4.22 3.45
CA ALA A 118 2.41 3.70 3.04
C ALA A 118 3.44 4.83 2.99
N LYS A 119 3.00 6.03 2.66
CA LYS A 119 3.89 7.18 2.58
C LYS A 119 4.27 7.68 3.97
N ASN A 120 3.27 7.92 4.81
CA ASN A 120 3.50 8.40 6.16
C ASN A 120 4.31 7.38 6.97
N LEU A 121 4.21 6.11 6.57
CA LEU A 121 4.94 5.05 7.25
C LEU A 121 6.41 5.39 7.39
N LEU A 122 7.11 5.45 6.26
CA LEU A 122 8.53 5.78 6.25
C LEU A 122 8.76 7.25 6.58
N ASP A 123 7.79 8.08 6.22
CA ASP A 123 7.89 9.52 6.48
C ASP A 123 8.02 9.79 7.98
N VAL A 124 7.23 9.08 8.78
CA VAL A 124 7.27 9.25 10.23
C VAL A 124 8.59 8.76 10.80
N ILE A 125 8.90 7.49 10.57
CA ILE A 125 10.13 6.89 11.07
C ILE A 125 11.35 7.67 10.58
N ASP A 126 11.16 8.43 9.50
CA ASP A 126 12.25 9.22 8.94
C ASP A 126 12.86 10.13 9.99
N GLN A 127 12.03 10.59 10.92
CA GLN A 127 12.49 11.48 11.99
C GLN A 127 13.42 10.74 12.94
N ALA A 128 13.25 9.43 13.02
CA ALA A 128 14.07 8.60 13.90
C ALA A 128 15.50 8.48 13.36
N ARG A 129 15.62 7.96 12.14
CA ARG A 129 16.92 7.80 11.51
C ARG A 129 17.73 9.09 11.55
N LEU A 130 17.05 10.20 11.27
CA LEU A 130 17.70 11.51 11.28
C LEU A 130 18.20 11.86 12.68
N LYS A 131 17.37 11.61 13.69
CA LYS A 131 17.73 11.90 15.06
C LYS A 131 19.01 11.17 15.46
N MET A 132 19.24 10.02 14.84
CA MET A 132 20.44 9.23 15.12
C MET A 132 21.66 9.83 14.42
N ILE A 133 21.53 10.10 13.13
CA ILE A 133 22.62 10.67 12.35
C ILE A 133 23.18 11.92 13.02
N SER A 134 22.31 12.90 13.25
CA SER A 134 22.72 14.14 13.88
C SER A 134 22.76 14.00 15.40
N GLN A 135 23.62 13.11 15.88
CA GLN A 135 23.76 12.86 17.31
C GLN A 135 24.88 11.86 17.59
N SER A 136 24.73 10.66 17.04
CA SER A 136 25.73 9.62 17.23
C SER A 136 25.41 8.41 16.36
N ARG A 137 26.45 7.86 15.72
CA ARG A 137 26.29 6.69 14.86
C ARG A 137 27.36 5.65 15.15
N PRO A 138 27.25 4.98 16.31
CA PRO A 138 28.20 3.95 16.72
C PRO A 138 28.10 2.68 15.87
N HIS A 139 28.96 2.58 14.86
CA HIS A 139 28.96 1.42 13.97
C HIS A 139 27.57 1.16 13.41
N SER A 166 -3.28 -15.23 11.19
CA SER A 166 -4.56 -14.53 11.01
C SER A 166 -4.43 -13.47 9.91
N ALA A 167 -3.31 -12.76 9.91
CA ALA A 167 -3.07 -11.71 8.93
C ALA A 167 -2.66 -12.32 7.59
N THR A 168 -1.56 -13.06 7.58
CA THR A 168 -1.06 -13.69 6.37
C THR A 168 -2.16 -14.49 5.67
N ARG A 169 -3.10 -15.01 6.46
CA ARG A 169 -4.21 -15.80 5.92
C ARG A 169 -5.04 -14.96 4.94
N GLU A 170 -5.49 -13.81 5.41
CA GLU A 170 -6.31 -12.92 4.59
C GLU A 170 -5.53 -12.47 3.34
N LEU A 171 -4.28 -12.05 3.55
CA LEU A 171 -3.44 -11.60 2.45
C LEU A 171 -3.37 -12.67 1.35
N ASP A 172 -3.09 -13.90 1.74
CA ASP A 172 -2.99 -15.01 0.80
C ASP A 172 -4.35 -15.32 0.20
N GLU A 173 -5.38 -15.39 1.04
CA GLU A 173 -6.73 -15.68 0.58
C GLU A 173 -7.17 -14.69 -0.50
N LEU A 174 -7.07 -13.40 -0.20
CA LEU A 174 -7.45 -12.37 -1.14
C LEU A 174 -6.74 -12.56 -2.49
N MET A 175 -5.48 -12.95 -2.42
CA MET A 175 -4.69 -13.18 -3.64
C MET A 175 -5.36 -14.21 -4.53
N ALA A 176 -5.92 -15.26 -3.92
CA ALA A 176 -6.59 -16.30 -4.67
C ALA A 176 -7.96 -15.83 -5.19
N SER A 177 -8.66 -15.07 -4.35
CA SER A 177 -9.97 -14.55 -4.72
C SER A 177 -9.90 -13.71 -5.99
N LEU A 178 -8.75 -13.06 -6.19
CA LEU A 178 -8.54 -12.22 -7.36
C LEU A 178 -7.97 -13.03 -8.52
N SER A 179 -7.27 -14.11 -8.19
CA SER A 179 -6.66 -14.97 -9.20
C SER A 179 -7.72 -15.57 -10.12
N ASP A 180 -8.74 -16.17 -9.50
CA ASP A 180 -9.82 -16.79 -10.26
C ASP A 180 -11.08 -16.89 -9.41
N MET A 1 26.13 -10.78 4.26
CA MET A 1 25.63 -9.78 3.33
C MET A 1 26.49 -8.53 3.34
N ALA A 2 26.63 -7.93 4.52
CA ALA A 2 27.44 -6.73 4.68
C ALA A 2 26.87 -5.58 3.87
N ASN A 3 25.55 -5.49 3.81
CA ASN A 3 24.87 -4.43 3.07
C ASN A 3 23.37 -4.44 3.34
N LEU A 4 22.94 -3.65 4.32
CA LEU A 4 21.54 -3.55 4.68
C LEU A 4 20.90 -2.31 4.07
N ASP A 5 21.44 -1.85 2.96
CA ASP A 5 20.93 -0.66 2.28
C ASP A 5 20.14 -1.05 1.03
N ARG A 6 19.59 -2.26 1.04
CA ARG A 6 18.82 -2.76 -0.09
C ARG A 6 17.33 -2.68 0.18
N SER A 7 16.92 -3.18 1.35
CA SER A 7 15.52 -3.17 1.73
C SER A 7 15.08 -1.77 2.17
N ASN A 8 16.02 -1.01 2.72
CA ASN A 8 15.73 0.34 3.19
C ASN A 8 15.24 1.21 2.03
N ASP A 9 15.73 0.94 0.84
CA ASP A 9 15.34 1.70 -0.34
C ASP A 9 14.15 1.04 -1.04
N LYS A 10 14.04 -0.28 -0.90
CA LYS A 10 12.95 -1.02 -1.50
C LYS A 10 11.60 -0.52 -1.01
N VAL A 11 11.42 -0.52 0.31
CA VAL A 11 10.19 -0.06 0.92
C VAL A 11 9.94 1.42 0.63
N TYR A 12 11.03 2.19 0.57
CA TYR A 12 10.92 3.62 0.31
C TYR A 12 10.54 3.87 -1.14
N GLU A 13 10.78 2.89 -2.00
CA GLU A 13 10.45 3.00 -3.42
C GLU A 13 8.96 2.76 -3.65
N ASN A 14 8.47 1.62 -3.17
CA ASN A 14 7.07 1.27 -3.33
C ASN A 14 6.16 2.39 -2.83
N VAL A 15 6.54 2.99 -1.70
CA VAL A 15 5.77 4.07 -1.12
C VAL A 15 5.59 5.22 -2.11
N THR A 16 6.50 5.29 -3.08
CA THR A 16 6.44 6.34 -4.09
C THR A 16 5.70 5.87 -5.33
N GLY A 17 6.07 4.70 -5.83
CA GLY A 17 5.43 4.15 -7.01
C GLY A 17 3.91 4.20 -6.92
N LEU A 18 3.37 3.68 -5.82
CA LEU A 18 1.94 3.66 -5.62
C LEU A 18 1.32 5.03 -5.84
N VAL A 19 2.09 6.07 -5.49
CA VAL A 19 1.63 7.44 -5.65
C VAL A 19 1.41 7.78 -7.12
N LYS A 20 2.43 7.52 -7.94
CA LYS A 20 2.34 7.79 -9.37
C LYS A 20 1.07 7.18 -9.97
N ALA A 21 0.67 6.03 -9.44
CA ALA A 21 -0.51 5.34 -9.93
C ALA A 21 -1.78 6.02 -9.41
N VAL A 22 -1.76 6.41 -8.14
CA VAL A 22 -2.91 7.07 -7.53
C VAL A 22 -3.32 8.30 -8.32
N ILE A 23 -2.37 8.88 -9.05
CA ILE A 23 -2.64 10.06 -9.86
C ILE A 23 -3.13 9.68 -11.25
N GLU A 24 -2.33 8.89 -11.96
CA GLU A 24 -2.70 8.45 -13.31
C GLU A 24 -4.10 7.87 -13.33
N MET A 25 -4.30 6.79 -12.57
CA MET A 25 -5.60 6.13 -12.51
C MET A 25 -6.69 7.12 -12.12
N SER A 26 -6.34 8.09 -11.27
CA SER A 26 -7.29 9.10 -10.82
C SER A 26 -7.73 9.98 -11.98
N SER A 27 -6.88 10.08 -13.00
CA SER A 27 -7.18 10.91 -14.16
C SER A 27 -8.24 10.25 -15.03
N LYS A 28 -8.04 8.96 -15.33
CA LYS A 28 -8.98 8.21 -16.16
C LYS A 28 -9.87 7.33 -15.30
N ILE A 29 -10.00 7.69 -14.03
CA ILE A 29 -10.83 6.92 -13.10
C ILE A 29 -12.28 6.91 -13.54
N GLN A 30 -12.74 8.04 -14.06
CA GLN A 30 -14.12 8.16 -14.52
C GLN A 30 -14.38 7.23 -15.70
N PRO A 31 -13.64 7.45 -16.81
CA PRO A 31 -13.77 6.64 -18.02
C PRO A 31 -13.25 5.22 -17.83
N ALA A 32 -12.64 4.97 -16.67
CA ALA A 32 -12.10 3.65 -16.37
C ALA A 32 -13.09 2.55 -16.73
N PRO A 33 -12.81 1.83 -17.83
CA PRO A 33 -13.67 0.74 -18.30
C PRO A 33 -13.63 -0.47 -17.38
N PRO A 34 -14.56 -1.41 -17.60
CA PRO A 34 -14.65 -2.63 -16.80
C PRO A 34 -13.49 -3.58 -17.05
N GLU A 35 -12.81 -3.40 -18.18
CA GLU A 35 -11.68 -4.24 -18.54
C GLU A 35 -10.39 -3.71 -17.92
N GLU A 36 -10.42 -2.44 -17.52
CA GLU A 36 -9.25 -1.81 -16.91
C GLU A 36 -9.28 -1.96 -15.39
N TYR A 37 -10.34 -2.57 -14.88
CA TYR A 37 -10.49 -2.77 -13.45
C TYR A 37 -9.60 -3.91 -12.96
N VAL A 38 -9.52 -4.97 -13.77
CA VAL A 38 -8.71 -6.13 -13.43
C VAL A 38 -7.30 -5.72 -13.05
N PRO A 39 -6.61 -5.01 -13.97
CA PRO A 39 -5.25 -4.54 -13.74
C PRO A 39 -5.18 -3.44 -12.69
N MET A 40 -6.15 -2.54 -12.71
CA MET A 40 -6.21 -1.44 -11.77
C MET A 40 -6.11 -1.95 -10.33
N VAL A 41 -7.02 -2.83 -9.95
CA VAL A 41 -7.04 -3.41 -8.61
C VAL A 41 -5.78 -4.22 -8.35
N LYS A 42 -5.26 -4.85 -9.39
CA LYS A 42 -4.05 -5.67 -9.28
C LYS A 42 -2.88 -4.83 -8.78
N GLU A 43 -2.75 -3.63 -9.32
CA GLU A 43 -1.67 -2.73 -8.93
C GLU A 43 -1.78 -2.36 -7.45
N VAL A 44 -2.98 -1.93 -7.04
CA VAL A 44 -3.22 -1.55 -5.66
C VAL A 44 -3.03 -2.72 -4.71
N GLY A 45 -3.61 -3.87 -5.09
CA GLY A 45 -3.49 -5.06 -4.26
C GLY A 45 -2.05 -5.42 -3.97
N LEU A 46 -1.18 -5.19 -4.94
CA LEU A 46 0.24 -5.51 -4.79
C LEU A 46 0.92 -4.52 -3.85
N ALA A 47 0.52 -3.26 -3.94
CA ALA A 47 1.09 -2.21 -3.10
C ALA A 47 0.80 -2.47 -1.62
N LEU A 48 -0.48 -2.66 -1.29
CA LEU A 48 -0.87 -2.93 0.08
C LEU A 48 -0.24 -4.21 0.60
N ARG A 49 -0.35 -5.28 -0.18
CA ARG A 49 0.23 -6.57 0.20
C ARG A 49 1.74 -6.45 0.40
N THR A 50 2.42 -5.86 -0.58
CA THR A 50 3.87 -5.69 -0.50
C THR A 50 4.26 -4.82 0.68
N LEU A 51 3.54 -3.71 0.85
CA LEU A 51 3.81 -2.79 1.96
C LEU A 51 3.82 -3.54 3.29
N LEU A 52 2.82 -4.39 3.49
CA LEU A 52 2.71 -5.16 4.73
C LEU A 52 4.02 -5.89 5.03
N ALA A 53 4.58 -6.52 4.01
CA ALA A 53 5.83 -7.26 4.16
C ALA A 53 7.01 -6.31 4.31
N THR A 54 7.11 -5.34 3.41
CA THR A 54 8.20 -4.37 3.44
C THR A 54 8.30 -3.72 4.81
N VAL A 55 7.17 -3.25 5.34
CA VAL A 55 7.15 -2.60 6.63
C VAL A 55 7.67 -3.53 7.72
N ASP A 56 7.23 -4.79 7.69
CA ASP A 56 7.65 -5.77 8.68
C ASP A 56 9.17 -5.85 8.73
N GLU A 57 9.82 -5.63 7.59
CA GLU A 57 11.27 -5.68 7.51
C GLU A 57 11.88 -4.32 7.82
N SER A 58 11.07 -3.28 7.73
CA SER A 58 11.52 -1.92 7.99
C SER A 58 11.74 -1.69 9.49
N LEU A 59 11.06 -2.49 10.31
CA LEU A 59 11.17 -2.38 11.75
C LEU A 59 12.63 -2.40 12.18
N PRO A 60 13.33 -3.52 11.87
CA PRO A 60 14.74 -3.69 12.21
C PRO A 60 15.65 -2.77 11.41
N VAL A 61 15.36 -2.65 10.11
CA VAL A 61 16.15 -1.80 9.23
C VAL A 61 16.32 -0.40 9.82
N LEU A 62 15.28 0.09 10.48
CA LEU A 62 15.31 1.41 11.09
C LEU A 62 15.48 1.31 12.59
N PRO A 63 15.94 2.41 13.21
CA PRO A 63 16.16 2.48 14.67
C PRO A 63 14.85 2.48 15.44
N ALA A 64 14.82 1.72 16.53
CA ALA A 64 13.62 1.64 17.37
C ALA A 64 13.13 3.02 17.77
N SER A 65 11.87 3.30 17.49
CA SER A 65 11.28 4.59 17.82
C SER A 65 9.82 4.65 17.37
N THR A 66 9.54 4.02 16.24
CA THR A 66 8.17 4.00 15.69
C THR A 66 7.67 2.57 15.53
N HIS A 67 8.20 1.66 16.34
CA HIS A 67 7.80 0.26 16.29
C HIS A 67 6.37 0.08 16.81
N ARG A 68 6.07 0.72 17.94
CA ARG A 68 4.75 0.63 18.54
C ARG A 68 3.66 0.97 17.52
N GLU A 69 3.80 2.12 16.88
CA GLU A 69 2.83 2.56 15.88
C GLU A 69 2.74 1.55 14.73
N ILE A 70 3.88 1.27 14.11
CA ILE A 70 3.94 0.32 13.00
C ILE A 70 3.29 -1.00 13.38
N GLU A 71 3.48 -1.41 14.63
CA GLU A 71 2.92 -2.66 15.13
C GLU A 71 1.41 -2.70 14.91
N MET A 72 0.72 -1.69 15.42
CA MET A 72 -0.73 -1.61 15.28
C MET A 72 -1.13 -1.29 13.84
N ALA A 73 -0.26 -0.57 13.14
CA ALA A 73 -0.52 -0.21 11.76
C ALA A 73 -0.54 -1.43 10.85
N GLN A 74 0.26 -2.44 11.21
CA GLN A 74 0.33 -3.67 10.43
C GLN A 74 -1.06 -4.24 10.20
N LYS A 75 -1.78 -4.52 11.30
CA LYS A 75 -3.12 -5.08 11.22
C LYS A 75 -4.06 -4.13 10.48
N LEU A 76 -3.93 -2.84 10.76
CA LEU A 76 -4.76 -1.83 10.11
C LEU A 76 -4.62 -1.89 8.59
N LEU A 77 -3.38 -1.90 8.12
CA LEU A 77 -3.10 -1.96 6.70
C LEU A 77 -3.85 -3.12 6.03
N ASN A 78 -3.81 -4.28 6.67
CA ASN A 78 -4.50 -5.46 6.15
C ASN A 78 -5.96 -5.15 5.85
N SER A 79 -6.66 -4.58 6.83
CA SER A 79 -8.07 -4.25 6.66
C SER A 79 -8.28 -3.40 5.41
N ASP A 80 -7.47 -2.35 5.27
CA ASP A 80 -7.56 -1.46 4.12
C ASP A 80 -7.53 -2.25 2.82
N LEU A 81 -6.59 -3.18 2.72
CA LEU A 81 -6.45 -4.00 1.52
C LEU A 81 -7.78 -4.66 1.15
N ALA A 82 -8.20 -5.62 1.96
CA ALA A 82 -9.46 -6.32 1.71
C ALA A 82 -10.61 -5.34 1.52
N GLU A 83 -10.57 -4.24 2.27
CA GLU A 83 -11.60 -3.21 2.18
C GLU A 83 -11.79 -2.73 0.75
N LEU A 84 -10.68 -2.35 0.11
CA LEU A 84 -10.72 -1.88 -1.27
C LEU A 84 -11.07 -3.02 -2.22
N ILE A 85 -10.43 -4.16 -2.04
CA ILE A 85 -10.67 -5.32 -2.88
C ILE A 85 -12.16 -5.66 -2.93
N ASN A 86 -12.79 -5.68 -1.76
CA ASN A 86 -14.22 -5.98 -1.67
C ASN A 86 -15.04 -5.05 -2.55
N LYS A 87 -14.93 -3.75 -2.28
CA LYS A 87 -15.66 -2.74 -3.04
C LYS A 87 -15.45 -2.95 -4.55
N MET A 88 -14.24 -3.35 -4.91
CA MET A 88 -13.91 -3.59 -6.32
C MET A 88 -14.74 -4.73 -6.89
N LYS A 89 -14.92 -5.79 -6.09
CA LYS A 89 -15.69 -6.95 -6.52
C LYS A 89 -17.11 -6.55 -6.87
N LEU A 90 -17.64 -5.56 -6.16
CA LEU A 90 -19.01 -5.08 -6.40
C LEU A 90 -19.11 -4.42 -7.77
N ALA A 91 -18.23 -3.45 -8.02
CA ALA A 91 -18.22 -2.75 -9.30
C ALA A 91 -18.21 -3.72 -10.47
N GLN A 92 -17.57 -4.86 -10.27
CA GLN A 92 -17.49 -5.89 -11.32
C GLN A 92 -18.88 -6.28 -11.80
N GLN A 93 -19.83 -6.30 -10.87
CA GLN A 93 -21.20 -6.67 -11.20
C GLN A 93 -22.09 -5.43 -11.32
N TYR A 94 -21.66 -4.35 -10.69
CA TYR A 94 -22.42 -3.10 -10.72
C TYR A 94 -21.89 -2.17 -11.80
N VAL A 95 -21.28 -2.75 -12.83
CA VAL A 95 -20.72 -1.98 -13.93
C VAL A 95 -21.60 -2.09 -15.18
N MET A 96 -22.15 -3.28 -15.40
CA MET A 96 -23.00 -3.53 -16.55
C MET A 96 -24.38 -2.92 -16.34
N THR A 97 -24.68 -2.54 -15.10
CA THR A 97 -25.97 -1.94 -14.77
C THR A 97 -25.94 -0.43 -14.97
N SER A 98 -25.25 0.27 -14.07
CA SER A 98 -25.15 1.72 -14.14
C SER A 98 -24.36 2.27 -12.96
N LEU A 99 -24.44 1.59 -11.83
CA LEU A 99 -23.73 2.00 -10.63
C LEU A 99 -22.25 1.68 -10.73
N GLN A 100 -21.59 2.28 -11.72
CA GLN A 100 -20.16 2.05 -11.93
C GLN A 100 -19.34 3.17 -11.29
N GLN A 101 -19.55 4.40 -11.77
CA GLN A 101 -18.82 5.55 -11.24
C GLN A 101 -18.98 5.65 -9.73
N GLU A 102 -20.07 5.11 -9.21
CA GLU A 102 -20.35 5.14 -7.78
C GLU A 102 -19.15 4.63 -7.00
N TYR A 103 -18.77 3.38 -7.24
CA TYR A 103 -17.63 2.77 -6.55
C TYR A 103 -16.34 3.53 -6.85
N LYS A 104 -16.25 4.08 -8.06
CA LYS A 104 -15.07 4.83 -8.47
C LYS A 104 -14.87 6.06 -7.59
N LYS A 105 -15.97 6.77 -7.33
CA LYS A 105 -15.92 7.96 -6.50
C LYS A 105 -15.49 7.63 -5.09
N GLN A 106 -16.16 6.65 -4.48
CA GLN A 106 -15.85 6.23 -3.12
C GLN A 106 -14.40 5.73 -3.03
N MET A 107 -14.02 4.87 -3.97
CA MET A 107 -12.67 4.32 -3.99
C MET A 107 -11.63 5.44 -4.01
N LEU A 108 -11.92 6.49 -4.77
CA LEU A 108 -11.00 7.63 -4.87
C LEU A 108 -10.68 8.19 -3.50
N THR A 109 -11.72 8.50 -2.73
CA THR A 109 -11.53 9.05 -1.39
C THR A 109 -10.72 8.11 -0.51
N ALA A 110 -11.23 6.90 -0.31
CA ALA A 110 -10.54 5.91 0.51
C ALA A 110 -9.10 5.73 0.06
N ALA A 111 -8.89 5.68 -1.25
CA ALA A 111 -7.55 5.52 -1.81
C ALA A 111 -6.64 6.67 -1.39
N HIS A 112 -7.19 7.88 -1.39
CA HIS A 112 -6.42 9.06 -1.01
C HIS A 112 -5.76 8.87 0.36
N ALA A 113 -6.58 8.52 1.35
CA ALA A 113 -6.07 8.31 2.71
C ALA A 113 -5.06 7.16 2.74
N LEU A 114 -5.29 6.16 1.90
CA LEU A 114 -4.41 5.00 1.84
C LEU A 114 -2.99 5.42 1.51
N ALA A 115 -2.82 6.10 0.37
CA ALA A 115 -1.51 6.57 -0.05
C ALA A 115 -0.79 7.30 1.07
N VAL A 116 -1.51 8.19 1.75
CA VAL A 116 -0.94 8.97 2.85
C VAL A 116 -0.31 8.05 3.89
N ASP A 117 -0.93 6.90 4.12
CA ASP A 117 -0.42 5.94 5.08
C ASP A 117 0.96 5.42 4.67
N ALA A 118 1.05 4.89 3.45
CA ALA A 118 2.30 4.37 2.94
C ALA A 118 3.43 5.38 3.10
N LYS A 119 3.08 6.66 3.00
CA LYS A 119 4.07 7.74 3.14
C LYS A 119 4.43 7.96 4.60
N ASN A 120 3.42 7.94 5.47
CA ASN A 120 3.64 8.14 6.90
C ASN A 120 4.58 7.07 7.46
N LEU A 121 4.62 5.92 6.79
CA LEU A 121 5.48 4.82 7.22
C LEU A 121 6.94 5.27 7.31
N LEU A 122 7.49 5.70 6.17
CA LEU A 122 8.87 6.16 6.13
C LEU A 122 8.99 7.59 6.62
N ASP A 123 7.97 8.39 6.36
CA ASP A 123 7.96 9.79 6.78
C ASP A 123 8.12 9.90 8.29
N VAL A 124 7.40 9.06 9.03
CA VAL A 124 7.46 9.05 10.48
C VAL A 124 8.78 8.46 10.97
N ILE A 125 9.02 7.20 10.63
CA ILE A 125 10.24 6.51 11.03
C ILE A 125 11.48 7.33 10.66
N ASP A 126 11.34 8.14 9.63
CA ASP A 126 12.45 8.98 9.16
C ASP A 126 13.02 9.81 10.32
N GLN A 127 12.12 10.32 11.17
CA GLN A 127 12.53 11.13 12.30
C GLN A 127 13.47 10.36 13.22
N ALA A 128 13.35 9.03 13.21
CA ALA A 128 14.19 8.18 14.04
C ALA A 128 15.60 8.09 13.47
N ARG A 129 15.71 7.65 12.22
CA ARG A 129 17.00 7.51 11.56
C ARG A 129 17.75 8.84 11.57
N LEU A 130 17.03 9.93 11.28
CA LEU A 130 17.63 11.26 11.26
C LEU A 130 18.08 11.69 12.65
N LYS A 131 17.25 11.40 13.65
CA LYS A 131 17.55 11.74 15.03
C LYS A 131 18.89 11.14 15.45
N MET A 132 19.24 10.01 14.85
CA MET A 132 20.49 9.33 15.17
C MET A 132 21.67 10.04 14.52
N ILE A 133 21.53 10.35 13.23
CA ILE A 133 22.58 11.03 12.49
C ILE A 133 23.07 12.27 13.23
N SER A 134 22.13 13.19 13.50
CA SER A 134 22.47 14.42 14.20
C SER A 134 22.67 14.17 15.69
N GLN A 135 23.79 13.51 16.01
CA GLN A 135 24.10 13.21 17.40
C GLN A 135 25.43 12.46 17.51
N SER A 136 25.51 11.31 16.85
CA SER A 136 26.73 10.50 16.87
C SER A 136 26.63 9.34 15.89
N ARG A 137 27.66 9.17 15.07
CA ARG A 137 27.69 8.10 14.08
C ARG A 137 28.88 7.18 14.31
N PRO A 138 28.81 6.36 15.36
CA PRO A 138 29.87 5.42 15.72
C PRO A 138 30.00 4.28 14.72
N HIS A 139 30.90 4.43 13.75
CA HIS A 139 31.11 3.41 12.73
C HIS A 139 31.34 2.04 13.37
N SER A 166 -0.70 -16.77 8.89
CA SER A 166 -1.87 -16.08 9.40
C SER A 166 -2.30 -14.96 8.45
N ALA A 167 -1.52 -13.90 8.42
CA ALA A 167 -1.82 -12.75 7.56
C ALA A 167 -1.63 -13.12 6.09
N THR A 168 -0.59 -13.90 5.80
CA THR A 168 -0.31 -14.32 4.43
C THR A 168 -1.50 -15.04 3.82
N ARG A 169 -2.31 -15.66 4.67
CA ARG A 169 -3.48 -16.40 4.22
C ARG A 169 -4.40 -15.50 3.40
N GLU A 170 -4.83 -14.40 3.99
CA GLU A 170 -5.72 -13.45 3.31
C GLU A 170 -5.04 -12.90 2.05
N LEU A 171 -3.79 -12.51 2.18
CA LEU A 171 -3.04 -11.96 1.06
C LEU A 171 -3.00 -12.94 -0.11
N ASP A 172 -2.70 -14.19 0.19
CA ASP A 172 -2.64 -15.22 -0.84
C ASP A 172 -4.02 -15.51 -1.41
N GLU A 173 -5.00 -15.69 -0.52
CA GLU A 173 -6.37 -15.96 -0.94
C GLU A 173 -6.89 -14.86 -1.85
N LEU A 174 -6.91 -13.64 -1.33
CA LEU A 174 -7.39 -12.49 -2.09
C LEU A 174 -6.69 -12.39 -3.44
N MET A 175 -5.39 -12.69 -3.44
CA MET A 175 -4.60 -12.64 -4.68
C MET A 175 -5.20 -13.57 -5.74
N ALA A 176 -5.45 -14.82 -5.37
CA ALA A 176 -6.02 -15.79 -6.29
C ALA A 176 -7.44 -15.40 -6.68
N SER A 177 -8.16 -14.81 -5.73
CA SER A 177 -9.54 -14.38 -5.98
C SER A 177 -9.62 -13.39 -7.13
N LEU A 178 -8.61 -12.53 -7.22
CA LEU A 178 -8.56 -11.53 -8.28
C LEU A 178 -7.98 -12.12 -9.57
N SER A 179 -7.16 -13.15 -9.43
CA SER A 179 -6.54 -13.80 -10.57
C SER A 179 -7.59 -14.50 -11.44
N ASP A 180 -8.34 -15.42 -10.83
CA ASP A 180 -9.37 -16.15 -11.54
C ASP A 180 -10.63 -16.27 -10.69
N MET A 1 25.35 -9.20 -8.55
CA MET A 1 25.78 -8.96 -7.18
C MET A 1 25.28 -10.05 -6.24
N ALA A 2 24.00 -10.38 -6.36
CA ALA A 2 23.40 -11.41 -5.53
C ALA A 2 23.51 -11.05 -4.05
N ASN A 3 22.68 -10.12 -3.60
CA ASN A 3 22.69 -9.69 -2.21
C ASN A 3 21.27 -9.50 -1.69
N LEU A 4 21.16 -9.22 -0.39
CA LEU A 4 19.85 -9.02 0.24
C LEU A 4 19.57 -7.53 0.43
N ASP A 5 20.19 -6.70 -0.40
CA ASP A 5 20.01 -5.25 -0.32
C ASP A 5 19.10 -4.75 -1.44
N ARG A 6 18.10 -5.55 -1.78
CA ARG A 6 17.16 -5.19 -2.83
C ARG A 6 15.84 -4.70 -2.25
N SER A 7 15.29 -5.46 -1.31
CA SER A 7 14.03 -5.11 -0.67
C SER A 7 14.23 -3.98 0.33
N ASN A 8 15.42 -3.93 0.93
CA ASN A 8 15.74 -2.91 1.91
C ASN A 8 15.76 -1.52 1.27
N ASP A 9 16.23 -1.47 0.03
CA ASP A 9 16.30 -0.21 -0.71
C ASP A 9 15.04 0.02 -1.53
N LYS A 10 14.40 -1.08 -1.93
CA LYS A 10 13.18 -1.00 -2.73
C LYS A 10 12.04 -0.38 -1.92
N VAL A 11 12.01 -0.67 -0.63
CA VAL A 11 10.97 -0.14 0.25
C VAL A 11 10.92 1.38 0.18
N TYR A 12 12.09 2.00 -0.01
CA TYR A 12 12.18 3.45 -0.09
C TYR A 12 11.63 3.96 -1.42
N GLU A 13 11.61 3.07 -2.41
CA GLU A 13 11.12 3.43 -3.74
C GLU A 13 9.62 3.16 -3.86
N ASN A 14 9.22 1.93 -3.54
CA ASN A 14 7.83 1.54 -3.61
C ASN A 14 6.95 2.50 -2.82
N VAL A 15 7.44 2.93 -1.66
CA VAL A 15 6.72 3.85 -0.81
C VAL A 15 6.36 5.13 -1.56
N THR A 16 7.11 5.42 -2.61
CA THR A 16 6.87 6.61 -3.42
C THR A 16 6.02 6.28 -4.65
N GLY A 17 6.41 5.23 -5.37
CA GLY A 17 5.68 4.84 -6.55
C GLY A 17 4.19 4.71 -6.31
N LEU A 18 3.84 4.04 -5.21
CA LEU A 18 2.44 3.84 -4.86
C LEU A 18 1.71 5.17 -4.73
N VAL A 19 2.44 6.21 -4.33
CA VAL A 19 1.87 7.54 -4.18
C VAL A 19 1.44 8.11 -5.52
N LYS A 20 2.39 8.18 -6.45
CA LYS A 20 2.11 8.71 -7.78
C LYS A 20 1.03 7.89 -8.48
N ALA A 21 0.90 6.63 -8.08
CA ALA A 21 -0.10 5.74 -8.65
C ALA A 21 -1.51 6.21 -8.33
N VAL A 22 -1.75 6.51 -7.05
CA VAL A 22 -3.06 6.96 -6.61
C VAL A 22 -3.46 8.26 -7.31
N ILE A 23 -2.46 9.00 -7.77
CA ILE A 23 -2.70 10.26 -8.47
C ILE A 23 -3.16 10.02 -9.90
N GLU A 24 -2.35 9.27 -10.65
CA GLU A 24 -2.67 8.96 -12.04
C GLU A 24 -4.08 8.40 -12.17
N MET A 25 -4.35 7.30 -11.47
CA MET A 25 -5.66 6.67 -11.51
C MET A 25 -6.75 7.66 -11.08
N SER A 26 -6.43 8.51 -10.11
CA SER A 26 -7.38 9.50 -9.62
C SER A 26 -7.75 10.49 -10.72
N SER A 27 -6.90 10.61 -11.72
CA SER A 27 -7.14 11.51 -12.83
C SER A 27 -8.14 10.93 -13.81
N LYS A 28 -7.88 9.71 -14.26
CA LYS A 28 -8.77 9.02 -15.20
C LYS A 28 -9.65 8.01 -14.48
N ILE A 29 -9.92 8.27 -13.20
CA ILE A 29 -10.76 7.39 -12.40
C ILE A 29 -12.17 7.29 -12.98
N GLN A 30 -12.71 8.43 -13.38
CA GLN A 30 -14.06 8.47 -13.95
C GLN A 30 -14.14 7.63 -15.22
N PRO A 31 -13.31 8.00 -16.22
CA PRO A 31 -13.27 7.30 -17.50
C PRO A 31 -12.67 5.90 -17.38
N ALA A 32 -12.13 5.60 -16.21
CA ALA A 32 -11.52 4.29 -15.96
C ALA A 32 -12.45 3.16 -16.41
N PRO A 33 -12.09 2.50 -17.52
CA PRO A 33 -12.87 1.40 -18.09
C PRO A 33 -12.82 0.15 -17.21
N PRO A 34 -13.68 -0.83 -17.52
CA PRO A 34 -13.74 -2.09 -16.78
C PRO A 34 -12.52 -2.96 -17.02
N GLU A 35 -11.80 -2.69 -18.10
CA GLU A 35 -10.60 -3.45 -18.43
C GLU A 35 -9.38 -2.89 -17.72
N GLU A 36 -9.44 -1.61 -17.36
CA GLU A 36 -8.34 -0.94 -16.67
C GLU A 36 -8.57 -0.94 -15.16
N TYR A 37 -9.80 -1.21 -14.75
CA TYR A 37 -10.14 -1.24 -13.33
C TYR A 37 -9.69 -2.55 -12.68
N VAL A 38 -9.61 -3.60 -13.49
CA VAL A 38 -9.19 -4.90 -13.00
C VAL A 38 -7.77 -4.84 -12.44
N PRO A 39 -6.82 -4.42 -13.28
CA PRO A 39 -5.40 -4.30 -12.89
C PRO A 39 -5.17 -3.17 -11.88
N MET A 40 -5.99 -2.13 -11.97
CA MET A 40 -5.87 -0.98 -11.07
C MET A 40 -5.84 -1.44 -9.62
N VAL A 41 -6.88 -2.16 -9.21
CA VAL A 41 -6.98 -2.66 -7.84
C VAL A 41 -5.86 -3.63 -7.53
N LYS A 42 -5.51 -4.45 -8.52
CA LYS A 42 -4.45 -5.44 -8.35
C LYS A 42 -3.12 -4.77 -7.98
N GLU A 43 -2.90 -3.58 -8.55
CA GLU A 43 -1.68 -2.82 -8.28
C GLU A 43 -1.63 -2.37 -6.83
N VAL A 44 -2.72 -1.76 -6.37
CA VAL A 44 -2.81 -1.27 -5.00
C VAL A 44 -2.73 -2.41 -4.00
N GLY A 45 -3.46 -3.49 -4.26
CA GLY A 45 -3.46 -4.64 -3.38
C GLY A 45 -2.07 -5.17 -3.13
N LEU A 46 -1.22 -5.12 -4.16
CA LEU A 46 0.14 -5.60 -4.06
C LEU A 46 0.98 -4.69 -3.16
N ALA A 47 0.74 -3.39 -3.25
CA ALA A 47 1.46 -2.42 -2.46
C ALA A 47 1.13 -2.57 -0.97
N LEU A 48 -0.14 -2.83 -0.69
CA LEU A 48 -0.59 -3.00 0.69
C LEU A 48 0.05 -4.22 1.33
N ARG A 49 -0.17 -5.39 0.72
CA ARG A 49 0.40 -6.63 1.23
C ARG A 49 1.92 -6.56 1.30
N THR A 50 2.53 -6.09 0.22
CA THR A 50 3.98 -5.97 0.16
C THR A 50 4.49 -4.98 1.21
N LEU A 51 3.75 -3.89 1.41
CA LEU A 51 4.13 -2.88 2.38
C LEU A 51 4.41 -3.51 3.74
N LEU A 52 3.53 -4.41 4.17
CA LEU A 52 3.67 -5.08 5.45
C LEU A 52 5.05 -5.72 5.58
N ALA A 53 5.49 -6.38 4.52
CA ALA A 53 6.80 -7.03 4.50
C ALA A 53 7.92 -6.00 4.39
N THR A 54 7.81 -5.11 3.42
CA THR A 54 8.82 -4.08 3.21
C THR A 54 9.09 -3.31 4.49
N VAL A 55 8.03 -2.78 5.10
CA VAL A 55 8.16 -2.02 6.33
C VAL A 55 8.65 -2.91 7.48
N ASP A 56 8.28 -4.18 7.42
CA ASP A 56 8.69 -5.13 8.45
C ASP A 56 10.21 -5.17 8.59
N GLU A 57 10.90 -5.01 7.47
CA GLU A 57 12.36 -5.02 7.47
C GLU A 57 12.92 -3.65 7.80
N SER A 58 12.09 -2.62 7.64
CA SER A 58 12.51 -1.25 7.93
C SER A 58 12.61 -1.02 9.42
N LEU A 59 11.88 -1.81 10.19
CA LEU A 59 11.88 -1.68 11.65
C LEU A 59 13.31 -1.68 12.18
N PRO A 60 14.04 -2.77 11.93
CA PRO A 60 15.42 -2.93 12.38
C PRO A 60 16.38 -1.99 11.64
N VAL A 61 16.20 -1.92 10.32
CA VAL A 61 17.05 -1.07 9.49
C VAL A 61 17.12 0.35 10.05
N LEU A 62 15.99 0.83 10.56
CA LEU A 62 15.91 2.18 11.12
C LEU A 62 15.90 2.13 12.64
N PRO A 63 16.27 3.25 13.28
CA PRO A 63 16.30 3.36 14.74
C PRO A 63 14.91 3.36 15.35
N ALA A 64 14.77 2.69 16.49
CA ALA A 64 13.49 2.61 17.18
C ALA A 64 12.90 4.00 17.40
N SER A 65 11.63 4.17 17.04
CA SER A 65 10.96 5.45 17.19
C SER A 65 9.53 5.38 16.65
N THR A 66 9.34 4.59 15.60
CA THR A 66 8.03 4.43 14.99
C THR A 66 7.59 2.97 14.98
N HIS A 67 7.78 2.30 16.11
CA HIS A 67 7.40 0.89 16.23
C HIS A 67 5.89 0.75 16.39
N ARG A 68 5.35 1.30 17.48
CA ARG A 68 3.93 1.23 17.75
C ARG A 68 3.13 1.68 16.53
N GLU A 69 3.46 2.87 16.03
CA GLU A 69 2.76 3.43 14.87
C GLU A 69 2.70 2.40 13.73
N ILE A 70 3.86 2.05 13.19
CA ILE A 70 3.94 1.09 12.09
C ILE A 70 3.22 -0.21 12.46
N GLU A 71 3.32 -0.60 13.72
CA GLU A 71 2.68 -1.82 14.20
C GLU A 71 1.19 -1.81 13.89
N MET A 72 0.51 -0.75 14.30
CA MET A 72 -0.93 -0.62 14.06
C MET A 72 -1.20 -0.35 12.58
N ALA A 73 -0.23 0.22 11.89
CA ALA A 73 -0.37 0.52 10.47
C ALA A 73 -0.45 -0.75 9.64
N GLN A 74 0.29 -1.78 10.06
CA GLN A 74 0.30 -3.05 9.36
C GLN A 74 -1.08 -3.69 9.36
N LYS A 75 -1.64 -3.88 10.56
CA LYS A 75 -2.95 -4.49 10.70
C LYS A 75 -3.98 -3.76 9.83
N LEU A 76 -3.93 -2.44 9.85
CA LEU A 76 -4.85 -1.64 9.07
C LEU A 76 -4.78 -1.99 7.59
N LEU A 77 -3.56 -2.17 7.09
CA LEU A 77 -3.35 -2.52 5.69
C LEU A 77 -4.12 -3.78 5.33
N ASN A 78 -4.10 -4.77 6.22
CA ASN A 78 -4.79 -6.03 5.99
C ASN A 78 -6.28 -5.79 5.74
N SER A 79 -6.96 -5.22 6.74
CA SER A 79 -8.39 -4.95 6.63
C SER A 79 -8.69 -4.15 5.37
N ASP A 80 -7.97 -3.05 5.18
CA ASP A 80 -8.16 -2.20 4.01
C ASP A 80 -7.98 -3.01 2.72
N LEU A 81 -7.02 -3.93 2.74
CA LEU A 81 -6.73 -4.76 1.57
C LEU A 81 -8.01 -5.41 1.05
N ALA A 82 -8.65 -6.21 1.89
CA ALA A 82 -9.88 -6.89 1.51
C ALA A 82 -10.95 -5.89 1.09
N GLU A 83 -10.98 -4.74 1.76
CA GLU A 83 -11.95 -3.70 1.45
C GLU A 83 -11.80 -3.21 0.02
N LEU A 84 -10.56 -2.92 -0.37
CA LEU A 84 -10.28 -2.45 -1.72
C LEU A 84 -10.60 -3.52 -2.76
N ILE A 85 -9.93 -4.66 -2.63
CA ILE A 85 -10.15 -5.77 -3.56
C ILE A 85 -11.63 -6.12 -3.66
N ASN A 86 -12.34 -6.01 -2.55
CA ASN A 86 -13.77 -6.30 -2.51
C ASN A 86 -14.52 -5.46 -3.53
N LYS A 87 -14.36 -4.14 -3.44
CA LYS A 87 -15.03 -3.22 -4.35
C LYS A 87 -14.76 -3.61 -5.80
N MET A 88 -13.55 -4.09 -6.07
CA MET A 88 -13.17 -4.50 -7.43
C MET A 88 -14.15 -5.53 -7.97
N LYS A 89 -14.36 -6.59 -7.19
CA LYS A 89 -15.27 -7.66 -7.61
C LYS A 89 -16.67 -7.11 -7.89
N LEU A 90 -17.07 -6.09 -7.13
CA LEU A 90 -18.38 -5.48 -7.31
C LEU A 90 -18.41 -4.63 -8.58
N ALA A 91 -17.63 -3.55 -8.59
CA ALA A 91 -17.57 -2.66 -9.74
C ALA A 91 -17.28 -3.45 -11.02
N GLN A 92 -16.57 -4.56 -10.88
CA GLN A 92 -16.23 -5.39 -12.03
C GLN A 92 -17.49 -5.82 -12.78
N GLN A 93 -18.50 -6.27 -12.04
CA GLN A 93 -19.75 -6.72 -12.63
C GLN A 93 -20.76 -5.58 -12.67
N TYR A 94 -20.54 -4.56 -11.85
CA TYR A 94 -21.43 -3.41 -11.79
C TYR A 94 -20.94 -2.28 -12.68
N VAL A 95 -20.24 -2.65 -13.75
CA VAL A 95 -19.72 -1.67 -14.70
C VAL A 95 -20.53 -1.65 -15.98
N MET A 96 -21.06 -2.81 -16.36
CA MET A 96 -21.85 -2.92 -17.57
C MET A 96 -23.21 -2.24 -17.40
N THR A 97 -23.54 -1.91 -16.15
CA THR A 97 -24.81 -1.25 -15.85
C THR A 97 -24.68 0.26 -15.98
N SER A 98 -24.06 0.89 -14.99
CA SER A 98 -23.88 2.34 -14.99
C SER A 98 -23.19 2.80 -13.71
N LEU A 99 -23.45 2.09 -12.62
CA LEU A 99 -22.86 2.41 -11.33
C LEU A 99 -21.39 1.98 -11.27
N GLN A 100 -20.59 2.52 -12.18
CA GLN A 100 -19.16 2.19 -12.23
C GLN A 100 -18.33 3.24 -11.50
N GLN A 101 -18.54 4.50 -11.85
CA GLN A 101 -17.81 5.60 -11.24
C GLN A 101 -18.01 5.60 -9.72
N GLU A 102 -19.23 5.31 -9.30
CA GLU A 102 -19.57 5.28 -7.88
C GLU A 102 -18.57 4.41 -7.10
N TYR A 103 -18.51 3.13 -7.46
CA TYR A 103 -17.60 2.20 -6.81
C TYR A 103 -16.17 2.74 -6.79
N LYS A 104 -15.81 3.46 -7.85
CA LYS A 104 -14.48 4.03 -7.96
C LYS A 104 -14.32 5.22 -7.00
N LYS A 105 -15.39 5.97 -6.82
CA LYS A 105 -15.37 7.13 -5.93
C LYS A 105 -15.05 6.71 -4.50
N GLN A 106 -15.94 5.91 -3.92
CA GLN A 106 -15.76 5.43 -2.55
C GLN A 106 -14.37 4.81 -2.36
N MET A 107 -13.89 4.14 -3.41
CA MET A 107 -12.59 3.50 -3.37
C MET A 107 -11.48 4.52 -3.15
N LEU A 108 -11.56 5.63 -3.88
CA LEU A 108 -10.56 6.69 -3.77
C LEU A 108 -10.44 7.17 -2.33
N THR A 109 -11.57 7.32 -1.66
CA THR A 109 -11.59 7.77 -0.27
C THR A 109 -10.73 6.86 0.61
N ALA A 110 -11.08 5.59 0.65
CA ALA A 110 -10.35 4.61 1.45
C ALA A 110 -8.90 4.52 0.99
N ALA A 111 -8.69 4.34 -0.31
CA ALA A 111 -7.35 4.24 -0.86
C ALA A 111 -6.51 5.46 -0.50
N HIS A 112 -7.16 6.60 -0.36
CA HIS A 112 -6.48 7.84 -0.01
C HIS A 112 -5.79 7.72 1.35
N ALA A 113 -6.60 7.47 2.38
CA ALA A 113 -6.08 7.33 3.74
C ALA A 113 -5.01 6.24 3.81
N LEU A 114 -5.27 5.13 3.13
CA LEU A 114 -4.33 4.02 3.11
C LEU A 114 -3.01 4.42 2.46
N ALA A 115 -3.10 5.01 1.27
CA ALA A 115 -1.91 5.45 0.55
C ALA A 115 -1.00 6.30 1.44
N VAL A 116 -1.60 7.29 2.10
CA VAL A 116 -0.84 8.18 2.99
C VAL A 116 -0.05 7.37 4.01
N ASP A 117 -0.67 6.33 4.55
CA ASP A 117 -0.03 5.47 5.54
C ASP A 117 1.32 4.97 5.03
N ALA A 118 1.30 4.32 3.87
CA ALA A 118 2.51 3.78 3.28
C ALA A 118 3.60 4.83 3.21
N LYS A 119 3.19 6.08 2.94
CA LYS A 119 4.14 7.18 2.84
C LYS A 119 4.64 7.60 4.22
N ASN A 120 3.72 7.67 5.18
CA ASN A 120 4.06 8.07 6.53
C ASN A 120 5.06 7.08 7.14
N LEU A 121 5.10 5.88 6.60
CA LEU A 121 6.01 4.85 7.09
C LEU A 121 7.44 5.36 7.15
N LEU A 122 7.95 5.81 6.00
CA LEU A 122 9.31 6.32 5.92
C LEU A 122 9.35 7.78 6.37
N ASP A 123 8.28 8.52 6.09
CA ASP A 123 8.20 9.93 6.47
C ASP A 123 8.38 10.09 7.98
N VAL A 124 7.72 9.23 8.75
CA VAL A 124 7.81 9.28 10.20
C VAL A 124 9.16 8.75 10.69
N ILE A 125 9.44 7.50 10.36
CA ILE A 125 10.70 6.87 10.77
C ILE A 125 11.89 7.73 10.38
N ASP A 126 11.72 8.53 9.32
CA ASP A 126 12.78 9.41 8.84
C ASP A 126 13.28 10.33 9.96
N GLN A 127 12.34 10.91 10.70
CA GLN A 127 12.68 11.81 11.79
C GLN A 127 13.56 11.10 12.83
N ALA A 128 13.48 9.78 12.87
CA ALA A 128 14.26 8.99 13.80
C ALA A 128 15.73 8.95 13.39
N ARG A 129 15.98 8.45 12.18
CA ARG A 129 17.34 8.35 11.67
C ARG A 129 18.01 9.72 11.66
N LEU A 130 17.27 10.74 11.24
CA LEU A 130 17.79 12.11 11.18
C LEU A 130 18.09 12.63 12.58
N LYS A 131 17.20 12.37 13.52
CA LYS A 131 17.37 12.80 14.90
C LYS A 131 18.73 12.37 15.44
N MET A 132 19.17 11.18 15.04
CA MET A 132 20.45 10.65 15.49
C MET A 132 21.61 11.31 14.73
N ILE A 133 21.51 11.30 13.41
CA ILE A 133 22.54 11.90 12.57
C ILE A 133 22.78 13.37 12.94
N SER A 134 21.73 14.17 12.81
CA SER A 134 21.82 15.59 13.13
C SER A 134 21.79 15.81 14.63
N GLN A 135 22.83 15.34 15.31
CA GLN A 135 22.93 15.48 16.76
C GLN A 135 24.23 14.88 17.28
N SER A 136 24.40 13.58 17.04
CA SER A 136 25.60 12.87 17.50
C SER A 136 25.64 11.46 16.94
N ARG A 137 26.77 11.09 16.37
CA ARG A 137 26.95 9.75 15.79
C ARG A 137 28.43 9.41 15.63
N PRO A 138 29.09 9.12 16.76
CA PRO A 138 30.51 8.78 16.78
C PRO A 138 30.78 7.42 16.15
N HIS A 139 32.02 6.94 16.29
CA HIS A 139 32.40 5.64 15.74
C HIS A 139 31.43 4.55 16.19
N SER A 166 -5.57 -15.29 9.94
CA SER A 166 -4.56 -14.31 10.29
C SER A 166 -4.36 -13.31 9.16
N ALA A 167 -3.33 -12.48 9.27
CA ALA A 167 -3.04 -11.47 8.26
C ALA A 167 -2.49 -12.12 6.99
N THR A 168 -1.38 -12.83 7.13
CA THR A 168 -0.77 -13.51 6.00
C THR A 168 -1.74 -14.44 5.30
N ARG A 169 -2.72 -14.93 6.06
CA ARG A 169 -3.72 -15.84 5.51
C ARG A 169 -4.53 -15.15 4.40
N GLU A 170 -5.09 -13.99 4.72
CA GLU A 170 -5.89 -13.25 3.75
C GLU A 170 -5.06 -12.92 2.51
N LEU A 171 -3.80 -12.55 2.72
CA LEU A 171 -2.91 -12.20 1.61
C LEU A 171 -2.87 -13.33 0.58
N ASP A 172 -2.68 -14.55 1.06
CA ASP A 172 -2.62 -15.72 0.18
C ASP A 172 -3.99 -16.02 -0.41
N GLU A 173 -5.02 -15.98 0.43
CA GLU A 173 -6.38 -16.24 -0.01
C GLU A 173 -6.77 -15.32 -1.16
N LEU A 174 -6.71 -14.02 -0.92
CA LEU A 174 -7.06 -13.03 -1.93
C LEU A 174 -6.25 -13.26 -3.21
N MET A 175 -4.99 -13.63 -3.04
CA MET A 175 -4.12 -13.87 -4.19
C MET A 175 -4.76 -14.86 -5.16
N ALA A 176 -5.20 -16.00 -4.63
CA ALA A 176 -5.84 -17.03 -5.46
C ALA A 176 -7.18 -16.54 -5.99
N SER A 177 -7.94 -15.88 -5.13
CA SER A 177 -9.26 -15.36 -5.51
C SER A 177 -9.14 -14.42 -6.71
N LEU A 178 -8.06 -13.66 -6.75
CA LEU A 178 -7.83 -12.70 -7.83
C LEU A 178 -7.15 -13.38 -9.01
N SER A 179 -6.38 -14.44 -8.73
CA SER A 179 -5.67 -15.18 -9.76
C SER A 179 -6.64 -15.75 -10.79
N ASP A 180 -7.57 -16.58 -10.32
CA ASP A 180 -8.56 -17.19 -11.19
C ASP A 180 -9.78 -16.28 -11.35
N MET A 1 24.93 -11.32 -2.03
CA MET A 1 24.62 -10.67 -0.76
C MET A 1 25.91 -10.24 -0.05
N ALA A 2 26.03 -8.93 0.18
CA ALA A 2 27.19 -8.38 0.85
C ALA A 2 26.83 -7.20 1.73
N ASN A 3 26.56 -6.05 1.10
CA ASN A 3 26.19 -4.84 1.83
C ASN A 3 24.69 -4.82 2.11
N LEU A 4 24.31 -4.19 3.22
CA LEU A 4 22.91 -4.09 3.60
C LEU A 4 22.31 -2.77 3.15
N ASP A 5 22.87 -2.20 2.09
CA ASP A 5 22.40 -0.94 1.56
C ASP A 5 21.61 -1.16 0.27
N ARG A 6 21.03 -2.34 0.13
CA ARG A 6 20.25 -2.68 -1.06
C ARG A 6 18.75 -2.61 -0.75
N SER A 7 18.33 -3.32 0.29
CA SER A 7 16.92 -3.35 0.68
C SER A 7 16.54 -2.06 1.39
N ASN A 8 17.49 -1.46 2.09
CA ASN A 8 17.25 -0.23 2.82
C ASN A 8 16.78 0.88 1.88
N ASP A 9 17.25 0.83 0.64
CA ASP A 9 16.87 1.82 -0.37
C ASP A 9 15.58 1.41 -1.09
N LYS A 10 15.38 0.10 -1.20
CA LYS A 10 14.20 -0.43 -1.87
C LYS A 10 12.94 -0.15 -1.05
N VAL A 11 13.05 -0.31 0.27
CA VAL A 11 11.92 -0.07 1.17
C VAL A 11 11.37 1.34 1.00
N TYR A 12 12.27 2.32 1.06
CA TYR A 12 11.87 3.73 0.92
C TYR A 12 11.40 4.02 -0.50
N GLU A 13 11.78 3.15 -1.44
CA GLU A 13 11.40 3.31 -2.84
C GLU A 13 9.98 2.82 -3.06
N ASN A 14 9.73 1.56 -2.72
CA ASN A 14 8.40 0.97 -2.88
C ASN A 14 7.33 1.84 -2.23
N VAL A 15 7.62 2.32 -1.03
CA VAL A 15 6.68 3.16 -0.29
C VAL A 15 6.30 4.39 -1.11
N THR A 16 7.14 4.76 -2.06
CA THR A 16 6.89 5.91 -2.91
C THR A 16 6.20 5.50 -4.21
N GLY A 17 6.75 4.48 -4.87
CA GLY A 17 6.18 4.01 -6.12
C GLY A 17 4.69 3.77 -6.01
N LEU A 18 4.28 3.02 -4.99
CA LEU A 18 2.86 2.71 -4.79
C LEU A 18 2.03 3.99 -4.80
N VAL A 19 2.62 5.09 -4.35
CA VAL A 19 1.92 6.37 -4.32
C VAL A 19 1.64 6.88 -5.72
N LYS A 20 2.66 6.87 -6.57
CA LYS A 20 2.51 7.33 -7.95
C LYS A 20 1.32 6.65 -8.62
N ALA A 21 1.14 5.37 -8.34
CA ALA A 21 0.04 4.60 -8.92
C ALA A 21 -1.31 5.11 -8.41
N VAL A 22 -1.38 5.41 -7.12
CA VAL A 22 -2.61 5.92 -6.52
C VAL A 22 -3.07 7.19 -7.21
N ILE A 23 -2.12 7.96 -7.73
CA ILE A 23 -2.44 9.21 -8.43
C ILE A 23 -2.96 8.94 -9.83
N GLU A 24 -2.22 8.11 -10.57
CA GLU A 24 -2.60 7.77 -11.94
C GLU A 24 -4.06 7.31 -12.01
N MET A 25 -4.36 6.22 -11.30
CA MET A 25 -5.72 5.68 -11.28
C MET A 25 -6.71 6.74 -10.80
N SER A 26 -6.33 7.46 -9.75
CA SER A 26 -7.20 8.50 -9.18
C SER A 26 -7.53 9.56 -10.24
N SER A 27 -6.70 9.63 -11.28
CA SER A 27 -6.91 10.60 -12.34
C SER A 27 -8.03 10.14 -13.28
N LYS A 28 -7.85 8.98 -13.90
CA LYS A 28 -8.84 8.43 -14.81
C LYS A 28 -9.68 7.37 -14.13
N ILE A 29 -9.92 7.54 -12.83
CA ILE A 29 -10.71 6.58 -12.06
C ILE A 29 -12.13 6.49 -12.60
N GLN A 30 -12.71 7.64 -12.97
CA GLN A 30 -14.06 7.69 -13.50
C GLN A 30 -14.16 6.93 -14.81
N PRO A 31 -13.39 7.39 -15.82
CA PRO A 31 -13.38 6.76 -17.15
C PRO A 31 -12.71 5.39 -17.13
N ALA A 32 -12.11 5.04 -16.00
CA ALA A 32 -11.44 3.75 -15.86
C ALA A 32 -12.31 2.61 -16.38
N PRO A 33 -11.94 2.08 -17.56
CA PRO A 33 -12.67 0.98 -18.20
C PRO A 33 -12.52 -0.33 -17.44
N PRO A 34 -13.35 -1.33 -17.80
CA PRO A 34 -13.33 -2.64 -17.16
C PRO A 34 -12.07 -3.43 -17.52
N GLU A 35 -11.41 -3.03 -18.59
CA GLU A 35 -10.19 -3.70 -19.03
C GLU A 35 -8.97 -3.15 -18.31
N GLU A 36 -9.04 -1.87 -17.94
CA GLU A 36 -7.93 -1.22 -17.25
C GLU A 36 -8.08 -1.38 -15.74
N TYR A 37 -9.27 -1.74 -15.29
CA TYR A 37 -9.54 -1.92 -13.87
C TYR A 37 -9.02 -3.27 -13.39
N VAL A 38 -9.09 -4.27 -14.25
CA VAL A 38 -8.63 -5.61 -13.91
C VAL A 38 -7.20 -5.57 -13.36
N PRO A 39 -6.28 -5.03 -14.16
CA PRO A 39 -4.87 -4.92 -13.77
C PRO A 39 -4.66 -3.90 -12.65
N MET A 40 -5.50 -2.89 -12.61
CA MET A 40 -5.41 -1.85 -11.59
C MET A 40 -5.33 -2.46 -10.19
N VAL A 41 -6.23 -3.41 -9.93
CA VAL A 41 -6.27 -4.07 -8.63
C VAL A 41 -4.91 -4.66 -8.27
N LYS A 42 -4.24 -5.25 -9.25
CA LYS A 42 -2.93 -5.84 -9.04
C LYS A 42 -1.94 -4.80 -8.55
N GLU A 43 -2.06 -3.58 -9.06
CA GLU A 43 -1.16 -2.50 -8.68
C GLU A 43 -1.30 -2.19 -7.18
N VAL A 44 -2.51 -1.87 -6.75
CA VAL A 44 -2.77 -1.56 -5.36
C VAL A 44 -2.45 -2.75 -4.46
N GLY A 45 -2.90 -3.93 -4.87
CA GLY A 45 -2.64 -5.14 -4.09
C GLY A 45 -1.16 -5.35 -3.82
N LEU A 46 -0.33 -4.93 -4.76
CA LEU A 46 1.12 -5.07 -4.61
C LEU A 46 1.66 -4.11 -3.57
N ALA A 47 1.10 -2.91 -3.53
CA ALA A 47 1.52 -1.89 -2.57
C ALA A 47 1.30 -2.37 -1.14
N LEU A 48 0.07 -2.78 -0.85
CA LEU A 48 -0.28 -3.25 0.49
C LEU A 48 0.49 -4.52 0.83
N ARG A 49 0.44 -5.50 -0.07
CA ARG A 49 1.13 -6.76 0.13
C ARG A 49 2.63 -6.54 0.38
N THR A 50 3.26 -5.83 -0.54
CA THR A 50 4.69 -5.55 -0.43
C THR A 50 4.99 -4.68 0.79
N LEU A 51 4.07 -3.78 1.10
CA LEU A 51 4.23 -2.89 2.26
C LEU A 51 4.55 -3.69 3.51
N LEU A 52 3.84 -4.79 3.71
CA LEU A 52 4.05 -5.65 4.88
C LEU A 52 5.51 -6.11 4.95
N ALA A 53 6.04 -6.54 3.82
CA ALA A 53 7.43 -7.00 3.76
C ALA A 53 8.40 -5.84 3.92
N THR A 54 8.27 -4.84 3.06
CA THR A 54 9.13 -3.67 3.09
C THR A 54 9.17 -3.06 4.50
N VAL A 55 8.01 -2.67 4.99
CA VAL A 55 7.91 -2.06 6.32
C VAL A 55 8.51 -2.98 7.38
N ASP A 56 8.24 -4.28 7.25
CA ASP A 56 8.75 -5.26 8.20
C ASP A 56 10.27 -5.14 8.33
N GLU A 57 10.93 -4.77 7.24
CA GLU A 57 12.38 -4.63 7.24
C GLU A 57 12.79 -3.25 7.76
N SER A 58 11.87 -2.31 7.71
CA SER A 58 12.14 -0.95 8.18
C SER A 58 12.19 -0.90 9.70
N LEU A 59 11.54 -1.86 10.34
CA LEU A 59 11.51 -1.91 11.80
C LEU A 59 12.93 -1.86 12.37
N PRO A 60 13.76 -2.85 11.99
CA PRO A 60 15.15 -2.93 12.45
C PRO A 60 16.03 -1.84 11.85
N VAL A 61 15.85 -1.61 10.55
CA VAL A 61 16.64 -0.58 9.86
C VAL A 61 16.53 0.77 10.55
N LEU A 62 15.41 0.98 11.24
CA LEU A 62 15.19 2.23 11.95
C LEU A 62 15.37 2.04 13.46
N PRO A 63 15.61 3.14 14.17
CA PRO A 63 15.81 3.12 15.62
C PRO A 63 14.52 2.80 16.38
N ALA A 64 14.63 1.98 17.43
CA ALA A 64 13.47 1.61 18.23
C ALA A 64 12.84 2.83 18.88
N SER A 65 11.61 3.13 18.49
CA SER A 65 10.90 4.29 19.04
C SER A 65 9.52 4.43 18.39
N THR A 66 9.45 4.10 17.10
CA THR A 66 8.21 4.20 16.35
C THR A 66 7.69 2.82 15.95
N HIS A 67 8.05 1.81 16.74
CA HIS A 67 7.64 0.44 16.46
C HIS A 67 6.11 0.33 16.44
N ARG A 68 5.47 0.90 17.46
CA ARG A 68 4.02 0.87 17.56
C ARG A 68 3.37 1.34 16.26
N GLU A 69 3.81 2.50 15.78
CA GLU A 69 3.26 3.06 14.53
C GLU A 69 3.45 2.09 13.38
N ILE A 70 4.60 1.43 13.35
CA ILE A 70 4.91 0.47 12.29
C ILE A 70 3.96 -0.72 12.33
N GLU A 71 3.90 -1.38 13.48
CA GLU A 71 3.02 -2.53 13.65
C GLU A 71 1.56 -2.14 13.43
N MET A 72 1.16 -1.01 14.00
CA MET A 72 -0.20 -0.53 13.87
C MET A 72 -0.54 -0.26 12.41
N ALA A 73 0.49 -0.06 11.58
CA ALA A 73 0.29 0.21 10.16
C ALA A 73 -0.10 -1.06 9.41
N GLN A 74 0.66 -2.13 9.64
CA GLN A 74 0.40 -3.41 8.98
C GLN A 74 -1.04 -3.85 9.22
N LYS A 75 -1.42 -4.00 10.49
CA LYS A 75 -2.77 -4.41 10.85
C LYS A 75 -3.80 -3.52 10.19
N LEU A 76 -3.57 -2.22 10.21
CA LEU A 76 -4.48 -1.26 9.61
C LEU A 76 -4.65 -1.53 8.11
N LEU A 77 -3.52 -1.64 7.42
CA LEU A 77 -3.54 -1.90 5.99
C LEU A 77 -4.38 -3.13 5.66
N ASN A 78 -4.23 -4.18 6.47
CA ASN A 78 -4.98 -5.41 6.27
C ASN A 78 -6.48 -5.13 6.16
N SER A 79 -7.03 -4.49 7.19
CA SER A 79 -8.44 -4.16 7.22
C SER A 79 -8.86 -3.42 5.94
N ASP A 80 -8.17 -2.33 5.66
CA ASP A 80 -8.46 -1.53 4.47
C ASP A 80 -8.39 -2.38 3.21
N LEU A 81 -7.45 -3.33 3.19
CA LEU A 81 -7.28 -4.21 2.04
C LEU A 81 -8.60 -4.87 1.67
N ALA A 82 -9.10 -5.74 2.54
CA ALA A 82 -10.35 -6.44 2.30
C ALA A 82 -11.46 -5.47 1.93
N GLU A 83 -11.46 -4.30 2.58
CA GLU A 83 -12.46 -3.28 2.33
C GLU A 83 -12.43 -2.84 0.86
N LEU A 84 -11.23 -2.64 0.34
CA LEU A 84 -11.05 -2.21 -1.04
C LEU A 84 -11.29 -3.37 -2.00
N ILE A 85 -10.60 -4.47 -1.78
CA ILE A 85 -10.74 -5.65 -2.62
C ILE A 85 -12.20 -6.07 -2.74
N ASN A 86 -12.90 -6.09 -1.61
CA ASN A 86 -14.29 -6.47 -1.58
C ASN A 86 -15.13 -5.55 -2.46
N LYS A 87 -15.23 -4.29 -2.07
CA LYS A 87 -15.99 -3.31 -2.84
C LYS A 87 -15.58 -3.33 -4.30
N MET A 88 -14.30 -3.55 -4.55
CA MET A 88 -13.77 -3.58 -5.91
C MET A 88 -14.50 -4.65 -6.73
N LYS A 89 -14.62 -5.84 -6.16
CA LYS A 89 -15.29 -6.96 -6.84
C LYS A 89 -16.72 -6.59 -7.21
N LEU A 90 -17.36 -5.78 -6.38
CA LEU A 90 -18.73 -5.34 -6.62
C LEU A 90 -18.80 -4.45 -7.84
N ALA A 91 -17.96 -3.43 -7.88
CA ALA A 91 -17.93 -2.51 -9.01
C ALA A 91 -17.84 -3.25 -10.34
N GLN A 92 -17.01 -4.29 -10.38
CA GLN A 92 -16.83 -5.09 -11.58
C GLN A 92 -18.17 -5.63 -12.07
N GLN A 93 -19.06 -5.93 -11.13
CA GLN A 93 -20.37 -6.46 -11.47
C GLN A 93 -21.40 -5.35 -11.58
N TYR A 94 -21.07 -4.19 -11.02
CA TYR A 94 -21.98 -3.04 -11.06
C TYR A 94 -21.64 -2.12 -12.23
N VAL A 95 -21.19 -2.72 -13.33
CA VAL A 95 -20.83 -1.97 -14.52
C VAL A 95 -21.91 -2.10 -15.60
N MET A 96 -22.46 -3.29 -15.72
CA MET A 96 -23.51 -3.55 -16.71
C MET A 96 -24.84 -2.95 -16.27
N THR A 97 -24.92 -2.59 -15.00
CA THR A 97 -26.14 -2.00 -14.45
C THR A 97 -26.15 -0.49 -14.63
N SER A 98 -25.41 0.21 -13.78
CA SER A 98 -25.34 1.67 -13.85
C SER A 98 -24.55 2.23 -12.66
N LEU A 99 -24.60 1.52 -11.54
CA LEU A 99 -23.89 1.95 -10.34
C LEU A 99 -22.40 1.66 -10.46
N GLN A 100 -21.77 2.25 -11.47
CA GLN A 100 -20.34 2.05 -11.70
C GLN A 100 -19.54 3.20 -11.11
N GLN A 101 -19.77 4.40 -11.62
CA GLN A 101 -19.06 5.59 -11.14
C GLN A 101 -19.21 5.75 -9.64
N GLU A 102 -20.30 5.21 -9.10
CA GLU A 102 -20.58 5.29 -7.67
C GLU A 102 -19.37 4.81 -6.87
N TYR A 103 -18.99 3.56 -7.07
CA TYR A 103 -17.84 2.98 -6.37
C TYR A 103 -16.56 3.73 -6.71
N LYS A 104 -16.49 4.23 -7.93
CA LYS A 104 -15.31 4.97 -8.39
C LYS A 104 -15.07 6.20 -7.54
N LYS A 105 -16.14 6.97 -7.31
CA LYS A 105 -16.04 8.19 -6.51
C LYS A 105 -15.65 7.85 -5.07
N GLN A 106 -16.36 6.88 -4.48
CA GLN A 106 -16.08 6.48 -3.11
C GLN A 106 -14.65 5.97 -2.96
N MET A 107 -14.24 5.09 -3.87
CA MET A 107 -12.90 4.54 -3.84
C MET A 107 -11.84 5.65 -3.89
N LEU A 108 -12.15 6.70 -4.64
CA LEU A 108 -11.23 7.83 -4.77
C LEU A 108 -10.87 8.40 -3.40
N THR A 109 -11.89 8.79 -2.65
CA THR A 109 -11.68 9.36 -1.31
C THR A 109 -10.91 8.39 -0.42
N ALA A 110 -11.42 7.17 -0.30
CA ALA A 110 -10.78 6.16 0.52
C ALA A 110 -9.32 5.98 0.14
N ALA A 111 -9.06 5.77 -1.15
CA ALA A 111 -7.70 5.60 -1.64
C ALA A 111 -6.83 6.80 -1.28
N HIS A 112 -7.43 7.97 -1.23
CA HIS A 112 -6.71 9.19 -0.90
C HIS A 112 -6.03 9.06 0.46
N ALA A 113 -6.82 8.82 1.49
CA ALA A 113 -6.30 8.68 2.84
C ALA A 113 -5.44 7.43 2.97
N LEU A 114 -5.89 6.34 2.36
CA LEU A 114 -5.16 5.08 2.39
C LEU A 114 -3.74 5.25 1.85
N ALA A 115 -3.64 5.70 0.60
CA ALA A 115 -2.35 5.92 -0.03
C ALA A 115 -1.44 6.77 0.86
N VAL A 116 -1.97 7.88 1.36
CA VAL A 116 -1.21 8.78 2.22
C VAL A 116 -0.60 8.02 3.39
N ASP A 117 -1.32 7.03 3.89
CA ASP A 117 -0.84 6.23 5.01
C ASP A 117 0.44 5.48 4.64
N ALA A 118 0.37 4.71 3.57
CA ALA A 118 1.53 3.94 3.12
C ALA A 118 2.77 4.83 3.01
N LYS A 119 2.57 6.05 2.52
CA LYS A 119 3.67 7.00 2.36
C LYS A 119 4.10 7.57 3.71
N ASN A 120 3.12 7.90 4.55
CA ASN A 120 3.40 8.44 5.88
C ASN A 120 4.20 7.45 6.71
N LEU A 121 4.18 6.19 6.30
CA LEU A 121 4.91 5.15 7.02
C LEU A 121 6.36 5.57 7.27
N LEU A 122 7.14 5.68 6.20
CA LEU A 122 8.54 6.07 6.31
C LEU A 122 8.66 7.55 6.67
N ASP A 123 7.67 8.34 6.24
CA ASP A 123 7.67 9.77 6.51
C ASP A 123 7.71 10.03 8.02
N VAL A 124 6.91 9.28 8.76
CA VAL A 124 6.84 9.43 10.21
C VAL A 124 8.15 9.00 10.87
N ILE A 125 8.51 7.73 10.68
CA ILE A 125 9.74 7.21 11.25
C ILE A 125 10.95 8.04 10.84
N ASP A 126 10.83 8.74 9.72
CA ASP A 126 11.90 9.58 9.21
C ASP A 126 12.40 10.54 10.30
N GLN A 127 11.49 10.94 11.18
CA GLN A 127 11.83 11.85 12.26
C GLN A 127 12.94 11.27 13.14
N ALA A 128 12.93 9.95 13.28
CA ALA A 128 13.94 9.26 14.08
C ALA A 128 15.27 9.17 13.34
N ARG A 129 15.20 8.87 12.05
CA ARG A 129 16.39 8.74 11.22
C ARG A 129 17.28 9.97 11.37
N LEU A 130 16.70 11.15 11.16
CA LEU A 130 17.43 12.40 11.25
C LEU A 130 17.94 12.62 12.69
N LYS A 131 17.07 12.36 13.66
CA LYS A 131 17.43 12.52 15.07
C LYS A 131 18.69 11.75 15.39
N MET A 132 18.94 10.68 14.65
CA MET A 132 20.13 9.85 14.87
C MET A 132 21.34 10.45 14.16
N ILE A 133 21.17 10.79 12.89
CA ILE A 133 22.25 11.36 12.10
C ILE A 133 22.87 12.56 12.81
N SER A 134 22.05 13.57 13.09
CA SER A 134 22.52 14.78 13.75
C SER A 134 22.67 14.54 15.25
N GLN A 135 23.54 13.59 15.62
CA GLN A 135 23.78 13.27 17.02
C GLN A 135 24.85 12.20 17.15
N SER A 136 24.56 11.00 16.65
CA SER A 136 25.49 9.89 16.72
C SER A 136 24.95 8.67 15.98
N ARG A 137 25.82 8.01 15.22
CA ARG A 137 25.42 6.83 14.46
C ARG A 137 26.63 6.14 13.85
N PRO A 138 26.48 4.85 13.52
CA PRO A 138 27.56 4.06 12.92
C PRO A 138 27.88 4.49 11.50
N HIS A 139 28.77 3.75 10.85
CA HIS A 139 29.17 4.06 9.47
C HIS A 139 28.23 3.39 8.48
N SER A 166 -2.39 -15.12 9.32
CA SER A 166 -3.44 -14.20 9.72
C SER A 166 -3.74 -13.19 8.61
N ALA A 167 -2.80 -12.27 8.40
CA ALA A 167 -2.96 -11.25 7.37
C ALA A 167 -2.75 -11.84 5.98
N THR A 168 -1.69 -12.63 5.83
CA THR A 168 -1.37 -13.26 4.56
C THR A 168 -2.54 -14.09 4.05
N ARG A 169 -3.37 -14.57 4.97
CA ARG A 169 -4.53 -15.38 4.61
C ARG A 169 -5.44 -14.64 3.63
N GLU A 170 -5.89 -13.46 4.04
CA GLU A 170 -6.77 -12.65 3.20
C GLU A 170 -6.08 -12.29 1.89
N LEU A 171 -4.83 -11.84 1.99
CA LEU A 171 -4.06 -11.45 0.81
C LEU A 171 -4.02 -12.59 -0.21
N ASP A 172 -3.68 -13.78 0.26
CA ASP A 172 -3.60 -14.95 -0.61
C ASP A 172 -4.99 -15.35 -1.11
N GLU A 173 -5.95 -15.40 -0.19
CA GLU A 173 -7.32 -15.77 -0.54
C GLU A 173 -7.86 -14.87 -1.64
N LEU A 174 -7.90 -13.57 -1.35
CA LEU A 174 -8.39 -12.59 -2.32
C LEU A 174 -7.58 -12.62 -3.60
N MET A 175 -6.27 -12.84 -3.45
CA MET A 175 -5.39 -12.90 -4.61
C MET A 175 -5.84 -13.97 -5.60
N ALA A 176 -6.29 -15.10 -5.09
CA ALA A 176 -6.75 -16.20 -5.93
C ALA A 176 -8.03 -15.80 -6.67
N SER A 177 -8.93 -15.14 -5.96
CA SER A 177 -10.20 -14.71 -6.56
C SER A 177 -9.96 -13.75 -7.71
N LEU A 178 -8.87 -12.98 -7.62
CA LEU A 178 -8.53 -12.02 -8.67
C LEU A 178 -7.72 -12.68 -9.78
N SER A 179 -6.95 -13.71 -9.42
CA SER A 179 -6.14 -14.43 -10.38
C SER A 179 -6.99 -15.03 -11.48
N ASP A 180 -7.94 -15.89 -11.10
CA ASP A 180 -8.83 -16.53 -12.05
C ASP A 180 -10.01 -17.18 -11.33
N MET A 1 24.49 -11.18 5.83
CA MET A 1 24.98 -10.55 4.63
C MET A 1 25.77 -9.28 4.96
N ALA A 2 26.58 -8.83 4.01
CA ALA A 2 27.39 -7.64 4.20
C ALA A 2 26.84 -6.47 3.38
N ASN A 3 25.53 -6.43 3.22
CA ASN A 3 24.88 -5.36 2.46
C ASN A 3 23.38 -5.35 2.72
N LEU A 4 22.96 -4.62 3.75
CA LEU A 4 21.55 -4.52 4.10
C LEU A 4 20.96 -3.20 3.61
N ASP A 5 21.55 -2.65 2.56
CA ASP A 5 21.09 -1.39 2.00
C ASP A 5 20.32 -1.62 0.70
N ARG A 6 19.65 -2.77 0.60
CA ARG A 6 18.88 -3.12 -0.58
C ARG A 6 17.39 -2.93 -0.33
N SER A 7 16.91 -3.45 0.80
CA SER A 7 15.50 -3.34 1.14
C SER A 7 15.18 -1.95 1.70
N ASN A 8 16.17 -1.34 2.35
CA ASN A 8 16.00 -0.02 2.93
C ASN A 8 15.60 1.00 1.86
N ASP A 9 16.02 0.74 0.62
CA ASP A 9 15.71 1.63 -0.49
C ASP A 9 14.43 1.19 -1.19
N LYS A 10 14.20 -0.11 -1.21
CA LYS A 10 13.01 -0.67 -1.86
C LYS A 10 11.75 -0.30 -1.08
N VAL A 11 11.86 -0.26 0.24
CA VAL A 11 10.73 0.09 1.10
C VAL A 11 10.29 1.53 0.88
N TYR A 12 11.27 2.43 0.83
CA TYR A 12 10.98 3.85 0.64
C TYR A 12 10.47 4.10 -0.78
N GLU A 13 10.79 3.20 -1.69
CA GLU A 13 10.36 3.33 -3.08
C GLU A 13 8.96 2.78 -3.26
N ASN A 14 8.74 1.54 -2.83
CA ASN A 14 7.45 0.90 -2.95
C ASN A 14 6.34 1.81 -2.41
N VAL A 15 6.54 2.32 -1.20
CA VAL A 15 5.57 3.21 -0.58
C VAL A 15 5.31 4.43 -1.44
N THR A 16 6.25 4.75 -2.32
CA THR A 16 6.12 5.90 -3.20
C THR A 16 5.43 5.52 -4.51
N GLY A 17 5.88 4.43 -5.11
CA GLY A 17 5.29 3.97 -6.35
C GLY A 17 3.77 3.95 -6.30
N LEU A 18 3.23 3.30 -5.28
CA LEU A 18 1.79 3.19 -5.11
C LEU A 18 1.12 4.57 -5.20
N VAL A 19 1.84 5.59 -4.73
CA VAL A 19 1.33 6.95 -4.76
C VAL A 19 1.11 7.43 -6.19
N LYS A 20 2.13 7.27 -7.03
CA LYS A 20 2.06 7.67 -8.42
C LYS A 20 0.81 7.10 -9.09
N ALA A 21 0.50 5.85 -8.75
CA ALA A 21 -0.67 5.18 -9.31
C ALA A 21 -1.96 5.78 -8.79
N VAL A 22 -2.01 6.01 -7.48
CA VAL A 22 -3.19 6.58 -6.83
C VAL A 22 -3.61 7.87 -7.53
N ILE A 23 -2.65 8.57 -8.11
CA ILE A 23 -2.93 9.82 -8.81
C ILE A 23 -3.30 9.56 -10.26
N GLU A 24 -2.43 8.84 -10.97
CA GLU A 24 -2.67 8.53 -12.38
C GLU A 24 -4.06 7.92 -12.57
N MET A 25 -4.29 6.78 -11.92
CA MET A 25 -5.58 6.09 -12.01
C MET A 25 -6.71 7.02 -11.60
N SER A 26 -6.44 7.90 -10.65
CA SER A 26 -7.45 8.84 -10.16
C SER A 26 -7.85 9.82 -11.26
N SER A 27 -6.97 10.01 -12.23
CA SER A 27 -7.23 10.92 -13.34
C SER A 27 -8.17 10.29 -14.36
N LYS A 28 -7.85 9.06 -14.76
CA LYS A 28 -8.65 8.34 -15.74
C LYS A 28 -9.61 7.37 -15.04
N ILE A 29 -9.86 7.62 -13.76
CA ILE A 29 -10.77 6.77 -12.98
C ILE A 29 -12.16 6.77 -13.58
N GLN A 30 -12.62 7.94 -14.02
CA GLN A 30 -13.94 8.07 -14.61
C GLN A 30 -14.06 7.22 -15.87
N PRO A 31 -13.23 7.52 -16.87
CA PRO A 31 -13.22 6.79 -18.14
C PRO A 31 -12.69 5.36 -18.00
N ALA A 32 -12.17 5.05 -16.81
CA ALA A 32 -11.63 3.73 -16.54
C ALA A 32 -12.59 2.64 -17.01
N PRO A 33 -12.23 1.96 -18.10
CA PRO A 33 -13.05 0.88 -18.68
C PRO A 33 -13.06 -0.36 -17.81
N PRO A 34 -13.96 -1.30 -18.13
CA PRO A 34 -14.11 -2.55 -17.38
C PRO A 34 -12.91 -3.48 -17.59
N GLU A 35 -12.17 -3.25 -18.66
CA GLU A 35 -11.00 -4.07 -18.97
C GLU A 35 -9.76 -3.55 -18.25
N GLU A 36 -9.79 -2.28 -17.88
CA GLU A 36 -8.67 -1.66 -17.18
C GLU A 36 -8.86 -1.74 -15.67
N TYR A 37 -10.08 -2.04 -15.25
CA TYR A 37 -10.40 -2.14 -13.82
C TYR A 37 -9.91 -3.47 -13.26
N VAL A 38 -9.83 -4.48 -14.11
CA VAL A 38 -9.37 -5.80 -13.70
C VAL A 38 -7.95 -5.76 -13.16
N PRO A 39 -7.03 -5.27 -14.00
CA PRO A 39 -5.61 -5.16 -13.63
C PRO A 39 -5.37 -4.07 -12.58
N MET A 40 -6.22 -3.06 -12.57
CA MET A 40 -6.10 -1.96 -11.62
C MET A 40 -5.94 -2.48 -10.20
N VAL A 41 -6.90 -3.29 -9.76
CA VAL A 41 -6.87 -3.87 -8.42
C VAL A 41 -5.55 -4.59 -8.17
N LYS A 42 -4.98 -5.16 -9.22
CA LYS A 42 -3.71 -5.87 -9.12
C LYS A 42 -2.62 -4.96 -8.60
N GLU A 43 -2.55 -3.74 -9.14
CA GLU A 43 -1.55 -2.77 -8.74
C GLU A 43 -1.69 -2.42 -7.25
N VAL A 44 -2.93 -2.11 -6.85
CA VAL A 44 -3.19 -1.75 -5.45
C VAL A 44 -2.92 -2.93 -4.52
N GLY A 45 -3.38 -4.11 -4.92
CA GLY A 45 -3.18 -5.29 -4.11
C GLY A 45 -1.70 -5.53 -3.80
N LEU A 46 -0.84 -5.20 -4.74
CA LEU A 46 0.60 -5.37 -4.57
C LEU A 46 1.14 -4.38 -3.55
N ALA A 47 0.62 -3.16 -3.57
CA ALA A 47 1.05 -2.12 -2.65
C ALA A 47 0.80 -2.52 -1.20
N LEU A 48 -0.44 -2.90 -0.91
CA LEU A 48 -0.81 -3.32 0.44
C LEU A 48 -0.08 -4.58 0.84
N ARG A 49 -0.13 -5.60 -0.03
CA ARG A 49 0.53 -6.87 0.25
C ARG A 49 2.02 -6.66 0.51
N THR A 50 2.70 -6.00 -0.42
CA THR A 50 4.13 -5.74 -0.29
C THR A 50 4.41 -4.84 0.90
N LEU A 51 3.49 -3.90 1.16
CA LEU A 51 3.65 -2.96 2.27
C LEU A 51 3.92 -3.72 3.57
N LEU A 52 3.10 -4.73 3.85
CA LEU A 52 3.26 -5.52 5.06
C LEU A 52 4.67 -6.04 5.20
N ALA A 53 5.23 -6.55 4.10
CA ALA A 53 6.59 -7.07 4.11
C ALA A 53 7.61 -5.95 4.27
N THR A 54 7.48 -4.90 3.45
CA THR A 54 8.39 -3.77 3.50
C THR A 54 8.46 -3.19 4.91
N VAL A 55 7.29 -2.80 5.45
CA VAL A 55 7.23 -2.24 6.78
C VAL A 55 7.84 -3.17 7.81
N ASP A 56 7.41 -4.43 7.81
CA ASP A 56 7.92 -5.41 8.74
C ASP A 56 9.45 -5.50 8.66
N GLU A 57 9.99 -5.26 7.47
CA GLU A 57 11.43 -5.30 7.27
C GLU A 57 12.08 -3.99 7.68
N SER A 58 11.29 -2.92 7.71
CA SER A 58 11.79 -1.60 8.08
C SER A 58 12.04 -1.53 9.59
N LEU A 59 11.34 -2.37 10.34
CA LEU A 59 11.49 -2.41 11.80
C LEU A 59 12.96 -2.51 12.19
N PRO A 60 13.62 -3.60 11.76
CA PRO A 60 15.03 -3.85 12.06
C PRO A 60 15.95 -2.88 11.32
N VAL A 61 15.67 -2.66 10.04
CA VAL A 61 16.47 -1.75 9.22
C VAL A 61 16.66 -0.40 9.91
N LEU A 62 15.60 0.06 10.58
CA LEU A 62 15.65 1.34 11.28
C LEU A 62 15.78 1.12 12.79
N PRO A 63 16.25 2.17 13.50
CA PRO A 63 16.42 2.12 14.95
C PRO A 63 15.09 2.09 15.69
N ALA A 64 14.99 1.20 16.68
CA ALA A 64 13.77 1.07 17.47
C ALA A 64 13.35 2.43 18.03
N SER A 65 12.11 2.82 17.76
CA SER A 65 11.57 4.09 18.24
C SER A 65 10.15 4.30 17.74
N THR A 66 9.87 3.82 16.53
CA THR A 66 8.54 3.96 15.94
C THR A 66 7.94 2.60 15.62
N HIS A 67 8.35 1.58 16.38
CA HIS A 67 7.85 0.22 16.17
C HIS A 67 6.42 0.09 16.70
N ARG A 68 6.10 0.88 17.73
CA ARG A 68 4.77 0.86 18.32
C ARG A 68 3.69 1.02 17.26
N GLU A 69 3.65 2.20 16.65
CA GLU A 69 2.67 2.49 15.61
C GLU A 69 2.76 1.46 14.48
N ILE A 70 3.97 1.19 14.03
CA ILE A 70 4.19 0.23 12.95
C ILE A 70 3.53 -1.11 13.27
N GLU A 71 3.61 -1.52 14.53
CA GLU A 71 3.02 -2.78 14.97
C GLU A 71 1.52 -2.80 14.69
N MET A 72 0.82 -1.77 15.15
CA MET A 72 -0.62 -1.66 14.95
C MET A 72 -0.95 -1.38 13.50
N ALA A 73 0.00 -0.77 12.78
CA ALA A 73 -0.19 -0.45 11.37
C ALA A 73 -0.32 -1.71 10.52
N GLN A 74 0.36 -2.77 10.95
CA GLN A 74 0.32 -4.03 10.23
C GLN A 74 -1.11 -4.54 10.08
N LYS A 75 -1.78 -4.74 11.21
CA LYS A 75 -3.16 -5.21 11.21
C LYS A 75 -4.05 -4.30 10.38
N LEU A 76 -3.84 -3.00 10.50
CA LEU A 76 -4.62 -2.02 9.76
C LEU A 76 -4.60 -2.32 8.27
N LEU A 77 -3.39 -2.45 7.71
CA LEU A 77 -3.23 -2.75 6.29
C LEU A 77 -4.07 -3.96 5.90
N ASN A 78 -4.07 -4.98 6.74
CA ASN A 78 -4.83 -6.20 6.48
C ASN A 78 -6.28 -5.87 6.14
N SER A 79 -7.00 -5.31 7.11
CA SER A 79 -8.40 -4.95 6.92
C SER A 79 -8.57 -4.09 5.67
N ASP A 80 -7.70 -3.10 5.52
CA ASP A 80 -7.75 -2.21 4.38
C ASP A 80 -7.72 -2.98 3.07
N LEU A 81 -6.82 -3.96 2.99
CA LEU A 81 -6.70 -4.79 1.79
C LEU A 81 -8.05 -5.37 1.38
N ALA A 82 -8.62 -6.19 2.25
CA ALA A 82 -9.91 -6.81 1.99
C ALA A 82 -10.97 -5.76 1.71
N GLU A 83 -10.88 -4.63 2.41
CA GLU A 83 -11.84 -3.55 2.23
C GLU A 83 -11.85 -3.05 0.80
N LEU A 84 -10.66 -2.79 0.25
CA LEU A 84 -10.54 -2.31 -1.12
C LEU A 84 -11.00 -3.37 -2.11
N ILE A 85 -10.44 -4.57 -1.99
CA ILE A 85 -10.79 -5.67 -2.87
C ILE A 85 -12.30 -5.88 -2.91
N ASN A 86 -12.96 -5.61 -1.78
CA ASN A 86 -14.40 -5.77 -1.69
C ASN A 86 -15.13 -4.83 -2.64
N LYS A 87 -14.96 -3.53 -2.42
CA LYS A 87 -15.60 -2.53 -3.27
C LYS A 87 -15.29 -2.79 -4.74
N MET A 88 -14.05 -3.15 -5.03
CA MET A 88 -13.63 -3.43 -6.40
C MET A 88 -14.52 -4.50 -7.03
N LYS A 89 -14.67 -5.62 -6.32
CA LYS A 89 -15.50 -6.72 -6.81
C LYS A 89 -16.90 -6.24 -7.15
N LEU A 90 -17.38 -5.24 -6.42
CA LEU A 90 -18.71 -4.69 -6.65
C LEU A 90 -18.76 -3.92 -7.96
N ALA A 91 -17.93 -2.89 -8.07
CA ALA A 91 -17.87 -2.07 -9.28
C ALA A 91 -17.65 -2.94 -10.52
N GLN A 92 -17.01 -4.08 -10.33
CA GLN A 92 -16.74 -5.00 -11.43
C GLN A 92 -18.03 -5.59 -11.97
N GLN A 93 -18.98 -5.84 -11.08
CA GLN A 93 -20.27 -6.40 -11.47
C GLN A 93 -21.29 -5.31 -11.73
N TYR A 94 -21.07 -4.15 -11.12
CA TYR A 94 -21.98 -3.01 -11.28
C TYR A 94 -21.49 -2.07 -12.38
N VAL A 95 -20.79 -2.63 -13.36
CA VAL A 95 -20.27 -1.84 -14.47
C VAL A 95 -21.08 -2.05 -15.73
N MET A 96 -21.61 -3.27 -15.89
CA MET A 96 -22.41 -3.60 -17.06
C MET A 96 -23.71 -2.79 -17.08
N THR A 97 -24.04 -2.19 -15.95
CA THR A 97 -25.26 -1.38 -15.84
C THR A 97 -24.99 0.06 -16.23
N SER A 98 -24.34 0.80 -15.33
CA SER A 98 -24.02 2.21 -15.59
C SER A 98 -23.35 2.84 -14.38
N LEU A 99 -23.70 2.36 -13.19
CA LEU A 99 -23.12 2.88 -11.95
C LEU A 99 -21.72 2.34 -11.75
N GLN A 100 -20.82 2.67 -12.67
CA GLN A 100 -19.43 2.22 -12.58
C GLN A 100 -18.55 3.30 -11.96
N GLN A 101 -18.62 4.50 -12.50
CA GLN A 101 -17.83 5.61 -12.00
C GLN A 101 -18.12 5.86 -10.52
N GLU A 102 -19.38 5.73 -10.14
CA GLU A 102 -19.80 5.94 -8.75
C GLU A 102 -18.98 5.05 -7.81
N TYR A 103 -19.09 3.74 -8.00
CA TYR A 103 -18.37 2.79 -7.17
C TYR A 103 -16.87 3.12 -7.11
N LYS A 104 -16.36 3.64 -8.21
CA LYS A 104 -14.95 4.01 -8.30
C LYS A 104 -14.66 5.27 -7.50
N LYS A 105 -15.62 6.20 -7.51
CA LYS A 105 -15.48 7.45 -6.78
C LYS A 105 -15.29 7.20 -5.29
N GLN A 106 -16.31 6.61 -4.66
CA GLN A 106 -16.25 6.31 -3.23
C GLN A 106 -14.98 5.54 -2.88
N MET A 107 -14.64 4.58 -3.73
CA MET A 107 -13.44 3.77 -3.51
C MET A 107 -12.19 4.64 -3.51
N LEU A 108 -12.13 5.60 -4.42
CA LEU A 108 -10.99 6.49 -4.52
C LEU A 108 -10.70 7.17 -3.19
N THR A 109 -11.77 7.62 -2.52
CA THR A 109 -11.65 8.28 -1.23
C THR A 109 -10.98 7.37 -0.20
N ALA A 110 -11.52 6.17 -0.06
CA ALA A 110 -10.98 5.19 0.88
C ALA A 110 -9.51 4.90 0.59
N ALA A 111 -9.23 4.52 -0.64
CA ALA A 111 -7.86 4.20 -1.05
C ALA A 111 -6.95 5.42 -0.89
N HIS A 112 -7.51 6.60 -1.05
CA HIS A 112 -6.75 7.84 -0.92
C HIS A 112 -6.05 7.89 0.44
N ALA A 113 -6.82 7.83 1.51
CA ALA A 113 -6.28 7.87 2.86
C ALA A 113 -5.24 6.77 3.07
N LEU A 114 -5.54 5.58 2.55
CA LEU A 114 -4.64 4.44 2.68
C LEU A 114 -3.26 4.78 2.11
N ALA A 115 -3.24 5.29 0.88
CA ALA A 115 -1.99 5.65 0.23
C ALA A 115 -1.14 6.54 1.13
N VAL A 116 -1.78 7.54 1.73
CA VAL A 116 -1.09 8.48 2.61
C VAL A 116 -0.32 7.74 3.70
N ASP A 117 -0.95 6.71 4.27
CA ASP A 117 -0.32 5.92 5.32
C ASP A 117 1.00 5.33 4.83
N ALA A 118 0.97 4.69 3.68
CA ALA A 118 2.16 4.08 3.11
C ALA A 118 3.32 5.08 3.06
N LYS A 119 3.01 6.33 2.77
CA LYS A 119 4.02 7.38 2.69
C LYS A 119 4.47 7.79 4.09
N ASN A 120 3.52 7.93 5.00
CA ASN A 120 3.82 8.31 6.38
C ASN A 120 4.73 7.28 7.04
N LEU A 121 4.78 6.09 6.47
CA LEU A 121 5.61 5.02 7.01
C LEU A 121 7.04 5.49 7.25
N LEU A 122 7.76 5.78 6.15
CA LEU A 122 9.13 6.25 6.25
C LEU A 122 9.18 7.69 6.75
N ASP A 123 8.12 8.45 6.49
CA ASP A 123 8.04 9.83 6.92
C ASP A 123 8.19 9.94 8.43
N VAL A 124 7.51 9.04 9.15
CA VAL A 124 7.56 9.03 10.61
C VAL A 124 8.91 8.50 11.11
N ILE A 125 9.22 7.26 10.74
CA ILE A 125 10.46 6.63 11.16
C ILE A 125 11.66 7.51 10.79
N ASP A 126 11.50 8.33 9.77
CA ASP A 126 12.56 9.22 9.32
C ASP A 126 13.09 10.05 10.48
N GLN A 127 12.22 10.36 11.43
CA GLN A 127 12.59 11.16 12.59
C GLN A 127 13.62 10.42 13.45
N ALA A 128 13.51 9.09 13.45
CA ALA A 128 14.43 8.26 14.23
C ALA A 128 15.83 8.24 13.61
N ARG A 129 15.90 7.84 12.34
CA ARG A 129 17.18 7.77 11.64
C ARG A 129 17.91 9.11 11.72
N LEU A 130 17.18 10.20 11.53
CA LEU A 130 17.75 11.54 11.57
C LEU A 130 18.22 11.87 13.00
N LYS A 131 17.43 11.45 13.99
CA LYS A 131 17.75 11.70 15.38
C LYS A 131 19.14 11.14 15.73
N MET A 132 19.52 10.07 15.06
CA MET A 132 20.81 9.44 15.29
C MET A 132 21.92 10.17 14.54
N ILE A 133 21.67 10.45 13.27
CA ILE A 133 22.64 11.15 12.43
C ILE A 133 23.04 12.49 13.06
N SER A 134 22.05 13.34 13.29
CA SER A 134 22.30 14.65 13.89
C SER A 134 22.57 14.52 15.38
N GLN A 135 23.74 14.02 15.73
CA GLN A 135 24.12 13.85 17.12
C GLN A 135 25.54 13.27 17.23
N SER A 136 25.73 12.09 16.66
CA SER A 136 27.03 11.42 16.69
C SER A 136 27.03 10.18 15.80
N ARG A 137 28.05 10.07 14.96
CA ARG A 137 28.16 8.93 14.06
C ARG A 137 29.49 8.98 13.29
N PRO A 138 30.59 8.68 13.98
CA PRO A 138 31.93 8.69 13.39
C PRO A 138 32.13 7.55 12.39
N HIS A 139 31.70 7.77 11.15
CA HIS A 139 31.83 6.76 10.11
C HIS A 139 31.81 7.41 8.73
N SER A 166 -2.47 -16.75 9.77
CA SER A 166 -3.73 -16.08 10.06
C SER A 166 -3.95 -14.91 9.12
N ALA A 167 -3.05 -13.93 9.18
CA ALA A 167 -3.15 -12.74 8.32
C ALA A 167 -2.81 -13.09 6.88
N THR A 168 -1.64 -13.70 6.68
CA THR A 168 -1.21 -14.08 5.35
C THR A 168 -2.27 -14.88 4.62
N ARG A 169 -3.08 -15.62 5.38
CA ARG A 169 -4.14 -16.43 4.80
C ARG A 169 -5.06 -15.59 3.94
N GLU A 170 -5.63 -14.54 4.53
CA GLU A 170 -6.55 -13.66 3.81
C GLU A 170 -5.85 -13.02 2.61
N LEU A 171 -4.63 -12.52 2.84
CA LEU A 171 -3.85 -11.89 1.77
C LEU A 171 -3.75 -12.80 0.56
N ASP A 172 -3.37 -14.06 0.80
CA ASP A 172 -3.23 -15.03 -0.28
C ASP A 172 -4.60 -15.42 -0.85
N GLU A 173 -5.57 -15.57 0.04
CA GLU A 173 -6.92 -15.93 -0.37
C GLU A 173 -7.46 -14.94 -1.41
N LEU A 174 -7.38 -13.65 -1.10
CA LEU A 174 -7.86 -12.62 -2.00
C LEU A 174 -7.11 -12.67 -3.34
N MET A 175 -5.81 -12.94 -3.26
CA MET A 175 -4.98 -13.02 -4.47
C MET A 175 -5.53 -14.06 -5.43
N ALA A 176 -5.98 -15.19 -4.89
CA ALA A 176 -6.53 -16.26 -5.71
C ALA A 176 -7.84 -15.83 -6.37
N SER A 177 -8.70 -15.17 -5.59
CA SER A 177 -9.98 -14.70 -6.10
C SER A 177 -9.80 -13.74 -7.26
N LEU A 178 -8.69 -13.02 -7.25
CA LEU A 178 -8.39 -12.06 -8.31
C LEU A 178 -7.76 -12.75 -9.51
N SER A 179 -7.11 -13.88 -9.26
CA SER A 179 -6.45 -14.64 -10.32
C SER A 179 -7.48 -15.13 -11.34
N ASP A 180 -8.47 -15.87 -10.87
CA ASP A 180 -9.52 -16.40 -11.73
C ASP A 180 -10.68 -15.43 -11.83
N MET A 1 21.07 -11.50 -3.19
CA MET A 1 21.60 -10.14 -3.12
C MET A 1 22.70 -10.04 -2.07
N ALA A 2 23.74 -9.27 -2.36
CA ALA A 2 24.85 -9.10 -1.43
C ALA A 2 24.69 -7.80 -0.64
N ASN A 3 24.86 -6.67 -1.32
CA ASN A 3 24.74 -5.37 -0.67
C ASN A 3 23.39 -5.23 0.02
N LEU A 4 23.35 -4.41 1.07
CA LEU A 4 22.11 -4.19 1.80
C LEU A 4 21.44 -2.90 1.35
N ASP A 5 21.68 -2.52 0.11
CA ASP A 5 21.10 -1.30 -0.45
C ASP A 5 19.97 -1.64 -1.42
N ARG A 6 19.33 -2.79 -1.21
CA ARG A 6 18.25 -3.24 -2.07
C ARG A 6 16.90 -3.03 -1.38
N SER A 7 16.81 -3.47 -0.12
CA SER A 7 15.57 -3.33 0.64
C SER A 7 15.39 -1.90 1.13
N ASN A 8 16.49 -1.27 1.52
CA ASN A 8 16.45 0.11 2.01
C ASN A 8 15.89 1.05 0.95
N ASP A 9 16.19 0.75 -0.31
CA ASP A 9 15.71 1.56 -1.42
C ASP A 9 14.37 1.06 -1.93
N LYS A 10 14.13 -0.24 -1.78
CA LYS A 10 12.89 -0.86 -2.22
C LYS A 10 11.72 -0.41 -1.37
N VAL A 11 11.94 -0.33 -0.06
CA VAL A 11 10.90 0.09 0.87
C VAL A 11 10.52 1.55 0.64
N TYR A 12 11.51 2.39 0.42
CA TYR A 12 11.28 3.81 0.18
C TYR A 12 10.66 4.04 -1.19
N GLU A 13 10.94 3.12 -2.12
CA GLU A 13 10.42 3.22 -3.47
C GLU A 13 8.97 2.75 -3.54
N ASN A 14 8.74 1.54 -3.03
CA ASN A 14 7.39 0.96 -3.03
C ASN A 14 6.38 1.94 -2.45
N VAL A 15 6.70 2.50 -1.29
CA VAL A 15 5.82 3.45 -0.63
C VAL A 15 5.55 4.66 -1.53
N THR A 16 6.43 4.89 -2.49
CA THR A 16 6.28 6.01 -3.42
C THR A 16 5.48 5.60 -4.64
N GLY A 17 5.84 4.46 -5.23
CA GLY A 17 5.14 3.98 -6.41
C GLY A 17 3.64 3.99 -6.23
N LEU A 18 3.18 3.39 -5.14
CA LEU A 18 1.74 3.33 -4.85
C LEU A 18 1.13 4.72 -4.81
N VAL A 19 1.90 5.69 -4.32
CA VAL A 19 1.44 7.07 -4.24
C VAL A 19 1.22 7.67 -5.63
N LYS A 20 2.26 7.64 -6.44
CA LYS A 20 2.19 8.18 -7.79
C LYS A 20 1.11 7.47 -8.60
N ALA A 21 0.81 6.23 -8.21
CA ALA A 21 -0.21 5.44 -8.90
C ALA A 21 -1.60 5.92 -8.54
N VAL A 22 -1.81 6.21 -7.27
CA VAL A 22 -3.12 6.68 -6.79
C VAL A 22 -3.53 7.96 -7.50
N ILE A 23 -2.53 8.72 -7.97
CA ILE A 23 -2.79 9.97 -8.67
C ILE A 23 -3.25 9.72 -10.10
N GLU A 24 -2.39 9.07 -10.88
CA GLU A 24 -2.70 8.77 -12.27
C GLU A 24 -4.04 8.05 -12.39
N MET A 25 -4.20 6.97 -11.62
CA MET A 25 -5.43 6.20 -11.63
C MET A 25 -6.63 7.08 -11.30
N SER A 26 -6.49 7.89 -10.25
CA SER A 26 -7.56 8.78 -9.82
C SER A 26 -7.92 9.77 -10.92
N SER A 27 -7.01 9.96 -11.85
CA SER A 27 -7.22 10.88 -12.96
C SER A 27 -8.24 10.31 -13.95
N LYS A 28 -7.93 9.13 -14.49
CA LYS A 28 -8.81 8.48 -15.45
C LYS A 28 -9.63 7.38 -14.78
N ILE A 29 -9.84 7.52 -13.48
CA ILE A 29 -10.61 6.54 -12.72
C ILE A 29 -12.04 6.43 -13.24
N GLN A 30 -12.63 7.57 -13.56
CA GLN A 30 -14.00 7.60 -14.08
C GLN A 30 -14.10 6.81 -15.37
N PRO A 31 -13.36 7.25 -16.40
CA PRO A 31 -13.35 6.59 -17.71
C PRO A 31 -12.68 5.22 -17.67
N ALA A 32 -12.05 4.91 -16.54
CA ALA A 32 -11.37 3.63 -16.37
C ALA A 32 -12.26 2.48 -16.82
N PRO A 33 -11.92 1.89 -17.98
CA PRO A 33 -12.67 0.76 -18.54
C PRO A 33 -12.51 -0.52 -17.73
N PRO A 34 -13.34 -1.52 -18.02
CA PRO A 34 -13.30 -2.81 -17.34
C PRO A 34 -12.05 -3.62 -17.68
N GLU A 35 -11.41 -3.26 -18.79
CA GLU A 35 -10.21 -3.96 -19.23
C GLU A 35 -8.97 -3.37 -18.57
N GLU A 36 -9.04 -2.08 -18.23
CA GLU A 36 -7.92 -1.40 -17.59
C GLU A 36 -8.01 -1.53 -16.08
N TYR A 37 -9.18 -1.90 -15.58
CA TYR A 37 -9.39 -2.05 -14.14
C TYR A 37 -8.79 -3.37 -13.64
N VAL A 38 -8.85 -4.39 -14.49
CA VAL A 38 -8.30 -5.70 -14.13
C VAL A 38 -6.87 -5.59 -13.63
N PRO A 39 -5.99 -5.02 -14.47
CA PRO A 39 -4.57 -4.83 -14.13
C PRO A 39 -4.37 -3.78 -13.04
N MET A 40 -5.23 -2.77 -13.04
CA MET A 40 -5.15 -1.70 -12.05
C MET A 40 -5.09 -2.26 -10.63
N VAL A 41 -5.97 -3.22 -10.35
CA VAL A 41 -6.02 -3.84 -9.03
C VAL A 41 -4.69 -4.49 -8.69
N LYS A 42 -4.11 -5.22 -9.65
CA LYS A 42 -2.84 -5.89 -9.45
C LYS A 42 -1.79 -4.93 -8.91
N GLU A 43 -1.84 -3.69 -9.38
CA GLU A 43 -0.89 -2.67 -8.95
C GLU A 43 -1.09 -2.34 -7.47
N VAL A 44 -2.33 -2.06 -7.09
CA VAL A 44 -2.65 -1.73 -5.71
C VAL A 44 -2.36 -2.91 -4.78
N GLY A 45 -2.79 -4.09 -5.19
CA GLY A 45 -2.56 -5.29 -4.39
C GLY A 45 -1.10 -5.48 -4.04
N LEU A 46 -0.21 -5.11 -4.96
CA LEU A 46 1.22 -5.25 -4.75
C LEU A 46 1.72 -4.25 -3.71
N ALA A 47 1.15 -3.04 -3.74
CA ALA A 47 1.54 -2.00 -2.79
C ALA A 47 1.26 -2.43 -1.36
N LEU A 48 0.02 -2.85 -1.10
CA LEU A 48 -0.37 -3.28 0.23
C LEU A 48 0.39 -4.53 0.65
N ARG A 49 0.36 -5.55 -0.20
CA ARG A 49 1.05 -6.80 0.08
C ARG A 49 2.52 -6.55 0.37
N THR A 50 3.20 -5.88 -0.57
CA THR A 50 4.62 -5.58 -0.41
C THR A 50 4.86 -4.70 0.81
N LEU A 51 3.97 -3.74 1.04
CA LEU A 51 4.09 -2.84 2.18
C LEU A 51 4.27 -3.61 3.48
N LEU A 52 3.51 -4.68 3.63
CA LEU A 52 3.59 -5.52 4.83
C LEU A 52 5.02 -5.99 5.06
N ALA A 53 5.67 -6.46 3.99
CA ALA A 53 7.03 -6.95 4.08
C ALA A 53 8.01 -5.79 4.25
N THR A 54 7.92 -4.80 3.37
CA THR A 54 8.80 -3.64 3.42
C THR A 54 8.80 -3.01 4.81
N VAL A 55 7.61 -2.76 5.33
CA VAL A 55 7.46 -2.16 6.66
C VAL A 55 7.98 -3.10 7.74
N ASP A 56 7.64 -4.37 7.63
CA ASP A 56 8.08 -5.37 8.60
C ASP A 56 9.60 -5.40 8.71
N GLU A 57 10.27 -5.33 7.56
CA GLU A 57 11.73 -5.35 7.53
C GLU A 57 12.30 -3.97 7.88
N SER A 58 11.46 -2.95 7.76
CA SER A 58 11.88 -1.58 8.07
C SER A 58 12.01 -1.37 9.57
N LEU A 59 11.30 -2.19 10.34
CA LEU A 59 11.33 -2.10 11.79
C LEU A 59 12.78 -2.12 12.30
N PRO A 60 13.49 -3.21 12.01
CA PRO A 60 14.89 -3.38 12.43
C PRO A 60 15.84 -2.43 11.69
N VAL A 61 15.66 -2.34 10.37
CA VAL A 61 16.50 -1.48 9.55
C VAL A 61 16.56 -0.07 10.11
N LEU A 62 15.45 0.37 10.70
CA LEU A 62 15.37 1.71 11.29
C LEU A 62 15.45 1.64 12.80
N PRO A 63 15.84 2.76 13.42
CA PRO A 63 15.97 2.86 14.87
C PRO A 63 14.61 2.83 15.58
N ALA A 64 14.51 2.02 16.63
CA ALA A 64 13.27 1.91 17.40
C ALA A 64 12.76 3.28 17.82
N SER A 65 11.51 3.56 17.49
CA SER A 65 10.90 4.85 17.83
C SER A 65 9.48 4.94 17.29
N THR A 66 9.25 4.31 16.13
CA THR A 66 7.94 4.32 15.51
C THR A 66 7.31 2.93 15.52
N HIS A 67 7.70 2.12 16.51
CA HIS A 67 7.17 0.77 16.63
C HIS A 67 5.65 0.78 16.71
N ARG A 68 5.11 1.63 17.58
CA ARG A 68 3.67 1.74 17.76
C ARG A 68 2.98 1.95 16.42
N GLU A 69 3.34 3.03 15.73
CA GLU A 69 2.75 3.33 14.43
C GLU A 69 2.81 2.13 13.50
N ILE A 70 4.03 1.63 13.27
CA ILE A 70 4.22 0.48 12.39
C ILE A 70 3.35 -0.69 12.83
N GLU A 71 3.19 -0.86 14.14
CA GLU A 71 2.37 -1.94 14.67
C GLU A 71 0.93 -1.82 14.18
N MET A 72 0.33 -0.67 14.40
CA MET A 72 -1.05 -0.42 13.99
C MET A 72 -1.16 -0.37 12.47
N ALA A 73 -0.08 0.04 11.81
CA ALA A 73 -0.05 0.13 10.36
C ALA A 73 -0.18 -1.25 9.72
N GLN A 74 0.34 -2.26 10.39
CA GLN A 74 0.28 -3.63 9.89
C GLN A 74 -1.16 -4.10 9.77
N LYS A 75 -1.84 -4.25 10.90
CA LYS A 75 -3.22 -4.69 10.93
C LYS A 75 -4.08 -3.84 10.00
N LEU A 76 -3.86 -2.53 10.04
CA LEU A 76 -4.62 -1.61 9.20
C LEU A 76 -4.54 -2.02 7.73
N LEU A 77 -3.34 -2.29 7.25
CA LEU A 77 -3.13 -2.69 5.87
C LEU A 77 -4.03 -3.88 5.51
N ASN A 78 -4.08 -4.87 6.41
CA ASN A 78 -4.89 -6.05 6.19
C ASN A 78 -6.33 -5.67 5.85
N SER A 79 -7.01 -5.04 6.80
CA SER A 79 -8.40 -4.63 6.60
C SER A 79 -8.53 -3.78 5.33
N ASP A 80 -7.65 -2.82 5.18
CA ASP A 80 -7.67 -1.94 4.01
C ASP A 80 -7.69 -2.76 2.72
N LEU A 81 -6.83 -3.77 2.64
CA LEU A 81 -6.75 -4.63 1.47
C LEU A 81 -8.12 -5.19 1.12
N ALA A 82 -8.64 -6.07 1.96
CA ALA A 82 -9.94 -6.68 1.73
C ALA A 82 -11.00 -5.62 1.48
N GLU A 83 -10.88 -4.48 2.17
CA GLU A 83 -11.83 -3.39 2.01
C GLU A 83 -11.82 -2.86 0.57
N LEU A 84 -10.64 -2.52 0.08
CA LEU A 84 -10.49 -2.01 -1.28
C LEU A 84 -10.86 -3.07 -2.31
N ILE A 85 -10.23 -4.23 -2.20
CA ILE A 85 -10.50 -5.33 -3.12
C ILE A 85 -11.98 -5.63 -3.20
N ASN A 86 -12.63 -5.70 -2.04
CA ASN A 86 -14.06 -5.98 -1.97
C ASN A 86 -14.84 -5.01 -2.83
N LYS A 87 -14.68 -3.72 -2.56
CA LYS A 87 -15.37 -2.67 -3.30
C LYS A 87 -15.19 -2.87 -4.81
N MET A 88 -13.97 -3.24 -5.21
CA MET A 88 -13.68 -3.46 -6.61
C MET A 88 -14.59 -4.54 -7.20
N LYS A 89 -14.66 -5.67 -6.52
CA LYS A 89 -15.49 -6.79 -6.97
C LYS A 89 -16.92 -6.32 -7.23
N LEU A 90 -17.37 -5.32 -6.49
CA LEU A 90 -18.71 -4.78 -6.64
C LEU A 90 -18.86 -4.10 -8.00
N ALA A 91 -17.92 -3.22 -8.33
CA ALA A 91 -17.95 -2.52 -9.60
C ALA A 91 -18.11 -3.48 -10.77
N GLN A 92 -17.46 -4.64 -10.67
CA GLN A 92 -17.52 -5.64 -11.72
C GLN A 92 -18.97 -6.04 -12.01
N GLN A 93 -19.82 -5.92 -11.00
CA GLN A 93 -21.23 -6.27 -11.13
C GLN A 93 -22.08 -5.02 -11.29
N TYR A 94 -21.60 -3.90 -10.77
CA TYR A 94 -22.32 -2.64 -10.85
C TYR A 94 -21.85 -1.82 -12.04
N VAL A 95 -21.33 -2.51 -13.06
CA VAL A 95 -20.84 -1.84 -14.27
C VAL A 95 -21.80 -2.03 -15.43
N MET A 96 -22.40 -3.22 -15.50
CA MET A 96 -23.34 -3.53 -16.57
C MET A 96 -24.69 -2.86 -16.32
N THR A 97 -24.89 -2.39 -15.10
CA THR A 97 -26.13 -1.73 -14.72
C THR A 97 -26.07 -0.24 -15.02
N SER A 98 -25.37 0.50 -14.16
CA SER A 98 -25.24 1.95 -14.33
C SER A 98 -24.47 2.56 -13.16
N LEU A 99 -24.61 1.95 -11.98
CA LEU A 99 -23.93 2.43 -10.79
C LEU A 99 -22.45 2.06 -10.82
N GLN A 100 -21.74 2.59 -11.81
CA GLN A 100 -20.31 2.31 -11.95
C GLN A 100 -19.48 3.44 -11.34
N GLN A 101 -19.66 4.65 -11.86
CA GLN A 101 -18.92 5.80 -11.37
C GLN A 101 -19.11 5.96 -9.86
N GLU A 102 -20.28 5.59 -9.37
CA GLU A 102 -20.58 5.69 -7.94
C GLU A 102 -19.48 5.04 -7.11
N TYR A 103 -19.27 3.74 -7.32
CA TYR A 103 -18.25 3.00 -6.59
C TYR A 103 -16.89 3.66 -6.72
N LYS A 104 -16.60 4.15 -7.92
CA LYS A 104 -15.33 4.82 -8.18
C LYS A 104 -15.18 6.08 -7.32
N LYS A 105 -16.28 6.81 -7.18
CA LYS A 105 -16.27 8.03 -6.38
C LYS A 105 -15.96 7.73 -4.92
N GLN A 106 -16.82 6.93 -4.29
CA GLN A 106 -16.63 6.57 -2.89
C GLN A 106 -15.25 5.95 -2.67
N MET A 107 -14.88 5.02 -3.54
CA MET A 107 -13.58 4.35 -3.44
C MET A 107 -12.44 5.36 -3.57
N LEU A 108 -12.61 6.33 -4.46
CA LEU A 108 -11.60 7.36 -4.68
C LEU A 108 -11.19 8.00 -3.36
N THR A 109 -12.17 8.38 -2.55
CA THR A 109 -11.91 9.00 -1.27
C THR A 109 -11.12 8.07 -0.35
N ALA A 110 -11.60 6.83 -0.23
CA ALA A 110 -10.94 5.84 0.61
C ALA A 110 -9.49 5.65 0.20
N ALA A 111 -9.28 5.34 -1.08
CA ALA A 111 -7.93 5.12 -1.60
C ALA A 111 -7.04 6.34 -1.33
N HIS A 112 -7.66 7.51 -1.21
CA HIS A 112 -6.92 8.74 -0.96
C HIS A 112 -6.22 8.68 0.39
N ALA A 113 -7.01 8.48 1.45
CA ALA A 113 -6.46 8.41 2.80
C ALA A 113 -5.46 7.26 2.94
N LEU A 114 -5.79 6.12 2.32
CA LEU A 114 -4.93 4.96 2.36
C LEU A 114 -3.53 5.29 1.85
N ALA A 115 -3.47 5.90 0.66
CA ALA A 115 -2.20 6.28 0.06
C ALA A 115 -1.34 7.07 1.04
N VAL A 116 -1.94 8.08 1.67
CA VAL A 116 -1.23 8.91 2.63
C VAL A 116 -0.56 8.05 3.71
N ASP A 117 -1.23 6.98 4.10
CA ASP A 117 -0.70 6.08 5.12
C ASP A 117 0.64 5.49 4.68
N ALA A 118 0.66 4.89 3.49
CA ALA A 118 1.87 4.30 2.96
C ALA A 118 3.04 5.27 3.01
N LYS A 119 2.75 6.55 2.80
CA LYS A 119 3.77 7.59 2.82
C LYS A 119 4.20 7.89 4.25
N ASN A 120 3.22 8.01 5.14
CA ASN A 120 3.51 8.31 6.55
C ASN A 120 4.41 7.25 7.15
N LEU A 121 4.42 6.06 6.55
CA LEU A 121 5.25 4.96 7.03
C LEU A 121 6.70 5.40 7.19
N LEU A 122 7.35 5.72 6.08
CA LEU A 122 8.73 6.16 6.10
C LEU A 122 8.84 7.60 6.58
N ASP A 123 7.80 8.38 6.31
CA ASP A 123 7.77 9.79 6.72
C ASP A 123 7.96 9.92 8.22
N VAL A 124 7.26 9.08 8.98
CA VAL A 124 7.35 9.10 10.44
C VAL A 124 8.68 8.53 10.92
N ILE A 125 8.93 7.27 10.57
CA ILE A 125 10.17 6.60 10.96
C ILE A 125 11.39 7.43 10.57
N ASP A 126 11.23 8.25 9.53
CA ASP A 126 12.32 9.09 9.05
C ASP A 126 12.85 9.97 10.18
N GLN A 127 11.95 10.55 10.95
CA GLN A 127 12.34 11.42 12.06
C GLN A 127 13.23 10.68 13.05
N ALA A 128 13.11 9.35 13.07
CA ALA A 128 13.91 8.53 13.96
C ALA A 128 15.35 8.44 13.49
N ARG A 129 15.55 7.97 12.27
CA ARG A 129 16.89 7.83 11.70
C ARG A 129 17.61 9.18 11.70
N LEU A 130 16.88 10.23 11.33
CA LEU A 130 17.46 11.58 11.29
C LEU A 130 17.88 12.04 12.67
N LYS A 131 17.06 11.72 13.67
CA LYS A 131 17.35 12.10 15.06
C LYS A 131 18.72 11.56 15.49
N MET A 132 19.04 10.36 15.03
CA MET A 132 20.32 9.74 15.37
C MET A 132 21.43 10.27 14.48
N ILE A 133 21.26 10.14 13.17
CA ILE A 133 22.26 10.62 12.21
C ILE A 133 22.64 12.06 12.48
N SER A 134 21.64 12.95 12.47
CA SER A 134 21.87 14.36 12.71
C SER A 134 22.09 14.64 14.20
N GLN A 135 23.23 14.18 14.71
CA GLN A 135 23.56 14.36 16.12
C GLN A 135 24.94 13.79 16.42
N SER A 136 25.11 12.50 16.19
CA SER A 136 26.38 11.83 16.45
C SER A 136 26.36 10.40 15.94
N ARG A 137 27.40 10.01 15.22
CA ARG A 137 27.50 8.66 14.66
C ARG A 137 28.91 8.12 14.81
N PRO A 138 29.29 7.77 16.06
CA PRO A 138 30.62 7.24 16.36
C PRO A 138 30.82 5.83 15.81
N HIS A 139 32.06 5.35 15.84
CA HIS A 139 32.36 4.01 15.35
C HIS A 139 31.48 2.97 15.99
N SER A 166 -1.63 -16.31 9.56
CA SER A 166 -2.92 -15.69 9.83
C SER A 166 -3.21 -14.60 8.81
N ALA A 167 -2.38 -13.56 8.79
CA ALA A 167 -2.55 -12.46 7.85
C ALA A 167 -2.30 -12.91 6.42
N THR A 168 -1.22 -13.66 6.22
CA THR A 168 -0.86 -14.15 4.90
C THR A 168 -2.00 -14.94 4.27
N ARG A 169 -2.81 -15.57 5.13
CA ARG A 169 -3.94 -16.35 4.65
C ARG A 169 -4.86 -15.52 3.76
N GLU A 170 -5.34 -14.40 4.28
CA GLU A 170 -6.22 -13.52 3.53
C GLU A 170 -5.53 -13.02 2.26
N LEU A 171 -4.26 -12.67 2.38
CA LEU A 171 -3.48 -12.17 1.25
C LEU A 171 -3.44 -13.21 0.13
N ASP A 172 -3.20 -14.47 0.50
CA ASP A 172 -3.13 -15.54 -0.47
C ASP A 172 -4.51 -15.87 -1.02
N GLU A 173 -5.51 -15.85 -0.14
CA GLU A 173 -6.89 -16.15 -0.54
C GLU A 173 -7.36 -15.18 -1.62
N LEU A 174 -7.32 -13.89 -1.31
CA LEU A 174 -7.74 -12.86 -2.24
C LEU A 174 -7.00 -12.99 -3.57
N MET A 175 -5.72 -13.34 -3.49
CA MET A 175 -4.89 -13.49 -4.68
C MET A 175 -5.51 -14.51 -5.63
N ALA A 176 -6.02 -15.60 -5.09
CA ALA A 176 -6.64 -16.64 -5.89
C ALA A 176 -7.92 -16.15 -6.55
N SER A 177 -8.71 -15.40 -5.78
CA SER A 177 -9.98 -14.86 -6.29
C SER A 177 -9.73 -13.89 -7.43
N LEU A 178 -8.58 -13.21 -7.39
CA LEU A 178 -8.22 -12.25 -8.44
C LEU A 178 -7.49 -12.94 -9.58
N SER A 179 -6.84 -14.04 -9.28
CA SER A 179 -6.09 -14.80 -10.28
C SER A 179 -7.04 -15.45 -11.28
N ASP A 180 -7.94 -16.29 -10.77
CA ASP A 180 -8.90 -16.98 -11.63
C ASP A 180 -10.33 -16.71 -11.15
N MET A 1 32.51 -5.45 0.78
CA MET A 1 31.73 -6.68 0.80
C MET A 1 30.43 -6.49 1.58
N ALA A 2 30.46 -5.62 2.58
CA ALA A 2 29.29 -5.35 3.39
C ALA A 2 28.46 -4.21 2.79
N ASN A 3 27.52 -4.56 1.92
CA ASN A 3 26.67 -3.56 1.28
C ASN A 3 25.20 -3.82 1.60
N LEU A 4 24.76 -3.34 2.76
CA LEU A 4 23.38 -3.51 3.18
C LEU A 4 22.54 -2.29 2.82
N ASP A 5 22.95 -1.58 1.79
CA ASP A 5 22.24 -0.39 1.34
C ASP A 5 21.34 -0.71 0.15
N ARG A 6 20.90 -1.95 0.06
CA ARG A 6 20.05 -2.39 -1.04
C ARG A 6 18.59 -2.48 -0.59
N SER A 7 18.37 -3.15 0.54
CA SER A 7 17.02 -3.31 1.08
C SER A 7 16.55 -2.02 1.76
N ASN A 8 17.46 -1.35 2.44
CA ASN A 8 17.14 -0.11 3.13
C ASN A 8 16.69 0.96 2.15
N ASP A 9 17.16 0.86 0.91
CA ASP A 9 16.80 1.82 -0.13
C ASP A 9 15.59 1.33 -0.92
N LYS A 10 15.43 0.01 -0.97
CA LYS A 10 14.31 -0.59 -1.70
C LYS A 10 12.99 -0.31 -1.00
N VAL A 11 12.98 -0.47 0.32
CA VAL A 11 11.78 -0.24 1.11
C VAL A 11 11.29 1.20 0.94
N TYR A 12 12.23 2.13 0.88
CA TYR A 12 11.89 3.54 0.72
C TYR A 12 11.43 3.83 -0.70
N GLU A 13 11.77 2.95 -1.62
CA GLU A 13 11.38 3.11 -3.02
C GLU A 13 9.94 2.68 -3.24
N ASN A 14 9.62 1.46 -2.82
CA ASN A 14 8.27 0.93 -2.98
C ASN A 14 7.24 1.88 -2.38
N VAL A 15 7.58 2.47 -1.25
CA VAL A 15 6.69 3.41 -0.58
C VAL A 15 6.29 4.55 -1.50
N THR A 16 7.11 4.80 -2.51
CA THR A 16 6.85 5.86 -3.47
C THR A 16 6.05 5.36 -4.66
N GLY A 17 6.50 4.24 -5.23
CA GLY A 17 5.80 3.66 -6.37
C GLY A 17 4.30 3.54 -6.14
N LEU A 18 3.93 2.95 -5.02
CA LEU A 18 2.52 2.76 -4.67
C LEU A 18 1.79 4.11 -4.66
N VAL A 19 2.49 5.16 -4.22
CA VAL A 19 1.91 6.49 -4.16
C VAL A 19 1.61 7.02 -5.56
N LYS A 20 2.64 7.09 -6.39
CA LYS A 20 2.49 7.58 -7.75
C LYS A 20 1.45 6.76 -8.52
N ALA A 21 1.25 5.52 -8.09
CA ALA A 21 0.28 4.64 -8.73
C ALA A 21 -1.15 5.04 -8.39
N VAL A 22 -1.37 5.38 -7.11
CA VAL A 22 -2.69 5.80 -6.65
C VAL A 22 -3.17 7.04 -7.40
N ILE A 23 -2.22 7.82 -7.90
CA ILE A 23 -2.54 9.04 -8.63
C ILE A 23 -2.99 8.74 -10.05
N GLU A 24 -2.19 7.92 -10.75
CA GLU A 24 -2.51 7.54 -12.12
C GLU A 24 -3.94 7.02 -12.22
N MET A 25 -4.23 5.93 -11.52
CA MET A 25 -5.56 5.34 -11.54
C MET A 25 -6.62 6.37 -11.13
N SER A 26 -6.34 7.10 -10.05
CA SER A 26 -7.27 8.11 -9.55
C SER A 26 -7.55 9.16 -10.62
N SER A 27 -6.63 9.29 -11.57
CA SER A 27 -6.78 10.27 -12.66
C SER A 27 -7.89 9.84 -13.62
N LYS A 28 -7.71 8.69 -14.25
CA LYS A 28 -8.69 8.17 -15.19
C LYS A 28 -9.56 7.10 -14.54
N ILE A 29 -9.77 7.22 -13.24
CA ILE A 29 -10.59 6.26 -12.50
C ILE A 29 -12.01 6.21 -13.03
N GLN A 30 -12.56 7.39 -13.34
CA GLN A 30 -13.92 7.47 -13.86
C GLN A 30 -14.05 6.71 -15.18
N PRO A 31 -13.28 7.14 -16.19
CA PRO A 31 -13.29 6.50 -17.51
C PRO A 31 -12.67 5.11 -17.49
N ALA A 32 -12.06 4.75 -16.36
CA ALA A 32 -11.42 3.46 -16.22
C ALA A 32 -12.34 2.34 -16.71
N PRO A 33 -12.01 1.76 -17.88
CA PRO A 33 -12.79 0.69 -18.48
C PRO A 33 -12.68 -0.62 -17.70
N PRO A 34 -13.53 -1.59 -18.04
CA PRO A 34 -13.55 -2.91 -17.38
C PRO A 34 -12.31 -3.73 -17.74
N GLU A 35 -11.65 -3.38 -18.83
CA GLU A 35 -10.46 -4.08 -19.27
C GLU A 35 -9.22 -3.55 -18.57
N GLU A 36 -9.23 -2.26 -18.24
CA GLU A 36 -8.10 -1.62 -17.58
C GLU A 36 -8.24 -1.72 -16.06
N TYR A 37 -9.43 -2.11 -15.61
CA TYR A 37 -9.70 -2.25 -14.18
C TYR A 37 -9.13 -3.55 -13.64
N VAL A 38 -9.01 -4.54 -14.52
CA VAL A 38 -8.47 -5.84 -14.14
C VAL A 38 -7.05 -5.72 -13.59
N PRO A 39 -6.16 -5.16 -14.42
CA PRO A 39 -4.75 -4.98 -14.04
C PRO A 39 -4.57 -3.91 -12.98
N MET A 40 -5.47 -2.93 -12.97
CA MET A 40 -5.41 -1.85 -11.98
C MET A 40 -5.30 -2.40 -10.57
N VAL A 41 -6.23 -3.28 -10.20
CA VAL A 41 -6.24 -3.88 -8.88
C VAL A 41 -4.91 -4.56 -8.57
N LYS A 42 -4.31 -5.17 -9.60
CA LYS A 42 -3.03 -5.85 -9.44
C LYS A 42 -1.96 -4.87 -8.95
N GLU A 43 -2.04 -3.63 -9.40
CA GLU A 43 -1.08 -2.61 -9.00
C GLU A 43 -1.21 -2.29 -7.51
N VAL A 44 -2.44 -2.05 -7.08
CA VAL A 44 -2.71 -1.72 -5.68
C VAL A 44 -2.42 -2.91 -4.77
N GLY A 45 -2.90 -4.09 -5.19
CA GLY A 45 -2.69 -5.30 -4.40
C GLY A 45 -1.21 -5.53 -4.10
N LEU A 46 -0.35 -5.15 -5.04
CA LEU A 46 1.09 -5.33 -4.88
C LEU A 46 1.65 -4.35 -3.86
N ALA A 47 1.14 -3.12 -3.90
CA ALA A 47 1.59 -2.08 -2.97
C ALA A 47 1.32 -2.47 -1.53
N LEU A 48 0.06 -2.81 -1.23
CA LEU A 48 -0.33 -3.21 0.11
C LEU A 48 0.35 -4.51 0.52
N ARG A 49 0.24 -5.52 -0.34
CA ARG A 49 0.86 -6.82 -0.06
C ARG A 49 2.35 -6.67 0.21
N THR A 50 3.06 -6.03 -0.71
CA THR A 50 4.49 -5.81 -0.58
C THR A 50 4.80 -4.91 0.62
N LEU A 51 3.93 -3.94 0.86
CA LEU A 51 4.11 -3.01 1.97
C LEU A 51 4.34 -3.76 3.28
N LEU A 52 3.63 -4.88 3.45
CA LEU A 52 3.77 -5.69 4.66
C LEU A 52 5.21 -6.20 4.81
N ALA A 53 5.78 -6.68 3.72
CA ALA A 53 7.15 -7.18 3.74
C ALA A 53 8.16 -6.04 3.82
N THR A 54 7.88 -4.95 3.10
CA THR A 54 8.76 -3.80 3.09
C THR A 54 8.97 -3.25 4.50
N VAL A 55 7.86 -3.01 5.21
CA VAL A 55 7.92 -2.50 6.57
C VAL A 55 8.57 -3.50 7.52
N ASP A 56 8.37 -4.78 7.23
CA ASP A 56 8.94 -5.84 8.06
C ASP A 56 10.46 -5.71 8.14
N GLU A 57 11.09 -5.41 7.02
CA GLU A 57 12.54 -5.26 6.97
C GLU A 57 12.95 -3.86 7.43
N SER A 58 12.00 -2.93 7.41
CA SER A 58 12.27 -1.56 7.82
C SER A 58 12.42 -1.46 9.33
N LEU A 59 11.82 -2.42 10.04
CA LEU A 59 11.88 -2.45 11.50
C LEU A 59 13.32 -2.33 11.98
N PRO A 60 14.16 -3.31 11.59
CA PRO A 60 15.58 -3.34 11.97
C PRO A 60 16.39 -2.24 11.29
N VAL A 61 16.11 -2.02 10.01
CA VAL A 61 16.82 -1.00 9.25
C VAL A 61 16.79 0.34 9.97
N LEU A 62 15.70 0.60 10.69
CA LEU A 62 15.55 1.84 11.42
C LEU A 62 15.78 1.62 12.92
N PRO A 63 16.09 2.71 13.63
CA PRO A 63 16.33 2.66 15.09
C PRO A 63 15.07 2.39 15.88
N ALA A 64 15.15 1.45 16.83
CA ALA A 64 14.01 1.10 17.66
C ALA A 64 13.47 2.33 18.40
N SER A 65 12.25 2.74 18.07
CA SER A 65 11.63 3.88 18.70
C SER A 65 10.27 4.18 18.08
N THR A 66 10.15 3.92 16.78
CA THR A 66 8.91 4.16 16.07
C THR A 66 8.31 2.85 15.54
N HIS A 67 8.31 1.83 16.39
CA HIS A 67 7.77 0.53 16.02
C HIS A 67 6.33 0.39 16.49
N ARG A 68 5.99 1.06 17.58
CA ARG A 68 4.65 1.01 18.14
C ARG A 68 3.61 1.31 17.06
N GLU A 69 3.60 2.55 16.59
CA GLU A 69 2.66 2.96 15.56
C GLU A 69 2.69 2.01 14.36
N ILE A 70 3.89 1.70 13.90
CA ILE A 70 4.06 0.80 12.76
C ILE A 70 3.35 -0.52 13.01
N GLU A 71 3.45 -1.03 14.24
CA GLU A 71 2.82 -2.29 14.59
C GLU A 71 1.31 -2.24 14.36
N MET A 72 0.69 -1.18 14.88
CA MET A 72 -0.76 -1.00 14.72
C MET A 72 -1.11 -0.65 13.28
N ALA A 73 -0.15 -0.05 12.57
CA ALA A 73 -0.36 0.34 11.18
C ALA A 73 -0.58 -0.88 10.29
N GLN A 74 0.15 -1.96 10.59
CA GLN A 74 0.04 -3.19 9.83
C GLN A 74 -1.40 -3.68 9.77
N LYS A 75 -1.98 -3.92 10.94
CA LYS A 75 -3.37 -4.39 11.03
C LYS A 75 -4.30 -3.48 10.23
N LEU A 76 -4.11 -2.17 10.37
CA LEU A 76 -4.94 -1.21 9.66
C LEU A 76 -4.89 -1.45 8.15
N LEU A 77 -3.69 -1.70 7.64
CA LEU A 77 -3.51 -1.95 6.21
C LEU A 77 -4.41 -3.10 5.75
N ASN A 78 -4.48 -4.15 6.55
CA ASN A 78 -5.30 -5.30 6.22
C ASN A 78 -6.75 -4.89 5.98
N SER A 79 -7.34 -4.22 6.97
CA SER A 79 -8.73 -3.78 6.85
C SER A 79 -8.95 -2.98 5.57
N ASP A 80 -8.22 -1.86 5.44
CA ASP A 80 -8.35 -1.02 4.27
C ASP A 80 -8.17 -1.83 2.99
N LEU A 81 -7.15 -2.69 2.98
CA LEU A 81 -6.87 -3.53 1.81
C LEU A 81 -8.12 -4.28 1.38
N ALA A 82 -8.52 -5.27 2.17
CA ALA A 82 -9.71 -6.06 1.87
C ALA A 82 -10.90 -5.17 1.57
N GLU A 83 -10.99 -4.05 2.28
CA GLU A 83 -12.09 -3.11 2.09
C GLU A 83 -12.21 -2.68 0.63
N LEU A 84 -11.07 -2.31 0.04
CA LEU A 84 -11.04 -1.89 -1.36
C LEU A 84 -11.32 -3.06 -2.29
N ILE A 85 -10.61 -4.16 -2.08
CA ILE A 85 -10.78 -5.35 -2.90
C ILE A 85 -12.24 -5.77 -2.97
N ASN A 86 -12.92 -5.68 -1.83
CA ASN A 86 -14.34 -6.06 -1.76
C ASN A 86 -15.17 -5.19 -2.71
N LYS A 87 -15.26 -3.90 -2.41
CA LYS A 87 -16.02 -2.98 -3.23
C LYS A 87 -15.62 -3.09 -4.70
N MET A 88 -14.33 -3.33 -4.93
CA MET A 88 -13.81 -3.47 -6.29
C MET A 88 -14.55 -4.56 -7.05
N LYS A 89 -14.68 -5.72 -6.42
CA LYS A 89 -15.36 -6.86 -7.03
C LYS A 89 -16.79 -6.49 -7.41
N LEU A 90 -17.42 -5.65 -6.59
CA LEU A 90 -18.79 -5.21 -6.84
C LEU A 90 -18.87 -4.36 -8.10
N ALA A 91 -17.97 -3.39 -8.21
CA ALA A 91 -17.94 -2.49 -9.36
C ALA A 91 -17.94 -3.29 -10.67
N GLN A 92 -17.18 -4.38 -10.69
CA GLN A 92 -17.09 -5.22 -11.87
C GLN A 92 -18.47 -5.71 -12.30
N GLN A 93 -19.35 -5.93 -11.32
CA GLN A 93 -20.70 -6.39 -11.60
C GLN A 93 -21.66 -5.21 -11.72
N TYR A 94 -21.25 -4.07 -11.19
CA TYR A 94 -22.08 -2.87 -11.23
C TYR A 94 -21.74 -2.00 -12.44
N VAL A 95 -21.36 -2.65 -13.55
CA VAL A 95 -21.01 -1.96 -14.77
C VAL A 95 -22.12 -2.06 -15.80
N MET A 96 -22.74 -3.23 -15.87
CA MET A 96 -23.83 -3.45 -16.82
C MET A 96 -25.11 -2.79 -16.35
N THR A 97 -25.14 -2.38 -15.08
CA THR A 97 -26.30 -1.73 -14.51
C THR A 97 -26.26 -0.23 -14.72
N SER A 98 -25.49 0.47 -13.89
CA SER A 98 -25.36 1.92 -14.00
C SER A 98 -24.56 2.48 -12.83
N LEU A 99 -24.64 1.80 -11.69
CA LEU A 99 -23.92 2.24 -10.50
C LEU A 99 -22.44 1.91 -10.60
N GLN A 100 -21.78 2.46 -11.62
CA GLN A 100 -20.36 2.23 -11.83
C GLN A 100 -19.53 3.36 -11.24
N GLN A 101 -19.66 4.55 -11.82
CA GLN A 101 -18.91 5.72 -11.35
C GLN A 101 -19.11 5.92 -9.85
N GLU A 102 -20.30 5.55 -9.36
CA GLU A 102 -20.62 5.70 -7.95
C GLU A 102 -19.52 5.10 -7.08
N TYR A 103 -19.29 3.80 -7.24
CA TYR A 103 -18.27 3.09 -6.47
C TYR A 103 -16.91 3.77 -6.62
N LYS A 104 -16.63 4.25 -7.83
CA LYS A 104 -15.36 4.92 -8.10
C LYS A 104 -15.22 6.17 -7.25
N LYS A 105 -16.31 6.90 -7.07
CA LYS A 105 -16.29 8.12 -6.28
C LYS A 105 -15.94 7.82 -4.83
N GLN A 106 -16.71 6.93 -4.21
CA GLN A 106 -16.47 6.56 -2.82
C GLN A 106 -15.08 5.95 -2.65
N MET A 107 -14.74 5.00 -3.52
CA MET A 107 -13.45 4.35 -3.48
C MET A 107 -12.32 5.36 -3.61
N LEU A 108 -12.52 6.35 -4.48
CA LEU A 108 -11.51 7.38 -4.69
C LEU A 108 -11.07 8.01 -3.38
N THR A 109 -12.03 8.49 -2.61
CA THR A 109 -11.75 9.12 -1.32
C THR A 109 -10.92 8.19 -0.44
N ALA A 110 -11.45 7.01 -0.14
CA ALA A 110 -10.76 6.04 0.68
C ALA A 110 -9.35 5.78 0.17
N ALA A 111 -9.24 5.51 -1.12
CA ALA A 111 -7.94 5.25 -1.74
C ALA A 111 -6.97 6.38 -1.46
N HIS A 112 -7.48 7.60 -1.41
CA HIS A 112 -6.65 8.77 -1.15
C HIS A 112 -5.95 8.66 0.20
N ALA A 113 -6.73 8.37 1.25
CA ALA A 113 -6.18 8.23 2.59
C ALA A 113 -5.23 7.05 2.67
N LEU A 114 -5.48 6.03 1.85
CA LEU A 114 -4.64 4.83 1.83
C LEU A 114 -3.20 5.17 1.43
N ALA A 115 -3.05 5.76 0.25
CA ALA A 115 -1.73 6.14 -0.24
C ALA A 115 -0.97 6.95 0.80
N VAL A 116 -1.64 7.95 1.37
CA VAL A 116 -1.02 8.80 2.38
C VAL A 116 -0.43 7.97 3.51
N ASP A 117 -1.12 6.88 3.86
CA ASP A 117 -0.66 6.00 4.93
C ASP A 117 0.68 5.37 4.57
N ALA A 118 0.71 4.60 3.50
CA ALA A 118 1.92 3.95 3.06
C ALA A 118 3.09 4.93 2.97
N LYS A 119 2.77 6.17 2.60
CA LYS A 119 3.79 7.22 2.47
C LYS A 119 4.23 7.71 3.85
N ASN A 120 3.26 7.95 4.73
CA ASN A 120 3.55 8.42 6.08
C ASN A 120 4.40 7.41 6.83
N LEU A 121 4.40 6.17 6.36
CA LEU A 121 5.17 5.10 7.00
C LEU A 121 6.61 5.54 7.22
N LEU A 122 7.35 5.71 6.14
CA LEU A 122 8.74 6.13 6.22
C LEU A 122 8.85 7.59 6.65
N ASP A 123 7.86 8.38 6.29
CA ASP A 123 7.83 9.80 6.64
C ASP A 123 7.89 9.98 8.16
N VAL A 124 7.12 9.18 8.88
CA VAL A 124 7.10 9.25 10.34
C VAL A 124 8.42 8.81 10.94
N ILE A 125 8.81 7.57 10.66
CA ILE A 125 10.06 7.03 11.17
C ILE A 125 11.24 7.90 10.77
N ASP A 126 11.06 8.68 9.70
CA ASP A 126 12.11 9.56 9.21
C ASP A 126 12.67 10.42 10.34
N GLN A 127 11.81 10.75 11.29
CA GLN A 127 12.22 11.58 12.43
C GLN A 127 13.38 10.93 13.18
N ALA A 128 13.38 9.60 13.23
CA ALA A 128 14.43 8.85 13.92
C ALA A 128 15.70 8.81 13.09
N ARG A 129 15.55 8.61 11.78
CA ARG A 129 16.70 8.54 10.88
C ARG A 129 17.61 9.75 11.06
N LEU A 130 17.02 10.95 10.95
CA LEU A 130 17.78 12.19 11.11
C LEU A 130 18.34 12.31 12.52
N LYS A 131 17.51 12.00 13.51
CA LYS A 131 17.92 12.07 14.90
C LYS A 131 19.16 11.23 15.15
N MET A 132 19.35 10.20 14.32
CA MET A 132 20.51 9.32 14.45
C MET A 132 21.75 9.95 13.82
N ILE A 133 21.58 10.54 12.64
CA ILE A 133 22.69 11.18 11.94
C ILE A 133 23.40 12.17 12.84
N SER A 134 22.67 13.17 13.32
CA SER A 134 23.24 14.19 14.20
C SER A 134 23.35 13.67 15.63
N GLN A 135 24.14 12.61 15.81
CA GLN A 135 24.33 12.02 17.13
C GLN A 135 25.29 10.84 17.06
N SER A 136 24.92 9.83 16.29
CA SER A 136 25.75 8.64 16.14
C SER A 136 25.12 7.65 15.16
N ARG A 137 25.96 6.87 14.49
CA ARG A 137 25.49 5.89 13.52
C ARG A 137 26.64 5.02 13.02
N PRO A 138 26.31 3.83 12.51
CA PRO A 138 27.30 2.88 11.99
C PRO A 138 27.93 3.36 10.69
N HIS A 139 28.88 2.59 10.18
CA HIS A 139 29.55 2.94 8.94
C HIS A 139 29.61 1.74 7.99
N SER A 166 -3.66 -15.94 9.45
CA SER A 166 -4.89 -15.19 9.38
C SER A 166 -4.80 -14.07 8.34
N ALA A 167 -3.79 -13.23 8.50
CA ALA A 167 -3.59 -12.11 7.57
C ALA A 167 -3.09 -12.60 6.22
N THR A 168 -1.96 -13.30 6.24
CA THR A 168 -1.37 -13.83 5.01
C THR A 168 -2.36 -14.72 4.27
N ARG A 169 -3.31 -15.29 5.01
CA ARG A 169 -4.31 -16.16 4.41
C ARG A 169 -5.18 -15.39 3.40
N GLU A 170 -5.79 -14.31 3.85
CA GLU A 170 -6.63 -13.49 3.00
C GLU A 170 -5.84 -12.93 1.82
N LEU A 171 -4.66 -12.40 2.12
CA LEU A 171 -3.79 -11.83 1.09
C LEU A 171 -3.56 -12.82 -0.04
N ASP A 172 -3.19 -14.05 0.32
CA ASP A 172 -2.94 -15.09 -0.67
C ASP A 172 -4.25 -15.54 -1.33
N GLU A 173 -5.28 -15.72 -0.51
CA GLU A 173 -6.58 -16.15 -1.02
C GLU A 173 -7.09 -15.19 -2.10
N LEU A 174 -7.23 -13.92 -1.74
CA LEU A 174 -7.71 -12.92 -2.68
C LEU A 174 -6.86 -12.92 -3.94
N MET A 175 -5.56 -13.17 -3.79
CA MET A 175 -4.64 -13.19 -4.92
C MET A 175 -5.14 -14.15 -6.00
N ALA A 176 -5.52 -15.35 -5.59
CA ALA A 176 -6.02 -16.36 -6.52
C ALA A 176 -7.40 -15.99 -7.04
N SER A 177 -8.25 -15.52 -6.15
CA SER A 177 -9.61 -15.13 -6.52
C SER A 177 -9.59 -14.05 -7.61
N LEU A 178 -8.57 -13.20 -7.57
CA LEU A 178 -8.43 -12.13 -8.54
C LEU A 178 -7.69 -12.62 -9.78
N SER A 179 -6.85 -13.63 -9.61
CA SER A 179 -6.08 -14.19 -10.72
C SER A 179 -7.01 -14.79 -11.77
N ASP A 180 -7.86 -15.72 -11.34
CA ASP A 180 -8.80 -16.37 -12.25
C ASP A 180 -10.17 -15.70 -12.20
N MET A 1 20.39 -14.54 0.69
CA MET A 1 20.29 -13.86 1.97
C MET A 1 21.66 -13.42 2.46
N ALA A 2 22.23 -12.40 1.82
CA ALA A 2 23.53 -11.89 2.18
C ALA A 2 23.46 -10.40 2.55
N ASN A 3 23.35 -9.57 1.52
CA ASN A 3 23.27 -8.12 1.73
C ASN A 3 21.84 -7.70 2.03
N LEU A 4 21.66 -6.95 3.12
CA LEU A 4 20.35 -6.47 3.51
C LEU A 4 20.15 -5.01 3.10
N ASP A 5 20.84 -4.60 2.05
CA ASP A 5 20.74 -3.23 1.56
C ASP A 5 19.88 -3.17 0.31
N ARG A 6 18.96 -4.13 0.17
CA ARG A 6 18.07 -4.18 -0.98
C ARG A 6 16.67 -3.68 -0.61
N SER A 7 16.15 -4.18 0.50
CA SER A 7 14.82 -3.79 0.96
C SER A 7 14.85 -2.39 1.58
N ASN A 8 15.98 -2.04 2.18
CA ASN A 8 16.14 -0.74 2.82
C ASN A 8 16.04 0.38 1.79
N ASP A 9 16.53 0.11 0.59
CA ASP A 9 16.50 1.10 -0.49
C ASP A 9 15.24 0.93 -1.34
N LYS A 10 14.74 -0.30 -1.42
CA LYS A 10 13.54 -0.59 -2.19
C LYS A 10 12.31 0.03 -1.55
N VAL A 11 12.28 0.03 -0.21
CA VAL A 11 11.16 0.60 0.53
C VAL A 11 11.06 2.11 0.30
N TYR A 12 12.21 2.75 0.15
CA TYR A 12 12.26 4.20 -0.05
C TYR A 12 11.81 4.55 -1.47
N GLU A 13 11.94 3.59 -2.38
CA GLU A 13 11.53 3.80 -3.78
C GLU A 13 10.08 3.42 -3.98
N ASN A 14 9.74 2.18 -3.66
CA ASN A 14 8.37 1.69 -3.81
C ASN A 14 7.39 2.61 -3.12
N VAL A 15 7.77 3.12 -1.95
CA VAL A 15 6.92 4.02 -1.19
C VAL A 15 6.52 5.23 -2.01
N THR A 16 7.30 5.53 -3.03
CA THR A 16 7.04 6.67 -3.91
C THR A 16 6.26 6.24 -5.14
N GLY A 17 6.73 5.19 -5.80
CA GLY A 17 6.07 4.70 -6.99
C GLY A 17 4.59 4.51 -6.80
N LEU A 18 4.22 3.81 -5.73
CA LEU A 18 2.81 3.56 -5.43
C LEU A 18 2.01 4.86 -5.43
N VAL A 19 2.67 5.95 -5.04
CA VAL A 19 2.02 7.26 -5.01
C VAL A 19 1.65 7.73 -6.41
N LYS A 20 2.60 7.65 -7.33
CA LYS A 20 2.38 8.07 -8.70
C LYS A 20 1.12 7.41 -9.28
N ALA A 21 0.96 6.12 -8.99
CA ALA A 21 -0.20 5.37 -9.47
C ALA A 21 -1.49 5.88 -8.83
N VAL A 22 -1.43 6.15 -7.53
CA VAL A 22 -2.59 6.65 -6.80
C VAL A 22 -3.17 7.88 -7.47
N ILE A 23 -2.31 8.67 -8.09
CA ILE A 23 -2.74 9.89 -8.77
C ILE A 23 -3.30 9.57 -10.15
N GLU A 24 -2.56 8.77 -10.91
CA GLU A 24 -2.99 8.40 -12.26
C GLU A 24 -4.42 7.87 -12.25
N MET A 25 -4.63 6.76 -11.52
CA MET A 25 -5.95 6.16 -11.43
C MET A 25 -6.97 7.15 -10.89
N SER A 26 -6.58 7.91 -9.88
CA SER A 26 -7.47 8.90 -9.27
C SER A 26 -7.91 9.94 -10.31
N SER A 27 -7.13 10.03 -11.39
CA SER A 27 -7.44 10.99 -12.45
C SER A 27 -8.58 10.50 -13.33
N LYS A 28 -8.38 9.33 -13.95
CA LYS A 28 -9.39 8.75 -14.81
C LYS A 28 -10.14 7.63 -14.10
N ILE A 29 -10.31 7.80 -12.78
CA ILE A 29 -11.03 6.80 -11.98
C ILE A 29 -12.46 6.64 -12.46
N GLN A 30 -13.10 7.75 -12.79
CA GLN A 30 -14.49 7.73 -13.25
C GLN A 30 -14.61 6.94 -14.55
N PRO A 31 -13.91 7.40 -15.60
CA PRO A 31 -13.93 6.74 -16.91
C PRO A 31 -13.20 5.41 -16.90
N ALA A 32 -12.53 5.11 -15.79
CA ALA A 32 -11.80 3.86 -15.65
C ALA A 32 -12.64 2.67 -16.10
N PRO A 33 -12.32 2.12 -17.27
CA PRO A 33 -13.04 0.97 -17.85
C PRO A 33 -12.79 -0.30 -17.06
N PRO A 34 -13.60 -1.34 -17.35
CA PRO A 34 -13.48 -2.65 -16.68
C PRO A 34 -12.21 -3.39 -17.08
N GLU A 35 -11.62 -2.98 -18.19
CA GLU A 35 -10.40 -3.62 -18.68
C GLU A 35 -9.16 -3.00 -18.04
N GLU A 36 -9.26 -1.72 -17.70
CA GLU A 36 -8.15 -1.01 -17.07
C GLU A 36 -8.22 -1.14 -15.55
N TYR A 37 -9.38 -1.53 -15.04
CA TYR A 37 -9.58 -1.69 -13.61
C TYR A 37 -9.00 -3.01 -13.12
N VAL A 38 -9.09 -4.04 -13.97
CA VAL A 38 -8.58 -5.36 -13.62
C VAL A 38 -7.13 -5.28 -13.14
N PRO A 39 -6.26 -4.73 -13.99
CA PRO A 39 -4.83 -4.58 -13.68
C PRO A 39 -4.58 -3.53 -12.60
N MET A 40 -5.42 -2.50 -12.58
CA MET A 40 -5.29 -1.44 -11.58
C MET A 40 -5.23 -2.01 -10.17
N VAL A 41 -6.15 -2.91 -9.87
CA VAL A 41 -6.21 -3.54 -8.55
C VAL A 41 -4.86 -4.15 -8.18
N LYS A 42 -4.25 -4.84 -9.13
CA LYS A 42 -2.96 -5.47 -8.92
C LYS A 42 -1.91 -4.44 -8.50
N GLU A 43 -2.04 -3.23 -9.03
CA GLU A 43 -1.10 -2.15 -8.72
C GLU A 43 -1.14 -1.81 -7.24
N VAL A 44 -2.34 -1.46 -6.75
CA VAL A 44 -2.51 -1.11 -5.34
C VAL A 44 -2.29 -2.32 -4.44
N GLY A 45 -2.88 -3.44 -4.82
CA GLY A 45 -2.74 -4.66 -4.04
C GLY A 45 -1.29 -5.02 -3.80
N LEU A 46 -0.44 -4.76 -4.79
CA LEU A 46 0.98 -5.07 -4.68
C LEU A 46 1.67 -4.11 -3.71
N ALA A 47 1.26 -2.86 -3.73
CA ALA A 47 1.84 -1.84 -2.86
C ALA A 47 1.64 -2.21 -1.40
N LEU A 48 0.40 -2.50 -1.02
CA LEU A 48 0.08 -2.87 0.35
C LEU A 48 0.75 -4.17 0.74
N ARG A 49 0.51 -5.22 -0.04
CA ARG A 49 1.10 -6.53 0.23
C ARG A 49 2.61 -6.41 0.37
N THR A 50 3.26 -5.83 -0.62
CA THR A 50 4.71 -5.66 -0.61
C THR A 50 5.15 -4.79 0.56
N LEU A 51 4.39 -3.73 0.82
CA LEU A 51 4.69 -2.82 1.92
C LEU A 51 4.91 -3.58 3.22
N LEU A 52 4.15 -4.65 3.41
CA LEU A 52 4.26 -5.46 4.61
C LEU A 52 5.69 -5.95 4.81
N ALA A 53 6.30 -6.43 3.73
CA ALA A 53 7.66 -6.94 3.78
C ALA A 53 8.66 -5.78 3.88
N THR A 54 8.56 -4.84 2.95
CA THR A 54 9.46 -3.69 2.93
C THR A 54 9.49 -3.00 4.29
N VAL A 55 8.32 -2.55 4.74
CA VAL A 55 8.20 -1.86 6.03
C VAL A 55 8.78 -2.71 7.15
N ASP A 56 8.36 -3.97 7.22
CA ASP A 56 8.83 -4.89 8.25
C ASP A 56 10.35 -4.92 8.29
N GLU A 57 10.97 -4.73 7.12
CA GLU A 57 12.43 -4.74 7.02
C GLU A 57 13.01 -3.38 7.40
N SER A 58 12.24 -2.33 7.16
CA SER A 58 12.69 -0.97 7.49
C SER A 58 12.56 -0.70 8.98
N LEU A 59 11.69 -1.44 9.64
CA LEU A 59 11.47 -1.28 11.08
C LEU A 59 12.79 -1.43 11.84
N PRO A 60 13.45 -2.59 11.68
CA PRO A 60 14.72 -2.88 12.34
C PRO A 60 15.86 -2.05 11.78
N VAL A 61 15.94 -1.98 10.46
CA VAL A 61 16.99 -1.21 9.79
C VAL A 61 17.06 0.21 10.32
N LEU A 62 15.92 0.72 10.77
CA LEU A 62 15.84 2.07 11.31
C LEU A 62 15.75 2.05 12.83
N PRO A 63 16.11 3.18 13.47
CA PRO A 63 16.07 3.31 14.93
C PRO A 63 14.64 3.34 15.47
N ALA A 64 14.47 2.80 16.68
CA ALA A 64 13.15 2.77 17.31
C ALA A 64 12.57 4.17 17.43
N SER A 65 11.33 4.32 16.98
CA SER A 65 10.66 5.61 17.04
C SER A 65 9.26 5.53 16.42
N THR A 66 9.13 4.70 15.39
CA THR A 66 7.86 4.52 14.70
C THR A 66 7.29 3.13 14.95
N HIS A 67 7.65 2.53 16.08
CA HIS A 67 7.18 1.19 16.43
C HIS A 67 5.66 1.12 16.35
N ARG A 68 4.99 1.84 17.26
CA ARG A 68 3.53 1.86 17.29
C ARG A 68 2.96 2.17 15.92
N GLU A 69 3.44 3.25 15.31
CA GLU A 69 2.96 3.66 13.99
C GLU A 69 3.03 2.50 13.00
N ILE A 70 4.25 2.04 12.73
CA ILE A 70 4.45 0.92 11.81
C ILE A 70 3.61 -0.29 12.20
N GLU A 71 3.45 -0.49 13.51
CA GLU A 71 2.67 -1.61 14.02
C GLU A 71 1.23 -1.53 13.54
N MET A 72 0.60 -0.39 13.79
CA MET A 72 -0.79 -0.18 13.38
C MET A 72 -0.90 -0.03 11.87
N ALA A 73 0.21 0.37 11.24
CA ALA A 73 0.24 0.55 9.80
C ALA A 73 0.04 -0.79 9.07
N GLN A 74 0.63 -1.84 9.60
CA GLN A 74 0.52 -3.17 9.02
C GLN A 74 -0.93 -3.64 9.00
N LYS A 75 -1.51 -3.76 10.20
CA LYS A 75 -2.89 -4.21 10.33
C LYS A 75 -3.82 -3.37 9.44
N LEU A 76 -3.61 -2.06 9.45
CA LEU A 76 -4.42 -1.15 8.65
C LEU A 76 -4.33 -1.51 7.16
N LEU A 77 -3.13 -1.87 6.72
CA LEU A 77 -2.90 -2.23 5.33
C LEU A 77 -3.85 -3.35 4.89
N ASN A 78 -3.74 -4.49 5.54
CA ASN A 78 -4.59 -5.64 5.22
C ASN A 78 -6.06 -5.25 5.30
N SER A 79 -6.43 -4.58 6.37
CA SER A 79 -7.82 -4.15 6.57
C SER A 79 -8.33 -3.39 5.35
N ASP A 80 -7.71 -2.23 5.08
CA ASP A 80 -8.10 -1.41 3.95
C ASP A 80 -8.03 -2.20 2.64
N LEU A 81 -6.97 -3.00 2.51
CA LEU A 81 -6.77 -3.80 1.31
C LEU A 81 -8.03 -4.61 0.98
N ALA A 82 -8.46 -5.43 1.94
CA ALA A 82 -9.64 -6.25 1.76
C ALA A 82 -10.85 -5.41 1.36
N GLU A 83 -10.92 -4.20 1.90
CA GLU A 83 -12.03 -3.29 1.60
C GLU A 83 -12.00 -2.88 0.13
N LEU A 84 -10.82 -2.60 -0.38
CA LEU A 84 -10.65 -2.18 -1.77
C LEU A 84 -11.04 -3.32 -2.72
N ILE A 85 -10.42 -4.48 -2.52
CA ILE A 85 -10.70 -5.65 -3.34
C ILE A 85 -12.18 -5.99 -3.35
N ASN A 86 -12.83 -5.76 -2.21
CA ASN A 86 -14.27 -6.04 -2.07
C ASN A 86 -15.07 -5.25 -3.11
N LYS A 87 -14.89 -3.94 -3.12
CA LYS A 87 -15.59 -3.07 -4.05
C LYS A 87 -15.40 -3.55 -5.49
N MET A 88 -14.20 -4.07 -5.78
CA MET A 88 -13.90 -4.56 -7.11
C MET A 88 -14.91 -5.61 -7.55
N LYS A 89 -15.10 -6.64 -6.72
CA LYS A 89 -16.04 -7.71 -7.02
C LYS A 89 -17.45 -7.16 -7.15
N LEU A 90 -17.72 -6.03 -6.50
CA LEU A 90 -19.03 -5.41 -6.55
C LEU A 90 -19.24 -4.67 -7.88
N ALA A 91 -18.32 -3.77 -8.18
CA ALA A 91 -18.40 -3.00 -9.43
C ALA A 91 -18.60 -3.91 -10.63
N GLN A 92 -18.04 -5.11 -10.56
CA GLN A 92 -18.16 -6.08 -11.63
C GLN A 92 -19.62 -6.38 -11.95
N GLN A 93 -20.45 -6.38 -10.91
CA GLN A 93 -21.88 -6.65 -11.07
C GLN A 93 -22.68 -5.36 -11.02
N TYR A 94 -22.08 -4.31 -10.46
CA TYR A 94 -22.75 -3.02 -10.35
C TYR A 94 -22.28 -2.07 -11.45
N VAL A 95 -21.81 -2.64 -12.56
CA VAL A 95 -21.34 -1.85 -13.69
C VAL A 95 -22.34 -1.88 -14.84
N MET A 96 -22.94 -3.04 -15.06
CA MET A 96 -23.91 -3.21 -16.13
C MET A 96 -25.24 -2.57 -15.76
N THR A 97 -25.40 -2.24 -14.49
CA THR A 97 -26.63 -1.62 -14.00
C THR A 97 -26.58 -0.11 -14.14
N SER A 98 -25.82 0.54 -13.25
CA SER A 98 -25.69 1.99 -13.26
C SER A 98 -24.85 2.47 -12.08
N LEU A 99 -24.90 1.72 -10.99
CA LEU A 99 -24.15 2.08 -9.79
C LEU A 99 -22.67 1.75 -9.96
N GLN A 100 -22.04 2.37 -10.95
CA GLN A 100 -20.62 2.15 -11.22
C GLN A 100 -19.76 3.22 -10.55
N GLN A 101 -19.98 4.48 -10.94
CA GLN A 101 -19.22 5.59 -10.38
C GLN A 101 -19.31 5.60 -8.86
N GLU A 102 -20.38 5.01 -8.33
CA GLU A 102 -20.60 4.95 -6.89
C GLU A 102 -19.36 4.39 -6.19
N TYR A 103 -19.00 3.16 -6.52
CA TYR A 103 -17.85 2.50 -5.91
C TYR A 103 -16.57 3.27 -6.23
N LYS A 104 -16.52 3.85 -7.42
CA LYS A 104 -15.35 4.62 -7.85
C LYS A 104 -15.13 5.82 -6.95
N LYS A 105 -16.21 6.53 -6.63
CA LYS A 105 -16.14 7.70 -5.77
C LYS A 105 -15.64 7.33 -4.38
N GLN A 106 -16.42 6.52 -3.68
CA GLN A 106 -16.05 6.09 -2.32
C GLN A 106 -14.65 5.51 -2.31
N MET A 107 -14.26 4.87 -3.40
CA MET A 107 -12.93 4.27 -3.51
C MET A 107 -11.84 5.33 -3.40
N LEU A 108 -11.97 6.39 -4.18
CA LEU A 108 -11.00 7.48 -4.17
C LEU A 108 -10.75 7.98 -2.75
N THR A 109 -11.84 8.17 -2.00
CA THR A 109 -11.75 8.63 -0.62
C THR A 109 -10.86 7.72 0.22
N ALA A 110 -11.16 6.42 0.18
CA ALA A 110 -10.39 5.44 0.93
C ALA A 110 -8.93 5.44 0.49
N ALA A 111 -8.71 5.25 -0.80
CA ALA A 111 -7.35 5.24 -1.35
C ALA A 111 -6.61 6.53 -1.04
N HIS A 112 -7.37 7.61 -0.88
CA HIS A 112 -6.78 8.91 -0.57
C HIS A 112 -6.02 8.88 0.74
N ALA A 113 -6.74 8.59 1.83
CA ALA A 113 -6.12 8.52 3.15
C ALA A 113 -5.15 7.35 3.24
N LEU A 114 -5.52 6.21 2.67
CA LEU A 114 -4.67 5.04 2.69
C LEU A 114 -3.33 5.32 2.01
N ALA A 115 -3.38 5.87 0.81
CA ALA A 115 -2.17 6.19 0.06
C ALA A 115 -1.20 7.01 0.91
N VAL A 116 -1.72 8.06 1.55
CA VAL A 116 -0.90 8.91 2.40
C VAL A 116 -0.15 8.09 3.44
N ASP A 117 -0.80 7.08 3.97
CA ASP A 117 -0.20 6.21 4.98
C ASP A 117 1.08 5.58 4.46
N ALA A 118 0.99 4.95 3.29
CA ALA A 118 2.15 4.30 2.68
C ALA A 118 3.33 5.26 2.60
N LYS A 119 3.05 6.52 2.28
CA LYS A 119 4.09 7.54 2.17
C LYS A 119 4.59 7.96 3.56
N ASN A 120 3.66 8.13 4.48
CA ASN A 120 4.01 8.54 5.84
C ASN A 120 4.90 7.49 6.50
N LEU A 121 4.91 6.29 5.94
CA LEU A 121 5.73 5.21 6.48
C LEU A 121 7.17 5.67 6.71
N LEU A 122 7.90 5.85 5.62
CA LEU A 122 9.29 6.30 5.70
C LEU A 122 9.38 7.76 6.12
N ASP A 123 8.33 8.52 5.79
CA ASP A 123 8.28 9.94 6.13
C ASP A 123 8.43 10.14 7.64
N VAL A 124 7.72 9.31 8.41
CA VAL A 124 7.76 9.41 9.86
C VAL A 124 9.09 8.86 10.41
N ILE A 125 9.36 7.60 10.13
CA ILE A 125 10.58 6.96 10.59
C ILE A 125 11.81 7.78 10.19
N ASP A 126 11.68 8.55 9.11
CA ASP A 126 12.77 9.38 8.63
C ASP A 126 13.26 10.32 9.73
N GLN A 127 12.32 10.79 10.55
CA GLN A 127 12.67 11.70 11.64
C GLN A 127 13.48 10.99 12.72
N ALA A 128 13.37 9.67 12.75
CA ALA A 128 14.09 8.87 13.73
C ALA A 128 15.58 8.81 13.39
N ARG A 129 15.88 8.32 12.18
CA ARG A 129 17.26 8.21 11.74
C ARG A 129 18.00 9.54 11.88
N LEU A 130 17.32 10.63 11.52
CA LEU A 130 17.91 11.96 11.60
C LEU A 130 18.05 12.39 13.06
N LYS A 131 17.10 11.99 13.89
CA LYS A 131 17.12 12.33 15.30
C LYS A 131 18.41 11.87 15.96
N MET A 132 18.89 10.71 15.54
CA MET A 132 20.13 10.15 16.08
C MET A 132 21.36 10.86 15.50
N ILE A 133 21.41 10.92 14.18
CA ILE A 133 22.53 11.56 13.49
C ILE A 133 22.71 13.00 13.98
N SER A 134 21.66 13.80 13.83
CA SER A 134 21.71 15.20 14.25
C SER A 134 21.52 15.32 15.77
N GLN A 135 22.52 14.87 16.51
CA GLN A 135 22.46 14.92 17.97
C GLN A 135 23.75 14.36 18.58
N SER A 136 24.01 13.09 18.31
CA SER A 136 25.21 12.43 18.84
C SER A 136 25.38 11.05 18.23
N ARG A 137 26.63 10.69 17.93
CA ARG A 137 26.93 9.39 17.34
C ARG A 137 26.28 9.26 15.96
N PRO A 138 26.82 9.99 14.97
CA PRO A 138 26.31 9.97 13.60
C PRO A 138 26.59 8.64 12.90
N HIS A 139 25.74 8.31 11.92
CA HIS A 139 25.89 7.06 11.17
C HIS A 139 25.20 7.16 9.82
N SER A 166 -0.25 -15.89 9.42
CA SER A 166 -1.69 -15.73 9.32
C SER A 166 -2.05 -14.68 8.27
N ALA A 167 -1.27 -13.62 8.22
CA ALA A 167 -1.49 -12.54 7.27
C ALA A 167 -1.24 -13.01 5.84
N THR A 168 -0.14 -13.72 5.64
CA THR A 168 0.23 -14.22 4.33
C THR A 168 -0.89 -15.07 3.73
N ARG A 169 -1.71 -15.65 4.61
CA ARG A 169 -2.82 -16.49 4.17
C ARG A 169 -3.84 -15.67 3.38
N GLU A 170 -4.22 -14.52 3.93
CA GLU A 170 -5.19 -13.65 3.27
C GLU A 170 -4.67 -13.20 1.91
N LEU A 171 -3.42 -12.74 1.87
CA LEU A 171 -2.82 -12.27 0.64
C LEU A 171 -2.85 -13.36 -0.43
N ASP A 172 -2.43 -14.56 -0.07
CA ASP A 172 -2.41 -15.69 -0.98
C ASP A 172 -3.83 -16.06 -1.41
N GLU A 173 -4.70 -16.22 -0.42
CA GLU A 173 -6.09 -16.59 -0.69
C GLU A 173 -6.75 -15.59 -1.63
N LEU A 174 -6.78 -14.32 -1.21
CA LEU A 174 -7.37 -13.27 -2.04
C LEU A 174 -6.72 -13.21 -3.41
N MET A 175 -5.40 -13.39 -3.43
CA MET A 175 -4.65 -13.35 -4.69
C MET A 175 -5.20 -14.38 -5.67
N ALA A 176 -5.58 -15.54 -5.16
CA ALA A 176 -6.12 -16.60 -6.00
C ALA A 176 -7.46 -16.20 -6.60
N SER A 177 -8.31 -15.59 -5.79
CA SER A 177 -9.63 -15.16 -6.24
C SER A 177 -9.52 -14.15 -7.37
N LEU A 178 -8.43 -13.37 -7.36
CA LEU A 178 -8.19 -12.37 -8.39
C LEU A 178 -7.47 -12.97 -9.59
N SER A 179 -6.71 -14.05 -9.34
CA SER A 179 -5.97 -14.72 -10.39
C SER A 179 -6.91 -15.41 -11.37
N ASP A 180 -7.80 -16.25 -10.84
CA ASP A 180 -8.76 -16.97 -11.66
C ASP A 180 -8.04 -17.83 -12.69
N MET A 1 32.12 -3.59 2.99
CA MET A 1 31.46 -3.25 4.24
C MET A 1 29.95 -3.20 4.06
N ALA A 2 29.50 -2.47 3.04
CA ALA A 2 28.07 -2.34 2.77
C ALA A 2 27.42 -3.72 2.65
N ASN A 3 26.15 -3.79 3.02
CA ASN A 3 25.40 -5.04 2.97
C ASN A 3 23.92 -4.81 3.23
N LEU A 4 23.62 -3.89 4.15
CA LEU A 4 22.23 -3.57 4.49
C LEU A 4 21.78 -2.30 3.78
N ASP A 5 22.39 -2.03 2.64
CA ASP A 5 22.03 -0.84 1.85
C ASP A 5 21.21 -1.23 0.63
N ARG A 6 20.51 -2.35 0.72
CA ARG A 6 19.68 -2.83 -0.38
C ARG A 6 18.21 -2.55 -0.12
N SER A 7 17.76 -2.91 1.08
CA SER A 7 16.36 -2.69 1.46
C SER A 7 16.09 -1.23 1.76
N ASN A 8 17.11 -0.53 2.24
CA ASN A 8 16.99 0.89 2.58
C ASN A 8 16.56 1.69 1.35
N ASP A 9 17.07 1.30 0.19
CA ASP A 9 16.74 1.98 -1.06
C ASP A 9 15.48 1.40 -1.69
N LYS A 10 15.23 0.12 -1.42
CA LYS A 10 14.06 -0.56 -1.97
C LYS A 10 12.78 -0.04 -1.32
N VAL A 11 12.77 0.02 0.01
CA VAL A 11 11.62 0.50 0.75
C VAL A 11 11.34 1.97 0.46
N TYR A 12 12.42 2.73 0.26
CA TYR A 12 12.30 4.16 -0.03
C TYR A 12 11.77 4.38 -1.46
N GLU A 13 11.93 3.36 -2.30
CA GLU A 13 11.47 3.44 -3.68
C GLU A 13 10.01 2.97 -3.80
N ASN A 14 9.74 1.77 -3.31
CA ASN A 14 8.40 1.22 -3.36
C ASN A 14 7.37 2.20 -2.80
N VAL A 15 7.70 2.79 -1.66
CA VAL A 15 6.82 3.75 -1.00
C VAL A 15 6.42 4.86 -1.96
N THR A 16 7.26 5.10 -2.97
CA THR A 16 7.00 6.14 -3.96
C THR A 16 6.22 5.59 -5.15
N GLY A 17 6.69 4.46 -5.67
CA GLY A 17 6.02 3.85 -6.81
C GLY A 17 4.53 3.68 -6.59
N LEU A 18 4.16 3.02 -5.50
CA LEU A 18 2.75 2.80 -5.17
C LEU A 18 1.98 4.11 -5.21
N VAL A 19 2.62 5.19 -4.76
CA VAL A 19 1.98 6.50 -4.74
C VAL A 19 1.73 7.01 -6.16
N LYS A 20 2.70 6.81 -7.03
CA LYS A 20 2.59 7.24 -8.43
C LYS A 20 1.30 6.72 -9.05
N ALA A 21 1.00 5.45 -8.82
CA ALA A 21 -0.20 4.83 -9.35
C ALA A 21 -1.46 5.43 -8.72
N VAL A 22 -1.41 5.65 -7.40
CA VAL A 22 -2.54 6.22 -6.68
C VAL A 22 -3.02 7.51 -7.34
N ILE A 23 -2.10 8.21 -7.99
CA ILE A 23 -2.44 9.46 -8.66
C ILE A 23 -2.96 9.20 -10.08
N GLU A 24 -2.12 8.56 -10.90
CA GLU A 24 -2.51 8.25 -12.27
C GLU A 24 -3.84 7.52 -12.32
N MET A 25 -3.91 6.39 -11.62
CA MET A 25 -5.13 5.59 -11.58
C MET A 25 -6.32 6.44 -11.15
N SER A 26 -6.13 7.24 -10.10
CA SER A 26 -7.19 8.09 -9.58
C SER A 26 -7.64 9.09 -10.64
N SER A 27 -6.80 9.30 -11.65
CA SER A 27 -7.11 10.24 -12.73
C SER A 27 -8.12 9.63 -13.68
N LYS A 28 -7.84 8.42 -14.15
CA LYS A 28 -8.73 7.73 -15.08
C LYS A 28 -9.59 6.70 -14.35
N ILE A 29 -9.74 6.88 -13.04
CA ILE A 29 -10.53 5.97 -12.23
C ILE A 29 -11.99 5.97 -12.68
N GLN A 30 -12.50 7.15 -13.01
CA GLN A 30 -13.88 7.28 -13.46
C GLN A 30 -14.12 6.48 -14.75
N PRO A 31 -13.39 6.85 -15.81
CA PRO A 31 -13.50 6.19 -17.11
C PRO A 31 -12.94 4.77 -17.09
N ALA A 32 -12.31 4.41 -15.97
CA ALA A 32 -11.73 3.07 -15.82
C ALA A 32 -12.71 2.00 -16.26
N PRO A 33 -12.45 1.39 -17.44
CA PRO A 33 -13.30 0.33 -17.99
C PRO A 33 -13.22 -0.96 -17.18
N PRO A 34 -14.14 -1.89 -17.47
CA PRO A 34 -14.18 -3.19 -16.79
C PRO A 34 -13.01 -4.09 -17.15
N GLU A 35 -12.36 -3.78 -18.27
CA GLU A 35 -11.22 -4.56 -18.74
C GLU A 35 -9.93 -4.07 -18.09
N GLU A 36 -9.94 -2.82 -17.64
CA GLU A 36 -8.77 -2.22 -17.02
C GLU A 36 -8.90 -2.25 -15.50
N TYR A 37 -10.12 -2.47 -15.02
CA TYR A 37 -10.38 -2.51 -13.58
C TYR A 37 -9.88 -3.82 -12.98
N VAL A 38 -10.05 -4.92 -13.71
CA VAL A 38 -9.63 -6.23 -13.25
C VAL A 38 -8.15 -6.21 -12.82
N PRO A 39 -7.28 -5.81 -13.76
CA PRO A 39 -5.84 -5.72 -13.50
C PRO A 39 -5.48 -4.59 -12.55
N MET A 40 -6.30 -3.55 -12.54
CA MET A 40 -6.07 -2.40 -11.66
C MET A 40 -5.82 -2.85 -10.23
N VAL A 41 -6.77 -3.60 -9.67
CA VAL A 41 -6.64 -4.09 -8.30
C VAL A 41 -5.34 -4.84 -8.10
N LYS A 42 -4.87 -5.49 -9.16
CA LYS A 42 -3.61 -6.25 -9.11
C LYS A 42 -2.45 -5.34 -8.73
N GLU A 43 -2.40 -4.17 -9.36
CA GLU A 43 -1.33 -3.21 -9.09
C GLU A 43 -1.35 -2.78 -7.62
N VAL A 44 -2.51 -2.33 -7.16
CA VAL A 44 -2.67 -1.89 -5.78
C VAL A 44 -2.37 -3.01 -4.80
N GLY A 45 -2.92 -4.18 -5.08
CA GLY A 45 -2.70 -5.34 -4.21
C GLY A 45 -1.24 -5.66 -4.04
N LEU A 46 -0.45 -5.43 -5.09
CA LEU A 46 0.98 -5.70 -5.05
C LEU A 46 1.68 -4.80 -4.04
N ALA A 47 1.40 -3.51 -4.12
CA ALA A 47 2.01 -2.54 -3.21
C ALA A 47 1.63 -2.84 -1.77
N LEU A 48 0.36 -3.17 -1.55
CA LEU A 48 -0.14 -3.49 -0.21
C LEU A 48 0.55 -4.73 0.35
N ARG A 49 0.40 -5.85 -0.37
CA ARG A 49 1.00 -7.11 0.06
C ARG A 49 2.51 -6.97 0.22
N THR A 50 3.15 -6.38 -0.79
CA THR A 50 4.60 -6.19 -0.77
C THR A 50 5.01 -5.28 0.40
N LEU A 51 4.22 -4.24 0.64
CA LEU A 51 4.49 -3.30 1.72
C LEU A 51 4.71 -4.04 3.03
N LEU A 52 3.88 -5.03 3.30
CA LEU A 52 3.97 -5.81 4.52
C LEU A 52 5.39 -6.35 4.71
N ALA A 53 5.94 -6.94 3.66
CA ALA A 53 7.29 -7.49 3.72
C ALA A 53 8.33 -6.38 3.70
N THR A 54 8.11 -5.37 2.86
CA THR A 54 9.04 -4.25 2.75
C THR A 54 9.27 -3.60 4.11
N VAL A 55 8.21 -3.07 4.70
CA VAL A 55 8.30 -2.42 6.00
C VAL A 55 8.88 -3.36 7.05
N ASP A 56 8.53 -4.64 6.94
CA ASP A 56 9.02 -5.65 7.87
C ASP A 56 10.54 -5.66 7.91
N GLU A 57 11.16 -5.36 6.78
CA GLU A 57 12.62 -5.34 6.68
C GLU A 57 13.18 -4.00 7.13
N SER A 58 12.33 -2.97 7.11
CA SER A 58 12.74 -1.63 7.52
C SER A 58 12.90 -1.55 9.04
N LEU A 59 12.20 -2.43 9.74
CA LEU A 59 12.26 -2.45 11.20
C LEU A 59 13.70 -2.50 11.69
N PRO A 60 14.42 -3.56 11.30
CA PRO A 60 15.83 -3.75 11.69
C PRO A 60 16.74 -2.74 11.01
N VAL A 61 16.54 -2.54 9.70
CA VAL A 61 17.35 -1.61 8.94
C VAL A 61 17.43 -0.25 9.62
N LEU A 62 16.31 0.15 10.24
CA LEU A 62 16.25 1.43 10.94
C LEU A 62 16.33 1.24 12.45
N PRO A 63 16.71 2.31 13.16
CA PRO A 63 16.83 2.28 14.62
C PRO A 63 15.48 2.17 15.31
N ALA A 64 15.39 1.31 16.31
CA ALA A 64 14.15 1.11 17.06
C ALA A 64 13.63 2.43 17.61
N SER A 65 12.38 2.74 17.29
CA SER A 65 11.76 3.98 17.75
C SER A 65 10.33 4.10 17.22
N THR A 66 10.12 3.59 16.01
CA THR A 66 8.80 3.65 15.40
C THR A 66 8.19 2.26 15.27
N HIS A 67 8.58 1.36 16.17
CA HIS A 67 8.07 0.00 16.16
C HIS A 67 6.55 -0.02 16.28
N ARG A 68 6.02 0.74 17.22
CA ARG A 68 4.58 0.82 17.43
C ARG A 68 3.86 1.13 16.13
N GLU A 69 4.22 2.25 15.51
CA GLU A 69 3.61 2.66 14.24
C GLU A 69 3.66 1.53 13.22
N ILE A 70 4.87 1.06 12.93
CA ILE A 70 5.05 -0.02 11.97
C ILE A 70 4.19 -1.23 12.33
N GLU A 71 4.05 -1.49 13.62
CA GLU A 71 3.24 -2.61 14.09
C GLU A 71 1.79 -2.48 13.63
N MET A 72 1.20 -1.32 13.92
CA MET A 72 -0.19 -1.06 13.54
C MET A 72 -0.31 -0.87 12.02
N ALA A 73 0.78 -0.45 11.40
CA ALA A 73 0.80 -0.24 9.96
C ALA A 73 0.61 -1.55 9.20
N GLN A 74 1.14 -2.62 9.76
CA GLN A 74 1.04 -3.94 9.13
C GLN A 74 -0.43 -4.38 9.04
N LYS A 75 -1.05 -4.60 10.19
CA LYS A 75 -2.45 -5.01 10.24
C LYS A 75 -3.34 -4.02 9.52
N LEU A 76 -3.05 -2.73 9.70
CA LEU A 76 -3.83 -1.68 9.05
C LEU A 76 -3.91 -1.90 7.54
N LEU A 77 -2.76 -2.13 6.93
CA LEU A 77 -2.69 -2.37 5.49
C LEU A 77 -3.62 -3.51 5.08
N ASN A 78 -3.58 -4.59 5.84
CA ASN A 78 -4.42 -5.76 5.57
C ASN A 78 -5.88 -5.35 5.41
N SER A 79 -6.46 -4.84 6.50
CA SER A 79 -7.85 -4.42 6.49
C SER A 79 -8.12 -3.46 5.34
N ASP A 80 -7.23 -2.50 5.15
CA ASP A 80 -7.37 -1.52 4.08
C ASP A 80 -7.50 -2.20 2.73
N LEU A 81 -6.65 -3.20 2.50
CA LEU A 81 -6.66 -3.93 1.23
C LEU A 81 -8.07 -4.43 0.90
N ALA A 82 -8.64 -5.21 1.82
CA ALA A 82 -9.98 -5.75 1.63
C ALA A 82 -10.98 -4.64 1.30
N GLU A 83 -10.85 -3.51 2.00
CA GLU A 83 -11.74 -2.37 1.78
C GLU A 83 -11.73 -1.96 0.31
N LEU A 84 -10.59 -2.12 -0.34
CA LEU A 84 -10.45 -1.76 -1.76
C LEU A 84 -11.15 -2.79 -2.64
N ILE A 85 -10.70 -4.05 -2.54
CA ILE A 85 -11.28 -5.13 -3.35
C ILE A 85 -12.79 -5.22 -3.13
N ASN A 86 -13.23 -4.88 -1.93
CA ASN A 86 -14.65 -4.92 -1.60
C ASN A 86 -15.44 -3.93 -2.46
N LYS A 87 -15.19 -2.65 -2.25
CA LYS A 87 -15.87 -1.60 -3.01
C LYS A 87 -15.60 -1.75 -4.51
N MET A 88 -14.36 -2.10 -4.85
CA MET A 88 -13.98 -2.28 -6.24
C MET A 88 -14.80 -3.39 -6.89
N LYS A 89 -14.78 -4.57 -6.28
CA LYS A 89 -15.52 -5.71 -6.80
C LYS A 89 -17.00 -5.39 -6.95
N LEU A 90 -17.49 -4.52 -6.06
CA LEU A 90 -18.90 -4.13 -6.09
C LEU A 90 -19.21 -3.32 -7.35
N ALA A 91 -18.44 -2.25 -7.57
CA ALA A 91 -18.64 -1.41 -8.74
C ALA A 91 -18.67 -2.23 -10.01
N GLN A 92 -17.77 -3.20 -10.10
CA GLN A 92 -17.69 -4.06 -11.28
C GLN A 92 -19.03 -4.75 -11.54
N GLN A 93 -19.76 -5.03 -10.47
CA GLN A 93 -21.06 -5.69 -10.59
C GLN A 93 -22.19 -4.66 -10.66
N TYR A 94 -21.90 -3.44 -10.22
CA TYR A 94 -22.88 -2.36 -10.23
C TYR A 94 -22.76 -1.53 -11.50
N VAL A 95 -22.41 -2.17 -12.60
CA VAL A 95 -22.26 -1.49 -13.88
C VAL A 95 -23.44 -1.77 -14.80
N MET A 96 -24.00 -2.97 -14.67
CA MET A 96 -25.14 -3.37 -15.49
C MET A 96 -26.41 -2.64 -15.05
N THR A 97 -26.40 -2.12 -13.82
CA THR A 97 -27.54 -1.41 -13.29
C THR A 97 -27.48 0.08 -13.65
N SER A 98 -26.62 0.81 -12.96
CA SER A 98 -26.47 2.25 -13.22
C SER A 98 -25.44 2.85 -12.27
N LEU A 99 -25.38 2.32 -11.05
CA LEU A 99 -24.44 2.81 -10.05
C LEU A 99 -23.02 2.35 -10.36
N GLN A 100 -22.45 2.86 -11.44
CA GLN A 100 -21.09 2.50 -11.84
C GLN A 100 -20.08 3.49 -11.27
N GLN A 101 -20.07 4.70 -11.82
CA GLN A 101 -19.14 5.73 -11.37
C GLN A 101 -19.24 5.92 -9.86
N GLU A 102 -20.42 5.67 -9.31
CA GLU A 102 -20.63 5.81 -7.87
C GLU A 102 -19.57 5.06 -7.08
N TYR A 103 -19.69 3.74 -7.05
CA TYR A 103 -18.74 2.91 -6.32
C TYR A 103 -17.30 3.24 -6.72
N LYS A 104 -17.13 3.71 -7.95
CA LYS A 104 -15.81 4.07 -8.47
C LYS A 104 -15.25 5.29 -7.73
N LYS A 105 -16.13 6.27 -7.47
CA LYS A 105 -15.72 7.49 -6.77
C LYS A 105 -15.26 7.17 -5.36
N GLN A 106 -16.19 6.71 -4.53
CA GLN A 106 -15.87 6.37 -3.14
C GLN A 106 -14.68 5.42 -3.07
N MET A 107 -14.52 4.60 -4.11
CA MET A 107 -13.42 3.65 -4.17
C MET A 107 -12.08 4.36 -4.19
N LEU A 108 -11.95 5.35 -5.08
CA LEU A 108 -10.72 6.12 -5.20
C LEU A 108 -10.32 6.72 -3.86
N THR A 109 -11.31 7.19 -3.11
CA THR A 109 -11.07 7.80 -1.81
C THR A 109 -10.31 6.84 -0.89
N ALA A 110 -10.85 5.64 -0.70
CA ALA A 110 -10.22 4.64 0.15
C ALA A 110 -8.76 4.44 -0.23
N ALA A 111 -8.51 4.25 -1.54
CA ALA A 111 -7.15 4.05 -2.03
C ALA A 111 -6.26 5.24 -1.69
N HIS A 112 -6.83 6.44 -1.75
CA HIS A 112 -6.10 7.66 -1.45
C HIS A 112 -5.41 7.56 -0.09
N ALA A 113 -6.20 7.34 0.96
CA ALA A 113 -5.67 7.23 2.31
C ALA A 113 -4.61 6.14 2.39
N LEU A 114 -4.80 5.08 1.60
CA LEU A 114 -3.86 3.96 1.59
C LEU A 114 -2.45 4.44 1.25
N ALA A 115 -2.31 5.09 0.10
CA ALA A 115 -1.02 5.61 -0.34
C ALA A 115 -0.35 6.42 0.76
N VAL A 116 -1.14 7.28 1.41
CA VAL A 116 -0.63 8.12 2.49
C VAL A 116 0.09 7.29 3.55
N ASP A 117 -0.50 6.15 3.90
CA ASP A 117 0.07 5.27 4.90
C ASP A 117 1.43 4.73 4.44
N ALA A 118 1.44 4.10 3.27
CA ALA A 118 2.67 3.54 2.71
C ALA A 118 3.79 4.58 2.70
N LYS A 119 3.42 5.83 2.44
CA LYS A 119 4.38 6.92 2.39
C LYS A 119 4.83 7.31 3.80
N ASN A 120 3.87 7.40 4.72
CA ASN A 120 4.17 7.76 6.10
C ASN A 120 5.11 6.74 6.73
N LEU A 121 5.18 5.55 6.13
CA LEU A 121 6.05 4.49 6.65
C LEU A 121 7.46 5.00 6.87
N LEU A 122 8.16 5.31 5.77
CA LEU A 122 9.53 5.82 5.85
C LEU A 122 9.54 7.26 6.35
N ASP A 123 8.48 8.00 6.06
CA ASP A 123 8.37 9.39 6.49
C ASP A 123 8.51 9.50 8.00
N VAL A 124 7.85 8.61 8.72
CA VAL A 124 7.90 8.61 10.19
C VAL A 124 9.24 8.11 10.69
N ILE A 125 9.56 6.87 10.35
CA ILE A 125 10.82 6.26 10.76
C ILE A 125 12.01 7.15 10.41
N ASP A 126 11.84 7.96 9.36
CA ASP A 126 12.89 8.87 8.93
C ASP A 126 13.36 9.76 10.07
N GLN A 127 12.45 10.10 10.96
CA GLN A 127 12.76 10.94 12.11
C GLN A 127 13.69 10.22 13.08
N ALA A 128 13.62 8.89 13.07
CA ALA A 128 14.45 8.07 13.95
C ALA A 128 15.91 8.09 13.50
N ARG A 129 16.14 7.70 12.25
CA ARG A 129 17.49 7.66 11.70
C ARG A 129 18.19 9.01 11.87
N LEU A 130 17.44 10.08 11.62
CA LEU A 130 17.98 11.44 11.73
C LEU A 130 18.20 11.81 13.20
N LYS A 131 17.22 11.46 14.04
CA LYS A 131 17.30 11.75 15.46
C LYS A 131 18.58 11.18 16.07
N MET A 132 19.05 10.07 15.51
CA MET A 132 20.26 9.42 15.99
C MET A 132 21.49 10.05 15.35
N ILE A 133 21.54 10.04 14.02
CA ILE A 133 22.67 10.60 13.30
C ILE A 133 22.91 12.06 13.70
N SER A 134 21.91 12.90 13.46
CA SER A 134 22.01 14.32 13.80
C SER A 134 21.85 14.53 15.29
N GLN A 135 22.84 14.08 16.06
CA GLN A 135 22.80 14.23 17.51
C GLN A 135 24.05 13.66 18.15
N SER A 136 24.29 12.36 17.93
CA SER A 136 25.46 11.69 18.48
C SER A 136 25.53 10.24 18.02
N ARG A 137 26.74 9.77 17.73
CA ARG A 137 26.94 8.40 17.27
C ARG A 137 26.23 8.17 15.93
N PRO A 138 26.80 8.74 14.86
CA PRO A 138 26.25 8.62 13.52
C PRO A 138 26.40 7.21 12.95
N HIS A 139 25.29 6.56 12.67
CA HIS A 139 25.31 5.19 12.13
C HIS A 139 23.89 4.74 11.76
N SER A 166 -2.71 -15.86 9.59
CA SER A 166 -3.73 -14.84 9.83
C SER A 166 -3.74 -13.81 8.71
N ALA A 167 -2.70 -12.98 8.68
CA ALA A 167 -2.59 -11.94 7.65
C ALA A 167 -2.37 -12.56 6.27
N THR A 168 -1.35 -13.41 6.16
CA THR A 168 -1.04 -14.06 4.90
C THR A 168 -2.26 -14.78 4.33
N ARG A 169 -3.15 -15.20 5.21
CA ARG A 169 -4.36 -15.90 4.80
C ARG A 169 -5.24 -15.01 3.93
N GLU A 170 -5.54 -13.81 4.42
CA GLU A 170 -6.37 -12.86 3.69
C GLU A 170 -5.78 -12.59 2.30
N LEU A 171 -4.48 -12.32 2.27
CA LEU A 171 -3.80 -12.04 1.00
C LEU A 171 -3.97 -13.20 0.02
N ASP A 172 -3.91 -14.41 0.54
CA ASP A 172 -4.07 -15.60 -0.29
C ASP A 172 -5.51 -15.77 -0.75
N GLU A 173 -6.45 -15.68 0.19
CA GLU A 173 -7.87 -15.82 -0.13
C GLU A 173 -8.30 -14.75 -1.14
N LEU A 174 -8.13 -13.49 -0.76
CA LEU A 174 -8.51 -12.38 -1.63
C LEU A 174 -7.87 -12.52 -3.01
N MET A 175 -6.64 -12.98 -3.03
CA MET A 175 -5.92 -13.16 -4.29
C MET A 175 -6.67 -14.11 -5.21
N ALA A 176 -7.30 -15.13 -4.63
CA ALA A 176 -8.06 -16.11 -5.40
C ALA A 176 -9.28 -15.46 -6.04
N SER A 177 -9.98 -14.62 -5.28
CA SER A 177 -11.17 -13.94 -5.78
C SER A 177 -10.83 -13.08 -6.98
N LEU A 178 -9.60 -12.56 -7.02
CA LEU A 178 -9.16 -11.72 -8.13
C LEU A 178 -8.55 -12.57 -9.24
N SER A 179 -8.03 -13.73 -8.88
CA SER A 179 -7.41 -14.63 -9.85
C SER A 179 -8.46 -15.22 -10.79
N ASP A 180 -9.57 -15.67 -10.21
CA ASP A 180 -10.65 -16.26 -11.00
C ASP A 180 -12.00 -15.71 -10.56
N MET A 1 27.28 -8.80 7.79
CA MET A 1 26.88 -8.42 6.44
C MET A 1 26.78 -6.90 6.30
N ALA A 2 27.86 -6.28 5.85
CA ALA A 2 27.89 -4.84 5.67
C ALA A 2 27.18 -4.44 4.38
N ASN A 3 27.13 -3.13 4.13
CA ASN A 3 26.48 -2.61 2.93
C ASN A 3 25.02 -3.04 2.87
N LEU A 4 24.26 -2.66 3.89
CA LEU A 4 22.84 -3.00 3.95
C LEU A 4 21.98 -1.91 3.33
N ASP A 5 22.39 -1.44 2.15
CA ASP A 5 21.64 -0.40 1.45
C ASP A 5 20.80 -0.99 0.32
N ARG A 6 20.31 -2.21 0.54
CA ARG A 6 19.48 -2.88 -0.45
C ARG A 6 18.02 -2.84 -0.05
N SER A 7 17.74 -3.18 1.21
CA SER A 7 16.37 -3.19 1.71
C SER A 7 15.91 -1.77 2.05
N ASN A 8 16.80 -0.98 2.63
CA ASN A 8 16.48 0.40 3.00
C ASN A 8 16.11 1.22 1.77
N ASP A 9 16.64 0.82 0.62
CA ASP A 9 16.37 1.52 -0.63
C ASP A 9 15.06 1.04 -1.25
N LYS A 10 14.71 -0.21 -0.99
CA LYS A 10 13.48 -0.80 -1.51
C LYS A 10 12.26 -0.16 -0.86
N VAL A 11 12.29 -0.07 0.47
CA VAL A 11 11.18 0.50 1.22
C VAL A 11 11.03 1.99 0.91
N TYR A 12 12.15 2.66 0.67
CA TYR A 12 12.14 4.08 0.36
C TYR A 12 11.62 4.33 -1.04
N GLU A 13 11.72 3.32 -1.89
CA GLU A 13 11.25 3.43 -3.27
C GLU A 13 9.77 3.04 -3.38
N ASN A 14 9.47 1.80 -3.00
CA ASN A 14 8.10 1.30 -3.06
C ASN A 14 7.14 2.26 -2.36
N VAL A 15 7.58 2.80 -1.23
CA VAL A 15 6.76 3.73 -0.46
C VAL A 15 6.27 4.88 -1.33
N THR A 16 7.02 5.17 -2.39
CA THR A 16 6.67 6.25 -3.31
C THR A 16 5.93 5.72 -4.53
N GLY A 17 6.47 4.67 -5.14
CA GLY A 17 5.85 4.08 -6.31
C GLY A 17 4.36 3.81 -6.10
N LEU A 18 4.05 3.01 -5.08
CA LEU A 18 2.66 2.66 -4.78
C LEU A 18 1.80 3.92 -4.68
N VAL A 19 2.37 4.97 -4.08
CA VAL A 19 1.65 6.23 -3.92
C VAL A 19 1.41 6.90 -5.27
N LYS A 20 2.47 7.03 -6.07
CA LYS A 20 2.37 7.64 -7.38
C LYS A 20 1.25 7.00 -8.20
N ALA A 21 1.01 5.72 -7.95
CA ALA A 21 -0.02 4.98 -8.67
C ALA A 21 -1.41 5.47 -8.26
N VAL A 22 -1.65 5.54 -6.95
CA VAL A 22 -2.94 5.99 -6.43
C VAL A 22 -3.34 7.33 -7.03
N ILE A 23 -2.34 8.13 -7.39
CA ILE A 23 -2.58 9.44 -7.97
C ILE A 23 -2.98 9.33 -9.44
N GLU A 24 -2.12 8.67 -10.22
CA GLU A 24 -2.38 8.49 -11.65
C GLU A 24 -3.78 7.91 -11.88
N MET A 25 -4.04 6.76 -11.27
CA MET A 25 -5.34 6.11 -11.40
C MET A 25 -6.47 7.04 -10.98
N SER A 26 -6.25 7.77 -9.88
CA SER A 26 -7.25 8.70 -9.36
C SER A 26 -7.59 9.76 -10.40
N SER A 27 -6.69 9.96 -11.35
CA SER A 27 -6.89 10.95 -12.40
C SER A 27 -7.85 10.42 -13.48
N LYS A 28 -7.49 9.29 -14.07
CA LYS A 28 -8.32 8.67 -15.10
C LYS A 28 -9.23 7.60 -14.51
N ILE A 29 -9.57 7.75 -13.23
CA ILE A 29 -10.43 6.80 -12.55
C ILE A 29 -11.82 6.77 -13.18
N GLN A 30 -12.31 7.94 -13.57
CA GLN A 30 -13.63 8.04 -14.19
C GLN A 30 -13.71 7.21 -15.46
N PRO A 31 -12.86 7.54 -16.44
CA PRO A 31 -12.82 6.83 -17.72
C PRO A 31 -12.25 5.42 -17.58
N ALA A 32 -11.75 5.11 -16.39
CA ALA A 32 -11.18 3.79 -16.12
C ALA A 32 -12.09 2.68 -16.63
N PRO A 33 -11.69 2.04 -17.74
CA PRO A 33 -12.47 0.95 -18.35
C PRO A 33 -12.46 -0.31 -17.50
N PRO A 34 -13.33 -1.26 -17.85
CA PRO A 34 -13.45 -2.54 -17.13
C PRO A 34 -12.23 -3.43 -17.34
N GLU A 35 -11.47 -3.16 -18.39
CA GLU A 35 -10.28 -3.95 -18.70
C GLU A 35 -9.07 -3.40 -17.95
N GLU A 36 -9.16 -2.14 -17.53
CA GLU A 36 -8.07 -1.50 -16.80
C GLU A 36 -8.21 -1.73 -15.30
N TYR A 37 -9.33 -2.30 -14.90
CA TYR A 37 -9.58 -2.58 -13.49
C TYR A 37 -8.82 -3.82 -13.02
N VAL A 38 -8.54 -4.72 -13.96
CA VAL A 38 -7.81 -5.94 -13.65
C VAL A 38 -6.43 -5.64 -13.09
N PRO A 39 -5.63 -4.90 -13.87
CA PRO A 39 -4.27 -4.53 -13.47
C PRO A 39 -4.25 -3.51 -12.34
N MET A 40 -5.23 -2.61 -12.34
CA MET A 40 -5.34 -1.58 -11.32
C MET A 40 -5.29 -2.21 -9.92
N VAL A 41 -6.21 -3.14 -9.66
CA VAL A 41 -6.27 -3.81 -8.37
C VAL A 41 -4.94 -4.45 -8.01
N LYS A 42 -4.32 -5.11 -9.00
CA LYS A 42 -3.03 -5.76 -8.79
C LYS A 42 -1.98 -4.76 -8.34
N GLU A 43 -2.10 -3.53 -8.81
CA GLU A 43 -1.16 -2.47 -8.45
C GLU A 43 -1.20 -2.20 -6.95
N VAL A 44 -2.37 -1.83 -6.45
CA VAL A 44 -2.55 -1.54 -5.03
C VAL A 44 -2.36 -2.80 -4.19
N GLY A 45 -2.99 -3.89 -4.62
CA GLY A 45 -2.88 -5.14 -3.89
C GLY A 45 -1.44 -5.56 -3.67
N LEU A 46 -0.59 -5.26 -4.63
CA LEU A 46 0.82 -5.60 -4.53
C LEU A 46 1.54 -4.73 -3.51
N ALA A 47 1.17 -3.46 -3.48
CA ALA A 47 1.78 -2.52 -2.53
C ALA A 47 1.38 -2.84 -1.10
N LEU A 48 0.11 -3.20 -0.92
CA LEU A 48 -0.40 -3.55 0.41
C LEU A 48 0.30 -4.78 0.97
N ARG A 49 0.19 -5.89 0.24
CA ARG A 49 0.82 -7.14 0.66
C ARG A 49 2.32 -6.96 0.85
N THR A 50 2.97 -6.36 -0.13
CA THR A 50 4.41 -6.13 -0.06
C THR A 50 4.77 -5.22 1.10
N LEU A 51 3.94 -4.21 1.34
CA LEU A 51 4.17 -3.28 2.44
C LEU A 51 4.40 -4.02 3.76
N LEU A 52 3.57 -5.03 4.01
CA LEU A 52 3.69 -5.82 5.23
C LEU A 52 5.11 -6.32 5.42
N ALA A 53 5.69 -6.88 4.36
CA ALA A 53 7.05 -7.40 4.42
C ALA A 53 8.07 -6.26 4.43
N THR A 54 7.80 -5.23 3.63
CA THR A 54 8.69 -4.07 3.56
C THR A 54 8.88 -3.42 4.92
N VAL A 55 7.77 -2.95 5.50
CA VAL A 55 7.81 -2.31 6.81
C VAL A 55 8.46 -3.21 7.85
N ASP A 56 8.20 -4.51 7.74
CA ASP A 56 8.75 -5.48 8.67
C ASP A 56 10.28 -5.39 8.70
N GLU A 57 10.87 -5.14 7.54
CA GLU A 57 12.33 -5.03 7.43
C GLU A 57 12.79 -3.63 7.81
N SER A 58 11.87 -2.68 7.77
CA SER A 58 12.20 -1.30 8.11
C SER A 58 12.39 -1.13 9.61
N LEU A 59 11.79 -2.02 10.38
CA LEU A 59 11.90 -1.98 11.84
C LEU A 59 13.35 -1.89 12.27
N PRO A 60 14.15 -2.90 11.90
CA PRO A 60 15.58 -2.95 12.24
C PRO A 60 16.39 -1.90 11.48
N VAL A 61 16.10 -1.76 10.20
CA VAL A 61 16.80 -0.78 9.36
C VAL A 61 16.81 0.60 10.02
N LEU A 62 15.73 0.93 10.71
CA LEU A 62 15.61 2.22 11.39
C LEU A 62 15.82 2.06 12.89
N PRO A 63 16.17 3.18 13.54
CA PRO A 63 16.40 3.20 14.99
C PRO A 63 15.12 3.02 15.79
N ALA A 64 15.20 2.21 16.85
CA ALA A 64 14.04 1.95 17.69
C ALA A 64 13.53 3.23 18.34
N SER A 65 12.34 3.66 17.96
CA SER A 65 11.74 4.87 18.50
C SER A 65 10.42 5.18 17.80
N THR A 66 10.34 4.83 16.52
CA THR A 66 9.13 5.08 15.74
C THR A 66 8.55 3.78 15.19
N HIS A 67 8.44 2.78 16.06
CA HIS A 67 7.91 1.48 15.66
C HIS A 67 6.54 1.25 16.30
N ARG A 68 6.20 2.06 17.28
CA ARG A 68 4.91 1.94 17.97
C ARG A 68 3.77 1.92 16.96
N GLU A 69 3.49 3.07 16.37
CA GLU A 69 2.41 3.19 15.40
C GLU A 69 2.62 2.22 14.23
N ILE A 70 3.85 2.12 13.76
CA ILE A 70 4.19 1.22 12.67
C ILE A 70 3.72 -0.20 12.96
N GLU A 71 3.90 -0.64 14.20
CA GLU A 71 3.51 -1.98 14.61
C GLU A 71 2.00 -2.17 14.43
N MET A 72 1.21 -1.24 14.95
CA MET A 72 -0.23 -1.31 14.85
C MET A 72 -0.69 -1.08 13.41
N ALA A 73 0.14 -0.39 12.64
CA ALA A 73 -0.17 -0.11 11.24
C ALA A 73 -0.22 -1.39 10.41
N GLN A 74 0.65 -2.34 10.76
CA GLN A 74 0.71 -3.61 10.05
C GLN A 74 -0.67 -4.26 9.98
N LYS A 75 -1.28 -4.47 11.14
CA LYS A 75 -2.61 -5.09 11.20
C LYS A 75 -3.63 -4.26 10.40
N LEU A 76 -3.57 -2.95 10.55
CA LEU A 76 -4.48 -2.06 9.85
C LEU A 76 -4.40 -2.28 8.35
N LEU A 77 -3.18 -2.40 7.83
CA LEU A 77 -2.96 -2.62 6.41
C LEU A 77 -3.75 -3.84 5.92
N ASN A 78 -3.64 -4.93 6.67
CA ASN A 78 -4.33 -6.17 6.32
C ASN A 78 -5.81 -5.92 6.08
N SER A 79 -6.51 -5.51 7.13
CA SER A 79 -7.95 -5.24 7.03
C SER A 79 -8.23 -4.25 5.90
N ASP A 80 -7.44 -3.20 5.82
CA ASP A 80 -7.60 -2.19 4.78
C ASP A 80 -7.55 -2.83 3.39
N LEU A 81 -6.56 -3.69 3.18
CA LEU A 81 -6.40 -4.36 1.88
C LEU A 81 -7.70 -5.03 1.46
N ALA A 82 -8.20 -5.92 2.30
CA ALA A 82 -9.44 -6.64 2.01
C ALA A 82 -10.56 -5.66 1.63
N GLU A 83 -10.80 -4.69 2.52
CA GLU A 83 -11.85 -3.70 2.28
C GLU A 83 -11.61 -2.96 0.96
N LEU A 84 -10.34 -2.76 0.62
CA LEU A 84 -9.99 -2.08 -0.62
C LEU A 84 -10.31 -2.94 -1.83
N ILE A 85 -9.74 -4.13 -1.88
CA ILE A 85 -9.98 -5.05 -3.00
C ILE A 85 -11.47 -5.27 -3.22
N ASN A 86 -12.24 -5.21 -2.13
CA ASN A 86 -13.69 -5.39 -2.22
C ASN A 86 -14.33 -4.30 -3.06
N LYS A 87 -14.08 -3.04 -2.71
CA LYS A 87 -14.62 -1.91 -3.43
C LYS A 87 -14.33 -2.02 -4.92
N MET A 88 -13.07 -2.27 -5.25
CA MET A 88 -12.65 -2.40 -6.64
C MET A 88 -13.32 -3.61 -7.30
N LYS A 89 -13.33 -4.73 -6.58
CA LYS A 89 -13.94 -5.96 -7.10
C LYS A 89 -15.43 -5.75 -7.36
N LEU A 90 -16.03 -4.79 -6.66
CA LEU A 90 -17.44 -4.49 -6.84
C LEU A 90 -17.69 -3.72 -8.13
N ALA A 91 -16.95 -2.63 -8.29
CA ALA A 91 -17.08 -1.79 -9.49
C ALA A 91 -16.90 -2.63 -10.76
N GLN A 92 -16.16 -3.72 -10.64
CA GLN A 92 -15.91 -4.59 -11.79
C GLN A 92 -17.20 -5.29 -12.22
N GLN A 93 -18.07 -5.56 -11.27
CA GLN A 93 -19.35 -6.22 -11.56
C GLN A 93 -20.48 -5.20 -11.67
N TYR A 94 -20.29 -4.05 -11.04
CA TYR A 94 -21.30 -2.99 -11.07
C TYR A 94 -21.00 -1.99 -12.16
N VAL A 95 -20.47 -2.47 -13.28
CA VAL A 95 -20.14 -1.62 -14.41
C VAL A 95 -21.13 -1.81 -15.56
N MET A 96 -21.58 -3.05 -15.74
CA MET A 96 -22.53 -3.37 -16.80
C MET A 96 -23.93 -2.89 -16.44
N THR A 97 -24.15 -2.62 -15.15
CA THR A 97 -25.44 -2.15 -14.67
C THR A 97 -25.58 -0.65 -14.86
N SER A 98 -24.92 0.12 -14.01
CA SER A 98 -24.98 1.58 -14.08
C SER A 98 -24.16 2.21 -12.95
N LEU A 99 -24.13 1.55 -11.82
CA LEU A 99 -23.38 2.04 -10.66
C LEU A 99 -21.88 1.83 -10.85
N GLN A 100 -21.30 2.57 -11.80
CA GLN A 100 -19.88 2.46 -12.08
C GLN A 100 -19.10 3.55 -11.34
N GLN A 101 -19.21 4.78 -11.82
CA GLN A 101 -18.51 5.90 -11.21
C GLN A 101 -18.79 5.96 -9.72
N GLU A 102 -20.03 5.66 -9.33
CA GLU A 102 -20.42 5.69 -7.93
C GLU A 102 -19.46 4.87 -7.08
N TYR A 103 -19.37 3.58 -7.38
CA TYR A 103 -18.48 2.68 -6.64
C TYR A 103 -17.06 3.23 -6.60
N LYS A 104 -16.70 3.98 -7.64
CA LYS A 104 -15.37 4.56 -7.74
C LYS A 104 -15.21 5.72 -6.76
N LYS A 105 -16.29 6.46 -6.56
CA LYS A 105 -16.28 7.60 -5.65
C LYS A 105 -15.93 7.16 -4.22
N GLN A 106 -16.79 6.34 -3.64
CA GLN A 106 -16.58 5.85 -2.29
C GLN A 106 -15.20 5.21 -2.16
N MET A 107 -14.78 4.49 -3.19
CA MET A 107 -13.47 3.84 -3.19
C MET A 107 -12.35 4.86 -3.09
N LEU A 108 -12.46 5.92 -3.89
CA LEU A 108 -11.46 6.98 -3.89
C LEU A 108 -11.17 7.48 -2.47
N THR A 109 -12.24 7.66 -1.70
CA THR A 109 -12.11 8.13 -0.33
C THR A 109 -11.25 7.18 0.51
N ALA A 110 -11.72 5.94 0.64
CA ALA A 110 -10.99 4.93 1.41
C ALA A 110 -9.56 4.78 0.90
N ALA A 111 -9.42 4.64 -0.41
CA ALA A 111 -8.11 4.49 -1.03
C ALA A 111 -7.21 5.68 -0.72
N HIS A 112 -7.81 6.87 -0.70
CA HIS A 112 -7.06 8.09 -0.41
C HIS A 112 -6.28 7.96 0.90
N ALA A 113 -6.99 7.63 1.97
CA ALA A 113 -6.36 7.48 3.28
C ALA A 113 -5.41 6.29 3.29
N LEU A 114 -5.70 5.30 2.46
CA LEU A 114 -4.87 4.11 2.37
C LEU A 114 -3.47 4.44 1.86
N ALA A 115 -3.41 4.96 0.63
CA ALA A 115 -2.14 5.33 0.02
C ALA A 115 -1.34 6.25 0.94
N VAL A 116 -2.02 7.24 1.52
CA VAL A 116 -1.37 8.19 2.41
C VAL A 116 -0.63 7.47 3.53
N ASP A 117 -1.21 6.38 4.02
CA ASP A 117 -0.60 5.60 5.08
C ASP A 117 0.74 5.02 4.64
N ALA A 118 0.72 4.26 3.55
CA ALA A 118 1.94 3.66 3.02
C ALA A 118 3.04 4.68 2.85
N LYS A 119 2.65 5.92 2.52
CA LYS A 119 3.60 7.00 2.34
C LYS A 119 4.07 7.55 3.68
N ASN A 120 3.12 7.80 4.57
CA ASN A 120 3.43 8.33 5.90
C ASN A 120 4.34 7.38 6.67
N LEU A 121 4.34 6.12 6.26
CA LEU A 121 5.17 5.11 6.91
C LEU A 121 6.60 5.59 7.06
N LEU A 122 7.32 5.66 5.94
CA LEU A 122 8.72 6.10 5.94
C LEU A 122 8.80 7.60 6.20
N ASP A 123 7.77 8.32 5.79
CA ASP A 123 7.73 9.78 5.98
C ASP A 123 7.85 10.13 7.46
N VAL A 124 7.11 9.41 8.30
CA VAL A 124 7.14 9.65 9.74
C VAL A 124 8.50 9.30 10.33
N ILE A 125 8.91 8.05 10.18
CA ILE A 125 10.18 7.59 10.69
C ILE A 125 11.33 8.42 10.13
N ASP A 126 11.08 9.09 9.01
CA ASP A 126 12.09 9.92 8.37
C ASP A 126 12.72 10.88 9.38
N GLN A 127 11.90 11.36 10.32
CA GLN A 127 12.38 12.28 11.34
C GLN A 127 13.54 11.68 12.13
N ALA A 128 13.49 10.36 12.32
CA ALA A 128 14.54 9.67 13.06
C ALA A 128 15.83 9.58 12.24
N ARG A 129 15.67 9.29 10.95
CA ARG A 129 16.82 9.16 10.06
C ARG A 129 17.73 10.38 10.17
N LEU A 130 17.12 11.57 10.13
CA LEU A 130 17.89 12.82 10.23
C LEU A 130 18.53 12.95 11.60
N LYS A 131 17.77 12.64 12.64
CA LYS A 131 18.27 12.73 14.02
C LYS A 131 19.52 11.88 14.19
N MET A 132 19.64 10.84 13.36
CA MET A 132 20.80 9.95 13.43
C MET A 132 22.02 10.60 12.78
N ILE A 133 21.81 11.21 11.61
CA ILE A 133 22.89 11.86 10.89
C ILE A 133 23.65 12.83 11.79
N SER A 134 22.92 13.80 12.34
CA SER A 134 23.53 14.79 13.22
C SER A 134 23.72 14.23 14.63
N GLN A 135 24.52 13.17 14.73
CA GLN A 135 24.79 12.54 16.02
C GLN A 135 25.74 11.36 15.86
N SER A 136 25.32 10.36 15.09
CA SER A 136 26.15 9.18 14.87
C SER A 136 25.50 8.26 13.83
N ARG A 137 26.30 7.80 12.87
CA ARG A 137 25.82 6.92 11.83
C ARG A 137 25.48 5.54 12.38
N PRO A 138 24.67 4.78 11.64
CA PRO A 138 24.25 3.44 12.04
C PRO A 138 25.40 2.43 11.98
N HIS A 139 25.08 1.16 12.16
CA HIS A 139 26.08 0.10 12.13
C HIS A 139 25.96 -0.73 10.85
N SER A 166 -3.49 -16.80 9.25
CA SER A 166 -4.56 -15.86 9.57
C SER A 166 -4.54 -14.68 8.61
N ALA A 167 -3.57 -13.78 8.80
CA ALA A 167 -3.44 -12.61 7.95
C ALA A 167 -3.02 -13.00 6.53
N THR A 168 -1.88 -13.65 6.42
CA THR A 168 -1.37 -14.07 5.12
C THR A 168 -2.41 -14.85 4.34
N ARG A 169 -3.28 -15.55 5.07
CA ARG A 169 -4.34 -16.34 4.44
C ARG A 169 -5.26 -15.45 3.61
N GLU A 170 -5.84 -14.44 4.25
CA GLU A 170 -6.74 -13.52 3.55
C GLU A 170 -6.09 -12.97 2.29
N LEU A 171 -4.81 -12.62 2.40
CA LEU A 171 -4.06 -12.08 1.26
C LEU A 171 -4.09 -13.04 0.08
N ASP A 172 -3.87 -14.31 0.36
CA ASP A 172 -3.88 -15.33 -0.69
C ASP A 172 -5.29 -15.57 -1.21
N GLU A 173 -6.26 -15.57 -0.30
CA GLU A 173 -7.66 -15.79 -0.67
C GLU A 173 -8.09 -14.78 -1.73
N LEU A 174 -7.97 -13.50 -1.41
CA LEU A 174 -8.35 -12.44 -2.34
C LEU A 174 -7.62 -12.58 -3.67
N MET A 175 -6.34 -12.98 -3.61
CA MET A 175 -5.54 -13.16 -4.80
C MET A 175 -6.19 -14.16 -5.76
N ALA A 176 -6.80 -15.19 -5.18
CA ALA A 176 -7.46 -16.22 -5.98
C ALA A 176 -8.68 -15.65 -6.71
N SER A 177 -9.46 -14.85 -5.99
CA SER A 177 -10.66 -14.24 -6.55
C SER A 177 -10.30 -13.28 -7.69
N LEU A 178 -9.15 -12.63 -7.55
CA LEU A 178 -8.69 -11.68 -8.56
C LEU A 178 -8.03 -12.40 -9.73
N SER A 179 -7.49 -13.59 -9.45
CA SER A 179 -6.82 -14.37 -10.48
C SER A 179 -7.82 -14.89 -11.50
N ASP A 180 -8.85 -15.59 -11.03
CA ASP A 180 -9.88 -16.13 -11.90
C ASP A 180 -11.13 -16.46 -11.11
N MET A 1 24.94 -12.11 -1.44
CA MET A 1 25.19 -10.76 -1.94
C MET A 1 25.97 -9.95 -0.91
N ALA A 2 26.80 -9.02 -1.40
CA ALA A 2 27.61 -8.18 -0.53
C ALA A 2 27.15 -6.73 -0.60
N ASN A 3 25.88 -6.50 -0.27
CA ASN A 3 25.31 -5.16 -0.30
C ASN A 3 23.92 -5.13 0.33
N LEU A 4 23.78 -4.36 1.40
CA LEU A 4 22.50 -4.26 2.11
C LEU A 4 21.78 -2.98 1.72
N ASP A 5 22.06 -2.48 0.52
CA ASP A 5 21.43 -1.26 0.03
C ASP A 5 20.36 -1.58 -1.02
N ARG A 6 19.77 -2.76 -0.92
CA ARG A 6 18.74 -3.20 -1.85
C ARG A 6 17.35 -3.05 -1.24
N SER A 7 17.20 -3.56 -0.02
CA SER A 7 15.92 -3.49 0.68
C SER A 7 15.67 -2.09 1.22
N ASN A 8 16.74 -1.40 1.60
CA ASN A 8 16.64 -0.05 2.15
C ASN A 8 16.19 0.93 1.06
N ASP A 9 16.62 0.68 -0.16
CA ASP A 9 16.26 1.54 -1.29
C ASP A 9 14.96 1.08 -1.93
N LYS A 10 14.67 -0.21 -1.81
CA LYS A 10 13.45 -0.77 -2.38
C LYS A 10 12.22 -0.28 -1.62
N VAL A 11 12.33 -0.22 -0.30
CA VAL A 11 11.23 0.24 0.53
C VAL A 11 10.92 1.70 0.28
N TYR A 12 11.96 2.50 0.04
CA TYR A 12 11.79 3.93 -0.21
C TYR A 12 11.23 4.16 -1.61
N GLU A 13 11.39 3.18 -2.49
CA GLU A 13 10.89 3.28 -3.85
C GLU A 13 9.40 3.00 -3.91
N ASN A 14 9.00 1.86 -3.37
CA ASN A 14 7.59 1.48 -3.36
C ASN A 14 6.72 2.58 -2.78
N VAL A 15 7.23 3.23 -1.72
CA VAL A 15 6.50 4.31 -1.08
C VAL A 15 6.14 5.41 -2.07
N THR A 16 6.88 5.48 -3.17
CA THR A 16 6.64 6.48 -4.21
C THR A 16 5.69 5.94 -5.27
N GLY A 17 5.98 4.74 -5.77
CA GLY A 17 5.14 4.14 -6.78
C GLY A 17 3.67 4.18 -6.42
N LEU A 18 3.35 3.72 -5.23
CA LEU A 18 1.96 3.69 -4.77
C LEU A 18 1.35 5.09 -4.82
N VAL A 19 2.16 6.09 -4.49
CA VAL A 19 1.70 7.48 -4.51
C VAL A 19 1.31 7.91 -5.91
N LYS A 20 2.24 7.80 -6.85
CA LYS A 20 1.99 8.18 -8.24
C LYS A 20 0.85 7.36 -8.82
N ALA A 21 0.61 6.19 -8.25
CA ALA A 21 -0.45 5.31 -8.72
C ALA A 21 -1.82 5.93 -8.50
N VAL A 22 -2.10 6.34 -7.26
CA VAL A 22 -3.37 6.96 -6.91
C VAL A 22 -3.63 8.19 -7.78
N ILE A 23 -2.56 8.76 -8.32
CA ILE A 23 -2.68 9.94 -9.17
C ILE A 23 -3.15 9.57 -10.56
N GLU A 24 -2.37 8.73 -11.25
CA GLU A 24 -2.72 8.30 -12.59
C GLU A 24 -4.15 7.74 -12.64
N MET A 25 -4.43 6.79 -11.76
CA MET A 25 -5.74 6.16 -11.69
C MET A 25 -6.83 7.21 -11.48
N SER A 26 -6.59 8.11 -10.52
CA SER A 26 -7.55 9.17 -10.22
C SER A 26 -7.79 10.05 -11.43
N SER A 27 -6.87 10.01 -12.39
CA SER A 27 -6.99 10.81 -13.61
C SER A 27 -8.05 10.23 -14.54
N LYS A 28 -7.86 8.98 -14.93
CA LYS A 28 -8.81 8.32 -15.82
C LYS A 28 -9.72 7.39 -15.03
N ILE A 29 -9.95 7.71 -13.77
CA ILE A 29 -10.81 6.90 -12.91
C ILE A 29 -12.23 6.84 -13.47
N GLN A 30 -12.72 7.97 -13.98
CA GLN A 30 -14.06 8.04 -14.53
C GLN A 30 -14.20 7.11 -15.73
N PRO A 31 -13.40 7.37 -16.77
CA PRO A 31 -13.41 6.56 -18.00
C PRO A 31 -12.84 5.17 -17.79
N ALA A 32 -12.29 4.94 -16.60
CA ALA A 32 -11.71 3.64 -16.26
C ALA A 32 -12.67 2.50 -16.65
N PRO A 33 -12.32 1.78 -17.71
CA PRO A 33 -13.13 0.65 -18.20
C PRO A 33 -13.09 -0.54 -17.26
N PRO A 34 -13.99 -1.51 -17.49
CA PRO A 34 -14.08 -2.73 -16.68
C PRO A 34 -12.87 -3.64 -16.87
N GLU A 35 -12.16 -3.46 -17.98
CA GLU A 35 -10.99 -4.28 -18.29
C GLU A 35 -9.74 -3.70 -17.64
N GLU A 36 -9.82 -2.42 -17.26
CA GLU A 36 -8.69 -1.75 -16.64
C GLU A 36 -8.73 -1.91 -15.12
N TYR A 37 -9.88 -2.35 -14.61
CA TYR A 37 -10.05 -2.56 -13.18
C TYR A 37 -9.37 -3.85 -12.72
N VAL A 38 -9.28 -4.82 -13.63
CA VAL A 38 -8.65 -6.09 -13.32
C VAL A 38 -7.19 -5.91 -12.94
N PRO A 39 -6.40 -5.31 -13.85
CA PRO A 39 -4.98 -5.05 -13.63
C PRO A 39 -4.74 -3.99 -12.56
N MET A 40 -5.58 -2.96 -12.56
CA MET A 40 -5.45 -1.88 -11.59
C MET A 40 -5.38 -2.42 -10.17
N VAL A 41 -6.36 -3.25 -9.81
CA VAL A 41 -6.41 -3.84 -8.47
C VAL A 41 -5.10 -4.55 -8.14
N LYS A 42 -4.55 -5.26 -9.12
CA LYS A 42 -3.30 -5.99 -8.93
C LYS A 42 -2.17 -5.04 -8.53
N GLU A 43 -2.27 -3.80 -9.00
CA GLU A 43 -1.26 -2.79 -8.68
C GLU A 43 -1.30 -2.42 -7.21
N VAL A 44 -2.46 -2.01 -6.73
CA VAL A 44 -2.65 -1.62 -5.33
C VAL A 44 -2.47 -2.82 -4.42
N GLY A 45 -3.10 -3.94 -4.78
CA GLY A 45 -3.00 -5.14 -3.96
C GLY A 45 -1.57 -5.56 -3.72
N LEU A 46 -0.70 -5.31 -4.70
CA LEU A 46 0.71 -5.66 -4.59
C LEU A 46 1.44 -4.73 -3.63
N ALA A 47 1.05 -3.46 -3.65
CA ALA A 47 1.67 -2.47 -2.77
C ALA A 47 1.44 -2.82 -1.31
N LEU A 48 0.18 -3.06 -0.95
CA LEU A 48 -0.17 -3.40 0.43
C LEU A 48 0.46 -4.74 0.83
N ARG A 49 0.21 -5.77 0.02
CA ARG A 49 0.76 -7.09 0.29
C ARG A 49 2.28 -7.04 0.44
N THR A 50 2.96 -6.49 -0.56
CA THR A 50 4.40 -6.38 -0.54
C THR A 50 4.87 -5.51 0.62
N LEU A 51 4.11 -4.46 0.91
CA LEU A 51 4.46 -3.54 2.00
C LEU A 51 4.70 -4.31 3.29
N LEU A 52 3.87 -5.32 3.54
CA LEU A 52 3.99 -6.14 4.75
C LEU A 52 5.42 -6.66 4.90
N ALA A 53 5.94 -7.25 3.84
CA ALA A 53 7.30 -7.79 3.85
C ALA A 53 8.34 -6.68 3.80
N THR A 54 8.11 -5.71 2.92
CA THR A 54 9.03 -4.59 2.76
C THR A 54 9.30 -3.92 4.11
N VAL A 55 8.24 -3.43 4.75
CA VAL A 55 8.37 -2.77 6.04
C VAL A 55 8.96 -3.71 7.08
N ASP A 56 8.65 -5.00 6.96
CA ASP A 56 9.16 -6.00 7.89
C ASP A 56 10.68 -5.98 7.95
N GLU A 57 11.30 -5.67 6.82
CA GLU A 57 12.75 -5.61 6.74
C GLU A 57 13.27 -4.22 7.10
N SER A 58 12.38 -3.23 7.04
CA SER A 58 12.73 -1.85 7.36
C SER A 58 12.93 -1.68 8.86
N LEU A 59 12.30 -2.55 9.64
CA LEU A 59 12.41 -2.49 11.10
C LEU A 59 13.87 -2.43 11.54
N PRO A 60 14.63 -3.48 11.18
CA PRO A 60 16.06 -3.56 11.52
C PRO A 60 16.90 -2.56 10.75
N VAL A 61 16.63 -2.42 9.46
CA VAL A 61 17.36 -1.49 8.61
C VAL A 61 17.41 -0.10 9.24
N LEU A 62 16.31 0.29 9.88
CA LEU A 62 16.22 1.60 10.52
C LEU A 62 16.35 1.48 12.03
N PRO A 63 16.72 2.58 12.68
CA PRO A 63 16.88 2.63 14.14
C PRO A 63 15.55 2.51 14.88
N ALA A 64 15.52 1.65 15.89
CA ALA A 64 14.30 1.45 16.68
C ALA A 64 13.77 2.76 17.22
N SER A 65 12.50 3.04 16.93
CA SER A 65 11.87 4.28 17.38
C SER A 65 10.43 4.37 16.89
N THR A 66 10.18 3.82 15.71
CA THR A 66 8.84 3.83 15.12
C THR A 66 8.26 2.43 15.06
N HIS A 67 8.71 1.57 15.96
CA HIS A 67 8.22 0.19 16.01
C HIS A 67 6.70 0.15 16.15
N ARG A 68 6.18 0.93 17.10
CA ARG A 68 4.74 0.98 17.34
C ARG A 68 3.98 1.25 16.04
N GLU A 69 4.30 2.36 15.39
CA GLU A 69 3.64 2.73 14.14
C GLU A 69 3.69 1.58 13.14
N ILE A 70 4.90 1.11 12.85
CA ILE A 70 5.09 0.00 11.92
C ILE A 70 4.24 -1.20 12.30
N GLU A 71 4.12 -1.45 13.60
CA GLU A 71 3.33 -2.57 14.10
C GLU A 71 1.87 -2.43 13.68
N MET A 72 1.28 -1.27 13.95
CA MET A 72 -0.11 -1.02 13.59
C MET A 72 -0.26 -0.86 12.09
N ALA A 73 0.83 -0.51 11.42
CA ALA A 73 0.82 -0.33 9.97
C ALA A 73 0.54 -1.64 9.25
N GLN A 74 1.10 -2.73 9.77
CA GLN A 74 0.91 -4.05 9.18
C GLN A 74 -0.57 -4.45 9.21
N LYS A 75 -1.11 -4.59 10.41
CA LYS A 75 -2.51 -4.96 10.58
C LYS A 75 -3.43 -4.05 9.76
N LEU A 76 -3.13 -2.76 9.78
CA LEU A 76 -3.91 -1.78 9.04
C LEU A 76 -4.04 -2.18 7.57
N LEU A 77 -2.90 -2.46 6.94
CA LEU A 77 -2.88 -2.85 5.54
C LEU A 77 -3.85 -4.00 5.29
N ASN A 78 -3.85 -4.98 6.20
CA ASN A 78 -4.73 -6.14 6.07
C ASN A 78 -6.17 -5.70 5.84
N SER A 79 -6.76 -5.04 6.83
CA SER A 79 -8.13 -4.57 6.74
C SER A 79 -8.34 -3.76 5.46
N ASP A 80 -7.41 -2.86 5.19
CA ASP A 80 -7.48 -2.01 4.00
C ASP A 80 -7.65 -2.85 2.74
N LEU A 81 -6.83 -3.89 2.63
CA LEU A 81 -6.88 -4.78 1.47
C LEU A 81 -8.30 -5.27 1.22
N ALA A 82 -8.84 -6.03 2.17
CA ALA A 82 -10.20 -6.56 2.05
C ALA A 82 -11.19 -5.44 1.72
N GLU A 83 -10.96 -4.26 2.30
CA GLU A 83 -11.84 -3.12 2.06
C GLU A 83 -11.79 -2.69 0.60
N LEU A 84 -10.58 -2.52 0.08
CA LEU A 84 -10.39 -2.11 -1.31
C LEU A 84 -10.91 -3.18 -2.27
N ILE A 85 -10.36 -4.38 -2.15
CA ILE A 85 -10.77 -5.49 -3.01
C ILE A 85 -12.28 -5.68 -2.99
N ASN A 86 -12.89 -5.39 -1.84
CA ASN A 86 -14.33 -5.53 -1.69
C ASN A 86 -15.07 -4.64 -2.68
N LYS A 87 -14.75 -3.35 -2.66
CA LYS A 87 -15.38 -2.39 -3.56
C LYS A 87 -15.30 -2.86 -5.01
N MET A 88 -14.16 -3.46 -5.36
CA MET A 88 -13.96 -3.96 -6.72
C MET A 88 -15.06 -4.93 -7.11
N LYS A 89 -15.33 -5.90 -6.25
CA LYS A 89 -16.36 -6.89 -6.51
C LYS A 89 -17.71 -6.22 -6.77
N LEU A 90 -17.97 -5.14 -6.05
CA LEU A 90 -19.22 -4.41 -6.21
C LEU A 90 -19.30 -3.75 -7.59
N ALA A 91 -18.44 -2.79 -7.83
CA ALA A 91 -18.41 -2.09 -9.11
C ALA A 91 -18.32 -3.08 -10.27
N GLN A 92 -17.50 -4.11 -10.10
CA GLN A 92 -17.33 -5.12 -11.14
C GLN A 92 -18.66 -5.76 -11.50
N GLN A 93 -19.59 -5.75 -10.56
CA GLN A 93 -20.91 -6.33 -10.78
C GLN A 93 -21.92 -5.26 -11.17
N TYR A 94 -21.71 -4.04 -10.67
CA TYR A 94 -22.60 -2.93 -10.95
C TYR A 94 -22.01 -2.04 -12.04
N VAL A 95 -21.33 -2.65 -13.00
CA VAL A 95 -20.72 -1.90 -14.10
C VAL A 95 -21.47 -2.15 -15.40
N MET A 96 -22.02 -3.34 -15.55
CA MET A 96 -22.77 -3.70 -16.76
C MET A 96 -24.02 -2.84 -16.89
N THR A 97 -24.53 -2.36 -15.76
CA THR A 97 -25.72 -1.52 -15.76
C THR A 97 -25.40 -0.09 -16.18
N SER A 98 -24.76 0.66 -15.29
CA SER A 98 -24.39 2.03 -15.58
C SER A 98 -23.73 2.69 -14.37
N LEU A 99 -24.10 2.21 -13.18
CA LEU A 99 -23.53 2.75 -11.94
C LEU A 99 -22.11 2.24 -11.72
N GLN A 100 -21.23 2.56 -12.66
CA GLN A 100 -19.83 2.14 -12.57
C GLN A 100 -18.97 3.25 -11.98
N GLN A 101 -19.06 4.44 -12.56
CA GLN A 101 -18.29 5.58 -12.09
C GLN A 101 -18.57 5.87 -10.62
N GLU A 102 -19.83 5.73 -10.23
CA GLU A 102 -20.24 5.98 -8.85
C GLU A 102 -19.41 5.15 -7.88
N TYR A 103 -19.47 3.83 -8.01
CA TYR A 103 -18.71 2.93 -7.15
C TYR A 103 -17.24 3.30 -7.13
N LYS A 104 -16.77 3.86 -8.23
CA LYS A 104 -15.37 4.26 -8.35
C LYS A 104 -15.09 5.52 -7.51
N LYS A 105 -16.07 6.41 -7.46
CA LYS A 105 -15.94 7.65 -6.69
C LYS A 105 -15.65 7.35 -5.23
N GLN A 106 -16.50 6.55 -4.61
CA GLN A 106 -16.33 6.18 -3.21
C GLN A 106 -14.99 5.47 -2.99
N MET A 107 -14.63 4.61 -3.93
CA MET A 107 -13.38 3.87 -3.84
C MET A 107 -12.18 4.82 -3.84
N LEU A 108 -12.23 5.84 -4.69
CA LEU A 108 -11.16 6.82 -4.78
C LEU A 108 -10.86 7.44 -3.41
N THR A 109 -11.90 7.91 -2.75
CA THR A 109 -11.75 8.52 -1.42
C THR A 109 -10.97 7.60 -0.49
N ALA A 110 -11.47 6.38 -0.32
CA ALA A 110 -10.82 5.41 0.55
C ALA A 110 -9.36 5.20 0.16
N ALA A 111 -9.13 5.01 -1.14
CA ALA A 111 -7.79 4.80 -1.65
C ALA A 111 -6.88 5.99 -1.34
N HIS A 112 -7.46 7.19 -1.36
CA HIS A 112 -6.71 8.41 -1.08
C HIS A 112 -6.05 8.33 0.29
N ALA A 113 -6.85 8.17 1.33
CA ALA A 113 -6.34 8.08 2.69
C ALA A 113 -5.32 6.96 2.82
N LEU A 114 -5.62 5.83 2.20
CA LEU A 114 -4.73 4.67 2.24
C LEU A 114 -3.33 5.03 1.73
N ALA A 115 -3.29 5.65 0.55
CA ALA A 115 -2.02 6.05 -0.05
C ALA A 115 -1.18 6.85 0.93
N VAL A 116 -1.83 7.73 1.69
CA VAL A 116 -1.15 8.56 2.66
C VAL A 116 -0.42 7.71 3.70
N ASP A 117 -1.10 6.64 4.15
CA ASP A 117 -0.52 5.75 5.14
C ASP A 117 0.82 5.19 4.66
N ALA A 118 0.81 4.54 3.51
CA ALA A 118 2.03 3.96 2.94
C ALA A 118 3.14 5.00 2.87
N LYS A 119 2.76 6.26 2.69
CA LYS A 119 3.72 7.35 2.61
C LYS A 119 4.30 7.68 3.99
N ASN A 120 3.42 7.74 4.98
CA ASN A 120 3.83 8.06 6.35
C ASN A 120 4.80 7.00 6.87
N LEU A 121 4.82 5.84 6.22
CA LEU A 121 5.70 4.76 6.62
C LEU A 121 7.14 5.25 6.78
N LEU A 122 7.78 5.55 5.66
CA LEU A 122 9.16 6.03 5.66
C LEU A 122 9.22 7.46 6.19
N ASP A 123 8.14 8.20 6.00
CA ASP A 123 8.08 9.59 6.45
C ASP A 123 8.31 9.68 7.96
N VAL A 124 7.69 8.78 8.71
CA VAL A 124 7.82 8.76 10.16
C VAL A 124 9.20 8.23 10.57
N ILE A 125 9.48 7.00 10.19
CA ILE A 125 10.76 6.37 10.52
C ILE A 125 11.93 7.27 10.12
N ASP A 126 11.71 8.10 9.10
CA ASP A 126 12.73 9.01 8.62
C ASP A 126 13.25 9.90 9.75
N GLN A 127 12.36 10.22 10.69
CA GLN A 127 12.72 11.07 11.82
C GLN A 127 13.70 10.34 12.75
N ALA A 128 13.65 9.02 12.72
CA ALA A 128 14.53 8.20 13.55
C ALA A 128 15.96 8.21 13.03
N ARG A 129 16.11 7.82 11.77
CA ARG A 129 17.44 7.78 11.14
C ARG A 129 18.15 9.12 11.29
N LEU A 130 17.40 10.20 11.08
CA LEU A 130 17.96 11.55 11.20
C LEU A 130 18.22 11.92 12.65
N LYS A 131 17.34 11.45 13.54
CA LYS A 131 17.47 11.72 14.96
C LYS A 131 18.83 11.25 15.48
N MET A 132 19.38 10.21 14.86
CA MET A 132 20.66 9.67 15.26
C MET A 132 21.81 10.41 14.56
N ILE A 133 21.77 10.43 13.24
CA ILE A 133 22.79 11.10 12.45
C ILE A 133 22.97 12.55 12.90
N SER A 134 21.89 13.32 12.83
CA SER A 134 21.91 14.73 13.22
C SER A 134 21.90 14.86 14.74
N GLN A 135 22.98 14.42 15.38
CA GLN A 135 23.08 14.49 16.83
C GLN A 135 24.45 13.98 17.30
N SER A 136 24.75 12.72 16.97
CA SER A 136 26.01 12.11 17.37
C SER A 136 26.19 10.75 16.71
N ARG A 137 27.41 10.44 16.31
CA ARG A 137 27.71 9.16 15.67
C ARG A 137 28.68 8.34 16.51
N PRO A 138 28.20 7.84 17.66
CA PRO A 138 29.01 7.04 18.58
C PRO A 138 29.34 5.66 18.00
N HIS A 139 30.25 4.95 18.66
CA HIS A 139 30.65 3.63 18.22
C HIS A 139 29.59 2.59 18.57
N SER A 166 -4.95 -16.69 9.84
CA SER A 166 -3.87 -15.72 10.04
C SER A 166 -3.98 -14.59 9.03
N ALA A 167 -3.00 -13.68 9.06
CA ALA A 167 -2.99 -12.55 8.14
C ALA A 167 -2.64 -13.00 6.73
N THR A 168 -1.51 -13.67 6.58
CA THR A 168 -1.07 -14.16 5.28
C THR A 168 -2.16 -14.96 4.59
N ARG A 169 -3.00 -15.62 5.39
CA ARG A 169 -4.09 -16.42 4.86
C ARG A 169 -5.01 -15.58 3.97
N GLU A 170 -5.48 -14.46 4.53
CA GLU A 170 -6.37 -13.57 3.79
C GLU A 170 -5.70 -13.05 2.53
N LEU A 171 -4.49 -12.51 2.68
CA LEU A 171 -3.74 -11.98 1.54
C LEU A 171 -3.64 -13.01 0.43
N ASP A 172 -3.35 -14.26 0.80
CA ASP A 172 -3.22 -15.33 -0.18
C ASP A 172 -4.59 -15.69 -0.78
N GLU A 173 -5.58 -15.82 0.09
CA GLU A 173 -6.93 -16.15 -0.36
C GLU A 173 -7.43 -15.15 -1.39
N LEU A 174 -7.44 -13.87 -1.02
CA LEU A 174 -7.89 -12.82 -1.91
C LEU A 174 -7.17 -12.88 -3.25
N MET A 175 -5.88 -13.21 -3.21
CA MET A 175 -5.07 -13.32 -4.41
C MET A 175 -5.73 -14.25 -5.42
N ALA A 176 -6.14 -15.43 -4.96
CA ALA A 176 -6.79 -16.41 -5.81
C ALA A 176 -8.15 -15.91 -6.29
N SER A 177 -8.90 -15.31 -5.38
CA SER A 177 -10.23 -14.79 -5.70
C SER A 177 -10.16 -13.77 -6.82
N LEU A 178 -9.04 -13.06 -6.89
CA LEU A 178 -8.84 -12.04 -7.92
C LEU A 178 -8.33 -12.67 -9.22
N SER A 179 -7.61 -13.78 -9.09
CA SER A 179 -7.06 -14.47 -10.25
C SER A 179 -8.17 -15.09 -11.09
N ASP A 180 -9.12 -15.74 -10.41
CA ASP A 180 -10.24 -16.38 -11.09
C ASP A 180 -9.76 -17.41 -12.10
N MET A 1 27.17 -13.62 -0.14
CA MET A 1 26.82 -12.58 0.82
C MET A 1 27.15 -11.19 0.27
N ALA A 2 26.62 -10.16 0.93
CA ALA A 2 26.86 -8.79 0.50
C ALA A 2 26.47 -7.80 1.59
N ASN A 3 26.73 -6.51 1.34
CA ASN A 3 26.40 -5.47 2.31
C ASN A 3 24.92 -5.52 2.69
N LEU A 4 24.60 -4.91 3.82
CA LEU A 4 23.22 -4.88 4.31
C LEU A 4 22.56 -3.54 3.99
N ASP A 5 23.03 -2.88 2.95
CA ASP A 5 22.49 -1.59 2.54
C ASP A 5 21.62 -1.73 1.30
N ARG A 6 21.00 -2.90 1.14
CA ARG A 6 20.15 -3.17 -0.01
C ARG A 6 18.68 -3.07 0.38
N SER A 7 18.32 -3.74 1.48
CA SER A 7 16.94 -3.74 1.96
C SER A 7 16.59 -2.41 2.63
N ASN A 8 17.61 -1.79 3.23
CA ASN A 8 17.41 -0.51 3.92
C ASN A 8 16.99 0.57 2.93
N ASP A 9 17.50 0.49 1.70
CA ASP A 9 17.17 1.46 0.67
C ASP A 9 15.97 0.99 -0.16
N LYS A 10 15.79 -0.32 -0.24
CA LYS A 10 14.69 -0.91 -1.00
C LYS A 10 13.35 -0.62 -0.32
N VAL A 11 13.35 -0.69 1.02
CA VAL A 11 12.14 -0.44 1.79
C VAL A 11 11.65 0.99 1.58
N TYR A 12 12.58 1.93 1.49
CA TYR A 12 12.25 3.34 1.30
C TYR A 12 11.72 3.58 -0.10
N GLU A 13 12.00 2.65 -1.01
CA GLU A 13 11.55 2.77 -2.39
C GLU A 13 10.09 2.34 -2.53
N ASN A 14 9.79 1.12 -2.10
CA ASN A 14 8.43 0.59 -2.16
C ASN A 14 7.45 1.55 -1.50
N VAL A 15 7.82 2.06 -0.34
CA VAL A 15 6.97 2.99 0.39
C VAL A 15 6.61 4.21 -0.45
N THR A 16 7.44 4.48 -1.46
CA THR A 16 7.22 5.61 -2.35
C THR A 16 6.46 5.19 -3.59
N GLY A 17 6.92 4.11 -4.23
CA GLY A 17 6.27 3.63 -5.44
C GLY A 17 4.77 3.50 -5.26
N LEU A 18 4.35 2.83 -4.19
CA LEU A 18 2.93 2.63 -3.92
C LEU A 18 2.18 3.96 -3.97
N VAL A 19 2.84 5.02 -3.50
CA VAL A 19 2.23 6.35 -3.49
C VAL A 19 1.84 6.79 -4.90
N LYS A 20 2.82 6.77 -5.80
CA LYS A 20 2.58 7.17 -7.19
C LYS A 20 1.47 6.32 -7.81
N ALA A 21 1.25 5.14 -7.27
CA ALA A 21 0.22 4.24 -7.77
C ALA A 21 -1.17 4.83 -7.55
N VAL A 22 -1.45 5.22 -6.32
CA VAL A 22 -2.75 5.80 -5.98
C VAL A 22 -3.05 7.02 -6.84
N ILE A 23 -2.00 7.63 -7.37
CA ILE A 23 -2.15 8.81 -8.22
C ILE A 23 -2.59 8.42 -9.63
N GLU A 24 -1.90 7.46 -10.22
CA GLU A 24 -2.23 6.99 -11.56
C GLU A 24 -3.71 6.64 -11.67
N MET A 25 -4.14 5.67 -10.86
CA MET A 25 -5.54 5.25 -10.87
C MET A 25 -6.47 6.43 -10.60
N SER A 26 -6.13 7.22 -9.60
CA SER A 26 -6.93 8.38 -9.23
C SER A 26 -7.04 9.36 -10.40
N SER A 27 -6.11 9.25 -11.34
CA SER A 27 -6.08 10.12 -12.51
C SER A 27 -7.19 9.74 -13.49
N LYS A 28 -7.13 8.51 -13.98
CA LYS A 28 -8.13 8.02 -14.93
C LYS A 28 -9.17 7.14 -14.23
N ILE A 29 -9.41 7.43 -12.96
CA ILE A 29 -10.38 6.67 -12.18
C ILE A 29 -11.78 6.76 -12.80
N GLN A 30 -12.14 7.95 -13.26
CA GLN A 30 -13.44 8.16 -13.87
C GLN A 30 -13.60 7.31 -15.13
N PRO A 31 -12.73 7.53 -16.12
CA PRO A 31 -12.76 6.79 -17.38
C PRO A 31 -12.33 5.34 -17.20
N ALA A 32 -11.86 5.01 -16.01
CA ALA A 32 -11.42 3.64 -15.71
C ALA A 32 -12.45 2.62 -16.19
N PRO A 33 -12.13 1.91 -17.27
CA PRO A 33 -13.00 0.89 -17.85
C PRO A 33 -13.12 -0.35 -16.96
N PRO A 34 -14.08 -1.22 -17.28
CA PRO A 34 -14.31 -2.46 -16.53
C PRO A 34 -13.19 -3.47 -16.71
N GLU A 35 -12.42 -3.31 -17.78
CA GLU A 35 -11.31 -4.21 -18.07
C GLU A 35 -10.04 -3.77 -17.34
N GLU A 36 -10.02 -2.51 -16.91
CA GLU A 36 -8.88 -1.96 -16.19
C GLU A 36 -9.00 -2.19 -14.70
N TYR A 37 -10.14 -2.75 -14.28
CA TYR A 37 -10.39 -3.02 -12.88
C TYR A 37 -9.60 -4.25 -12.40
N VAL A 38 -9.40 -5.20 -13.32
CA VAL A 38 -8.67 -6.42 -13.00
C VAL A 38 -7.24 -6.10 -12.56
N PRO A 39 -6.49 -5.41 -13.44
CA PRO A 39 -5.10 -5.04 -13.17
C PRO A 39 -4.99 -3.97 -12.08
N MET A 40 -6.01 -3.12 -12.00
CA MET A 40 -6.02 -2.06 -11.00
C MET A 40 -5.76 -2.61 -9.61
N VAL A 41 -6.55 -3.60 -9.20
CA VAL A 41 -6.39 -4.21 -7.89
C VAL A 41 -4.99 -4.80 -7.72
N LYS A 42 -4.44 -5.33 -8.81
CA LYS A 42 -3.12 -5.93 -8.78
C LYS A 42 -2.08 -4.94 -8.26
N GLU A 43 -2.25 -3.66 -8.64
CA GLU A 43 -1.33 -2.62 -8.20
C GLU A 43 -1.49 -2.34 -6.71
N VAL A 44 -2.73 -2.16 -6.28
CA VAL A 44 -3.02 -1.89 -4.87
C VAL A 44 -2.55 -3.04 -3.99
N GLY A 45 -2.86 -4.26 -4.40
CA GLY A 45 -2.46 -5.42 -3.63
C GLY A 45 -0.95 -5.55 -3.50
N LEU A 46 -0.23 -5.10 -4.51
CA LEU A 46 1.22 -5.17 -4.51
C LEU A 46 1.80 -4.32 -3.39
N ALA A 47 1.31 -3.09 -3.27
CA ALA A 47 1.78 -2.17 -2.23
C ALA A 47 1.47 -2.73 -0.84
N LEU A 48 0.27 -3.26 -0.67
CA LEU A 48 -0.14 -3.82 0.61
C LEU A 48 0.70 -5.04 0.97
N ARG A 49 0.73 -6.02 0.08
CA ARG A 49 1.51 -7.23 0.29
C ARG A 49 2.99 -6.91 0.50
N THR A 50 3.54 -6.10 -0.41
CA THR A 50 4.94 -5.72 -0.33
C THR A 50 5.22 -4.92 0.94
N LEU A 51 4.27 -4.08 1.33
CA LEU A 51 4.42 -3.27 2.53
C LEU A 51 4.81 -4.13 3.73
N LEU A 52 4.07 -5.22 3.94
CA LEU A 52 4.35 -6.12 5.05
C LEU A 52 5.81 -6.55 5.06
N ALA A 53 6.33 -6.88 3.89
CA ALA A 53 7.72 -7.31 3.76
C ALA A 53 8.67 -6.14 3.99
N THR A 54 8.41 -5.02 3.33
CA THR A 54 9.25 -3.84 3.47
C THR A 54 9.34 -3.41 4.92
N VAL A 55 8.20 -3.07 5.52
CA VAL A 55 8.16 -2.64 6.91
C VAL A 55 8.81 -3.67 7.83
N ASP A 56 8.66 -4.94 7.47
CA ASP A 56 9.23 -6.03 8.26
C ASP A 56 10.74 -5.86 8.41
N GLU A 57 11.39 -5.41 7.34
CA GLU A 57 12.83 -5.20 7.35
C GLU A 57 13.18 -3.84 7.95
N SER A 58 12.19 -2.94 7.98
CA SER A 58 12.40 -1.60 8.52
C SER A 58 12.50 -1.64 10.04
N LEU A 59 11.92 -2.67 10.64
CA LEU A 59 11.93 -2.81 12.09
C LEU A 59 13.36 -2.70 12.63
N PRO A 60 14.23 -3.62 12.18
CA PRO A 60 15.63 -3.63 12.60
C PRO A 60 16.42 -2.46 12.04
N VAL A 61 16.24 -2.18 10.76
CA VAL A 61 16.93 -1.08 10.11
C VAL A 61 16.76 0.22 10.88
N LEU A 62 15.61 0.37 11.53
CA LEU A 62 15.33 1.57 12.31
C LEU A 62 15.46 1.28 13.81
N PRO A 63 15.64 2.34 14.61
CA PRO A 63 15.78 2.23 16.06
C PRO A 63 14.46 1.84 16.74
N ALA A 64 14.55 0.90 17.68
CA ALA A 64 13.37 0.44 18.40
C ALA A 64 12.70 1.59 19.16
N SER A 65 11.49 1.95 18.73
CA SER A 65 10.75 3.03 19.38
C SER A 65 9.43 3.29 18.65
N THR A 66 9.44 3.08 17.34
CA THR A 66 8.24 3.30 16.53
C THR A 66 7.77 1.99 15.90
N HIS A 67 7.77 0.92 16.69
CA HIS A 67 7.35 -0.39 16.22
C HIS A 67 5.90 -0.67 16.62
N ARG A 68 5.57 -0.37 17.88
CA ARG A 68 4.23 -0.60 18.39
C ARG A 68 3.18 0.03 17.47
N GLU A 69 3.39 1.29 17.12
CA GLU A 69 2.47 2.01 16.25
C GLU A 69 2.36 1.32 14.89
N ILE A 70 3.49 1.14 14.24
CA ILE A 70 3.54 0.49 12.93
C ILE A 70 2.85 -0.86 12.97
N GLU A 71 3.00 -1.57 14.09
CA GLU A 71 2.39 -2.89 14.26
C GLU A 71 0.88 -2.81 14.10
N MET A 72 0.28 -1.79 14.69
CA MET A 72 -1.17 -1.60 14.63
C MET A 72 -1.59 -1.17 13.22
N ALA A 73 -0.70 -0.47 12.53
CA ALA A 73 -0.98 0.01 11.18
C ALA A 73 -1.08 -1.16 10.20
N GLN A 74 -0.27 -2.18 10.43
CA GLN A 74 -0.27 -3.36 9.56
C GLN A 74 -1.65 -4.01 9.51
N LYS A 75 -2.15 -4.40 10.69
CA LYS A 75 -3.45 -5.03 10.79
C LYS A 75 -4.51 -4.19 10.10
N LEU A 76 -4.47 -2.89 10.33
CA LEU A 76 -5.44 -1.96 9.73
C LEU A 76 -5.46 -2.12 8.21
N LEU A 77 -4.27 -2.18 7.61
CA LEU A 77 -4.15 -2.33 6.16
C LEU A 77 -4.93 -3.55 5.68
N ASN A 78 -4.81 -4.65 6.40
CA ASN A 78 -5.50 -5.88 6.05
C ASN A 78 -7.00 -5.63 5.88
N SER A 79 -7.64 -5.16 6.95
CA SER A 79 -9.07 -4.88 6.92
C SER A 79 -9.43 -3.98 5.73
N ASP A 80 -8.70 -2.88 5.60
CA ASP A 80 -8.94 -1.94 4.51
C ASP A 80 -8.84 -2.63 3.15
N LEU A 81 -7.79 -3.42 2.98
CA LEU A 81 -7.58 -4.15 1.73
C LEU A 81 -8.83 -4.93 1.34
N ALA A 82 -9.26 -5.83 2.23
CA ALA A 82 -10.45 -6.63 1.98
C ALA A 82 -11.63 -5.77 1.57
N GLU A 83 -11.72 -4.58 2.16
CA GLU A 83 -12.81 -3.66 1.85
C GLU A 83 -12.74 -3.19 0.41
N LEU A 84 -11.53 -2.91 -0.06
CA LEU A 84 -11.32 -2.45 -1.42
C LEU A 84 -11.68 -3.53 -2.43
N ILE A 85 -11.20 -4.74 -2.18
CA ILE A 85 -11.48 -5.88 -3.05
C ILE A 85 -12.98 -6.08 -3.24
N ASN A 86 -13.72 -5.87 -2.16
CA ASN A 86 -15.18 -6.03 -2.19
C ASN A 86 -15.81 -5.04 -3.18
N LYS A 87 -15.53 -3.76 -2.99
CA LYS A 87 -16.06 -2.72 -3.86
C LYS A 87 -15.78 -3.05 -5.32
N MET A 88 -14.56 -3.47 -5.61
CA MET A 88 -14.17 -3.83 -6.98
C MET A 88 -15.10 -4.88 -7.55
N LYS A 89 -15.39 -5.91 -6.77
CA LYS A 89 -16.28 -6.98 -7.21
C LYS A 89 -17.67 -6.44 -7.53
N LEU A 90 -18.03 -5.34 -6.88
CA LEU A 90 -19.34 -4.73 -7.10
C LEU A 90 -19.37 -3.96 -8.41
N ALA A 91 -18.48 -2.97 -8.53
CA ALA A 91 -18.40 -2.16 -9.75
C ALA A 91 -18.28 -3.03 -10.99
N GLN A 92 -17.69 -4.21 -10.82
CA GLN A 92 -17.52 -5.15 -11.93
C GLN A 92 -18.87 -5.64 -12.44
N GLN A 93 -19.81 -5.83 -11.53
CA GLN A 93 -21.14 -6.30 -11.89
C GLN A 93 -22.09 -5.13 -12.11
N TYR A 94 -21.77 -3.99 -11.50
CA TYR A 94 -22.60 -2.80 -11.62
C TYR A 94 -22.06 -1.87 -12.72
N VAL A 95 -21.43 -2.47 -13.72
CA VAL A 95 -20.87 -1.70 -14.83
C VAL A 95 -21.75 -1.84 -16.08
N MET A 96 -22.35 -3.01 -16.25
CA MET A 96 -23.21 -3.27 -17.40
C MET A 96 -24.45 -2.37 -17.37
N THR A 97 -24.71 -1.77 -16.21
CA THR A 97 -25.86 -0.88 -16.06
C THR A 97 -25.50 0.55 -16.44
N SER A 98 -24.78 1.24 -15.56
CA SER A 98 -24.37 2.61 -15.81
C SER A 98 -23.61 3.18 -14.61
N LEU A 99 -23.97 2.72 -13.42
CA LEU A 99 -23.32 3.17 -12.20
C LEU A 99 -21.94 2.54 -12.04
N GLN A 100 -21.07 2.82 -13.01
CA GLN A 100 -19.71 2.28 -12.98
C GLN A 100 -18.73 3.30 -12.40
N GLN A 101 -18.75 4.51 -12.94
CA GLN A 101 -17.87 5.57 -12.47
C GLN A 101 -18.08 5.85 -10.99
N GLU A 102 -19.34 5.79 -10.56
CA GLU A 102 -19.68 6.03 -9.16
C GLU A 102 -18.88 5.11 -8.23
N TYR A 103 -19.06 3.81 -8.40
CA TYR A 103 -18.36 2.83 -7.57
C TYR A 103 -16.86 3.07 -7.61
N LYS A 104 -16.35 3.44 -8.78
CA LYS A 104 -14.92 3.70 -8.95
C LYS A 104 -14.51 4.95 -8.17
N LYS A 105 -15.39 5.94 -8.13
CA LYS A 105 -15.13 7.18 -7.41
C LYS A 105 -14.88 6.91 -5.93
N GLN A 106 -15.91 6.42 -5.25
CA GLN A 106 -15.80 6.12 -3.82
C GLN A 106 -14.57 5.26 -3.53
N MET A 107 -14.20 4.43 -4.50
CA MET A 107 -13.03 3.56 -4.35
C MET A 107 -11.75 4.38 -4.19
N LEU A 108 -11.52 5.29 -5.12
CA LEU A 108 -10.34 6.14 -5.07
C LEU A 108 -10.20 6.82 -3.71
N THR A 109 -11.33 7.23 -3.14
CA THR A 109 -11.33 7.88 -1.84
C THR A 109 -10.68 7.01 -0.78
N ALA A 110 -11.15 5.77 -0.66
CA ALA A 110 -10.62 4.84 0.32
C ALA A 110 -9.13 4.59 0.07
N ALA A 111 -8.80 4.25 -1.17
CA ALA A 111 -7.41 3.98 -1.54
C ALA A 111 -6.53 5.20 -1.30
N HIS A 112 -7.13 6.39 -1.36
CA HIS A 112 -6.41 7.62 -1.15
C HIS A 112 -5.86 7.70 0.28
N ALA A 113 -6.76 7.76 1.25
CA ALA A 113 -6.36 7.84 2.65
C ALA A 113 -5.46 6.67 3.03
N LEU A 114 -5.81 5.48 2.55
CA LEU A 114 -5.04 4.28 2.83
C LEU A 114 -3.62 4.39 2.27
N ALA A 115 -3.53 4.75 0.99
CA ALA A 115 -2.24 4.89 0.34
C ALA A 115 -1.31 5.80 1.13
N VAL A 116 -1.85 6.97 1.53
CA VAL A 116 -1.07 7.93 2.30
C VAL A 116 -0.46 7.28 3.54
N ASP A 117 -1.24 6.43 4.21
CA ASP A 117 -0.77 5.75 5.41
C ASP A 117 0.53 5.00 5.13
N ALA A 118 0.50 4.13 4.12
CA ALA A 118 1.68 3.36 3.75
C ALA A 118 2.90 4.25 3.58
N LYS A 119 2.68 5.45 3.05
CA LYS A 119 3.75 6.41 2.83
C LYS A 119 4.21 7.03 4.15
N ASN A 120 3.24 7.41 4.97
CA ASN A 120 3.54 8.02 6.27
C ASN A 120 4.35 7.07 7.15
N LEU A 121 4.30 5.79 6.80
CA LEU A 121 5.02 4.77 7.56
C LEU A 121 6.48 5.16 7.77
N LEU A 122 7.24 5.22 6.68
CA LEU A 122 8.64 5.59 6.74
C LEU A 122 8.80 7.08 7.04
N ASP A 123 7.83 7.87 6.59
CA ASP A 123 7.87 9.31 6.82
C ASP A 123 7.92 9.64 8.30
N VAL A 124 7.10 8.93 9.08
CA VAL A 124 7.06 9.14 10.52
C VAL A 124 8.36 8.71 11.18
N ILE A 125 8.70 7.43 11.03
CA ILE A 125 9.93 6.89 11.61
C ILE A 125 11.14 7.68 11.15
N ASP A 126 11.01 8.35 10.01
CA ASP A 126 12.11 9.14 9.46
C ASP A 126 12.66 10.11 10.52
N GLN A 127 11.80 10.56 11.41
CA GLN A 127 12.20 11.47 12.47
C GLN A 127 13.31 10.88 13.32
N ALA A 128 13.27 9.55 13.49
CA ALA A 128 14.28 8.85 14.28
C ALA A 128 15.57 8.69 13.49
N ARG A 129 15.44 8.35 12.20
CA ARG A 129 16.60 8.15 11.35
C ARG A 129 17.54 9.35 11.41
N LEU A 130 16.99 10.54 11.16
CA LEU A 130 17.78 11.76 11.19
C LEU A 130 18.23 12.08 12.61
N LYS A 131 17.39 11.76 13.58
CA LYS A 131 17.71 12.00 14.99
C LYS A 131 19.08 11.43 15.34
N MET A 132 19.44 10.32 14.71
CA MET A 132 20.72 9.67 14.96
C MET A 132 21.82 10.30 14.10
N ILE A 133 21.52 10.53 12.84
CA ILE A 133 22.47 11.13 11.91
C ILE A 133 23.04 12.41 12.48
N SER A 134 22.17 13.36 12.79
CA SER A 134 22.59 14.64 13.33
C SER A 134 22.98 14.51 14.81
N GLN A 135 24.13 13.89 15.05
CA GLN A 135 24.62 13.70 16.41
C GLN A 135 25.97 12.99 16.40
N SER A 136 26.01 11.79 15.83
CA SER A 136 27.23 11.01 15.76
C SER A 136 27.05 9.77 14.89
N ARG A 137 27.98 9.56 13.96
CA ARG A 137 27.91 8.41 13.06
C ARG A 137 29.11 8.40 12.11
N PRO A 138 29.42 7.22 11.57
CA PRO A 138 30.54 7.04 10.65
C PRO A 138 30.28 7.69 9.30
N HIS A 139 31.24 7.56 8.38
CA HIS A 139 31.11 8.13 7.05
C HIS A 139 30.35 7.19 6.12
N SER A 166 -2.39 -15.27 10.09
CA SER A 166 -3.38 -15.44 9.04
C SER A 166 -3.43 -14.21 8.13
N ALA A 167 -2.32 -13.51 8.05
CA ALA A 167 -2.23 -12.31 7.22
C ALA A 167 -2.13 -12.68 5.75
N THR A 168 -1.12 -13.49 5.42
CA THR A 168 -0.91 -13.91 4.03
C THR A 168 -2.12 -14.68 3.50
N ARG A 169 -2.78 -15.41 4.38
CA ARG A 169 -3.95 -16.19 4.00
C ARG A 169 -5.03 -15.29 3.41
N GLU A 170 -5.46 -14.30 4.18
CA GLU A 170 -6.49 -13.36 3.72
C GLU A 170 -6.12 -12.77 2.36
N LEU A 171 -4.88 -12.35 2.22
CA LEU A 171 -4.40 -11.76 0.98
C LEU A 171 -4.47 -12.77 -0.17
N ASP A 172 -4.29 -14.04 0.17
CA ASP A 172 -4.33 -15.12 -0.81
C ASP A 172 -5.76 -15.33 -1.32
N GLU A 173 -6.72 -15.34 -0.40
CA GLU A 173 -8.12 -15.54 -0.76
C GLU A 173 -8.56 -14.50 -1.79
N LEU A 174 -8.45 -13.23 -1.42
CA LEU A 174 -8.85 -12.14 -2.32
C LEU A 174 -8.05 -12.19 -3.62
N MET A 175 -6.76 -12.50 -3.50
CA MET A 175 -5.88 -12.58 -4.65
C MET A 175 -6.40 -13.58 -5.67
N ALA A 176 -6.96 -14.68 -5.18
CA ALA A 176 -7.51 -15.72 -6.05
C ALA A 176 -8.71 -15.21 -6.82
N SER A 177 -9.59 -14.48 -6.13
CA SER A 177 -10.79 -13.93 -6.75
C SER A 177 -10.44 -13.03 -7.92
N LEU A 178 -9.29 -12.36 -7.83
CA LEU A 178 -8.84 -11.46 -8.88
C LEU A 178 -7.98 -12.20 -9.89
N SER A 179 -7.35 -13.29 -9.44
CA SER A 179 -6.49 -14.09 -10.31
C SER A 179 -7.27 -14.63 -11.49
N ASP A 180 -8.39 -15.30 -11.19
CA ASP A 180 -9.23 -15.87 -12.25
C ASP A 180 -10.71 -15.73 -11.89
N MET A 1 26.65 -11.27 2.40
CA MET A 1 27.45 -10.56 1.42
C MET A 1 26.93 -9.13 1.23
N ALA A 2 27.86 -8.20 0.99
CA ALA A 2 27.49 -6.81 0.80
C ALA A 2 26.86 -6.21 2.05
N ASN A 3 26.55 -4.92 2.00
CA ASN A 3 25.94 -4.25 3.13
C ASN A 3 24.43 -4.46 3.15
N LEU A 4 23.78 -4.00 4.22
CA LEU A 4 22.34 -4.15 4.36
C LEU A 4 21.62 -2.85 4.01
N ASP A 5 22.23 -2.05 3.14
CA ASP A 5 21.65 -0.79 2.71
C ASP A 5 21.05 -0.91 1.31
N ARG A 6 20.55 -2.08 0.98
CA ARG A 6 19.96 -2.34 -0.33
C ARG A 6 18.43 -2.33 -0.24
N SER A 7 17.90 -3.06 0.73
CA SER A 7 16.46 -3.16 0.92
C SER A 7 15.91 -1.88 1.56
N ASN A 8 16.73 -1.24 2.38
CA ASN A 8 16.34 -0.01 3.06
C ASN A 8 15.95 1.07 2.05
N ASP A 9 16.64 1.09 0.92
CA ASP A 9 16.37 2.08 -0.13
C ASP A 9 15.22 1.60 -1.02
N LYS A 10 15.06 0.28 -1.11
CA LYS A 10 14.01 -0.30 -1.94
C LYS A 10 12.63 -0.03 -1.34
N VAL A 11 12.55 -0.06 -0.01
CA VAL A 11 11.30 0.19 0.70
C VAL A 11 10.81 1.62 0.45
N TYR A 12 11.74 2.54 0.34
CA TYR A 12 11.42 3.95 0.10
C TYR A 12 10.83 4.14 -1.29
N GLU A 13 11.23 3.27 -2.22
CA GLU A 13 10.74 3.35 -3.59
C GLU A 13 9.35 2.74 -3.71
N ASN A 14 9.22 1.50 -3.25
CA ASN A 14 7.94 0.79 -3.31
C ASN A 14 6.81 1.66 -2.75
N VAL A 15 7.04 2.21 -1.56
CA VAL A 15 6.04 3.06 -0.92
C VAL A 15 5.68 4.25 -1.80
N THR A 16 6.58 4.60 -2.72
CA THR A 16 6.36 5.71 -3.63
C THR A 16 5.64 5.26 -4.89
N GLY A 17 6.13 4.18 -5.49
CA GLY A 17 5.52 3.67 -6.71
C GLY A 17 4.02 3.50 -6.57
N LEU A 18 3.60 2.72 -5.57
CA LEU A 18 2.18 2.48 -5.33
C LEU A 18 1.41 3.78 -5.27
N VAL A 19 2.02 4.80 -4.67
CA VAL A 19 1.39 6.11 -4.56
C VAL A 19 1.18 6.75 -5.92
N LYS A 20 2.16 6.58 -6.80
CA LYS A 20 2.10 7.14 -8.14
C LYS A 20 0.85 6.66 -8.88
N ALA A 21 0.53 5.38 -8.70
CA ALA A 21 -0.64 4.79 -9.34
C ALA A 21 -1.93 5.39 -8.80
N VAL A 22 -1.99 5.55 -7.47
CA VAL A 22 -3.17 6.12 -6.83
C VAL A 22 -3.55 7.45 -7.45
N ILE A 23 -2.54 8.18 -7.94
CA ILE A 23 -2.78 9.48 -8.56
C ILE A 23 -3.29 9.31 -9.99
N GLU A 24 -2.52 8.62 -10.82
CA GLU A 24 -2.89 8.40 -12.21
C GLU A 24 -4.31 7.82 -12.30
N MET A 25 -4.52 6.70 -11.62
CA MET A 25 -5.83 6.05 -11.64
C MET A 25 -6.91 7.01 -11.14
N SER A 26 -6.56 7.85 -10.17
CA SER A 26 -7.50 8.80 -9.60
C SER A 26 -7.94 9.81 -10.66
N SER A 27 -7.13 9.98 -11.69
CA SER A 27 -7.44 10.91 -12.77
C SER A 27 -8.47 10.32 -13.72
N LYS A 28 -8.18 9.13 -14.22
CA LYS A 28 -9.08 8.45 -15.15
C LYS A 28 -9.99 7.47 -14.42
N ILE A 29 -10.16 7.70 -13.12
CA ILE A 29 -11.01 6.84 -12.30
C ILE A 29 -12.45 6.82 -12.82
N GLN A 30 -12.94 7.99 -13.21
CA GLN A 30 -14.30 8.12 -13.73
C GLN A 30 -14.49 7.26 -14.98
N PRO A 31 -13.71 7.57 -16.03
CA PRO A 31 -13.77 6.84 -17.31
C PRO A 31 -13.22 5.44 -17.18
N ALA A 32 -12.63 5.12 -16.03
CA ALA A 32 -12.06 3.80 -15.79
C ALA A 32 -13.04 2.70 -16.21
N PRO A 33 -12.74 2.02 -17.33
CA PRO A 33 -13.58 0.95 -17.85
C PRO A 33 -13.52 -0.30 -16.97
N PRO A 34 -14.44 -1.25 -17.24
CA PRO A 34 -14.52 -2.50 -16.48
C PRO A 34 -13.34 -3.42 -16.76
N GLU A 35 -12.67 -3.19 -17.88
CA GLU A 35 -11.52 -4.01 -18.26
C GLU A 35 -10.24 -3.47 -17.63
N GLU A 36 -10.27 -2.21 -17.23
CA GLU A 36 -9.12 -1.58 -16.61
C GLU A 36 -9.13 -1.77 -15.10
N TYR A 37 -10.25 -2.25 -14.58
CA TYR A 37 -10.39 -2.49 -13.14
C TYR A 37 -9.68 -3.78 -12.74
N VAL A 38 -9.69 -4.77 -13.62
CA VAL A 38 -9.04 -6.04 -13.35
C VAL A 38 -7.60 -5.84 -12.90
N PRO A 39 -6.80 -5.17 -13.73
CA PRO A 39 -5.40 -4.90 -13.44
C PRO A 39 -5.23 -3.89 -12.31
N MET A 40 -6.15 -2.94 -12.23
CA MET A 40 -6.11 -1.91 -11.20
C MET A 40 -5.97 -2.54 -9.80
N VAL A 41 -6.91 -3.41 -9.46
CA VAL A 41 -6.89 -4.08 -8.17
C VAL A 41 -5.56 -4.79 -7.93
N LYS A 42 -5.02 -5.39 -8.98
CA LYS A 42 -3.75 -6.10 -8.89
C LYS A 42 -2.63 -5.17 -8.42
N GLU A 43 -2.76 -3.88 -8.77
CA GLU A 43 -1.77 -2.88 -8.37
C GLU A 43 -1.84 -2.61 -6.87
N VAL A 44 -3.04 -2.32 -6.39
CA VAL A 44 -3.24 -2.03 -4.97
C VAL A 44 -2.97 -3.27 -4.12
N GLY A 45 -3.49 -4.41 -4.55
CA GLY A 45 -3.30 -5.64 -3.81
C GLY A 45 -1.83 -5.95 -3.59
N LEU A 46 -1.00 -5.67 -4.59
CA LEU A 46 0.43 -5.92 -4.49
C LEU A 46 1.10 -4.90 -3.55
N ALA A 47 0.76 -3.64 -3.74
CA ALA A 47 1.34 -2.57 -2.92
C ALA A 47 1.00 -2.78 -1.45
N LEU A 48 -0.25 -3.13 -1.17
CA LEU A 48 -0.70 -3.36 0.20
C LEU A 48 0.02 -4.56 0.80
N ARG A 49 -0.14 -5.73 0.19
CA ARG A 49 0.49 -6.95 0.68
C ARG A 49 2.00 -6.76 0.82
N THR A 50 2.62 -6.22 -0.22
CA THR A 50 4.06 -5.99 -0.21
C THR A 50 4.45 -5.00 0.88
N LEU A 51 3.64 -3.95 1.03
CA LEU A 51 3.90 -2.93 2.04
C LEU A 51 4.12 -3.56 3.41
N LEU A 52 3.36 -4.60 3.70
CA LEU A 52 3.45 -5.30 4.97
C LEU A 52 4.85 -5.91 5.16
N ALA A 53 5.35 -6.55 4.11
CA ALA A 53 6.67 -7.16 4.16
C ALA A 53 7.77 -6.10 4.16
N THR A 54 7.65 -5.12 3.27
CA THR A 54 8.62 -4.06 3.17
C THR A 54 8.87 -3.40 4.53
N VAL A 55 7.80 -2.90 5.13
CA VAL A 55 7.88 -2.25 6.43
C VAL A 55 8.31 -3.24 7.52
N ASP A 56 7.90 -4.49 7.36
CA ASP A 56 8.24 -5.53 8.32
C ASP A 56 9.74 -5.66 8.48
N GLU A 57 10.47 -5.41 7.39
CA GLU A 57 11.92 -5.50 7.41
C GLU A 57 12.54 -4.15 7.79
N SER A 58 11.75 -3.09 7.67
CA SER A 58 12.23 -1.75 8.00
C SER A 58 12.34 -1.57 9.50
N LEU A 59 11.59 -2.37 10.26
CA LEU A 59 11.60 -2.29 11.72
C LEU A 59 13.04 -2.38 12.24
N PRO A 60 13.71 -3.50 11.95
CA PRO A 60 15.09 -3.74 12.39
C PRO A 60 16.08 -2.84 11.66
N VAL A 61 15.93 -2.73 10.34
CA VAL A 61 16.82 -1.92 9.53
C VAL A 61 16.91 -0.50 10.09
N LEU A 62 15.81 0.00 10.63
CA LEU A 62 15.77 1.34 11.21
C LEU A 62 15.79 1.28 12.74
N PRO A 63 16.19 2.39 13.36
CA PRO A 63 16.26 2.49 14.83
C PRO A 63 14.88 2.49 15.47
N ALA A 64 14.75 1.76 16.57
CA ALA A 64 13.48 1.68 17.29
C ALA A 64 12.95 3.07 17.62
N SER A 65 11.69 3.31 17.27
CA SER A 65 11.06 4.61 17.52
C SER A 65 9.63 4.63 16.99
N THR A 66 9.40 3.93 15.88
CA THR A 66 8.08 3.87 15.27
C THR A 66 7.51 2.45 15.36
N HIS A 67 7.93 1.71 16.37
CA HIS A 67 7.45 0.34 16.55
C HIS A 67 5.93 0.31 16.67
N ARG A 68 5.40 1.01 17.67
CA ARG A 68 3.96 1.05 17.89
C ARG A 68 3.23 1.44 16.61
N GLU A 69 3.65 2.53 16.00
CA GLU A 69 3.04 3.01 14.77
C GLU A 69 2.97 1.89 13.73
N ILE A 70 4.13 1.41 13.31
CA ILE A 70 4.20 0.34 12.31
C ILE A 70 3.37 -0.86 12.75
N GLU A 71 3.35 -1.13 14.06
CA GLU A 71 2.60 -2.25 14.59
C GLU A 71 1.12 -2.13 14.23
N MET A 72 0.52 -0.99 14.54
CA MET A 72 -0.89 -0.75 14.24
C MET A 72 -1.11 -0.57 12.75
N ALA A 73 -0.08 -0.08 12.07
CA ALA A 73 -0.15 0.14 10.63
C ALA A 73 -0.31 -1.17 9.87
N GLN A 74 0.45 -2.18 10.27
CA GLN A 74 0.39 -3.48 9.64
C GLN A 74 -1.05 -4.00 9.58
N LYS A 75 -1.64 -4.21 10.75
CA LYS A 75 -3.02 -4.69 10.83
C LYS A 75 -3.94 -3.84 9.98
N LEU A 76 -3.78 -2.52 10.07
CA LEU A 76 -4.61 -1.59 9.32
C LEU A 76 -4.56 -1.91 7.82
N LEU A 77 -3.35 -2.11 7.30
CA LEU A 77 -3.17 -2.42 5.89
C LEU A 77 -4.06 -3.59 5.48
N ASN A 78 -4.06 -4.64 6.29
CA ASN A 78 -4.87 -5.83 6.00
C ASN A 78 -6.33 -5.43 5.73
N SER A 79 -6.97 -4.83 6.72
CA SER A 79 -8.36 -4.42 6.60
C SER A 79 -8.56 -3.55 5.36
N ASP A 80 -7.64 -2.61 5.15
CA ASP A 80 -7.71 -1.71 4.00
C ASP A 80 -7.84 -2.52 2.70
N LEU A 81 -7.12 -3.63 2.62
CA LEU A 81 -7.16 -4.48 1.44
C LEU A 81 -8.56 -5.01 1.19
N ALA A 82 -9.11 -5.71 2.18
CA ALA A 82 -10.45 -6.26 2.07
C ALA A 82 -11.45 -5.20 1.64
N GLU A 83 -11.26 -3.98 2.11
CA GLU A 83 -12.14 -2.87 1.78
C GLU A 83 -12.08 -2.56 0.29
N LEU A 84 -10.87 -2.44 -0.24
CA LEU A 84 -10.67 -2.14 -1.65
C LEU A 84 -11.19 -3.28 -2.52
N ILE A 85 -10.71 -4.49 -2.24
CA ILE A 85 -11.13 -5.67 -3.00
C ILE A 85 -12.66 -5.78 -3.06
N ASN A 86 -13.31 -5.33 -1.99
CA ASN A 86 -14.77 -5.38 -1.92
C ASN A 86 -15.39 -4.51 -3.00
N LYS A 87 -15.00 -3.24 -3.03
CA LYS A 87 -15.52 -2.30 -4.01
C LYS A 87 -15.38 -2.85 -5.42
N MET A 88 -14.29 -3.58 -5.67
CA MET A 88 -14.05 -4.17 -6.98
C MET A 88 -15.14 -5.18 -7.33
N LYS A 89 -15.41 -6.10 -6.42
CA LYS A 89 -16.43 -7.11 -6.64
C LYS A 89 -17.79 -6.48 -6.91
N LEU A 90 -18.05 -5.37 -6.22
CA LEU A 90 -19.32 -4.67 -6.38
C LEU A 90 -19.43 -4.05 -7.78
N ALA A 91 -18.58 -3.07 -8.06
CA ALA A 91 -18.57 -2.41 -9.36
C ALA A 91 -18.39 -3.41 -10.48
N GLN A 92 -17.77 -4.55 -10.17
CA GLN A 92 -17.53 -5.58 -11.16
C GLN A 92 -18.83 -6.04 -11.80
N GLN A 93 -19.84 -6.29 -10.97
CA GLN A 93 -21.15 -6.73 -11.45
C GLN A 93 -22.11 -5.55 -11.57
N TYR A 94 -21.81 -4.48 -10.84
CA TYR A 94 -22.65 -3.29 -10.86
C TYR A 94 -22.15 -2.28 -11.89
N VAL A 95 -21.68 -2.79 -13.03
CA VAL A 95 -21.18 -1.94 -14.10
C VAL A 95 -22.06 -2.04 -15.35
N MET A 96 -22.59 -3.24 -15.58
CA MET A 96 -23.45 -3.47 -16.74
C MET A 96 -24.76 -2.71 -16.61
N THR A 97 -25.03 -2.20 -15.41
CA THR A 97 -26.25 -1.45 -15.16
C THR A 97 -26.07 0.03 -15.50
N SER A 98 -25.35 0.74 -14.63
CA SER A 98 -25.10 2.16 -14.83
C SER A 98 -24.27 2.73 -13.69
N LEU A 99 -24.46 2.18 -12.50
CA LEU A 99 -23.73 2.64 -11.32
C LEU A 99 -22.30 2.11 -11.33
N GLN A 100 -21.55 2.47 -12.36
CA GLN A 100 -20.16 2.04 -12.49
C GLN A 100 -19.20 3.11 -11.97
N GLN A 101 -19.36 4.33 -12.47
CA GLN A 101 -18.51 5.44 -12.06
C GLN A 101 -18.59 5.65 -10.55
N GLU A 102 -19.79 5.50 -10.00
CA GLU A 102 -20.00 5.68 -8.57
C GLU A 102 -19.05 4.78 -7.76
N TYR A 103 -19.20 3.47 -7.94
CA TYR A 103 -18.36 2.52 -7.23
C TYR A 103 -16.88 2.84 -7.42
N LYS A 104 -16.53 3.24 -8.63
CA LYS A 104 -15.14 3.58 -8.95
C LYS A 104 -14.69 4.81 -8.18
N LYS A 105 -15.61 5.75 -8.01
CA LYS A 105 -15.31 6.98 -7.28
C LYS A 105 -14.94 6.69 -5.83
N GLN A 106 -15.86 6.09 -5.09
CA GLN A 106 -15.63 5.75 -3.70
C GLN A 106 -14.31 4.99 -3.53
N MET A 107 -13.95 4.24 -4.56
CA MET A 107 -12.70 3.46 -4.52
C MET A 107 -11.50 4.39 -4.41
N LEU A 108 -11.41 5.35 -5.32
CA LEU A 108 -10.30 6.30 -5.31
C LEU A 108 -10.11 6.93 -3.93
N THR A 109 -11.24 7.21 -3.27
CA THR A 109 -11.20 7.81 -1.94
C THR A 109 -10.39 6.96 -0.97
N ALA A 110 -10.82 5.71 -0.78
CA ALA A 110 -10.13 4.80 0.12
C ALA A 110 -8.64 4.68 -0.25
N ALA A 111 -8.37 4.39 -1.51
CA ALA A 111 -7.00 4.26 -1.97
C ALA A 111 -6.20 5.53 -1.71
N HIS A 112 -6.88 6.67 -1.79
CA HIS A 112 -6.23 7.96 -1.57
C HIS A 112 -5.55 8.00 -0.21
N ALA A 113 -6.34 7.88 0.85
CA ALA A 113 -5.81 7.90 2.21
C ALA A 113 -4.82 6.75 2.43
N LEU A 114 -5.16 5.58 1.91
CA LEU A 114 -4.31 4.40 2.04
C LEU A 114 -2.91 4.68 1.50
N ALA A 115 -2.85 5.20 0.28
CA ALA A 115 -1.57 5.52 -0.34
C ALA A 115 -0.70 6.38 0.57
N VAL A 116 -1.31 7.41 1.15
CA VAL A 116 -0.59 8.31 2.04
C VAL A 116 0.10 7.54 3.15
N ASP A 117 -0.58 6.53 3.67
CA ASP A 117 -0.02 5.70 4.74
C ASP A 117 1.30 5.07 4.31
N ALA A 118 1.29 4.42 3.15
CA ALA A 118 2.48 3.77 2.63
C ALA A 118 3.67 4.73 2.62
N LYS A 119 3.41 5.99 2.31
CA LYS A 119 4.45 7.00 2.27
C LYS A 119 4.87 7.41 3.67
N ASN A 120 3.88 7.58 4.56
CA ASN A 120 4.15 7.97 5.94
C ASN A 120 5.03 6.94 6.64
N LEU A 121 5.05 5.72 6.09
CA LEU A 121 5.86 4.65 6.66
C LEU A 121 7.30 5.10 6.87
N LEU A 122 7.97 5.47 5.78
CA LEU A 122 9.35 5.92 5.86
C LEU A 122 9.43 7.35 6.39
N ASP A 123 8.41 8.15 6.09
CA ASP A 123 8.36 9.53 6.55
C ASP A 123 8.45 9.60 8.07
N VAL A 124 7.70 8.73 8.74
CA VAL A 124 7.69 8.70 10.20
C VAL A 124 9.00 8.14 10.74
N ILE A 125 9.30 6.89 10.41
CA ILE A 125 10.51 6.25 10.87
C ILE A 125 11.74 7.11 10.57
N ASP A 126 11.64 7.92 9.52
CA ASP A 126 12.73 8.79 9.12
C ASP A 126 13.20 9.65 10.30
N GLN A 127 12.25 10.15 11.08
CA GLN A 127 12.56 10.98 12.23
C GLN A 127 13.43 10.22 13.23
N ALA A 128 13.33 8.90 13.20
CA ALA A 128 14.11 8.05 14.10
C ALA A 128 15.58 8.01 13.70
N ARG A 129 15.83 7.76 12.42
CA ARG A 129 17.19 7.70 11.90
C ARG A 129 17.97 8.95 12.28
N LEU A 130 17.32 10.11 12.14
CA LEU A 130 17.96 11.37 12.45
C LEU A 130 18.28 11.47 13.94
N LYS A 131 17.33 11.04 14.77
CA LYS A 131 17.52 11.06 16.22
C LYS A 131 18.80 10.33 16.62
N MET A 132 19.17 9.32 15.84
CA MET A 132 20.36 8.54 16.11
C MET A 132 21.60 9.25 15.58
N ILE A 133 21.58 9.63 14.30
CA ILE A 133 22.70 10.31 13.69
C ILE A 133 23.06 11.58 14.46
N SER A 134 22.09 12.48 14.58
CA SER A 134 22.30 13.74 15.30
C SER A 134 22.31 13.52 16.81
N GLN A 135 23.37 12.89 17.30
CA GLN A 135 23.50 12.61 18.73
C GLN A 135 24.83 11.94 19.04
N SER A 136 25.07 10.78 18.41
CA SER A 136 26.31 10.05 18.62
C SER A 136 26.40 8.87 17.65
N ARG A 137 27.54 8.74 17.00
CA ARG A 137 27.77 7.66 16.05
C ARG A 137 29.18 7.75 15.45
N PRO A 138 29.67 6.60 14.95
CA PRO A 138 31.00 6.52 14.34
C PRO A 138 31.08 7.27 13.00
N HIS A 139 32.30 7.57 12.57
CA HIS A 139 32.51 8.27 11.32
C HIS A 139 31.88 7.51 10.15
N SER A 166 -2.24 -15.91 9.65
CA SER A 166 -3.64 -15.49 9.53
C SER A 166 -3.80 -14.37 8.51
N ALA A 167 -2.94 -13.36 8.63
CA ALA A 167 -2.98 -12.22 7.71
C ALA A 167 -2.56 -12.64 6.31
N THR A 168 -1.38 -13.24 6.20
CA THR A 168 -0.86 -13.69 4.92
C THR A 168 -1.87 -14.56 4.18
N ARG A 169 -2.70 -15.25 4.95
CA ARG A 169 -3.71 -16.14 4.38
C ARG A 169 -4.71 -15.36 3.54
N GLU A 170 -5.25 -14.28 4.11
CA GLU A 170 -6.21 -13.45 3.41
C GLU A 170 -5.62 -12.88 2.13
N LEU A 171 -4.36 -12.45 2.21
CA LEU A 171 -3.67 -11.88 1.06
C LEU A 171 -3.66 -12.87 -0.11
N ASP A 172 -3.28 -14.11 0.16
CA ASP A 172 -3.23 -15.15 -0.86
C ASP A 172 -4.64 -15.55 -1.29
N GLU A 173 -5.52 -15.71 -0.32
CA GLU A 173 -6.90 -16.10 -0.60
C GLU A 173 -7.58 -15.10 -1.52
N LEU A 174 -7.62 -13.84 -1.09
CA LEU A 174 -8.23 -12.78 -1.88
C LEU A 174 -7.61 -12.70 -3.26
N MET A 175 -6.31 -12.95 -3.33
CA MET A 175 -5.59 -12.91 -4.61
C MET A 175 -6.24 -13.83 -5.62
N ALA A 176 -6.54 -15.06 -5.21
CA ALA A 176 -7.17 -16.04 -6.08
C ALA A 176 -8.59 -15.62 -6.44
N SER A 177 -9.24 -14.91 -5.52
CA SER A 177 -10.61 -14.45 -5.73
C SER A 177 -10.70 -13.58 -6.99
N LEU A 178 -9.74 -12.69 -7.16
CA LEU A 178 -9.71 -11.81 -8.31
C LEU A 178 -8.99 -12.46 -9.49
N SER A 179 -8.08 -13.37 -9.18
CA SER A 179 -7.32 -14.07 -10.21
C SER A 179 -8.24 -14.92 -11.08
N ASP A 180 -9.11 -15.70 -10.43
CA ASP A 180 -10.04 -16.55 -11.14
C ASP A 180 -11.35 -16.69 -10.38
N MET A 1 27.97 -10.94 0.21
CA MET A 1 28.25 -9.95 1.25
C MET A 1 28.05 -8.54 0.71
N ALA A 2 27.49 -7.67 1.54
CA ALA A 2 27.24 -6.29 1.16
C ALA A 2 26.64 -5.49 2.30
N ASN A 3 26.59 -4.17 2.15
CA ASN A 3 26.04 -3.30 3.17
C ASN A 3 24.53 -3.48 3.29
N LEU A 4 23.91 -2.71 4.18
CA LEU A 4 22.48 -2.79 4.39
C LEU A 4 21.75 -1.70 3.60
N ASP A 5 22.28 -1.36 2.43
CA ASP A 5 21.69 -0.33 1.58
C ASP A 5 20.97 -0.96 0.39
N ARG A 6 20.50 -2.19 0.57
CA ARG A 6 19.80 -2.91 -0.49
C ARG A 6 18.30 -2.87 -0.26
N SER A 7 17.86 -3.35 0.89
CA SER A 7 16.44 -3.37 1.22
C SER A 7 15.96 -1.99 1.63
N ASN A 8 16.85 -1.20 2.21
CA ASN A 8 16.51 0.15 2.65
C ASN A 8 16.02 1.00 1.48
N ASP A 9 16.56 0.73 0.29
CA ASP A 9 16.17 1.46 -0.91
C ASP A 9 14.99 0.79 -1.60
N LYS A 10 14.88 -0.52 -1.40
CA LYS A 10 13.80 -1.29 -2.01
C LYS A 10 12.45 -0.93 -1.38
N VAL A 11 12.40 -0.94 -0.04
CA VAL A 11 11.19 -0.62 0.68
C VAL A 11 10.80 0.83 0.47
N TYR A 12 11.79 1.70 0.33
CA TYR A 12 11.56 3.11 0.12
C TYR A 12 11.05 3.39 -1.30
N GLU A 13 11.25 2.42 -2.18
CA GLU A 13 10.82 2.55 -3.57
C GLU A 13 9.36 2.13 -3.72
N ASN A 14 9.05 0.93 -3.26
CA ASN A 14 7.69 0.40 -3.35
C ASN A 14 6.69 1.39 -2.74
N VAL A 15 7.04 1.94 -1.58
CA VAL A 15 6.17 2.90 -0.90
C VAL A 15 5.86 4.09 -1.79
N THR A 16 6.69 4.31 -2.81
CA THR A 16 6.51 5.41 -3.73
C THR A 16 5.65 4.99 -4.92
N GLY A 17 6.00 3.86 -5.52
CA GLY A 17 5.26 3.35 -6.66
C GLY A 17 3.76 3.35 -6.43
N LEU A 18 3.35 2.76 -5.32
CA LEU A 18 1.93 2.69 -4.98
C LEU A 18 1.31 4.09 -4.91
N VAL A 19 2.10 5.06 -4.45
CA VAL A 19 1.63 6.44 -4.35
C VAL A 19 1.37 7.04 -5.73
N LYS A 20 2.40 7.03 -6.57
CA LYS A 20 2.29 7.58 -7.92
C LYS A 20 1.17 6.87 -8.69
N ALA A 21 0.86 5.64 -8.29
CA ALA A 21 -0.18 4.87 -8.95
C ALA A 21 -1.57 5.41 -8.59
N VAL A 22 -1.76 5.71 -7.31
CA VAL A 22 -3.04 6.24 -6.84
C VAL A 22 -3.39 7.55 -7.53
N ILE A 23 -2.37 8.23 -8.03
CA ILE A 23 -2.57 9.50 -8.72
C ILE A 23 -3.09 9.29 -10.14
N GLU A 24 -2.32 8.54 -10.93
CA GLU A 24 -2.70 8.24 -12.31
C GLU A 24 -4.12 7.70 -12.38
N MET A 25 -4.38 6.62 -11.63
CA MET A 25 -5.70 6.00 -11.61
C MET A 25 -6.76 7.01 -11.18
N SER A 26 -6.43 7.84 -10.21
CA SER A 26 -7.36 8.85 -9.70
C SER A 26 -7.74 9.84 -10.80
N SER A 27 -6.88 9.93 -11.82
CA SER A 27 -7.12 10.83 -12.93
C SER A 27 -8.21 10.29 -13.86
N LYS A 28 -7.99 9.08 -14.35
CA LYS A 28 -8.95 8.43 -15.25
C LYS A 28 -9.84 7.46 -14.49
N ILE A 29 -10.01 7.70 -13.20
CA ILE A 29 -10.84 6.85 -12.35
C ILE A 29 -12.28 6.82 -12.85
N GLN A 30 -12.77 7.98 -13.29
CA GLN A 30 -14.13 8.09 -13.80
C GLN A 30 -14.32 7.22 -15.04
N PRO A 31 -13.56 7.54 -16.10
CA PRO A 31 -13.63 6.80 -17.37
C PRO A 31 -13.07 5.40 -17.26
N ALA A 32 -12.47 5.09 -16.11
CA ALA A 32 -11.89 3.77 -15.88
C ALA A 32 -12.86 2.67 -16.28
N PRO A 33 -12.56 2.01 -17.41
CA PRO A 33 -13.39 0.92 -17.94
C PRO A 33 -13.32 -0.33 -17.07
N PRO A 34 -14.22 -1.29 -17.34
CA PRO A 34 -14.29 -2.55 -16.60
C PRO A 34 -13.10 -3.45 -16.89
N GLU A 35 -12.42 -3.20 -18.01
CA GLU A 35 -11.27 -4.00 -18.40
C GLU A 35 -9.99 -3.45 -17.77
N GLU A 36 -10.04 -2.18 -17.36
CA GLU A 36 -8.88 -1.54 -16.73
C GLU A 36 -8.91 -1.73 -15.22
N TYR A 37 -10.01 -2.28 -14.72
CA TYR A 37 -10.16 -2.51 -13.29
C TYR A 37 -9.38 -3.75 -12.85
N VAL A 38 -9.28 -4.73 -13.75
CA VAL A 38 -8.56 -5.97 -13.46
C VAL A 38 -7.15 -5.67 -12.98
N PRO A 39 -6.38 -4.96 -13.81
CA PRO A 39 -5.00 -4.60 -13.50
C PRO A 39 -4.91 -3.57 -12.38
N MET A 40 -5.88 -2.67 -12.33
CA MET A 40 -5.91 -1.63 -11.29
C MET A 40 -5.78 -2.25 -9.91
N VAL A 41 -6.68 -3.16 -9.58
CA VAL A 41 -6.67 -3.82 -8.27
C VAL A 41 -5.34 -4.55 -8.05
N LYS A 42 -4.84 -5.19 -9.10
CA LYS A 42 -3.58 -5.92 -9.01
C LYS A 42 -2.44 -5.00 -8.59
N GLU A 43 -2.56 -3.72 -8.93
CA GLU A 43 -1.54 -2.74 -8.58
C GLU A 43 -1.54 -2.46 -7.08
N VAL A 44 -2.72 -2.13 -6.55
CA VAL A 44 -2.86 -1.84 -5.13
C VAL A 44 -2.63 -3.09 -4.28
N GLY A 45 -3.24 -4.19 -4.70
CA GLY A 45 -3.10 -5.44 -3.97
C GLY A 45 -1.65 -5.83 -3.77
N LEU A 46 -0.83 -5.57 -4.78
CA LEU A 46 0.59 -5.90 -4.71
C LEU A 46 1.31 -5.00 -3.72
N ALA A 47 0.93 -3.72 -3.69
CA ALA A 47 1.53 -2.77 -2.79
C ALA A 47 1.17 -3.07 -1.34
N LEU A 48 -0.07 -3.50 -1.12
CA LEU A 48 -0.54 -3.83 0.22
C LEU A 48 0.23 -5.01 0.80
N ARG A 49 0.18 -6.14 0.11
CA ARG A 49 0.88 -7.34 0.55
C ARG A 49 2.38 -7.08 0.66
N THR A 50 2.96 -6.47 -0.36
CA THR A 50 4.38 -6.17 -0.38
C THR A 50 4.76 -5.22 0.75
N LEU A 51 3.86 -4.28 1.05
CA LEU A 51 4.09 -3.31 2.11
C LEU A 51 4.42 -4.01 3.43
N LEU A 52 3.60 -5.00 3.77
CA LEU A 52 3.80 -5.75 5.02
C LEU A 52 5.23 -6.26 5.11
N ALA A 53 5.73 -6.83 4.01
CA ALA A 53 7.09 -7.36 3.97
C ALA A 53 8.12 -6.24 4.01
N THR A 54 7.94 -5.24 3.14
CA THR A 54 8.86 -4.11 3.07
C THR A 54 9.05 -3.48 4.44
N VAL A 55 7.94 -3.11 5.07
CA VAL A 55 7.99 -2.49 6.40
C VAL A 55 8.75 -3.37 7.39
N ASP A 56 8.53 -4.67 7.31
CA ASP A 56 9.19 -5.62 8.20
C ASP A 56 10.71 -5.44 8.14
N GLU A 57 11.22 -5.13 6.95
CA GLU A 57 12.65 -4.94 6.75
C GLU A 57 13.08 -3.56 7.24
N SER A 58 12.13 -2.63 7.31
CA SER A 58 12.40 -1.28 7.76
C SER A 58 12.64 -1.23 9.27
N LEU A 59 12.09 -2.21 9.97
CA LEU A 59 12.24 -2.29 11.42
C LEU A 59 13.71 -2.17 11.82
N PRO A 60 14.53 -3.12 11.34
CA PRO A 60 15.96 -3.15 11.64
C PRO A 60 16.72 -2.01 10.95
N VAL A 61 16.40 -1.78 9.68
CA VAL A 61 17.04 -0.72 8.91
C VAL A 61 16.99 0.60 9.66
N LEU A 62 15.89 0.85 10.36
CA LEU A 62 15.72 2.09 11.12
C LEU A 62 15.92 1.84 12.60
N PRO A 63 16.21 2.91 13.36
CA PRO A 63 16.43 2.83 14.81
C PRO A 63 15.14 2.54 15.56
N ALA A 64 15.21 1.60 16.50
CA ALA A 64 14.04 1.22 17.29
C ALA A 64 13.53 2.40 18.10
N SER A 65 12.32 2.86 17.76
CA SER A 65 11.71 3.99 18.46
C SER A 65 10.36 4.33 17.85
N THR A 66 10.24 4.14 16.54
CA THR A 66 9.00 4.43 15.82
C THR A 66 8.34 3.15 15.33
N HIS A 67 8.60 2.04 16.02
CA HIS A 67 8.03 0.75 15.65
C HIS A 67 6.60 0.62 16.16
N ARG A 68 6.33 1.24 17.31
CA ARG A 68 5.00 1.19 17.90
C ARG A 68 3.93 1.58 16.89
N GLU A 69 3.99 2.82 16.42
CA GLU A 69 3.02 3.33 15.46
C GLU A 69 2.94 2.38 14.25
N ILE A 70 4.09 2.01 13.71
CA ILE A 70 4.14 1.12 12.57
C ILE A 70 3.38 -0.17 12.83
N GLU A 71 3.57 -0.73 14.03
CA GLU A 71 2.90 -1.97 14.41
C GLU A 71 1.40 -1.86 14.18
N MET A 72 0.81 -0.78 14.66
CA MET A 72 -0.62 -0.56 14.51
C MET A 72 -0.99 -0.32 13.05
N ALA A 73 -0.10 0.35 12.32
CA ALA A 73 -0.33 0.63 10.91
C ALA A 73 -0.35 -0.64 10.08
N GLN A 74 0.42 -1.63 10.51
CA GLN A 74 0.49 -2.91 9.81
C GLN A 74 -0.89 -3.57 9.74
N LYS A 75 -1.48 -3.82 10.90
CA LYS A 75 -2.79 -4.45 10.97
C LYS A 75 -3.80 -3.68 10.11
N LEU A 76 -3.77 -2.36 10.19
CA LEU A 76 -4.67 -1.52 9.42
C LEU A 76 -4.55 -1.81 7.93
N LEU A 77 -3.31 -1.96 7.47
CA LEU A 77 -3.03 -2.24 6.06
C LEU A 77 -3.79 -3.47 5.60
N ASN A 78 -3.70 -4.55 6.38
CA ASN A 78 -4.37 -5.79 6.05
C ASN A 78 -5.86 -5.55 5.78
N SER A 79 -6.58 -5.10 6.80
CA SER A 79 -8.01 -4.83 6.68
C SER A 79 -8.28 -3.91 5.50
N ASP A 80 -7.48 -2.86 5.36
CA ASP A 80 -7.63 -1.90 4.28
C ASP A 80 -7.63 -2.62 2.92
N LEU A 81 -6.67 -3.52 2.74
CA LEU A 81 -6.55 -4.27 1.49
C LEU A 81 -7.88 -4.95 1.15
N ALA A 82 -8.27 -5.92 1.96
CA ALA A 82 -9.51 -6.65 1.74
C ALA A 82 -10.68 -5.69 1.56
N GLU A 83 -10.66 -4.58 2.30
CA GLU A 83 -11.72 -3.59 2.21
C GLU A 83 -11.87 -3.06 0.79
N LEU A 84 -10.74 -2.78 0.14
CA LEU A 84 -10.74 -2.27 -1.21
C LEU A 84 -11.08 -3.38 -2.21
N ILE A 85 -10.47 -4.55 -2.03
CA ILE A 85 -10.72 -5.69 -2.90
C ILE A 85 -12.21 -5.97 -3.03
N ASN A 86 -12.91 -5.95 -1.89
CA ASN A 86 -14.35 -6.20 -1.88
C ASN A 86 -15.10 -5.15 -2.68
N LYS A 87 -14.88 -3.89 -2.32
CA LYS A 87 -15.53 -2.78 -3.00
C LYS A 87 -15.29 -2.83 -4.51
N MET A 88 -14.02 -2.91 -4.89
CA MET A 88 -13.65 -2.98 -6.30
C MET A 88 -14.23 -4.23 -6.95
N LYS A 89 -14.30 -5.32 -6.19
CA LYS A 89 -14.84 -6.57 -6.70
C LYS A 89 -16.30 -6.42 -7.10
N LEU A 90 -17.04 -5.62 -6.33
CA LEU A 90 -18.45 -5.38 -6.60
C LEU A 90 -18.63 -4.60 -7.91
N ALA A 91 -17.93 -3.49 -8.03
CA ALA A 91 -18.02 -2.66 -9.22
C ALA A 91 -17.67 -3.46 -10.47
N GLN A 92 -16.90 -4.52 -10.29
CA GLN A 92 -16.51 -5.38 -11.40
C GLN A 92 -17.74 -5.92 -12.13
N GLN A 93 -18.71 -6.42 -11.37
CA GLN A 93 -19.93 -6.96 -11.95
C GLN A 93 -21.02 -5.89 -12.02
N TYR A 94 -20.93 -4.90 -11.15
CA TYR A 94 -21.90 -3.82 -11.11
C TYR A 94 -21.45 -2.64 -11.98
N VAL A 95 -20.92 -2.94 -13.15
CA VAL A 95 -20.45 -1.92 -14.07
C VAL A 95 -21.29 -1.89 -15.35
N MET A 96 -21.79 -3.06 -15.75
CA MET A 96 -22.60 -3.17 -16.95
C MET A 96 -23.91 -2.41 -16.79
N THR A 97 -24.24 -2.05 -15.55
CA THR A 97 -25.46 -1.32 -15.26
C THR A 97 -25.27 0.17 -15.47
N SER A 98 -24.62 0.82 -14.52
CA SER A 98 -24.36 2.26 -14.60
C SER A 98 -23.67 2.76 -13.34
N LEU A 99 -23.96 2.11 -12.22
CA LEU A 99 -23.35 2.50 -10.94
C LEU A 99 -21.92 1.99 -10.84
N GLN A 100 -21.09 2.40 -11.80
CA GLN A 100 -19.69 2.00 -11.81
C GLN A 100 -18.80 3.06 -11.19
N GLN A 101 -18.93 4.29 -11.67
CA GLN A 101 -18.14 5.41 -11.16
C GLN A 101 -18.36 5.57 -9.65
N GLU A 102 -19.59 5.37 -9.21
CA GLU A 102 -19.93 5.50 -7.80
C GLU A 102 -18.98 4.67 -6.93
N TYR A 103 -18.95 3.37 -7.19
CA TYR A 103 -18.10 2.46 -6.43
C TYR A 103 -16.65 2.95 -6.44
N LYS A 104 -16.22 3.51 -7.56
CA LYS A 104 -14.87 4.02 -7.69
C LYS A 104 -14.68 5.30 -6.88
N LYS A 105 -15.73 6.10 -6.79
CA LYS A 105 -15.69 7.35 -6.04
C LYS A 105 -15.37 7.09 -4.58
N GLN A 106 -16.27 6.38 -3.89
CA GLN A 106 -16.08 6.06 -2.49
C GLN A 106 -14.73 5.39 -2.25
N MET A 107 -14.40 4.43 -3.12
CA MET A 107 -13.13 3.71 -3.02
C MET A 107 -11.95 4.66 -3.15
N LEU A 108 -12.08 5.63 -4.04
CA LEU A 108 -11.01 6.61 -4.27
C LEU A 108 -10.59 7.27 -2.96
N THR A 109 -11.57 7.75 -2.21
CA THR A 109 -11.31 8.40 -0.93
C THR A 109 -10.52 7.48 0.00
N ALA A 110 -11.09 6.31 0.28
CA ALA A 110 -10.44 5.35 1.16
C ALA A 110 -9.03 5.03 0.68
N ALA A 111 -8.91 4.65 -0.58
CA ALA A 111 -7.62 4.33 -1.16
C ALA A 111 -6.65 5.49 -1.06
N HIS A 112 -7.17 6.71 -1.15
CA HIS A 112 -6.36 7.91 -1.05
C HIS A 112 -5.54 7.91 0.23
N ALA A 113 -6.22 7.75 1.36
CA ALA A 113 -5.56 7.72 2.66
C ALA A 113 -4.62 6.52 2.77
N LEU A 114 -4.93 5.47 2.02
CA LEU A 114 -4.12 4.25 2.04
C LEU A 114 -2.70 4.53 1.54
N ALA A 115 -2.60 4.96 0.28
CA ALA A 115 -1.30 5.26 -0.32
C ALA A 115 -0.50 6.21 0.56
N VAL A 116 -1.16 7.26 1.05
CA VAL A 116 -0.50 8.24 1.90
C VAL A 116 0.18 7.57 3.09
N ASP A 117 -0.45 6.53 3.61
CA ASP A 117 0.10 5.79 4.75
C ASP A 117 1.44 5.15 4.39
N ALA A 118 1.42 4.27 3.39
CA ALA A 118 2.63 3.60 2.94
C ALA A 118 3.74 4.59 2.64
N LYS A 119 3.36 5.80 2.24
CA LYS A 119 4.31 6.85 1.92
C LYS A 119 4.87 7.48 3.19
N ASN A 120 3.99 8.02 4.02
CA ASN A 120 4.38 8.65 5.27
C ASN A 120 5.10 7.66 6.18
N LEU A 121 4.88 6.38 5.93
CA LEU A 121 5.50 5.32 6.73
C LEU A 121 7.00 5.54 6.84
N LEU A 122 7.68 5.51 5.70
CA LEU A 122 9.13 5.70 5.67
C LEU A 122 9.49 7.16 5.95
N ASP A 123 8.63 8.07 5.52
CA ASP A 123 8.86 9.49 5.73
C ASP A 123 9.00 9.80 7.21
N VAL A 124 8.12 9.22 8.03
CA VAL A 124 8.16 9.44 9.47
C VAL A 124 9.42 8.85 10.08
N ILE A 125 9.56 7.54 9.99
CA ILE A 125 10.73 6.85 10.54
C ILE A 125 12.02 7.49 10.04
N ASP A 126 11.98 8.07 8.85
CA ASP A 126 13.14 8.72 8.26
C ASP A 126 13.69 9.79 9.20
N GLN A 127 12.80 10.55 9.81
CA GLN A 127 13.21 11.61 10.73
C GLN A 127 13.90 11.03 11.96
N ALA A 128 13.65 9.75 12.22
CA ALA A 128 14.26 9.08 13.36
C ALA A 128 15.75 8.82 13.13
N ARG A 129 16.05 8.07 12.08
CA ARG A 129 17.44 7.76 11.74
C ARG A 129 18.28 9.03 11.64
N LEU A 130 17.71 10.06 11.01
CA LEU A 130 18.41 11.32 10.86
C LEU A 130 18.68 11.98 12.21
N LYS A 131 17.68 11.95 13.08
CA LYS A 131 17.82 12.54 14.41
C LYS A 131 18.99 11.91 15.17
N MET A 132 19.32 10.67 14.82
CA MET A 132 20.42 9.96 15.46
C MET A 132 21.76 10.44 14.90
N ILE A 133 21.84 10.58 13.59
CA ILE A 133 23.07 11.03 12.94
C ILE A 133 23.58 12.32 13.57
N SER A 134 22.74 13.35 13.57
CA SER A 134 23.11 14.64 14.14
C SER A 134 23.03 14.60 15.66
N GLN A 135 23.84 13.75 16.27
CA GLN A 135 23.87 13.61 17.73
C GLN A 135 25.00 12.71 18.17
N SER A 136 24.98 11.47 17.69
CA SER A 136 26.01 10.49 18.04
C SER A 136 25.86 9.21 17.21
N ARG A 137 26.98 8.59 16.88
CA ARG A 137 26.97 7.37 16.09
C ARG A 137 26.34 7.61 14.73
N PRO A 138 27.06 8.31 13.85
CA PRO A 138 26.60 8.63 12.50
C PRO A 138 26.54 7.40 11.61
N HIS A 139 27.25 6.34 12.02
CA HIS A 139 27.28 5.11 11.25
C HIS A 139 25.91 4.44 11.21
N SER A 166 -3.29 -15.89 10.15
CA SER A 166 -4.01 -16.25 8.92
C SER A 166 -4.12 -15.05 7.98
N ALA A 167 -3.17 -14.13 8.10
CA ALA A 167 -3.14 -12.94 7.25
C ALA A 167 -2.63 -13.25 5.86
N THR A 168 -1.46 -13.87 5.78
CA THR A 168 -0.86 -14.24 4.50
C THR A 168 -1.83 -15.05 3.66
N ARG A 169 -2.69 -15.82 4.32
CA ARG A 169 -3.67 -16.65 3.62
C ARG A 169 -4.64 -15.79 2.83
N GLU A 170 -5.22 -14.80 3.50
CA GLU A 170 -6.17 -13.90 2.85
C GLU A 170 -5.56 -13.25 1.62
N LEU A 171 -4.30 -12.85 1.73
CA LEU A 171 -3.60 -12.21 0.62
C LEU A 171 -3.66 -13.08 -0.63
N ASP A 172 -3.32 -14.36 -0.48
CA ASP A 172 -3.34 -15.29 -1.59
C ASP A 172 -4.77 -15.62 -2.01
N GLU A 173 -5.64 -15.85 -1.01
CA GLU A 173 -7.03 -16.18 -1.27
C GLU A 173 -7.69 -15.10 -2.12
N LEU A 174 -7.69 -13.87 -1.63
CA LEU A 174 -8.29 -12.75 -2.35
C LEU A 174 -7.73 -12.66 -3.76
N MET A 175 -6.43 -12.89 -3.90
CA MET A 175 -5.76 -12.84 -5.19
C MET A 175 -6.44 -13.78 -6.19
N ALA A 176 -6.90 -14.92 -5.69
CA ALA A 176 -7.56 -15.90 -6.54
C ALA A 176 -8.94 -15.41 -6.98
N SER A 177 -9.65 -14.76 -6.07
CA SER A 177 -10.97 -14.23 -6.37
C SER A 177 -10.93 -13.23 -7.52
N LEU A 178 -9.84 -12.46 -7.57
CA LEU A 178 -9.65 -11.46 -8.61
C LEU A 178 -8.97 -12.06 -9.83
N SER A 179 -8.18 -13.10 -9.61
CA SER A 179 -7.46 -13.77 -10.70
C SER A 179 -8.43 -14.31 -11.74
N ASP A 180 -9.34 -15.18 -11.30
CA ASP A 180 -10.32 -15.78 -12.19
C ASP A 180 -9.66 -16.43 -13.39
N MET A 1 29.32 -4.26 -1.95
CA MET A 1 28.26 -5.21 -2.28
C MET A 1 27.48 -5.60 -1.03
N ALA A 2 28.21 -5.88 0.06
CA ALA A 2 27.59 -6.27 1.31
C ALA A 2 27.33 -5.05 2.19
N ASN A 3 26.24 -4.35 1.91
CA ASN A 3 25.88 -3.16 2.67
C ASN A 3 24.42 -3.21 3.10
N LEU A 4 24.05 -2.34 4.03
CA LEU A 4 22.68 -2.29 4.54
C LEU A 4 21.92 -1.13 3.91
N ASP A 5 22.33 -0.73 2.71
CA ASP A 5 21.69 0.37 2.00
C ASP A 5 20.81 -0.16 0.87
N ARG A 6 20.29 -1.37 1.04
CA ARG A 6 19.44 -1.98 0.04
C ARG A 6 17.97 -1.89 0.43
N SER A 7 17.67 -2.25 1.67
CA SER A 7 16.31 -2.21 2.18
C SER A 7 15.87 -0.77 2.46
N ASN A 8 16.81 0.04 2.92
CA ASN A 8 16.53 1.43 3.24
C ASN A 8 16.06 2.19 2.00
N ASP A 9 16.69 1.91 0.88
CA ASP A 9 16.33 2.55 -0.38
C ASP A 9 15.18 1.83 -1.06
N LYS A 10 15.06 0.53 -0.79
CA LYS A 10 14.00 -0.28 -1.37
C LYS A 10 12.64 0.11 -0.81
N VAL A 11 12.56 0.17 0.52
CA VAL A 11 11.31 0.54 1.20
C VAL A 11 10.87 1.94 0.80
N TYR A 12 11.84 2.82 0.57
CA TYR A 12 11.54 4.19 0.18
C TYR A 12 10.99 4.26 -1.24
N GLU A 13 11.32 3.25 -2.04
CA GLU A 13 10.86 3.19 -3.42
C GLU A 13 9.44 2.63 -3.50
N ASN A 14 9.24 1.48 -2.89
CA ASN A 14 7.93 0.84 -2.90
C ASN A 14 6.84 1.82 -2.46
N VAL A 15 7.08 2.49 -1.33
CA VAL A 15 6.13 3.46 -0.80
C VAL A 15 5.84 4.56 -1.82
N THR A 16 6.76 4.75 -2.76
CA THR A 16 6.61 5.77 -3.79
C THR A 16 5.89 5.21 -5.01
N GLY A 17 6.32 4.04 -5.48
CA GLY A 17 5.70 3.42 -6.63
C GLY A 17 4.19 3.34 -6.50
N LEU A 18 3.73 2.72 -5.43
CA LEU A 18 2.30 2.57 -5.19
C LEU A 18 1.59 3.91 -5.30
N VAL A 19 2.24 4.97 -4.82
CA VAL A 19 1.67 6.31 -4.86
C VAL A 19 1.52 6.79 -6.29
N LYS A 20 2.55 6.56 -7.10
CA LYS A 20 2.53 6.97 -8.50
C LYS A 20 1.28 6.46 -9.21
N ALA A 21 0.89 5.23 -8.89
CA ALA A 21 -0.30 4.63 -9.49
C ALA A 21 -1.58 5.25 -8.93
N VAL A 22 -1.59 5.45 -7.61
CA VAL A 22 -2.75 6.04 -6.94
C VAL A 22 -3.19 7.33 -7.62
N ILE A 23 -2.21 8.11 -8.08
CA ILE A 23 -2.50 9.37 -8.76
C ILE A 23 -2.94 9.14 -10.20
N GLU A 24 -2.14 8.39 -10.95
CA GLU A 24 -2.45 8.09 -12.34
C GLU A 24 -3.86 7.50 -12.46
N MET A 25 -4.09 6.38 -11.79
CA MET A 25 -5.39 5.72 -11.83
C MET A 25 -6.49 6.67 -11.37
N SER A 26 -6.15 7.55 -10.44
CA SER A 26 -7.12 8.52 -9.91
C SER A 26 -7.56 9.49 -11.00
N SER A 27 -6.73 9.66 -12.02
CA SER A 27 -7.03 10.56 -13.12
C SER A 27 -8.01 9.91 -14.10
N LYS A 28 -7.73 8.67 -14.47
CA LYS A 28 -8.59 7.94 -15.40
C LYS A 28 -9.54 7.02 -14.64
N ILE A 29 -9.74 7.30 -13.36
CA ILE A 29 -10.62 6.49 -12.53
C ILE A 29 -12.06 6.55 -13.04
N GLN A 30 -12.47 7.72 -13.50
CA GLN A 30 -13.82 7.91 -14.02
C GLN A 30 -14.07 7.00 -15.22
N PRO A 31 -13.28 7.21 -16.29
CA PRO A 31 -13.39 6.44 -17.53
C PRO A 31 -12.93 4.99 -17.34
N ALA A 32 -12.37 4.70 -16.17
CA ALA A 32 -11.88 3.36 -15.87
C ALA A 32 -12.93 2.31 -16.22
N PRO A 33 -12.68 1.56 -17.30
CA PRO A 33 -13.60 0.50 -17.76
C PRO A 33 -13.62 -0.69 -16.83
N PRO A 34 -14.60 -1.59 -17.04
CA PRO A 34 -14.76 -2.80 -16.22
C PRO A 34 -13.64 -3.80 -16.45
N GLU A 35 -12.96 -3.67 -17.59
CA GLU A 35 -11.86 -4.57 -17.93
C GLU A 35 -10.55 -4.10 -17.31
N GLU A 36 -10.50 -2.82 -16.96
CA GLU A 36 -9.30 -2.23 -16.36
C GLU A 36 -9.34 -2.37 -14.85
N TYR A 37 -10.45 -2.84 -14.32
CA TYR A 37 -10.62 -3.01 -12.88
C TYR A 37 -9.90 -4.27 -12.40
N VAL A 38 -9.78 -5.25 -13.29
CA VAL A 38 -9.12 -6.50 -12.96
C VAL A 38 -7.67 -6.27 -12.57
N PRO A 39 -6.90 -5.66 -13.48
CA PRO A 39 -5.48 -5.36 -13.25
C PRO A 39 -5.28 -4.28 -12.20
N MET A 40 -6.23 -3.36 -12.11
CA MET A 40 -6.16 -2.27 -11.14
C MET A 40 -5.89 -2.81 -9.74
N VAL A 41 -6.76 -3.70 -9.27
CA VAL A 41 -6.61 -4.28 -7.94
C VAL A 41 -5.30 -5.06 -7.83
N LYS A 42 -4.87 -5.66 -8.94
CA LYS A 42 -3.63 -6.42 -8.96
C LYS A 42 -2.44 -5.55 -8.56
N GLU A 43 -2.45 -4.30 -9.02
CA GLU A 43 -1.37 -3.37 -8.70
C GLU A 43 -1.38 -3.01 -7.23
N VAL A 44 -2.55 -2.63 -6.71
CA VAL A 44 -2.68 -2.27 -5.31
C VAL A 44 -2.36 -3.45 -4.39
N GLY A 45 -2.86 -4.62 -4.76
CA GLY A 45 -2.61 -5.82 -3.97
C GLY A 45 -1.13 -6.06 -3.73
N LEU A 46 -0.33 -5.89 -4.78
CA LEU A 46 1.11 -6.10 -4.68
C LEU A 46 1.73 -5.09 -3.72
N ALA A 47 1.23 -3.86 -3.75
CA ALA A 47 1.74 -2.80 -2.89
C ALA A 47 1.59 -3.17 -1.41
N LEU A 48 0.35 -3.44 -1.01
CA LEU A 48 0.07 -3.81 0.37
C LEU A 48 0.84 -5.07 0.77
N ARG A 49 0.75 -6.10 -0.06
CA ARG A 49 1.45 -7.35 0.21
C ARG A 49 2.94 -7.12 0.38
N THR A 50 3.55 -6.44 -0.58
CA THR A 50 4.97 -6.16 -0.53
C THR A 50 5.32 -5.29 0.68
N LEU A 51 4.52 -4.27 0.92
CA LEU A 51 4.75 -3.38 2.05
C LEU A 51 4.89 -4.16 3.35
N LEU A 52 4.00 -5.13 3.56
CA LEU A 52 4.02 -5.95 4.75
C LEU A 52 5.41 -6.55 4.97
N ALA A 53 5.99 -7.09 3.90
CA ALA A 53 7.31 -7.69 3.97
C ALA A 53 8.39 -6.62 4.08
N THR A 54 8.22 -5.53 3.35
CA THR A 54 9.19 -4.43 3.37
C THR A 54 9.33 -3.85 4.76
N VAL A 55 8.22 -3.34 5.30
CA VAL A 55 8.21 -2.75 6.63
C VAL A 55 8.77 -3.72 7.67
N ASP A 56 8.46 -5.00 7.50
CA ASP A 56 8.93 -6.04 8.41
C ASP A 56 10.45 -6.02 8.51
N GLU A 57 11.10 -5.79 7.38
CA GLU A 57 12.57 -5.75 7.33
C GLU A 57 13.08 -4.36 7.68
N SER A 58 12.20 -3.37 7.61
CA SER A 58 12.57 -1.99 7.91
C SER A 58 12.76 -1.80 9.42
N LEU A 59 12.11 -2.65 10.20
CA LEU A 59 12.19 -2.58 11.65
C LEU A 59 13.65 -2.52 12.11
N PRO A 60 14.41 -3.58 11.78
CA PRO A 60 15.83 -3.68 12.14
C PRO A 60 16.69 -2.67 11.36
N VAL A 61 16.42 -2.55 10.07
CA VAL A 61 17.18 -1.63 9.22
C VAL A 61 17.22 -0.24 9.83
N LEU A 62 16.12 0.17 10.44
CA LEU A 62 16.02 1.49 11.07
C LEU A 62 16.14 1.38 12.58
N PRO A 63 16.49 2.50 13.23
CA PRO A 63 16.65 2.57 14.68
C PRO A 63 15.31 2.45 15.42
N ALA A 64 15.27 1.60 16.43
CA ALA A 64 14.05 1.41 17.21
C ALA A 64 13.51 2.74 17.74
N SER A 65 12.25 3.02 17.44
CA SER A 65 11.62 4.26 17.87
C SER A 65 10.19 4.35 17.35
N THR A 66 9.96 3.81 16.16
CA THR A 66 8.64 3.83 15.55
C THR A 66 8.04 2.43 15.48
N HIS A 67 8.46 1.56 16.40
CA HIS A 67 7.96 0.19 16.43
C HIS A 67 6.44 0.17 16.51
N ARG A 68 5.88 0.95 17.43
CA ARG A 68 4.43 1.02 17.59
C ARG A 68 3.74 1.28 16.26
N GLU A 69 4.11 2.37 15.60
CA GLU A 69 3.53 2.73 14.33
C GLU A 69 3.59 1.57 13.35
N ILE A 70 4.80 1.08 13.09
CA ILE A 70 5.00 -0.04 12.18
C ILE A 70 4.12 -1.23 12.57
N GLU A 71 3.99 -1.46 13.88
CA GLU A 71 3.18 -2.56 14.38
C GLU A 71 1.73 -2.43 13.92
N MET A 72 1.14 -1.26 14.15
CA MET A 72 -0.24 -1.01 13.77
C MET A 72 -0.36 -0.88 12.25
N ALA A 73 0.75 -0.53 11.60
CA ALA A 73 0.76 -0.38 10.15
C ALA A 73 0.51 -1.72 9.46
N GLN A 74 1.00 -2.80 10.05
CA GLN A 74 0.82 -4.13 9.49
C GLN A 74 -0.66 -4.47 9.36
N LYS A 75 -1.33 -4.60 10.51
CA LYS A 75 -2.75 -4.93 10.53
C LYS A 75 -3.54 -3.96 9.66
N LEU A 76 -3.16 -2.69 9.69
CA LEU A 76 -3.83 -1.67 8.91
C LEU A 76 -3.90 -2.06 7.44
N LEU A 77 -2.74 -2.37 6.86
CA LEU A 77 -2.66 -2.76 5.47
C LEU A 77 -3.64 -3.89 5.16
N ASN A 78 -3.68 -4.88 6.05
CA ASN A 78 -4.57 -6.02 5.87
C ASN A 78 -6.01 -5.55 5.62
N SER A 79 -6.60 -4.90 6.62
CA SER A 79 -7.96 -4.42 6.51
C SER A 79 -8.13 -3.57 5.26
N ASP A 80 -7.18 -2.67 5.02
CA ASP A 80 -7.23 -1.80 3.84
C ASP A 80 -7.42 -2.61 2.57
N LEU A 81 -6.64 -3.68 2.44
CA LEU A 81 -6.73 -4.54 1.27
C LEU A 81 -8.15 -5.00 1.02
N ALA A 82 -8.71 -5.72 1.99
CA ALA A 82 -10.08 -6.22 1.89
C ALA A 82 -11.05 -5.09 1.53
N GLU A 83 -10.78 -3.91 2.07
CA GLU A 83 -11.63 -2.75 1.81
C GLU A 83 -11.65 -2.40 0.32
N LEU A 84 -10.47 -2.30 -0.27
CA LEU A 84 -10.35 -1.98 -1.69
C LEU A 84 -10.93 -3.09 -2.55
N ILE A 85 -10.48 -4.32 -2.31
CA ILE A 85 -10.96 -5.47 -3.07
C ILE A 85 -12.48 -5.55 -3.04
N ASN A 86 -13.07 -5.12 -1.92
CA ASN A 86 -14.52 -5.14 -1.77
C ASN A 86 -15.19 -4.24 -2.79
N LYS A 87 -14.78 -2.98 -2.82
CA LYS A 87 -15.34 -2.00 -3.76
C LYS A 87 -15.29 -2.54 -5.19
N MET A 88 -14.20 -3.23 -5.52
CA MET A 88 -14.04 -3.80 -6.85
C MET A 88 -15.18 -4.75 -7.19
N LYS A 89 -15.42 -5.71 -6.31
CA LYS A 89 -16.49 -6.69 -6.51
C LYS A 89 -17.82 -5.99 -6.75
N LEU A 90 -17.98 -4.80 -6.17
CA LEU A 90 -19.21 -4.04 -6.32
C LEU A 90 -19.29 -3.40 -7.70
N ALA A 91 -18.31 -2.52 -8.00
CA ALA A 91 -18.27 -1.85 -9.29
C ALA A 91 -18.33 -2.85 -10.44
N GLN A 92 -17.86 -4.07 -10.19
CA GLN A 92 -17.86 -5.11 -11.20
C GLN A 92 -19.28 -5.54 -11.54
N GLN A 93 -20.15 -5.54 -10.54
CA GLN A 93 -21.55 -5.93 -10.73
C GLN A 93 -22.41 -4.70 -11.01
N TYR A 94 -21.95 -3.54 -10.58
CA TYR A 94 -22.68 -2.29 -10.78
C TYR A 94 -22.19 -1.57 -12.02
N VAL A 95 -21.67 -2.33 -12.98
CA VAL A 95 -21.16 -1.75 -14.22
C VAL A 95 -22.14 -2.00 -15.37
N MET A 96 -22.83 -3.13 -15.33
CA MET A 96 -23.78 -3.48 -16.37
C MET A 96 -25.06 -2.65 -16.23
N THR A 97 -25.22 -2.00 -15.09
CA THR A 97 -26.40 -1.18 -14.83
C THR A 97 -26.17 0.25 -15.32
N SER A 98 -25.40 1.02 -14.56
CA SER A 98 -25.11 2.41 -14.90
C SER A 98 -24.26 3.07 -13.82
N LEU A 99 -24.47 2.64 -12.58
CA LEU A 99 -23.71 3.20 -11.46
C LEU A 99 -22.29 2.66 -11.43
N GLN A 100 -21.53 2.94 -12.49
CA GLN A 100 -20.16 2.48 -12.58
C GLN A 100 -19.19 3.58 -12.13
N GLN A 101 -19.34 4.77 -12.70
CA GLN A 101 -18.47 5.89 -12.37
C GLN A 101 -18.55 6.21 -10.87
N GLU A 102 -19.76 6.11 -10.32
CA GLU A 102 -19.97 6.38 -8.90
C GLU A 102 -19.07 5.51 -8.03
N TYR A 103 -19.27 4.19 -8.13
CA TYR A 103 -18.48 3.24 -7.36
C TYR A 103 -16.99 3.50 -7.55
N LYS A 104 -16.60 3.88 -8.76
CA LYS A 104 -15.21 4.15 -9.08
C LYS A 104 -14.73 5.41 -8.36
N LYS A 105 -15.61 6.39 -8.24
CA LYS A 105 -15.28 7.65 -7.57
C LYS A 105 -14.93 7.41 -6.11
N GLN A 106 -15.90 6.93 -5.34
CA GLN A 106 -15.70 6.67 -3.92
C GLN A 106 -14.46 5.80 -3.71
N MET A 107 -14.16 4.95 -4.68
CA MET A 107 -13.00 4.07 -4.59
C MET A 107 -11.71 4.88 -4.52
N LEU A 108 -11.54 5.78 -5.47
CA LEU A 108 -10.35 6.62 -5.53
C LEU A 108 -10.10 7.31 -4.19
N THR A 109 -11.19 7.73 -3.54
CA THR A 109 -11.10 8.40 -2.25
C THR A 109 -10.37 7.53 -1.23
N ALA A 110 -10.94 6.36 -0.95
CA ALA A 110 -10.35 5.44 0.00
C ALA A 110 -8.94 5.02 -0.43
N ALA A 111 -8.79 4.73 -1.72
CA ALA A 111 -7.50 4.32 -2.26
C ALA A 111 -6.45 5.41 -2.06
N HIS A 112 -6.87 6.66 -2.16
CA HIS A 112 -5.98 7.79 -1.98
C HIS A 112 -5.33 7.76 -0.60
N ALA A 113 -6.16 7.74 0.43
CA ALA A 113 -5.68 7.71 1.81
C ALA A 113 -4.77 6.51 2.05
N LEU A 114 -5.01 5.44 1.29
CA LEU A 114 -4.22 4.22 1.42
C LEU A 114 -2.74 4.49 1.13
N ALA A 115 -2.48 5.05 -0.04
CA ALA A 115 -1.10 5.36 -0.44
C ALA A 115 -0.43 6.27 0.58
N VAL A 116 -1.18 7.24 1.09
CA VAL A 116 -0.65 8.17 2.08
C VAL A 116 -0.04 7.43 3.27
N ASP A 117 -0.71 6.37 3.70
CA ASP A 117 -0.24 5.56 4.83
C ASP A 117 1.11 4.93 4.51
N ALA A 118 1.15 4.16 3.42
CA ALA A 118 2.38 3.49 3.00
C ALA A 118 3.54 4.48 2.93
N LYS A 119 3.24 5.70 2.51
CA LYS A 119 4.26 6.74 2.40
C LYS A 119 4.67 7.26 3.77
N ASN A 120 3.68 7.49 4.63
CA ASN A 120 3.93 8.00 5.97
C ASN A 120 4.80 7.02 6.76
N LEU A 121 4.82 5.77 6.33
CA LEU A 121 5.62 4.74 6.99
C LEU A 121 7.06 5.19 7.16
N LEU A 122 7.73 5.44 6.05
CA LEU A 122 9.13 5.89 6.07
C LEU A 122 9.22 7.33 6.57
N ASP A 123 8.16 8.10 6.34
CA ASP A 123 8.13 9.49 6.76
C ASP A 123 8.35 9.62 8.27
N VAL A 124 7.70 8.75 9.03
CA VAL A 124 7.82 8.76 10.49
C VAL A 124 9.17 8.20 10.92
N ILE A 125 9.44 6.95 10.54
CA ILE A 125 10.70 6.30 10.90
C ILE A 125 11.89 7.14 10.48
N ASP A 126 11.69 7.97 9.45
CA ASP A 126 12.76 8.84 8.96
C ASP A 126 13.30 9.72 10.08
N GLN A 127 12.40 10.27 10.88
CA GLN A 127 12.79 11.14 11.98
C GLN A 127 13.72 10.41 12.95
N ALA A 128 13.62 9.09 12.97
CA ALA A 128 14.45 8.27 13.84
C ALA A 128 15.89 8.22 13.34
N ARG A 129 16.09 7.71 12.14
CA ARG A 129 17.42 7.60 11.56
C ARG A 129 18.12 8.96 11.57
N LEU A 130 17.37 10.01 11.24
CA LEU A 130 17.93 11.36 11.21
C LEU A 130 18.29 11.83 12.62
N LYS A 131 17.39 11.53 13.57
CA LYS A 131 17.62 11.92 14.97
C LYS A 131 18.99 11.47 15.45
N MET A 132 19.44 10.32 14.96
CA MET A 132 20.73 9.78 15.34
C MET A 132 21.86 10.46 14.56
N ILE A 133 21.71 10.53 13.24
CA ILE A 133 22.71 11.16 12.40
C ILE A 133 22.98 12.60 12.83
N SER A 134 21.95 13.43 12.76
CA SER A 134 22.07 14.83 13.14
C SER A 134 22.05 14.98 14.66
N GLN A 135 23.04 14.38 15.32
CA GLN A 135 23.13 14.44 16.77
C GLN A 135 24.38 13.71 17.27
N SER A 136 24.46 12.42 16.95
CA SER A 136 25.59 11.61 17.37
C SER A 136 25.53 10.21 16.75
N ARG A 137 26.63 9.77 16.17
CA ARG A 137 26.69 8.46 15.54
C ARG A 137 28.11 7.87 15.64
N PRO A 138 28.48 7.43 16.84
CA PRO A 138 29.80 6.85 17.10
C PRO A 138 29.96 5.48 16.44
N HIS A 139 30.36 5.49 15.17
CA HIS A 139 30.55 4.25 14.42
C HIS A 139 29.27 3.43 14.40
N SER A 166 -2.55 -16.34 9.24
CA SER A 166 -3.78 -15.59 9.50
C SER A 166 -3.91 -14.42 8.52
N ALA A 167 -2.93 -13.53 8.52
CA ALA A 167 -2.93 -12.38 7.63
C ALA A 167 -2.64 -12.80 6.19
N THR A 168 -1.52 -13.48 5.99
CA THR A 168 -1.12 -13.94 4.66
C THR A 168 -2.21 -14.78 4.02
N ARG A 169 -3.02 -15.42 4.86
CA ARG A 169 -4.12 -16.26 4.38
C ARG A 169 -5.08 -15.45 3.52
N GLU A 170 -5.57 -14.35 4.07
CA GLU A 170 -6.52 -13.49 3.35
C GLU A 170 -5.89 -12.95 2.07
N LEU A 171 -4.67 -12.46 2.17
CA LEU A 171 -3.96 -11.91 1.03
C LEU A 171 -3.86 -12.95 -0.10
N ASP A 172 -3.52 -14.17 0.27
CA ASP A 172 -3.40 -15.26 -0.70
C ASP A 172 -4.77 -15.64 -1.26
N GLU A 173 -5.71 -15.87 -0.36
CA GLU A 173 -7.06 -16.25 -0.77
C GLU A 173 -7.65 -15.23 -1.74
N LEU A 174 -7.58 -13.96 -1.35
CA LEU A 174 -8.11 -12.88 -2.19
C LEU A 174 -7.47 -12.90 -3.57
N MET A 175 -6.20 -13.26 -3.62
CA MET A 175 -5.47 -13.32 -4.89
C MET A 175 -6.16 -14.27 -5.86
N ALA A 176 -6.51 -15.46 -5.37
CA ALA A 176 -7.18 -16.45 -6.21
C ALA A 176 -8.58 -16.00 -6.59
N SER A 177 -9.29 -15.43 -5.62
CA SER A 177 -10.65 -14.95 -5.85
C SER A 177 -10.68 -13.91 -6.97
N LEU A 178 -9.59 -13.16 -7.11
CA LEU A 178 -9.49 -12.15 -8.15
C LEU A 178 -8.92 -12.72 -9.44
N SER A 179 -8.10 -13.76 -9.30
CA SER A 179 -7.48 -14.41 -10.45
C SER A 179 -8.54 -15.11 -11.31
N ASP A 180 -9.26 -16.04 -10.70
CA ASP A 180 -10.30 -16.78 -11.40
C ASP A 180 -11.25 -17.45 -10.41
N MET A 1 30.11 -8.02 0.97
CA MET A 1 28.96 -7.71 0.13
C MET A 1 28.82 -6.20 -0.06
N ALA A 2 27.77 -5.79 -0.78
CA ALA A 2 27.52 -4.38 -1.03
C ALA A 2 26.95 -3.70 0.21
N ASN A 3 26.90 -2.38 0.18
CA ASN A 3 26.37 -1.60 1.30
C ASN A 3 24.97 -2.06 1.66
N LEU A 4 24.47 -1.58 2.79
CA LEU A 4 23.13 -1.93 3.25
C LEU A 4 22.11 -0.87 2.87
N ASP A 5 22.39 -0.16 1.78
CA ASP A 5 21.49 0.88 1.29
C ASP A 5 20.63 0.36 0.14
N ARG A 6 20.34 -0.94 0.15
CA ARG A 6 19.53 -1.55 -0.88
C ARG A 6 18.11 -1.80 -0.39
N SER A 7 18.00 -2.40 0.80
CA SER A 7 16.70 -2.70 1.37
C SER A 7 16.05 -1.44 1.93
N ASN A 8 16.84 -0.65 2.66
CA ASN A 8 16.33 0.59 3.25
C ASN A 8 15.82 1.54 2.17
N ASP A 9 16.36 1.40 0.97
CA ASP A 9 15.96 2.25 -0.15
C ASP A 9 14.77 1.63 -0.90
N LYS A 10 14.67 0.31 -0.85
CA LYS A 10 13.59 -0.40 -1.52
C LYS A 10 12.26 -0.13 -0.83
N VAL A 11 12.23 -0.29 0.49
CA VAL A 11 11.02 -0.06 1.27
C VAL A 11 10.52 1.38 1.09
N TYR A 12 11.46 2.31 0.99
CA TYR A 12 11.11 3.72 0.83
C TYR A 12 10.61 4.00 -0.58
N GLU A 13 11.07 3.19 -1.54
CA GLU A 13 10.66 3.34 -2.93
C GLU A 13 9.29 2.73 -3.16
N ASN A 14 9.13 1.47 -2.77
CA ASN A 14 7.86 0.77 -2.94
C ASN A 14 6.69 1.60 -2.41
N VAL A 15 6.85 2.09 -1.17
CA VAL A 15 5.81 2.90 -0.54
C VAL A 15 5.52 4.14 -1.36
N THR A 16 6.46 4.53 -2.20
CA THR A 16 6.30 5.71 -3.05
C THR A 16 5.65 5.35 -4.38
N GLY A 17 6.16 4.29 -5.01
CA GLY A 17 5.61 3.87 -6.29
C GLY A 17 4.10 3.76 -6.27
N LEU A 18 3.57 3.05 -5.28
CA LEU A 18 2.13 2.88 -5.15
C LEU A 18 1.41 4.22 -5.20
N VAL A 19 2.06 5.26 -4.67
CA VAL A 19 1.49 6.60 -4.67
C VAL A 19 1.28 7.12 -6.08
N LYS A 20 2.33 7.03 -6.89
CA LYS A 20 2.25 7.49 -8.28
C LYS A 20 1.08 6.83 -9.02
N ALA A 21 0.79 5.59 -8.65
CA ALA A 21 -0.30 4.86 -9.28
C ALA A 21 -1.65 5.48 -8.94
N VAL A 22 -1.86 5.77 -7.65
CA VAL A 22 -3.10 6.37 -7.19
C VAL A 22 -3.43 7.63 -7.99
N ILE A 23 -2.38 8.30 -8.48
CA ILE A 23 -2.56 9.52 -9.26
C ILE A 23 -2.98 9.21 -10.69
N GLU A 24 -2.16 8.42 -11.39
CA GLU A 24 -2.46 8.05 -12.76
C GLU A 24 -3.86 7.47 -12.88
N MET A 25 -4.13 6.43 -12.10
CA MET A 25 -5.44 5.79 -12.12
C MET A 25 -6.55 6.79 -11.81
N SER A 26 -6.26 7.71 -10.90
CA SER A 26 -7.24 8.73 -10.52
C SER A 26 -7.59 9.62 -11.70
N SER A 27 -6.70 9.66 -12.69
CA SER A 27 -6.92 10.47 -13.88
C SER A 27 -7.89 9.80 -14.84
N LYS A 28 -7.58 8.56 -15.21
CA LYS A 28 -8.42 7.79 -16.12
C LYS A 28 -9.38 6.89 -15.34
N ILE A 29 -9.64 7.26 -14.09
CA ILE A 29 -10.55 6.48 -13.24
C ILE A 29 -11.94 6.40 -13.86
N GLN A 30 -12.41 7.53 -14.41
CA GLN A 30 -13.73 7.59 -15.02
C GLN A 30 -13.83 6.60 -16.19
N PRO A 31 -12.98 6.80 -17.20
CA PRO A 31 -12.96 5.94 -18.39
C PRO A 31 -12.42 4.56 -18.10
N ALA A 32 -11.91 4.37 -16.88
CA ALA A 32 -11.36 3.09 -16.46
C ALA A 32 -12.32 1.94 -16.82
N PRO A 33 -11.95 1.16 -17.83
CA PRO A 33 -12.75 0.02 -18.29
C PRO A 33 -12.77 -1.12 -17.28
N PRO A 34 -13.66 -2.10 -17.51
CA PRO A 34 -13.80 -3.26 -16.62
C PRO A 34 -12.61 -4.21 -16.72
N GLU A 35 -11.86 -4.09 -17.81
CA GLU A 35 -10.68 -4.93 -18.03
C GLU A 35 -9.46 -4.34 -17.36
N GLU A 36 -9.51 -3.04 -17.07
CA GLU A 36 -8.40 -2.34 -16.44
C GLU A 36 -8.53 -2.40 -14.92
N TYR A 37 -9.72 -2.72 -14.44
CA TYR A 37 -9.98 -2.80 -13.01
C TYR A 37 -9.44 -4.11 -12.43
N VAL A 38 -9.38 -5.13 -13.28
CA VAL A 38 -8.89 -6.44 -12.85
C VAL A 38 -7.44 -6.35 -12.37
N PRO A 39 -6.55 -5.86 -13.25
CA PRO A 39 -5.13 -5.72 -12.94
C PRO A 39 -4.87 -4.61 -11.92
N MET A 40 -5.74 -3.61 -11.91
CA MET A 40 -5.61 -2.49 -10.97
C MET A 40 -5.37 -3.00 -9.55
N VAL A 41 -6.30 -3.81 -9.05
CA VAL A 41 -6.19 -4.37 -7.71
C VAL A 41 -4.84 -5.04 -7.50
N LYS A 42 -4.30 -5.62 -8.56
CA LYS A 42 -3.02 -6.31 -8.50
C LYS A 42 -1.92 -5.34 -8.08
N GLU A 43 -1.96 -4.12 -8.61
CA GLU A 43 -0.97 -3.11 -8.28
C GLU A 43 -1.04 -2.73 -6.81
N VAL A 44 -2.24 -2.42 -6.35
CA VAL A 44 -2.45 -2.05 -4.95
C VAL A 44 -2.11 -3.19 -4.01
N GLY A 45 -2.59 -4.39 -4.34
CA GLY A 45 -2.32 -5.54 -3.52
C GLY A 45 -0.83 -5.80 -3.34
N LEU A 46 -0.06 -5.55 -4.39
CA LEU A 46 1.39 -5.76 -4.34
C LEU A 46 2.04 -4.84 -3.32
N ALA A 47 1.66 -3.57 -3.34
CA ALA A 47 2.19 -2.58 -2.41
C ALA A 47 1.84 -2.94 -0.97
N LEU A 48 0.59 -3.33 -0.76
CA LEU A 48 0.11 -3.70 0.57
C LEU A 48 0.84 -4.93 1.09
N ARG A 49 0.76 -6.02 0.32
CA ARG A 49 1.42 -7.27 0.70
C ARG A 49 2.92 -7.06 0.90
N THR A 50 3.55 -6.43 -0.08
CA THR A 50 4.99 -6.17 -0.02
C THR A 50 5.33 -5.27 1.16
N LEU A 51 4.46 -4.30 1.43
CA LEU A 51 4.68 -3.38 2.53
C LEU A 51 4.92 -4.12 3.84
N LEU A 52 4.13 -5.17 4.07
CA LEU A 52 4.26 -5.97 5.28
C LEU A 52 5.70 -6.46 5.45
N ALA A 53 6.28 -6.97 4.36
CA ALA A 53 7.65 -7.46 4.39
C ALA A 53 8.66 -6.32 4.47
N THR A 54 8.49 -5.34 3.58
CA THR A 54 9.39 -4.20 3.55
C THR A 54 9.51 -3.54 4.92
N VAL A 55 8.36 -3.30 5.55
CA VAL A 55 8.32 -2.69 6.87
C VAL A 55 8.98 -3.59 7.92
N ASP A 56 8.82 -4.90 7.74
CA ASP A 56 9.39 -5.87 8.66
C ASP A 56 10.89 -5.64 8.84
N GLU A 57 11.58 -5.43 7.72
CA GLU A 57 13.02 -5.20 7.76
C GLU A 57 13.33 -3.76 8.16
N SER A 58 12.33 -2.89 8.05
CA SER A 58 12.50 -1.49 8.40
C SER A 58 12.58 -1.30 9.91
N LEU A 59 12.02 -2.26 10.65
CA LEU A 59 12.03 -2.20 12.11
C LEU A 59 13.44 -1.99 12.64
N PRO A 60 14.34 -2.93 12.33
CA PRO A 60 15.74 -2.86 12.75
C PRO A 60 16.51 -1.75 12.04
N VAL A 61 16.30 -1.63 10.73
CA VAL A 61 16.97 -0.62 9.94
C VAL A 61 16.81 0.76 10.57
N LEU A 62 15.69 0.97 11.25
CA LEU A 62 15.41 2.24 11.89
C LEU A 62 15.62 2.15 13.40
N PRO A 63 15.82 3.31 14.05
CA PRO A 63 16.03 3.38 15.50
C PRO A 63 14.77 3.05 16.28
N ALA A 64 14.94 2.39 17.42
CA ALA A 64 13.82 2.02 18.27
C ALA A 64 13.08 3.26 18.78
N SER A 65 11.80 3.35 18.45
CA SER A 65 10.97 4.49 18.88
C SER A 65 9.55 4.36 18.34
N THR A 66 9.42 3.79 17.15
CA THR A 66 8.12 3.61 16.52
C THR A 66 7.75 2.13 16.44
N HIS A 67 8.28 1.34 17.38
CA HIS A 67 8.00 -0.09 17.41
C HIS A 67 6.49 -0.34 17.52
N ARG A 68 5.91 0.06 18.65
CA ARG A 68 4.49 -0.14 18.88
C ARG A 68 3.67 0.41 17.71
N GLU A 69 3.94 1.65 17.33
CA GLU A 69 3.24 2.29 16.23
C GLU A 69 3.24 1.40 15.00
N ILE A 70 4.41 1.18 14.42
CA ILE A 70 4.56 0.35 13.24
C ILE A 70 3.93 -1.02 13.47
N GLU A 71 4.05 -1.54 14.68
CA GLU A 71 3.49 -2.84 15.02
C GLU A 71 1.99 -2.88 14.78
N MET A 72 1.28 -1.92 15.37
CA MET A 72 -0.17 -1.84 15.21
C MET A 72 -0.54 -1.43 13.78
N ALA A 73 0.38 -0.74 13.12
CA ALA A 73 0.15 -0.29 11.76
C ALA A 73 0.03 -1.46 10.79
N GLN A 74 0.75 -2.53 11.10
CA GLN A 74 0.72 -3.73 10.26
C GLN A 74 -0.68 -4.30 10.16
N LYS A 75 -1.26 -4.66 11.31
CA LYS A 75 -2.61 -5.21 11.35
C LYS A 75 -3.58 -4.32 10.61
N LEU A 76 -3.47 -3.01 10.83
CA LEU A 76 -4.35 -2.05 10.18
C LEU A 76 -4.33 -2.22 8.67
N LEU A 77 -3.12 -2.30 8.10
CA LEU A 77 -2.96 -2.47 6.67
C LEU A 77 -3.79 -3.65 6.16
N ASN A 78 -3.73 -4.77 6.88
CA ASN A 78 -4.48 -5.96 6.52
C ASN A 78 -5.95 -5.64 6.28
N SER A 79 -6.61 -5.11 7.31
CA SER A 79 -8.02 -4.76 7.21
C SER A 79 -8.28 -3.86 6.01
N ASP A 80 -7.43 -2.84 5.85
CA ASP A 80 -7.57 -1.90 4.74
C ASP A 80 -7.55 -2.65 3.40
N LEU A 81 -6.75 -3.71 3.34
CA LEU A 81 -6.65 -4.50 2.12
C LEU A 81 -8.00 -5.08 1.71
N ALA A 82 -8.60 -5.84 2.62
CA ALA A 82 -9.90 -6.45 2.36
C ALA A 82 -10.91 -5.40 1.89
N GLU A 83 -11.10 -4.37 2.70
CA GLU A 83 -12.04 -3.30 2.36
C GLU A 83 -11.67 -2.65 1.03
N LEU A 84 -10.37 -2.55 0.77
CA LEU A 84 -9.88 -1.94 -0.47
C LEU A 84 -10.29 -2.77 -1.67
N ILE A 85 -9.86 -4.04 -1.69
CA ILE A 85 -10.18 -4.93 -2.79
C ILE A 85 -11.69 -5.08 -2.96
N ASN A 86 -12.41 -4.95 -1.86
CA ASN A 86 -13.87 -5.07 -1.89
C ASN A 86 -14.48 -3.97 -2.74
N LYS A 87 -14.16 -2.72 -2.42
CA LYS A 87 -14.68 -1.57 -3.17
C LYS A 87 -14.45 -1.75 -4.67
N MET A 88 -13.26 -2.22 -5.02
CA MET A 88 -12.91 -2.45 -6.42
C MET A 88 -13.80 -3.52 -7.05
N LYS A 89 -14.01 -4.60 -6.31
CA LYS A 89 -14.84 -5.70 -6.79
C LYS A 89 -16.27 -5.23 -7.07
N LEU A 90 -16.68 -4.18 -6.36
CA LEU A 90 -18.02 -3.63 -6.53
C LEU A 90 -18.16 -2.95 -7.89
N ALA A 91 -17.29 -1.98 -8.15
CA ALA A 91 -17.31 -1.26 -9.41
C ALA A 91 -17.24 -2.22 -10.60
N GLN A 92 -16.65 -3.37 -10.39
CA GLN A 92 -16.52 -4.38 -11.44
C GLN A 92 -17.88 -4.94 -11.82
N GLN A 93 -18.79 -4.98 -10.84
CA GLN A 93 -20.13 -5.50 -11.07
C GLN A 93 -21.13 -4.36 -11.27
N TYR A 94 -20.76 -3.17 -10.80
CA TYR A 94 -21.63 -2.01 -10.93
C TYR A 94 -21.25 -1.17 -12.15
N VAL A 95 -20.69 -1.84 -13.15
CA VAL A 95 -20.30 -1.16 -14.39
C VAL A 95 -21.27 -1.46 -15.52
N MET A 96 -21.84 -2.66 -15.50
CA MET A 96 -22.80 -3.06 -16.52
C MET A 96 -24.15 -2.39 -16.31
N THR A 97 -24.35 -1.84 -15.11
CA THR A 97 -25.60 -1.16 -14.79
C THR A 97 -25.56 0.30 -15.18
N SER A 98 -24.88 1.12 -14.38
CA SER A 98 -24.75 2.54 -14.64
C SER A 98 -24.02 3.25 -13.51
N LEU A 99 -24.16 2.73 -12.30
CA LEU A 99 -23.51 3.30 -11.12
C LEU A 99 -22.03 2.95 -11.10
N GLN A 100 -21.30 3.41 -12.11
CA GLN A 100 -19.87 3.14 -12.21
C GLN A 100 -19.06 4.33 -11.70
N GLN A 101 -19.20 5.47 -12.38
CA GLN A 101 -18.48 6.67 -12.01
C GLN A 101 -18.73 7.02 -10.54
N GLU A 102 -19.99 6.90 -10.11
CA GLU A 102 -20.37 7.21 -8.74
C GLU A 102 -19.64 6.28 -7.76
N TYR A 103 -19.78 4.97 -7.98
CA TYR A 103 -19.15 3.99 -7.12
C TYR A 103 -17.63 4.17 -7.09
N LYS A 104 -17.09 4.64 -8.22
CA LYS A 104 -15.65 4.86 -8.32
C LYS A 104 -15.23 6.09 -7.52
N LYS A 105 -16.09 7.10 -7.49
CA LYS A 105 -15.80 8.33 -6.76
C LYS A 105 -15.42 8.02 -5.32
N GLN A 106 -16.36 7.45 -4.57
CA GLN A 106 -16.12 7.11 -3.18
C GLN A 106 -14.94 6.16 -3.04
N MET A 107 -14.83 5.24 -4.00
CA MET A 107 -13.74 4.26 -3.99
C MET A 107 -12.38 4.96 -4.03
N LEU A 108 -12.24 5.92 -4.93
CA LEU A 108 -10.99 6.65 -5.08
C LEU A 108 -10.58 7.29 -3.76
N THR A 109 -11.55 7.87 -3.05
CA THR A 109 -11.29 8.50 -1.77
C THR A 109 -10.56 7.55 -0.82
N ALA A 110 -11.21 6.43 -0.50
CA ALA A 110 -10.63 5.44 0.40
C ALA A 110 -9.25 5.00 -0.09
N ALA A 111 -9.21 4.54 -1.35
CA ALA A 111 -7.95 4.08 -1.94
C ALA A 111 -6.86 5.13 -1.79
N HIS A 112 -7.25 6.39 -1.91
CA HIS A 112 -6.30 7.50 -1.80
C HIS A 112 -5.69 7.54 -0.40
N ALA A 113 -6.54 7.52 0.62
CA ALA A 113 -6.09 7.56 2.00
C ALA A 113 -5.19 6.37 2.31
N LEU A 114 -5.57 5.20 1.82
CA LEU A 114 -4.80 3.98 2.04
C LEU A 114 -3.36 4.16 1.58
N ALA A 115 -3.19 4.49 0.30
CA ALA A 115 -1.87 4.69 -0.27
C ALA A 115 -1.04 5.66 0.57
N VAL A 116 -1.67 6.76 0.99
CA VAL A 116 -1.00 7.76 1.80
C VAL A 116 -0.36 7.13 3.04
N ASP A 117 -1.06 6.17 3.63
CA ASP A 117 -0.57 5.48 4.81
C ASP A 117 0.74 4.74 4.51
N ALA A 118 0.74 4.00 3.41
CA ALA A 118 1.92 3.25 3.01
C ALA A 118 3.17 4.13 3.00
N LYS A 119 3.02 5.34 2.48
CA LYS A 119 4.13 6.28 2.42
C LYS A 119 4.37 6.94 3.78
N ASN A 120 3.29 7.32 4.44
CA ASN A 120 3.38 7.96 5.75
C ASN A 120 4.20 7.10 6.72
N LEU A 121 4.19 5.79 6.49
CA LEU A 121 4.93 4.87 7.35
C LEU A 121 6.38 5.30 7.49
N LEU A 122 7.09 5.36 6.36
CA LEU A 122 8.49 5.77 6.37
C LEU A 122 8.62 7.26 6.65
N ASP A 123 7.65 8.03 6.19
CA ASP A 123 7.66 9.48 6.39
C ASP A 123 7.71 9.82 7.87
N VAL A 124 6.92 9.11 8.67
CA VAL A 124 6.88 9.33 10.11
C VAL A 124 8.21 8.98 10.76
N ILE A 125 8.61 7.70 10.63
CA ILE A 125 9.86 7.24 11.20
C ILE A 125 11.04 8.06 10.69
N ASP A 126 10.85 8.71 9.54
CA ASP A 126 11.90 9.52 8.95
C ASP A 126 12.46 10.51 9.96
N GLN A 127 11.60 11.02 10.84
CA GLN A 127 12.01 11.98 11.86
C GLN A 127 13.11 11.39 12.74
N ALA A 128 13.05 10.08 12.96
CA ALA A 128 14.04 9.39 13.79
C ALA A 128 15.37 9.28 13.06
N ARG A 129 15.31 8.97 11.76
CA ARG A 129 16.52 8.83 10.96
C ARG A 129 17.41 10.06 11.11
N LEU A 130 16.82 11.23 10.98
CA LEU A 130 17.56 12.48 11.10
C LEU A 130 18.13 12.65 12.50
N LYS A 131 17.30 12.36 13.51
CA LYS A 131 17.72 12.47 14.90
C LYS A 131 19.03 11.71 15.14
N MET A 132 19.23 10.65 14.36
CA MET A 132 20.44 9.83 14.50
C MET A 132 21.61 10.49 13.78
N ILE A 133 21.37 10.98 12.57
CA ILE A 133 22.41 11.63 11.79
C ILE A 133 23.11 12.72 12.59
N SER A 134 22.33 13.69 13.07
CA SER A 134 22.88 14.79 13.86
C SER A 134 23.12 14.35 15.30
N GLN A 135 23.99 13.36 15.48
CA GLN A 135 24.31 12.86 16.81
C GLN A 135 25.34 11.74 16.73
N SER A 136 24.99 10.67 16.02
CA SER A 136 25.89 9.53 15.86
C SER A 136 25.34 8.53 14.85
N ARG A 137 26.19 8.10 13.93
CA ARG A 137 25.79 7.15 12.91
C ARG A 137 26.64 5.88 12.98
N PRO A 138 26.37 5.05 14.01
CA PRO A 138 27.10 3.79 14.22
C PRO A 138 26.76 2.74 13.16
N HIS A 139 27.54 1.66 13.14
CA HIS A 139 27.32 0.59 12.18
C HIS A 139 25.90 0.04 12.28
N SER A 166 -3.33 -16.38 9.24
CA SER A 166 -4.29 -15.31 9.53
C SER A 166 -4.15 -14.18 8.52
N ALA A 167 -3.08 -13.39 8.67
CA ALA A 167 -2.82 -12.27 7.78
C ALA A 167 -2.47 -12.76 6.38
N THR A 168 -1.41 -13.55 6.28
CA THR A 168 -0.96 -14.08 4.99
C THR A 168 -2.08 -14.86 4.30
N ARG A 169 -2.88 -15.56 5.10
CA ARG A 169 -3.98 -16.36 4.57
C ARG A 169 -4.97 -15.47 3.83
N GLU A 170 -5.42 -14.40 4.47
CA GLU A 170 -6.37 -13.48 3.87
C GLU A 170 -5.88 -13.01 2.50
N LEU A 171 -4.59 -12.72 2.41
CA LEU A 171 -3.99 -12.25 1.16
C LEU A 171 -4.14 -13.31 0.07
N ASP A 172 -4.07 -14.58 0.46
CA ASP A 172 -4.20 -15.68 -0.48
C ASP A 172 -5.64 -15.80 -0.99
N GLU A 173 -6.58 -15.75 -0.06
CA GLU A 173 -8.00 -15.86 -0.40
C GLU A 173 -8.40 -14.77 -1.40
N LEU A 174 -8.20 -13.52 -1.02
CA LEU A 174 -8.53 -12.39 -1.88
C LEU A 174 -7.84 -12.51 -3.23
N MET A 175 -6.60 -12.98 -3.23
CA MET A 175 -5.83 -13.15 -4.45
C MET A 175 -6.56 -14.08 -5.42
N ALA A 176 -7.22 -15.10 -4.87
CA ALA A 176 -7.96 -16.05 -5.70
C ALA A 176 -9.15 -15.39 -6.37
N SER A 177 -9.87 -14.56 -5.62
CA SER A 177 -11.03 -13.87 -6.14
C SER A 177 -10.65 -12.95 -7.30
N LEU A 178 -9.42 -12.44 -7.25
CA LEU A 178 -8.93 -11.53 -8.29
C LEU A 178 -8.25 -12.32 -9.40
N SER A 179 -7.75 -13.51 -9.08
CA SER A 179 -7.08 -14.36 -10.06
C SER A 179 -8.03 -14.71 -11.19
N ASP A 180 -9.15 -15.35 -10.86
CA ASP A 180 -10.14 -15.74 -11.87
C ASP A 180 -11.46 -14.99 -11.65
N MET A 1 23.48 -11.73 5.51
CA MET A 1 24.21 -12.60 4.59
C MET A 1 24.22 -12.01 3.18
N ALA A 2 25.40 -12.01 2.55
CA ALA A 2 25.54 -11.48 1.20
C ALA A 2 25.21 -9.99 1.16
N ASN A 3 25.36 -9.39 -0.01
CA ASN A 3 25.08 -7.97 -0.19
C ASN A 3 23.58 -7.72 -0.28
N LEU A 4 22.95 -7.47 0.86
CA LEU A 4 21.52 -7.21 0.91
C LEU A 4 21.23 -5.71 0.94
N ASP A 5 21.91 -4.97 0.08
CA ASP A 5 21.73 -3.52 0.01
C ASP A 5 20.82 -3.14 -1.15
N ARG A 6 19.96 -4.07 -1.54
CA ARG A 6 19.02 -3.84 -2.63
C ARG A 6 17.61 -3.57 -2.10
N SER A 7 17.15 -4.44 -1.21
CA SER A 7 15.82 -4.31 -0.63
C SER A 7 15.80 -3.19 0.40
N ASN A 8 16.93 -2.98 1.07
CA ASN A 8 17.04 -1.95 2.09
C ASN A 8 16.85 -0.55 1.47
N ASP A 9 17.24 -0.42 0.22
CA ASP A 9 17.10 0.86 -0.48
C ASP A 9 15.79 0.93 -1.24
N LYS A 10 15.29 -0.23 -1.63
CA LYS A 10 14.04 -0.32 -2.39
C LYS A 10 12.86 0.19 -1.54
N VAL A 11 12.94 -0.04 -0.23
CA VAL A 11 11.89 0.39 0.68
C VAL A 11 11.64 1.89 0.56
N TYR A 12 12.71 2.64 0.31
CA TYR A 12 12.60 4.10 0.17
C TYR A 12 11.97 4.47 -1.17
N GLU A 13 12.01 3.53 -2.12
CA GLU A 13 11.45 3.76 -3.45
C GLU A 13 9.99 3.33 -3.49
N ASN A 14 9.72 2.09 -3.09
CA ASN A 14 8.36 1.56 -3.08
C ASN A 14 7.40 2.52 -2.38
N VAL A 15 7.83 3.03 -1.23
CA VAL A 15 7.00 3.95 -0.46
C VAL A 15 6.50 5.10 -1.34
N THR A 16 7.26 5.40 -2.38
CA THR A 16 6.89 6.48 -3.30
C THR A 16 6.20 5.93 -4.55
N GLY A 17 6.81 4.93 -5.16
CA GLY A 17 6.26 4.32 -6.35
C GLY A 17 4.79 3.96 -6.18
N LEU A 18 4.49 3.17 -5.15
CA LEU A 18 3.11 2.76 -4.89
C LEU A 18 2.17 3.96 -4.86
N VAL A 19 2.67 5.08 -4.34
CA VAL A 19 1.87 6.30 -4.25
C VAL A 19 1.54 6.83 -5.65
N LYS A 20 2.54 6.88 -6.51
CA LYS A 20 2.37 7.37 -7.87
C LYS A 20 1.20 6.66 -8.55
N ALA A 21 1.08 5.36 -8.30
CA ALA A 21 0.00 4.57 -8.89
C ALA A 21 -1.35 5.01 -8.35
N VAL A 22 -1.43 5.25 -7.05
CA VAL A 22 -2.67 5.67 -6.42
C VAL A 22 -3.19 6.96 -7.06
N ILE A 23 -2.28 7.83 -7.44
CA ILE A 23 -2.65 9.10 -8.07
C ILE A 23 -3.04 8.91 -9.53
N GLU A 24 -2.21 8.17 -10.27
CA GLU A 24 -2.47 7.90 -11.68
C GLU A 24 -3.88 7.36 -11.87
N MET A 25 -4.15 6.21 -11.28
CA MET A 25 -5.47 5.58 -11.39
C MET A 25 -6.57 6.53 -10.91
N SER A 26 -6.30 7.23 -9.80
CA SER A 26 -7.26 8.16 -9.24
C SER A 26 -7.59 9.27 -10.25
N SER A 27 -6.70 9.46 -11.22
CA SER A 27 -6.90 10.49 -12.23
C SER A 27 -7.91 10.04 -13.28
N LYS A 28 -7.65 8.87 -13.87
CA LYS A 28 -8.54 8.33 -14.91
C LYS A 28 -9.44 7.24 -14.32
N ILE A 29 -9.73 7.36 -13.02
CA ILE A 29 -10.58 6.38 -12.35
C ILE A 29 -12.00 6.41 -12.91
N GLN A 30 -12.47 7.60 -13.25
CA GLN A 30 -13.81 7.76 -13.81
C GLN A 30 -13.97 6.95 -15.10
N PRO A 31 -13.15 7.29 -16.11
CA PRO A 31 -13.18 6.62 -17.41
C PRO A 31 -12.64 5.19 -17.33
N ALA A 32 -12.09 4.84 -16.18
CA ALA A 32 -11.55 3.51 -15.98
C ALA A 32 -12.52 2.43 -16.47
N PRO A 33 -12.18 1.81 -17.60
CA PRO A 33 -13.00 0.75 -18.20
C PRO A 33 -12.99 -0.54 -17.38
N PRO A 34 -13.90 -1.46 -17.72
CA PRO A 34 -14.01 -2.75 -17.04
C PRO A 34 -12.81 -3.66 -17.31
N GLU A 35 -12.10 -3.38 -18.40
CA GLU A 35 -10.94 -4.17 -18.77
C GLU A 35 -9.69 -3.69 -18.05
N GLU A 36 -9.71 -2.42 -17.65
CA GLU A 36 -8.57 -1.82 -16.95
C GLU A 36 -8.69 -2.02 -15.44
N TYR A 37 -9.86 -2.44 -15.00
CA TYR A 37 -10.10 -2.67 -13.58
C TYR A 37 -9.47 -3.97 -13.12
N VAL A 38 -9.39 -4.94 -14.03
CA VAL A 38 -8.79 -6.23 -13.71
C VAL A 38 -7.33 -6.09 -13.31
N PRO A 39 -6.53 -5.49 -14.21
CA PRO A 39 -5.10 -5.27 -13.96
C PRO A 39 -4.85 -4.21 -12.89
N MET A 40 -5.74 -3.24 -12.81
CA MET A 40 -5.61 -2.17 -11.84
C MET A 40 -5.42 -2.73 -10.43
N VAL A 41 -6.26 -3.70 -10.07
CA VAL A 41 -6.18 -4.33 -8.75
C VAL A 41 -4.80 -4.96 -8.52
N LYS A 42 -4.23 -5.52 -9.58
CA LYS A 42 -2.92 -6.15 -9.50
C LYS A 42 -1.86 -5.15 -9.04
N GLU A 43 -1.99 -3.90 -9.52
CA GLU A 43 -1.05 -2.86 -9.15
C GLU A 43 -1.10 -2.55 -7.66
N VAL A 44 -2.31 -2.33 -7.15
CA VAL A 44 -2.50 -2.04 -5.74
C VAL A 44 -2.13 -3.24 -4.87
N GLY A 45 -2.59 -4.41 -5.27
CA GLY A 45 -2.30 -5.61 -4.52
C GLY A 45 -0.81 -5.84 -4.34
N LEU A 46 -0.02 -5.33 -5.29
CA LEU A 46 1.42 -5.49 -5.24
C LEU A 46 2.03 -4.59 -4.16
N ALA A 47 1.74 -3.29 -4.24
CA ALA A 47 2.24 -2.33 -3.27
C ALA A 47 1.81 -2.69 -1.86
N LEU A 48 0.56 -3.11 -1.72
CA LEU A 48 0.01 -3.49 -0.41
C LEU A 48 0.73 -4.72 0.13
N ARG A 49 0.63 -5.83 -0.59
CA ARG A 49 1.27 -7.07 -0.17
C ARG A 49 2.76 -6.85 0.08
N THR A 50 3.43 -6.21 -0.88
CA THR A 50 4.85 -5.93 -0.75
C THR A 50 5.15 -5.04 0.45
N LEU A 51 4.31 -4.03 0.64
CA LEU A 51 4.48 -3.11 1.76
C LEU A 51 4.67 -3.86 3.07
N LEU A 52 3.92 -4.94 3.24
CA LEU A 52 4.00 -5.75 4.45
C LEU A 52 5.45 -6.14 4.75
N ALA A 53 6.11 -6.71 3.74
CA ALA A 53 7.49 -7.14 3.89
C ALA A 53 8.44 -5.94 3.88
N THR A 54 8.14 -4.97 3.01
CA THR A 54 8.96 -3.77 2.91
C THR A 54 9.14 -3.10 4.27
N VAL A 55 8.04 -2.64 4.85
CA VAL A 55 8.05 -1.99 6.15
C VAL A 55 8.65 -2.90 7.21
N ASP A 56 8.38 -4.19 7.09
CA ASP A 56 8.89 -5.17 8.05
C ASP A 56 10.41 -5.08 8.16
N GLU A 57 11.07 -4.72 7.06
CA GLU A 57 12.52 -4.59 7.04
C GLU A 57 12.94 -3.18 7.43
N SER A 58 12.01 -2.24 7.36
CA SER A 58 12.28 -0.84 7.70
C SER A 58 12.42 -0.68 9.22
N LEU A 59 11.81 -1.59 9.97
CA LEU A 59 11.86 -1.53 11.42
C LEU A 59 13.30 -1.41 11.91
N PRO A 60 14.13 -2.41 11.57
CA PRO A 60 15.55 -2.43 11.96
C PRO A 60 16.36 -1.38 11.24
N VAL A 61 16.10 -1.21 9.95
CA VAL A 61 16.81 -0.23 9.13
C VAL A 61 16.80 1.14 9.80
N LEU A 62 15.70 1.47 10.45
CA LEU A 62 15.55 2.75 11.14
C LEU A 62 15.70 2.59 12.64
N PRO A 63 16.02 3.70 13.33
CA PRO A 63 16.19 3.70 14.78
C PRO A 63 14.88 3.49 15.53
N ALA A 64 14.93 2.69 16.60
CA ALA A 64 13.74 2.41 17.39
C ALA A 64 13.09 3.70 17.88
N SER A 65 11.80 3.85 17.63
CA SER A 65 11.07 5.04 18.04
C SER A 65 9.61 4.97 17.58
N THR A 66 9.40 4.36 16.42
CA THR A 66 8.05 4.23 15.86
C THR A 66 7.64 2.77 15.76
N HIS A 67 8.21 1.94 16.64
CA HIS A 67 7.90 0.52 16.65
C HIS A 67 6.38 0.29 16.70
N ARG A 68 5.75 0.79 17.75
CA ARG A 68 4.31 0.64 17.91
C ARG A 68 3.57 1.09 16.66
N GLU A 69 3.87 2.31 16.21
CA GLU A 69 3.23 2.86 15.02
C GLU A 69 3.33 1.89 13.85
N ILE A 70 4.56 1.55 13.47
CA ILE A 70 4.80 0.64 12.36
C ILE A 70 4.05 -0.67 12.56
N GLU A 71 4.03 -1.15 13.80
CA GLU A 71 3.35 -2.39 14.12
C GLU A 71 1.86 -2.30 13.81
N MET A 72 1.26 -1.16 14.14
CA MET A 72 -0.15 -0.93 13.89
C MET A 72 -0.42 -0.76 12.40
N ALA A 73 0.57 -0.25 11.68
CA ALA A 73 0.44 -0.03 10.24
C ALA A 73 0.30 -1.36 9.51
N GLN A 74 0.99 -2.39 9.99
CA GLN A 74 0.93 -3.70 9.37
C GLN A 74 -0.50 -4.18 9.22
N LYS A 75 -1.11 -4.56 10.33
CA LYS A 75 -2.49 -5.03 10.33
C LYS A 75 -3.41 -4.04 9.62
N LEU A 76 -3.15 -2.76 9.82
CA LEU A 76 -3.94 -1.71 9.20
C LEU A 76 -4.02 -1.91 7.68
N LEU A 77 -2.87 -2.06 7.05
CA LEU A 77 -2.80 -2.26 5.61
C LEU A 77 -3.66 -3.45 5.19
N ASN A 78 -3.58 -4.53 5.96
CA ASN A 78 -4.35 -5.74 5.66
C ASN A 78 -5.83 -5.41 5.48
N SER A 79 -6.42 -4.77 6.49
CA SER A 79 -7.82 -4.40 6.44
C SER A 79 -8.13 -3.62 5.17
N ASP A 80 -7.29 -2.66 4.86
CA ASP A 80 -7.47 -1.83 3.66
C ASP A 80 -7.61 -2.70 2.42
N LEU A 81 -6.73 -3.69 2.30
CA LEU A 81 -6.75 -4.60 1.15
C LEU A 81 -8.15 -5.17 0.94
N ALA A 82 -8.67 -5.84 1.96
CA ALA A 82 -10.00 -6.44 1.89
C ALA A 82 -11.05 -5.39 1.51
N GLU A 83 -10.87 -4.17 2.01
CA GLU A 83 -11.80 -3.09 1.74
C GLU A 83 -11.78 -2.72 0.26
N LEU A 84 -10.58 -2.63 -0.31
CA LEU A 84 -10.43 -2.28 -1.72
C LEU A 84 -10.97 -3.40 -2.61
N ILE A 85 -10.40 -4.59 -2.46
CA ILE A 85 -10.83 -5.74 -3.26
C ILE A 85 -12.34 -5.95 -3.16
N ASN A 86 -12.90 -5.63 -1.99
CA ASN A 86 -14.33 -5.78 -1.77
C ASN A 86 -15.12 -4.89 -2.70
N LYS A 87 -15.03 -3.58 -2.47
CA LYS A 87 -15.74 -2.60 -3.28
C LYS A 87 -15.46 -2.83 -4.77
N MET A 88 -14.21 -3.15 -5.09
CA MET A 88 -13.82 -3.39 -6.47
C MET A 88 -14.68 -4.48 -7.10
N LYS A 89 -14.73 -5.64 -6.44
CA LYS A 89 -15.52 -6.76 -6.93
C LYS A 89 -16.95 -6.34 -7.22
N LEU A 90 -17.46 -5.39 -6.44
CA LEU A 90 -18.82 -4.89 -6.62
C LEU A 90 -18.90 -3.96 -7.83
N ALA A 91 -18.10 -2.90 -7.80
CA ALA A 91 -18.09 -1.93 -8.89
C ALA A 91 -17.85 -2.63 -10.23
N GLN A 92 -17.14 -3.75 -10.20
CA GLN A 92 -16.84 -4.50 -11.41
C GLN A 92 -18.10 -5.10 -12.01
N GLN A 93 -19.06 -5.41 -11.15
CA GLN A 93 -20.33 -6.00 -11.60
C GLN A 93 -21.43 -4.93 -11.66
N TYR A 94 -21.18 -3.79 -11.01
CA TYR A 94 -22.14 -2.70 -10.99
C TYR A 94 -21.83 -1.68 -12.08
N VAL A 95 -21.24 -2.15 -13.17
CA VAL A 95 -20.90 -1.28 -14.29
C VAL A 95 -21.86 -1.47 -15.45
N MET A 96 -22.35 -2.69 -15.61
CA MET A 96 -23.29 -3.01 -16.68
C MET A 96 -24.60 -2.26 -16.50
N THR A 97 -24.96 -2.00 -15.25
CA THR A 97 -26.20 -1.30 -14.93
C THR A 97 -26.04 0.21 -15.14
N SER A 98 -25.34 0.87 -14.22
CA SER A 98 -25.13 2.30 -14.31
C SER A 98 -24.37 2.81 -13.09
N LEU A 99 -24.57 2.16 -11.95
CA LEU A 99 -23.90 2.54 -10.71
C LEU A 99 -22.44 2.12 -10.73
N GLN A 100 -21.66 2.77 -11.59
CA GLN A 100 -20.23 2.46 -11.70
C GLN A 100 -19.40 3.40 -10.83
N GLN A 101 -19.39 4.67 -11.19
CA GLN A 101 -18.64 5.67 -10.44
C GLN A 101 -19.02 5.65 -8.97
N GLU A 102 -20.25 5.22 -8.69
CA GLU A 102 -20.74 5.17 -7.32
C GLU A 102 -19.84 4.31 -6.46
N TYR A 103 -19.72 3.03 -6.81
CA TYR A 103 -18.89 2.10 -6.06
C TYR A 103 -17.42 2.52 -6.12
N LYS A 104 -17.04 3.19 -7.20
CA LYS A 104 -15.67 3.65 -7.39
C LYS A 104 -15.35 4.78 -6.42
N LYS A 105 -16.34 5.63 -6.15
CA LYS A 105 -16.16 6.76 -5.24
C LYS A 105 -15.66 6.28 -3.88
N GLN A 106 -16.47 5.46 -3.21
CA GLN A 106 -16.10 4.93 -1.90
C GLN A 106 -14.77 4.21 -1.95
N MET A 107 -14.52 3.51 -3.06
CA MET A 107 -13.28 2.78 -3.24
C MET A 107 -12.08 3.72 -3.23
N LEU A 108 -12.13 4.75 -4.06
CA LEU A 108 -11.04 5.72 -4.14
C LEU A 108 -10.69 6.25 -2.76
N THR A 109 -11.72 6.55 -1.96
CA THR A 109 -11.51 7.07 -0.62
C THR A 109 -10.61 6.15 0.21
N ALA A 110 -10.93 4.86 0.18
CA ALA A 110 -10.14 3.87 0.91
C ALA A 110 -8.70 3.84 0.44
N ALA A 111 -8.51 3.65 -0.87
CA ALA A 111 -7.18 3.61 -1.45
C ALA A 111 -6.43 4.91 -1.21
N HIS A 112 -7.18 6.00 -1.04
CA HIS A 112 -6.58 7.31 -0.78
C HIS A 112 -5.81 7.32 0.53
N ALA A 113 -6.52 7.04 1.62
CA ALA A 113 -5.90 7.02 2.95
C ALA A 113 -4.75 6.02 2.99
N LEU A 114 -4.96 4.86 2.39
CA LEU A 114 -3.94 3.81 2.36
C LEU A 114 -2.66 4.32 1.71
N ALA A 115 -2.79 4.91 0.52
CA ALA A 115 -1.64 5.43 -0.20
C ALA A 115 -0.81 6.36 0.69
N VAL A 116 -1.47 7.35 1.28
CA VAL A 116 -0.80 8.31 2.15
C VAL A 116 -0.02 7.59 3.25
N ASP A 117 -0.56 6.47 3.72
CA ASP A 117 0.09 5.69 4.76
C ASP A 117 1.50 5.29 4.35
N ALA A 118 1.60 4.55 3.24
CA ALA A 118 2.89 4.11 2.74
C ALA A 118 3.85 5.27 2.59
N LYS A 119 3.31 6.46 2.33
CA LYS A 119 4.12 7.65 2.15
C LYS A 119 4.61 8.18 3.50
N ASN A 120 3.67 8.53 4.37
CA ASN A 120 4.01 9.05 5.69
C ASN A 120 4.83 8.02 6.48
N LEU A 121 4.73 6.77 6.08
CA LEU A 121 5.45 5.69 6.75
C LEU A 121 6.93 6.03 6.89
N LEU A 122 7.60 6.24 5.76
CA LEU A 122 9.02 6.58 5.76
C LEU A 122 9.24 8.00 6.25
N ASP A 123 8.28 8.88 5.94
CA ASP A 123 8.37 10.28 6.35
C ASP A 123 8.50 10.40 7.86
N VAL A 124 7.70 9.62 8.58
CA VAL A 124 7.71 9.63 10.03
C VAL A 124 9.03 9.08 10.57
N ILE A 125 9.29 7.81 10.29
CA ILE A 125 10.52 7.16 10.75
C ILE A 125 11.74 7.97 10.34
N ASP A 126 11.63 8.70 9.24
CA ASP A 126 12.73 9.52 8.74
C ASP A 126 13.18 10.53 9.80
N GLN A 127 12.20 11.16 10.44
CA GLN A 127 12.49 12.15 11.47
C GLN A 127 13.31 11.54 12.60
N ALA A 128 13.22 10.22 12.75
CA ALA A 128 13.96 9.52 13.80
C ALA A 128 15.44 9.45 13.46
N ARG A 129 15.74 8.96 12.25
CA ARG A 129 17.12 8.83 11.81
C ARG A 129 17.87 10.15 11.97
N LEU A 130 17.26 11.23 11.50
CA LEU A 130 17.87 12.55 11.60
C LEU A 130 18.04 12.97 13.04
N LYS A 131 17.03 12.68 13.86
CA LYS A 131 17.07 13.02 15.28
C LYS A 131 18.30 12.42 15.95
N MET A 132 18.77 11.30 15.43
CA MET A 132 19.94 10.63 15.97
C MET A 132 21.22 11.19 15.37
N ILE A 133 21.29 11.22 14.04
CA ILE A 133 22.46 11.73 13.34
C ILE A 133 22.82 13.13 13.84
N SER A 134 21.89 14.07 13.68
CA SER A 134 22.11 15.44 14.10
C SER A 134 21.98 15.58 15.61
N GLN A 135 22.94 14.99 16.34
CA GLN A 135 22.92 15.04 17.80
C GLN A 135 24.24 14.53 18.38
N SER A 136 24.51 13.25 18.15
CA SER A 136 25.73 12.62 18.64
C SER A 136 25.88 11.20 18.11
N ARG A 137 27.13 10.76 17.97
CA ARG A 137 27.40 9.42 17.47
C ARG A 137 26.76 9.20 16.09
N PRO A 138 27.29 9.92 15.08
CA PRO A 138 26.80 9.82 13.71
C PRO A 138 27.12 8.48 13.07
N HIS A 139 26.67 8.29 11.83
CA HIS A 139 26.91 7.05 11.10
C HIS A 139 26.75 7.26 9.60
N SER A 166 -2.62 -15.46 10.00
CA SER A 166 -3.93 -14.86 9.78
C SER A 166 -3.86 -13.78 8.70
N ALA A 167 -2.83 -12.96 8.76
CA ALA A 167 -2.65 -11.89 7.79
C ALA A 167 -2.29 -12.45 6.41
N THR A 168 -1.25 -13.27 6.37
CA THR A 168 -0.81 -13.87 5.12
C THR A 168 -1.92 -14.68 4.47
N ARG A 169 -2.73 -15.33 5.30
CA ARG A 169 -3.84 -16.14 4.82
C ARG A 169 -4.83 -15.30 4.02
N GLU A 170 -5.25 -14.17 4.60
CA GLU A 170 -6.19 -13.29 3.94
C GLU A 170 -5.70 -12.89 2.55
N LEU A 171 -4.43 -12.49 2.47
CA LEU A 171 -3.84 -12.09 1.21
C LEU A 171 -3.94 -13.22 0.17
N ASP A 172 -3.84 -14.45 0.65
CA ASP A 172 -3.93 -15.62 -0.23
C ASP A 172 -5.35 -15.82 -0.72
N GLU A 173 -6.32 -15.61 0.17
CA GLU A 173 -7.73 -15.77 -0.18
C GLU A 173 -8.13 -14.80 -1.29
N LEU A 174 -7.97 -13.52 -1.03
CA LEU A 174 -8.31 -12.49 -2.00
C LEU A 174 -7.54 -12.69 -3.31
N MET A 175 -6.28 -13.08 -3.18
CA MET A 175 -5.43 -13.32 -4.35
C MET A 175 -6.06 -14.36 -5.27
N ALA A 176 -6.69 -15.37 -4.68
CA ALA A 176 -7.32 -16.43 -5.44
C ALA A 176 -8.51 -15.90 -6.23
N SER A 177 -9.32 -15.05 -5.59
CA SER A 177 -10.49 -14.48 -6.23
C SER A 177 -10.10 -13.69 -7.48
N LEU A 178 -8.92 -13.08 -7.43
CA LEU A 178 -8.42 -12.29 -8.55
C LEU A 178 -7.66 -13.16 -9.54
N SER A 179 -7.10 -14.26 -9.05
CA SER A 179 -6.34 -15.18 -9.88
C SER A 179 -7.24 -15.82 -10.94
N ASP A 180 -8.33 -16.42 -10.48
CA ASP A 180 -9.27 -17.08 -11.38
C ASP A 180 -8.57 -18.08 -12.29
N MET A 1 28.49 -10.75 -1.96
CA MET A 1 29.37 -10.08 -2.91
C MET A 1 29.12 -8.57 -2.89
N ALA A 2 27.89 -8.17 -2.58
CA ALA A 2 27.53 -6.76 -2.52
C ALA A 2 27.29 -6.32 -1.09
N ASN A 3 26.86 -5.07 -0.92
CA ASN A 3 26.59 -4.52 0.40
C ASN A 3 25.19 -4.90 0.88
N LEU A 4 24.82 -4.44 2.06
CA LEU A 4 23.52 -4.74 2.63
C LEU A 4 22.57 -3.55 2.46
N ASP A 5 22.80 -2.77 1.41
CA ASP A 5 21.96 -1.60 1.13
C ASP A 5 20.99 -1.90 -0.01
N ARG A 6 20.49 -3.12 -0.04
CA ARG A 6 19.54 -3.53 -1.08
C ARG A 6 18.10 -3.44 -0.58
N SER A 7 17.86 -4.00 0.60
CA SER A 7 16.52 -3.99 1.19
C SER A 7 16.26 -2.67 1.90
N ASN A 8 17.27 -2.16 2.59
CA ASN A 8 17.16 -0.90 3.32
C ASN A 8 16.77 0.23 2.37
N ASP A 9 17.25 0.16 1.14
CA ASP A 9 16.95 1.18 0.15
C ASP A 9 15.71 0.81 -0.66
N LYS A 10 15.46 -0.48 -0.78
CA LYS A 10 14.31 -0.97 -1.53
C LYS A 10 13.01 -0.63 -0.81
N VAL A 11 13.01 -0.79 0.51
CA VAL A 11 11.84 -0.50 1.33
C VAL A 11 11.39 0.95 1.15
N TYR A 12 12.36 1.85 1.06
CA TYR A 12 12.07 3.27 0.89
C TYR A 12 11.59 3.57 -0.53
N GLU A 13 11.89 2.66 -1.45
CA GLU A 13 11.48 2.82 -2.84
C GLU A 13 10.02 2.43 -3.03
N ASN A 14 9.67 1.22 -2.60
CA ASN A 14 8.31 0.73 -2.73
C ASN A 14 7.31 1.71 -2.12
N VAL A 15 7.69 2.28 -0.98
CA VAL A 15 6.83 3.25 -0.29
C VAL A 15 6.47 4.42 -1.21
N THR A 16 7.31 4.64 -2.22
CA THR A 16 7.10 5.73 -3.17
C THR A 16 6.26 5.27 -4.36
N GLY A 17 6.65 4.13 -4.93
CA GLY A 17 5.94 3.59 -6.08
C GLY A 17 4.44 3.53 -5.85
N LEU A 18 4.04 2.95 -4.72
CA LEU A 18 2.62 2.83 -4.40
C LEU A 18 1.95 4.21 -4.36
N VAL A 19 2.69 5.21 -3.92
CA VAL A 19 2.18 6.58 -3.85
C VAL A 19 1.90 7.13 -5.24
N LYS A 20 2.92 7.15 -6.08
CA LYS A 20 2.79 7.65 -7.44
C LYS A 20 1.72 6.88 -8.21
N ALA A 21 1.47 5.64 -7.79
CA ALA A 21 0.47 4.80 -8.43
C ALA A 21 -0.94 5.31 -8.14
N VAL A 22 -1.20 5.64 -6.88
CA VAL A 22 -2.50 6.15 -6.48
C VAL A 22 -2.85 7.43 -7.22
N ILE A 23 -1.83 8.13 -7.69
CA ILE A 23 -2.02 9.38 -8.40
C ILE A 23 -2.45 9.12 -9.84
N GLU A 24 -1.64 8.36 -10.56
CA GLU A 24 -1.94 8.04 -11.95
C GLU A 24 -3.36 7.49 -12.09
N MET A 25 -3.64 6.42 -11.35
CA MET A 25 -4.96 5.79 -11.39
C MET A 25 -6.06 6.80 -11.04
N SER A 26 -5.79 7.63 -10.04
CA SER A 26 -6.74 8.64 -9.60
C SER A 26 -7.05 9.62 -10.72
N SER A 27 -6.16 9.68 -11.71
CA SER A 27 -6.34 10.58 -12.84
C SER A 27 -7.34 10.02 -13.84
N LYS A 28 -7.08 8.80 -14.32
CA LYS A 28 -7.97 8.15 -15.27
C LYS A 28 -8.94 7.23 -14.56
N ILE A 29 -9.19 7.49 -13.28
CA ILE A 29 -10.10 6.68 -12.49
C ILE A 29 -11.52 6.74 -13.05
N GLN A 30 -11.92 7.92 -13.48
CA GLN A 30 -13.26 8.12 -14.05
C GLN A 30 -13.47 7.20 -15.25
N PRO A 31 -12.65 7.40 -16.30
CA PRO A 31 -12.74 6.61 -17.52
C PRO A 31 -12.28 5.17 -17.31
N ALA A 32 -11.73 4.88 -16.13
CA ALA A 32 -11.26 3.55 -15.81
C ALA A 32 -12.31 2.50 -16.15
N PRO A 33 -12.07 1.74 -17.23
CA PRO A 33 -12.98 0.68 -17.67
C PRO A 33 -13.03 -0.50 -16.72
N PRO A 34 -13.99 -1.40 -16.93
CA PRO A 34 -14.17 -2.60 -16.10
C PRO A 34 -13.05 -3.62 -16.30
N GLU A 35 -12.35 -3.50 -17.43
CA GLU A 35 -11.26 -4.40 -17.74
C GLU A 35 -9.95 -3.92 -17.12
N GLU A 36 -9.90 -2.64 -16.79
CA GLU A 36 -8.70 -2.05 -16.19
C GLU A 36 -8.76 -2.14 -14.67
N TYR A 37 -9.93 -2.50 -14.15
CA TYR A 37 -10.12 -2.62 -12.71
C TYR A 37 -9.49 -3.91 -12.18
N VAL A 38 -9.49 -4.94 -13.03
CA VAL A 38 -8.93 -6.23 -12.66
C VAL A 38 -7.44 -6.10 -12.33
N PRO A 39 -6.66 -5.60 -13.30
CA PRO A 39 -5.22 -5.42 -13.13
C PRO A 39 -4.88 -4.30 -12.15
N MET A 40 -5.72 -3.26 -12.12
CA MET A 40 -5.51 -2.13 -11.23
C MET A 40 -5.31 -2.60 -9.79
N VAL A 41 -6.30 -3.35 -9.28
CA VAL A 41 -6.23 -3.86 -7.93
C VAL A 41 -4.97 -4.70 -7.71
N LYS A 42 -4.54 -5.39 -8.76
CA LYS A 42 -3.36 -6.23 -8.69
C LYS A 42 -2.15 -5.42 -8.22
N GLU A 43 -2.00 -4.22 -8.76
CA GLU A 43 -0.89 -3.35 -8.39
C GLU A 43 -0.99 -2.92 -6.93
N VAL A 44 -2.18 -2.49 -6.54
CA VAL A 44 -2.42 -2.04 -5.17
C VAL A 44 -2.17 -3.17 -4.17
N GLY A 45 -2.68 -4.36 -4.49
CA GLY A 45 -2.50 -5.50 -3.61
C GLY A 45 -1.04 -5.76 -3.30
N LEU A 46 -0.18 -5.65 -4.31
CA LEU A 46 1.24 -5.87 -4.13
C LEU A 46 1.84 -4.85 -3.17
N ALA A 47 1.36 -3.60 -3.26
CA ALA A 47 1.85 -2.53 -2.40
C ALA A 47 1.60 -2.85 -0.93
N LEU A 48 0.34 -3.14 -0.60
CA LEU A 48 -0.04 -3.45 0.77
C LEU A 48 0.62 -4.75 1.23
N ARG A 49 0.49 -5.80 0.42
CA ARG A 49 1.07 -7.09 0.74
C ARG A 49 2.58 -6.96 0.99
N THR A 50 3.29 -6.39 0.04
CA THR A 50 4.73 -6.21 0.15
C THR A 50 5.07 -5.25 1.29
N LEU A 51 4.22 -4.25 1.50
CA LEU A 51 4.43 -3.27 2.56
C LEU A 51 4.67 -3.96 3.90
N LEU A 52 3.93 -5.03 4.15
CA LEU A 52 4.06 -5.77 5.40
C LEU A 52 5.49 -6.28 5.57
N ALA A 53 6.06 -6.83 4.50
CA ALA A 53 7.42 -7.35 4.53
C ALA A 53 8.44 -6.21 4.55
N THR A 54 8.18 -5.18 3.75
CA THR A 54 9.08 -4.03 3.69
C THR A 54 9.28 -3.40 5.06
N VAL A 55 8.18 -3.11 5.74
CA VAL A 55 8.24 -2.51 7.07
C VAL A 55 8.87 -3.47 8.08
N ASP A 56 8.68 -4.76 7.86
CA ASP A 56 9.23 -5.77 8.75
C ASP A 56 10.75 -5.62 8.85
N GLU A 57 11.39 -5.35 7.73
CA GLU A 57 12.85 -5.18 7.70
C GLU A 57 13.25 -3.78 8.14
N SER A 58 12.29 -2.86 8.11
CA SER A 58 12.54 -1.47 8.50
C SER A 58 12.67 -1.37 10.01
N LEU A 59 12.07 -2.31 10.73
CA LEU A 59 12.12 -2.33 12.19
C LEU A 59 13.55 -2.20 12.69
N PRO A 60 14.39 -3.17 12.31
CA PRO A 60 15.81 -3.19 12.71
C PRO A 60 16.62 -2.09 12.03
N VAL A 61 16.39 -1.92 10.73
CA VAL A 61 17.10 -0.90 9.96
C VAL A 61 17.02 0.46 10.64
N LEU A 62 15.88 0.71 11.30
CA LEU A 62 15.68 1.98 11.99
C LEU A 62 15.84 1.81 13.50
N PRO A 63 16.10 2.92 14.20
CA PRO A 63 16.28 2.92 15.65
C PRO A 63 14.97 2.64 16.39
N ALA A 64 15.05 1.75 17.37
CA ALA A 64 13.87 1.40 18.17
C ALA A 64 13.30 2.62 18.87
N SER A 65 12.10 3.02 18.49
CA SER A 65 11.44 4.18 19.08
C SER A 65 10.11 4.47 18.39
N THR A 66 10.06 4.19 17.09
CA THR A 66 8.85 4.43 16.31
C THR A 66 8.26 3.12 15.81
N HIS A 67 8.22 2.12 16.69
CA HIS A 67 7.68 0.81 16.35
C HIS A 67 6.21 0.71 16.77
N ARG A 68 5.84 1.50 17.77
CA ARG A 68 4.47 1.49 18.27
C ARG A 68 3.47 1.65 17.14
N GLU A 69 3.42 2.86 16.56
CA GLU A 69 2.50 3.14 15.46
C GLU A 69 2.65 2.09 14.36
N ILE A 70 3.89 1.79 13.99
CA ILE A 70 4.16 0.81 12.96
C ILE A 70 3.45 -0.51 13.23
N GLU A 71 3.51 -0.94 14.49
CA GLU A 71 2.87 -2.19 14.90
C GLU A 71 1.38 -2.19 14.53
N MET A 72 0.69 -1.12 14.92
CA MET A 72 -0.74 -1.00 14.62
C MET A 72 -0.97 -0.74 13.14
N ALA A 73 0.03 -0.17 12.49
CA ALA A 73 -0.06 0.13 11.06
C ALA A 73 -0.16 -1.15 10.23
N GLN A 74 0.54 -2.19 10.67
CA GLN A 74 0.53 -3.47 9.98
C GLN A 74 -0.89 -3.96 9.75
N LYS A 75 -1.58 -4.30 10.83
CA LYS A 75 -2.96 -4.78 10.75
C LYS A 75 -3.82 -3.81 9.95
N LEU A 76 -3.55 -2.53 10.08
CA LEU A 76 -4.30 -1.50 9.36
C LEU A 76 -4.32 -1.79 7.86
N LEU A 77 -3.13 -1.89 7.27
CA LEU A 77 -3.01 -2.17 5.84
C LEU A 77 -3.82 -3.40 5.46
N ASN A 78 -3.76 -4.43 6.29
CA ASN A 78 -4.49 -5.66 6.04
C ASN A 78 -5.96 -5.38 5.76
N SER A 79 -6.66 -4.85 6.76
CA SER A 79 -8.08 -4.54 6.63
C SER A 79 -8.31 -3.65 5.41
N ASP A 80 -7.48 -2.64 5.24
CA ASP A 80 -7.60 -1.72 4.12
C ASP A 80 -7.66 -2.48 2.79
N LEU A 81 -6.77 -3.45 2.63
CA LEU A 81 -6.73 -4.25 1.41
C LEU A 81 -8.09 -4.87 1.13
N ALA A 82 -8.59 -5.65 2.07
CA ALA A 82 -9.89 -6.30 1.93
C ALA A 82 -10.97 -5.29 1.52
N GLU A 83 -10.88 -4.09 2.07
CA GLU A 83 -11.84 -3.04 1.77
C GLU A 83 -11.77 -2.63 0.30
N LEU A 84 -10.55 -2.52 -0.22
CA LEU A 84 -10.34 -2.14 -1.61
C LEU A 84 -10.88 -3.21 -2.55
N ILE A 85 -10.35 -4.42 -2.42
CA ILE A 85 -10.78 -5.54 -3.25
C ILE A 85 -12.30 -5.69 -3.22
N ASN A 86 -12.91 -5.30 -2.11
CA ASN A 86 -14.36 -5.39 -1.95
C ASN A 86 -15.07 -4.52 -2.99
N LYS A 87 -14.78 -3.23 -2.95
CA LYS A 87 -15.40 -2.28 -3.88
C LYS A 87 -15.24 -2.76 -5.32
N MET A 88 -14.05 -3.24 -5.65
CA MET A 88 -13.77 -3.73 -6.99
C MET A 88 -14.77 -4.80 -7.40
N LYS A 89 -15.02 -5.75 -6.50
CA LYS A 89 -15.96 -6.83 -6.77
C LYS A 89 -17.34 -6.28 -7.12
N LEU A 90 -17.71 -5.17 -6.48
CA LEU A 90 -19.00 -4.53 -6.73
C LEU A 90 -18.99 -3.77 -8.05
N ALA A 91 -18.11 -2.79 -8.15
CA ALA A 91 -18.00 -1.98 -9.35
C ALA A 91 -17.77 -2.86 -10.58
N GLN A 92 -17.21 -4.04 -10.36
CA GLN A 92 -16.93 -4.97 -11.45
C GLN A 92 -18.23 -5.49 -12.06
N GLN A 93 -19.22 -5.75 -11.21
CA GLN A 93 -20.51 -6.25 -11.67
C GLN A 93 -21.49 -5.11 -11.90
N TYR A 94 -21.20 -3.96 -11.29
CA TYR A 94 -22.06 -2.78 -11.43
C TYR A 94 -21.48 -1.81 -12.46
N VAL A 95 -20.86 -2.36 -13.50
CA VAL A 95 -20.27 -1.53 -14.55
C VAL A 95 -21.07 -1.63 -15.84
N MET A 96 -21.66 -2.80 -16.08
CA MET A 96 -22.46 -3.03 -17.28
C MET A 96 -23.81 -2.34 -17.17
N THR A 97 -24.16 -1.91 -15.96
CA THR A 97 -25.42 -1.23 -15.73
C THR A 97 -25.32 0.26 -16.01
N SER A 98 -24.70 0.99 -15.09
CA SER A 98 -24.54 2.43 -15.25
C SER A 98 -23.87 3.05 -14.01
N LEU A 99 -24.14 2.46 -12.85
CA LEU A 99 -23.55 2.94 -11.60
C LEU A 99 -22.11 2.48 -11.47
N GLN A 100 -21.28 2.85 -12.44
CA GLN A 100 -19.87 2.49 -12.43
C GLN A 100 -19.03 3.55 -11.73
N GLN A 101 -19.20 4.79 -12.14
CA GLN A 101 -18.46 5.91 -11.54
C GLN A 101 -18.72 5.99 -10.05
N GLU A 102 -19.96 5.75 -9.65
CA GLU A 102 -20.34 5.79 -8.24
C GLU A 102 -19.40 4.92 -7.40
N TYR A 103 -19.43 3.62 -7.66
CA TYR A 103 -18.60 2.67 -6.93
C TYR A 103 -17.13 3.11 -6.95
N LYS A 104 -16.74 3.76 -8.04
CA LYS A 104 -15.37 4.24 -8.19
C LYS A 104 -15.10 5.44 -7.28
N LYS A 105 -16.11 6.28 -7.12
CA LYS A 105 -15.99 7.47 -6.27
C LYS A 105 -15.63 7.08 -4.84
N GLN A 106 -16.41 6.16 -4.28
CA GLN A 106 -16.18 5.71 -2.91
C GLN A 106 -14.79 5.09 -2.77
N MET A 107 -14.40 4.30 -3.76
CA MET A 107 -13.08 3.65 -3.74
C MET A 107 -11.97 4.69 -3.73
N LEU A 108 -12.16 5.76 -4.49
CA LEU A 108 -11.16 6.83 -4.58
C LEU A 108 -10.83 7.37 -3.20
N THR A 109 -11.86 7.75 -2.46
CA THR A 109 -11.68 8.28 -1.11
C THR A 109 -10.81 7.35 -0.26
N ALA A 110 -11.25 6.12 -0.12
CA ALA A 110 -10.52 5.13 0.66
C ALA A 110 -9.09 4.98 0.17
N ALA A 111 -8.93 4.92 -1.16
CA ALA A 111 -7.62 4.79 -1.77
C ALA A 111 -6.71 5.96 -1.39
N HIS A 112 -7.31 7.14 -1.27
CA HIS A 112 -6.56 8.34 -0.91
C HIS A 112 -5.88 8.18 0.44
N ALA A 113 -6.67 7.99 1.49
CA ALA A 113 -6.14 7.82 2.84
C ALA A 113 -5.24 6.59 2.91
N LEU A 114 -5.49 5.62 2.04
CA LEU A 114 -4.70 4.40 2.01
C LEU A 114 -3.23 4.70 1.72
N ALA A 115 -2.98 5.30 0.56
CA ALA A 115 -1.63 5.65 0.15
C ALA A 115 -0.92 6.47 1.23
N VAL A 116 -1.66 7.40 1.83
CA VAL A 116 -1.11 8.24 2.88
C VAL A 116 -0.47 7.41 3.98
N ASP A 117 -1.13 6.32 4.35
CA ASP A 117 -0.63 5.43 5.40
C ASP A 117 0.71 4.82 4.99
N ALA A 118 0.72 4.15 3.84
CA ALA A 118 1.93 3.51 3.35
C ALA A 118 3.10 4.49 3.33
N LYS A 119 2.80 5.75 2.99
CA LYS A 119 3.82 6.79 2.93
C LYS A 119 4.23 7.22 4.33
N ASN A 120 3.24 7.43 5.19
CA ASN A 120 3.50 7.85 6.57
C ASN A 120 4.43 6.87 7.28
N LEU A 121 4.47 5.64 6.77
CA LEU A 121 5.31 4.60 7.35
C LEU A 121 6.76 5.08 7.48
N LEU A 122 7.46 5.14 6.36
CA LEU A 122 8.85 5.58 6.35
C LEU A 122 8.94 7.09 6.57
N ASP A 123 7.92 7.82 6.10
CA ASP A 123 7.89 9.26 6.25
C ASP A 123 7.96 9.66 7.71
N VAL A 124 7.18 8.99 8.55
CA VAL A 124 7.15 9.27 9.98
C VAL A 124 8.49 8.92 10.62
N ILE A 125 8.88 7.66 10.53
CA ILE A 125 10.14 7.21 11.11
C ILE A 125 11.32 8.03 10.58
N ASP A 126 11.11 8.65 9.42
CA ASP A 126 12.15 9.46 8.81
C ASP A 126 12.73 10.47 9.79
N GLN A 127 11.88 10.93 10.71
CA GLN A 127 12.30 11.90 11.72
C GLN A 127 13.47 11.36 12.54
N ALA A 128 13.47 10.04 12.76
CA ALA A 128 14.53 9.40 13.54
C ALA A 128 15.80 9.27 12.71
N ARG A 129 15.64 8.89 11.44
CA ARG A 129 16.79 8.72 10.55
C ARG A 129 17.68 9.97 10.57
N LEU A 130 17.10 11.12 10.27
CA LEU A 130 17.83 12.38 10.25
C LEU A 130 18.36 12.72 11.65
N LYS A 131 17.50 12.56 12.65
CA LYS A 131 17.87 12.85 14.03
C LYS A 131 19.08 12.02 14.45
N MET A 132 19.28 10.89 13.76
CA MET A 132 20.41 10.02 14.07
C MET A 132 21.68 10.51 13.39
N ILE A 133 21.68 10.47 12.06
CA ILE A 133 22.84 10.91 11.29
C ILE A 133 23.29 12.30 11.72
N SER A 134 22.35 13.25 11.72
CA SER A 134 22.65 14.62 12.11
C SER A 134 22.70 14.76 13.63
N GLN A 135 23.66 14.07 14.25
CA GLN A 135 23.81 14.11 15.70
C GLN A 135 25.05 13.33 16.13
N SER A 136 25.07 12.04 15.81
CA SER A 136 26.19 11.18 16.17
C SER A 136 26.00 9.77 15.60
N ARG A 137 27.11 9.15 15.19
CA ARG A 137 27.07 7.81 14.62
C ARG A 137 26.26 7.80 13.33
N PRO A 138 26.83 8.37 12.27
CA PRO A 138 26.19 8.43 10.95
C PRO A 138 26.10 7.07 10.29
N HIS A 139 24.88 6.54 10.18
CA HIS A 139 24.66 5.24 9.56
C HIS A 139 23.16 4.94 9.44
N SER A 166 -5.38 -15.83 9.45
CA SER A 166 -4.35 -14.90 9.87
C SER A 166 -4.16 -13.79 8.84
N ALA A 167 -3.12 -12.97 9.04
CA ALA A 167 -2.84 -11.87 8.13
C ALA A 167 -2.39 -12.39 6.77
N THR A 168 -1.30 -13.15 6.77
CA THR A 168 -0.75 -13.71 5.53
C THR A 168 -1.81 -14.52 4.79
N ARG A 169 -2.66 -15.21 5.55
CA ARG A 169 -3.71 -16.03 4.97
C ARG A 169 -4.65 -15.18 4.11
N GLU A 170 -5.10 -14.05 4.65
CA GLU A 170 -6.00 -13.17 3.93
C GLU A 170 -5.37 -12.72 2.61
N LEU A 171 -4.15 -12.22 2.68
CA LEU A 171 -3.43 -11.75 1.50
C LEU A 171 -3.37 -12.84 0.43
N ASP A 172 -3.23 -14.09 0.88
CA ASP A 172 -3.17 -15.22 -0.04
C ASP A 172 -4.53 -15.49 -0.66
N GLU A 173 -5.53 -15.72 0.18
CA GLU A 173 -6.89 -15.98 -0.28
C GLU A 173 -7.38 -14.87 -1.21
N LEU A 174 -7.31 -13.64 -0.72
CA LEU A 174 -7.75 -12.49 -1.51
C LEU A 174 -7.08 -12.48 -2.88
N MET A 175 -5.81 -12.85 -2.92
CA MET A 175 -5.07 -12.88 -4.17
C MET A 175 -5.75 -13.80 -5.19
N ALA A 176 -6.22 -14.95 -4.71
CA ALA A 176 -6.90 -15.91 -5.58
C ALA A 176 -8.22 -15.35 -6.10
N SER A 177 -8.87 -14.53 -5.28
CA SER A 177 -10.15 -13.93 -5.65
C SER A 177 -9.98 -13.01 -6.86
N LEU A 178 -8.83 -12.34 -6.91
CA LEU A 178 -8.54 -11.42 -8.01
C LEU A 178 -8.05 -12.17 -9.24
N SER A 179 -7.29 -13.24 -9.01
CA SER A 179 -6.75 -14.05 -10.09
C SER A 179 -7.87 -14.63 -10.95
N ASP A 180 -8.78 -15.35 -10.30
CA ASP A 180 -9.90 -15.96 -11.01
C ASP A 180 -10.94 -16.49 -10.02
N MET A 1 26.22 -11.69 -0.59
CA MET A 1 26.18 -11.45 -2.02
C MET A 1 26.24 -9.96 -2.33
N ALA A 2 25.76 -9.15 -1.39
CA ALA A 2 25.75 -7.71 -1.56
C ALA A 2 25.74 -6.99 -0.21
N ASN A 3 25.83 -5.67 -0.24
CA ASN A 3 25.83 -4.87 0.97
C ASN A 3 24.43 -4.81 1.59
N LEU A 4 24.26 -3.95 2.58
CA LEU A 4 22.98 -3.79 3.25
C LEU A 4 22.24 -2.56 2.73
N ASP A 5 22.53 -2.18 1.49
CA ASP A 5 21.90 -1.01 0.89
C ASP A 5 20.84 -1.45 -0.12
N ARG A 6 20.21 -2.59 0.13
CA ARG A 6 19.18 -3.11 -0.75
C ARG A 6 17.79 -2.88 -0.17
N SER A 7 17.62 -3.22 1.10
CA SER A 7 16.34 -3.05 1.78
C SER A 7 16.09 -1.59 2.12
N ASN A 8 17.11 -0.94 2.68
CA ASN A 8 17.01 0.46 3.06
C ASN A 8 16.67 1.33 1.85
N ASP A 9 17.08 0.87 0.67
CA ASP A 9 16.82 1.59 -0.57
C ASP A 9 15.51 1.14 -1.21
N LYS A 10 15.13 -0.11 -0.94
CA LYS A 10 13.90 -0.66 -1.49
C LYS A 10 12.68 0.00 -0.86
N VAL A 11 12.72 0.19 0.46
CA VAL A 11 11.62 0.81 1.18
C VAL A 11 11.44 2.27 0.76
N TYR A 12 12.55 2.93 0.49
CA TYR A 12 12.52 4.33 0.07
C TYR A 12 12.02 4.46 -1.36
N GLU A 13 12.13 3.38 -2.12
CA GLU A 13 11.69 3.38 -3.51
C GLU A 13 10.22 2.95 -3.62
N ASN A 14 9.91 1.79 -3.07
CA ASN A 14 8.55 1.27 -3.10
C ASN A 14 7.57 2.30 -2.56
N VAL A 15 7.96 2.99 -1.50
CA VAL A 15 7.11 4.01 -0.89
C VAL A 15 6.68 5.05 -1.91
N THR A 16 7.44 5.18 -2.99
CA THR A 16 7.14 6.14 -4.04
C THR A 16 6.42 5.46 -5.20
N GLY A 17 6.96 4.34 -5.66
CA GLY A 17 6.36 3.61 -6.77
C GLY A 17 4.88 3.40 -6.57
N LEU A 18 4.52 2.75 -5.46
CA LEU A 18 3.12 2.47 -5.16
C LEU A 18 2.27 3.74 -5.27
N VAL A 19 2.84 4.86 -4.82
CA VAL A 19 2.14 6.14 -4.86
C VAL A 19 1.88 6.57 -6.31
N LYS A 20 2.89 6.40 -7.16
CA LYS A 20 2.77 6.77 -8.56
C LYS A 20 1.52 6.15 -9.19
N ALA A 21 1.31 4.87 -8.91
CA ALA A 21 0.15 4.17 -9.45
C ALA A 21 -1.15 4.71 -8.87
N VAL A 22 -1.14 4.99 -7.57
CA VAL A 22 -2.32 5.52 -6.88
C VAL A 22 -2.86 6.75 -7.60
N ILE A 23 -1.97 7.48 -8.26
CA ILE A 23 -2.36 8.68 -8.99
C ILE A 23 -2.82 8.33 -10.41
N GLU A 24 -2.01 7.55 -11.12
CA GLU A 24 -2.33 7.14 -12.48
C GLU A 24 -3.73 6.55 -12.54
N MET A 25 -3.93 5.46 -11.82
CA MET A 25 -5.23 4.78 -11.80
C MET A 25 -6.33 5.74 -11.36
N SER A 26 -6.02 6.61 -10.41
CA SER A 26 -6.98 7.57 -9.90
C SER A 26 -7.36 8.58 -10.99
N SER A 27 -6.54 8.68 -12.01
CA SER A 27 -6.79 9.60 -13.11
C SER A 27 -7.83 9.04 -14.07
N LYS A 28 -7.63 7.79 -14.50
CA LYS A 28 -8.55 7.14 -15.41
C LYS A 28 -9.46 6.17 -14.66
N ILE A 29 -9.60 6.39 -13.36
CA ILE A 29 -10.46 5.54 -12.53
C ILE A 29 -11.90 5.56 -13.01
N GLN A 30 -12.38 6.75 -13.37
CA GLN A 30 -13.75 6.91 -13.85
C GLN A 30 -13.99 6.04 -15.08
N PRO A 31 -13.24 6.33 -16.16
CA PRO A 31 -13.35 5.58 -17.42
C PRO A 31 -12.83 4.15 -17.31
N ALA A 32 -12.20 3.85 -16.18
CA ALA A 32 -11.65 2.52 -15.95
C ALA A 32 -12.68 1.44 -16.27
N PRO A 33 -12.46 0.73 -17.39
CA PRO A 33 -13.36 -0.33 -17.83
C PRO A 33 -13.29 -1.56 -16.93
N PRO A 34 -14.24 -2.49 -17.12
CA PRO A 34 -14.32 -3.73 -16.34
C PRO A 34 -13.17 -4.69 -16.65
N GLU A 35 -12.53 -4.49 -17.80
CA GLU A 35 -11.42 -5.33 -18.22
C GLU A 35 -10.11 -4.82 -17.64
N GLU A 36 -10.08 -3.54 -17.30
CA GLU A 36 -8.88 -2.92 -16.73
C GLU A 36 -8.87 -3.03 -15.21
N TYR A 37 -9.99 -3.50 -14.65
CA TYR A 37 -10.11 -3.64 -13.21
C TYR A 37 -9.39 -4.89 -12.72
N VAL A 38 -9.30 -5.89 -13.59
CA VAL A 38 -8.62 -7.14 -13.26
C VAL A 38 -7.15 -6.90 -12.92
N PRO A 39 -6.43 -6.31 -13.88
CA PRO A 39 -5.00 -6.01 -13.70
C PRO A 39 -4.76 -4.90 -12.68
N MET A 40 -5.70 -3.97 -12.60
CA MET A 40 -5.59 -2.85 -11.66
C MET A 40 -5.30 -3.35 -10.26
N VAL A 41 -6.10 -4.30 -9.78
CA VAL A 41 -5.93 -4.87 -8.46
C VAL A 41 -4.52 -5.44 -8.28
N LYS A 42 -4.01 -6.05 -9.34
CA LYS A 42 -2.67 -6.64 -9.31
C LYS A 42 -1.62 -5.59 -8.96
N GLU A 43 -1.82 -4.37 -9.46
CA GLU A 43 -0.89 -3.28 -9.19
C GLU A 43 -0.87 -2.91 -7.72
N VAL A 44 -2.03 -2.47 -7.21
CA VAL A 44 -2.15 -2.10 -5.81
C VAL A 44 -1.78 -3.25 -4.89
N GLY A 45 -2.25 -4.45 -5.23
CA GLY A 45 -1.95 -5.62 -4.43
C GLY A 45 -0.46 -5.81 -4.21
N LEU A 46 0.32 -5.48 -5.23
CA LEU A 46 1.78 -5.62 -5.15
C LEU A 46 2.37 -4.59 -4.20
N ALA A 47 1.82 -3.38 -4.21
CA ALA A 47 2.30 -2.31 -3.34
C ALA A 47 2.11 -2.68 -1.87
N LEU A 48 0.88 -3.02 -1.51
CA LEU A 48 0.58 -3.40 -0.13
C LEU A 48 1.30 -4.67 0.28
N ARG A 49 1.12 -5.73 -0.52
CA ARG A 49 1.75 -7.00 -0.25
C ARG A 49 3.26 -6.83 -0.04
N THR A 50 3.91 -6.20 -1.02
CA THR A 50 5.35 -5.97 -0.93
C THR A 50 5.71 -5.04 0.22
N LEU A 51 4.85 -4.04 0.45
CA LEU A 51 5.07 -3.09 1.52
C LEU A 51 5.31 -3.80 2.85
N LEU A 52 4.55 -4.87 3.09
CA LEU A 52 4.69 -5.66 4.31
C LEU A 52 6.14 -6.04 4.56
N ALA A 53 6.80 -6.51 3.51
CA ALA A 53 8.21 -6.92 3.61
C ALA A 53 9.11 -5.72 3.84
N THR A 54 8.98 -4.71 2.98
CA THR A 54 9.78 -3.51 3.08
C THR A 54 9.69 -2.89 4.47
N VAL A 55 8.47 -2.59 4.89
CA VAL A 55 8.24 -2.00 6.21
C VAL A 55 8.84 -2.88 7.32
N ASP A 56 8.51 -4.16 7.29
CA ASP A 56 9.02 -5.10 8.29
C ASP A 56 10.54 -5.07 8.33
N GLU A 57 11.16 -4.80 7.18
CA GLU A 57 12.61 -4.74 7.09
C GLU A 57 13.13 -3.37 7.52
N SER A 58 12.26 -2.37 7.45
CA SER A 58 12.62 -1.01 7.82
C SER A 58 12.76 -0.87 9.33
N LEU A 59 12.08 -1.75 10.06
CA LEU A 59 12.12 -1.74 11.52
C LEU A 59 13.57 -1.71 12.02
N PRO A 60 14.33 -2.76 11.68
CA PRO A 60 15.73 -2.88 12.08
C PRO A 60 16.62 -1.87 11.37
N VAL A 61 16.43 -1.72 10.07
CA VAL A 61 17.23 -0.79 9.27
C VAL A 61 17.23 0.60 9.91
N LEU A 62 16.10 0.98 10.50
CA LEU A 62 15.97 2.28 11.14
C LEU A 62 16.03 2.14 12.67
N PRO A 63 16.36 3.26 13.35
CA PRO A 63 16.44 3.28 14.81
C PRO A 63 15.08 3.13 15.48
N ALA A 64 15.02 2.29 16.50
CA ALA A 64 13.78 2.06 17.23
C ALA A 64 13.17 3.38 17.70
N SER A 65 11.91 3.62 17.34
CA SER A 65 11.22 4.85 17.73
C SER A 65 9.81 4.87 17.15
N THR A 66 9.65 4.31 15.96
CA THR A 66 8.36 4.27 15.29
C THR A 66 7.90 2.83 15.04
N HIS A 67 8.38 1.92 15.87
CA HIS A 67 8.02 0.51 15.75
C HIS A 67 6.60 0.26 16.24
N ARG A 68 6.27 0.83 17.40
CA ARG A 68 4.95 0.67 17.98
C ARG A 68 3.86 1.02 16.97
N GLU A 69 3.96 2.20 16.38
CA GLU A 69 2.99 2.65 15.39
C GLU A 69 2.94 1.71 14.20
N ILE A 70 4.10 1.48 13.59
CA ILE A 70 4.19 0.59 12.43
C ILE A 70 3.58 -0.78 12.75
N GLU A 71 3.77 -1.23 13.99
CA GLU A 71 3.25 -2.52 14.40
C GLU A 71 1.74 -2.59 14.19
N MET A 72 1.01 -1.62 14.73
CA MET A 72 -0.43 -1.58 14.59
C MET A 72 -0.84 -1.21 13.16
N ALA A 73 0.05 -0.51 12.47
CA ALA A 73 -0.20 -0.10 11.09
C ALA A 73 -0.31 -1.30 10.17
N GLN A 74 0.53 -2.30 10.41
CA GLN A 74 0.55 -3.51 9.59
C GLN A 74 -0.86 -4.11 9.50
N LYS A 75 -1.43 -4.43 10.65
CA LYS A 75 -2.77 -5.02 10.70
C LYS A 75 -3.77 -4.13 9.94
N LEU A 76 -3.69 -2.83 10.16
CA LEU A 76 -4.58 -1.88 9.50
C LEU A 76 -4.44 -1.96 7.98
N LEU A 77 -3.20 -2.10 7.53
CA LEU A 77 -2.92 -2.20 6.09
C LEU A 77 -3.77 -3.28 5.44
N ASN A 78 -3.73 -4.48 6.02
CA ASN A 78 -4.50 -5.61 5.50
C ASN A 78 -5.98 -5.24 5.38
N SER A 79 -6.53 -4.63 6.43
CA SER A 79 -7.93 -4.24 6.45
C SER A 79 -8.28 -3.42 5.20
N ASP A 80 -7.55 -2.34 4.98
CA ASP A 80 -7.77 -1.49 3.83
C ASP A 80 -7.70 -2.28 2.53
N LEU A 81 -6.82 -3.28 2.51
CA LEU A 81 -6.66 -4.12 1.33
C LEU A 81 -8.00 -4.68 0.86
N ALA A 82 -8.58 -5.56 1.67
CA ALA A 82 -9.86 -6.16 1.34
C ALA A 82 -10.90 -5.10 0.98
N GLU A 83 -10.83 -3.95 1.66
CA GLU A 83 -11.75 -2.86 1.43
C GLU A 83 -11.75 -2.46 -0.05
N LEU A 84 -10.57 -2.22 -0.59
CA LEU A 84 -10.42 -1.84 -1.99
C LEU A 84 -10.87 -2.97 -2.92
N ILE A 85 -10.45 -4.18 -2.59
CA ILE A 85 -10.80 -5.35 -3.40
C ILE A 85 -12.32 -5.43 -3.61
N ASN A 86 -13.07 -5.20 -2.54
CA ASN A 86 -14.53 -5.25 -2.61
C ASN A 86 -15.06 -4.18 -3.54
N LYS A 87 -14.72 -2.92 -3.26
CA LYS A 87 -15.17 -1.81 -4.07
C LYS A 87 -14.81 -2.03 -5.54
N MET A 88 -13.56 -2.35 -5.80
CA MET A 88 -13.08 -2.59 -7.16
C MET A 88 -13.87 -3.74 -7.80
N LYS A 89 -13.88 -4.88 -7.14
CA LYS A 89 -14.58 -6.06 -7.63
C LYS A 89 -16.06 -5.75 -7.88
N LEU A 90 -16.58 -4.78 -7.14
CA LEU A 90 -17.97 -4.38 -7.27
C LEU A 90 -18.18 -3.53 -8.53
N ALA A 91 -17.33 -2.52 -8.70
CA ALA A 91 -17.42 -1.64 -9.85
C ALA A 91 -17.40 -2.43 -11.15
N GLN A 92 -16.78 -3.61 -11.11
CA GLN A 92 -16.69 -4.46 -12.29
C GLN A 92 -18.06 -4.99 -12.69
N GLN A 93 -18.94 -5.13 -11.71
CA GLN A 93 -20.29 -5.63 -11.96
C GLN A 93 -21.29 -4.49 -11.95
N TYR A 94 -20.93 -3.39 -11.30
CA TYR A 94 -21.80 -2.22 -11.21
C TYR A 94 -21.47 -1.20 -12.29
N VAL A 95 -20.89 -1.68 -13.38
CA VAL A 95 -20.51 -0.81 -14.49
C VAL A 95 -21.47 -0.96 -15.67
N MET A 96 -21.96 -2.18 -15.86
CA MET A 96 -22.90 -2.47 -16.94
C MET A 96 -24.26 -1.84 -16.68
N THR A 97 -24.49 -1.45 -15.42
CA THR A 97 -25.75 -0.84 -15.02
C THR A 97 -25.71 0.67 -15.22
N SER A 98 -25.05 1.37 -14.31
CA SER A 98 -24.94 2.82 -14.39
C SER A 98 -24.19 3.37 -13.17
N LEU A 99 -24.37 2.71 -12.02
CA LEU A 99 -23.72 3.13 -10.79
C LEU A 99 -22.24 2.76 -10.80
N GLN A 100 -21.48 3.42 -11.67
CA GLN A 100 -20.04 3.15 -11.78
C GLN A 100 -19.25 4.16 -10.97
N GLN A 101 -19.37 5.43 -11.33
CA GLN A 101 -18.65 6.49 -10.64
C GLN A 101 -18.92 6.44 -9.14
N GLU A 102 -20.15 6.09 -8.77
CA GLU A 102 -20.54 6.00 -7.37
C GLU A 102 -19.54 5.15 -6.58
N TYR A 103 -19.41 3.90 -6.98
CA TYR A 103 -18.48 2.98 -6.31
C TYR A 103 -17.06 3.55 -6.29
N LYS A 104 -16.73 4.33 -7.31
CA LYS A 104 -15.42 4.94 -7.41
C LYS A 104 -15.25 6.05 -6.38
N LYS A 105 -16.34 6.73 -6.07
CA LYS A 105 -16.31 7.82 -5.10
C LYS A 105 -15.94 7.30 -3.71
N GLN A 106 -16.65 6.27 -3.26
CA GLN A 106 -16.39 5.68 -1.96
C GLN A 106 -14.96 5.14 -1.88
N MET A 107 -14.57 4.39 -2.90
CA MET A 107 -13.23 3.81 -2.94
C MET A 107 -12.17 4.89 -2.96
N LEU A 108 -12.45 5.97 -3.69
CA LEU A 108 -11.51 7.09 -3.79
C LEU A 108 -11.06 7.56 -2.41
N THR A 109 -12.03 7.83 -1.55
CA THR A 109 -11.74 8.29 -0.19
C THR A 109 -10.85 7.29 0.55
N ALA A 110 -11.29 6.04 0.61
CA ALA A 110 -10.53 4.99 1.28
C ALA A 110 -9.10 4.91 0.73
N ALA A 111 -8.99 4.92 -0.59
CA ALA A 111 -7.68 4.84 -1.23
C ALA A 111 -6.80 6.03 -0.84
N HIS A 112 -7.44 7.17 -0.60
CA HIS A 112 -6.72 8.39 -0.21
C HIS A 112 -5.94 8.16 1.08
N ALA A 113 -6.63 7.67 2.09
CA ALA A 113 -5.99 7.40 3.38
C ALA A 113 -4.92 6.33 3.26
N LEU A 114 -5.17 5.35 2.39
CA LEU A 114 -4.23 4.26 2.18
C LEU A 114 -2.88 4.78 1.68
N ALA A 115 -2.91 5.47 0.54
CA ALA A 115 -1.69 6.03 -0.04
C ALA A 115 -0.90 6.82 1.00
N VAL A 116 -1.62 7.55 1.85
CA VAL A 116 -0.98 8.35 2.89
C VAL A 116 -0.17 7.47 3.84
N ASP A 117 -0.67 6.28 4.11
CA ASP A 117 0.00 5.34 4.99
C ASP A 117 1.35 4.93 4.43
N ALA A 118 1.34 4.36 3.23
CA ALA A 118 2.56 3.92 2.56
C ALA A 118 3.61 5.04 2.56
N LYS A 119 3.15 6.27 2.38
CA LYS A 119 4.04 7.43 2.35
C LYS A 119 4.53 7.77 3.76
N ASN A 120 3.60 7.76 4.71
CA ASN A 120 3.93 8.07 6.10
C ASN A 120 4.95 7.08 6.65
N LEU A 121 5.09 5.94 5.99
CA LEU A 121 6.03 4.92 6.41
C LEU A 121 7.41 5.52 6.66
N LEU A 122 8.06 5.95 5.60
CA LEU A 122 9.39 6.54 5.70
C LEU A 122 9.31 7.98 6.20
N ASP A 123 8.21 8.65 5.86
CA ASP A 123 8.00 10.03 6.27
C ASP A 123 8.07 10.16 7.79
N VAL A 124 7.42 9.24 8.48
CA VAL A 124 7.40 9.24 9.95
C VAL A 124 8.75 8.81 10.51
N ILE A 125 9.15 7.58 10.19
CA ILE A 125 10.42 7.04 10.67
C ILE A 125 11.57 7.99 10.37
N ASP A 126 11.41 8.79 9.31
CA ASP A 126 12.43 9.75 8.93
C ASP A 126 12.83 10.64 10.10
N GLN A 127 11.87 10.90 10.99
CA GLN A 127 12.12 11.73 12.16
C GLN A 127 13.15 11.07 13.08
N ALA A 128 13.15 9.75 13.11
CA ALA A 128 14.07 9.00 13.95
C ALA A 128 15.49 9.07 13.40
N ARG A 129 15.63 8.87 12.09
CA ARG A 129 16.93 8.91 11.44
C ARG A 129 17.68 10.19 11.79
N LEU A 130 17.01 11.33 11.62
CA LEU A 130 17.60 12.62 11.92
C LEU A 130 17.89 12.76 13.41
N LYS A 131 16.92 12.36 14.23
CA LYS A 131 17.07 12.43 15.68
C LYS A 131 18.35 11.75 16.14
N MET A 132 18.79 10.76 15.37
CA MET A 132 20.01 10.03 15.70
C MET A 132 21.24 10.75 15.13
N ILE A 133 21.21 11.02 13.84
CA ILE A 133 22.32 11.71 13.18
C ILE A 133 22.63 13.04 13.86
N SER A 134 21.65 13.95 13.84
CA SER A 134 21.81 15.25 14.44
C SER A 134 21.67 15.17 15.96
N GLN A 135 22.56 14.41 16.59
CA GLN A 135 22.54 14.24 18.04
C GLN A 135 23.71 13.38 18.51
N SER A 136 23.75 12.13 18.05
CA SER A 136 24.80 11.21 18.43
C SER A 136 24.68 9.90 17.66
N ARG A 137 25.81 9.30 17.32
CA ARG A 137 25.83 8.04 16.59
C ARG A 137 25.19 8.20 15.22
N PRO A 138 25.92 8.86 14.30
CA PRO A 138 25.45 9.09 12.93
C PRO A 138 25.39 7.81 12.11
N HIS A 139 24.45 7.76 11.17
CA HIS A 139 24.30 6.59 10.32
C HIS A 139 24.04 5.34 11.15
N SER A 166 -2.78 -15.19 9.50
CA SER A 166 -3.83 -14.19 9.73
C SER A 166 -3.89 -13.20 8.57
N ALA A 167 -2.88 -12.33 8.49
CA ALA A 167 -2.83 -11.32 7.44
C ALA A 167 -2.52 -11.97 6.08
N THR A 168 -1.37 -12.65 6.00
CA THR A 168 -0.96 -13.31 4.78
C THR A 168 -2.05 -14.23 4.26
N ARG A 169 -2.76 -14.88 5.18
CA ARG A 169 -3.83 -15.80 4.82
C ARG A 169 -4.94 -15.06 4.06
N GLU A 170 -5.35 -13.91 4.58
CA GLU A 170 -6.40 -13.11 3.97
C GLU A 170 -6.08 -12.84 2.51
N LEU A 171 -4.84 -12.42 2.24
CA LEU A 171 -4.41 -12.12 0.88
C LEU A 171 -4.49 -13.37 0.00
N ASP A 172 -4.30 -14.53 0.61
CA ASP A 172 -4.35 -15.80 -0.12
C ASP A 172 -5.73 -16.02 -0.73
N GLU A 173 -6.76 -15.91 0.09
CA GLU A 173 -8.13 -16.10 -0.38
C GLU A 173 -8.45 -15.14 -1.52
N LEU A 174 -8.33 -13.84 -1.24
CA LEU A 174 -8.61 -12.82 -2.25
C LEU A 174 -7.79 -13.06 -3.50
N MET A 175 -6.53 -13.46 -3.32
CA MET A 175 -5.65 -13.72 -4.45
C MET A 175 -6.24 -14.77 -5.37
N ALA A 176 -6.92 -15.76 -4.81
CA ALA A 176 -7.53 -16.82 -5.59
C ALA A 176 -8.66 -16.27 -6.45
N SER A 177 -9.49 -15.41 -5.86
CA SER A 177 -10.61 -14.82 -6.58
C SER A 177 -10.12 -13.97 -7.76
N LEU A 178 -8.94 -13.41 -7.63
CA LEU A 178 -8.35 -12.59 -8.68
C LEU A 178 -7.58 -13.44 -9.67
N SER A 179 -7.10 -14.58 -9.21
CA SER A 179 -6.33 -15.50 -10.05
C SER A 179 -7.22 -16.10 -11.14
N ASP A 180 -8.31 -16.72 -10.71
CA ASP A 180 -9.25 -17.34 -11.65
C ASP A 180 -10.25 -16.33 -12.17
#